data_2M4V
#
_entry.id   2M4V
#
_entity_poly.entity_id   1
_entity_poly.type   'polypeptide(L)'
_entity_poly.pdbx_seq_one_letter_code
;SMADRVLRGSRLGAVSYETDRNHDLAPRQIARYRTDNGEEFEVPFADDAEIPGTWLCRNGMEGTLIEGDLPEPKKVKPPR
;
_entity_poly.pdbx_strand_id   A
#
# COMPACT_ATOMS: atom_id res chain seq x y z
N SER A 1 -20.44 -16.10 18.16
CA SER A 1 -19.22 -15.90 18.97
C SER A 1 -18.47 -14.62 18.58
N MET A 2 -17.70 -14.05 19.51
CA MET A 2 -16.85 -12.87 19.29
C MET A 2 -15.55 -12.94 20.11
N ALA A 3 -14.60 -12.04 19.82
CA ALA A 3 -13.35 -11.87 20.57
C ALA A 3 -12.97 -10.38 20.72
N ASP A 4 -12.26 -10.03 21.80
CA ASP A 4 -11.81 -8.67 22.08
C ASP A 4 -10.73 -8.20 21.08
N ARG A 5 -9.76 -9.08 20.82
CA ARG A 5 -8.73 -8.97 19.76
C ARG A 5 -8.63 -10.27 18.96
N VAL A 6 -8.26 -10.17 17.67
CA VAL A 6 -8.12 -11.29 16.73
C VAL A 6 -7.07 -10.98 15.65
N LEU A 7 -6.33 -12.01 15.22
CA LEU A 7 -5.42 -11.98 14.07
C LEU A 7 -5.82 -13.08 13.07
N ARG A 8 -6.08 -12.68 11.82
CA ARG A 8 -6.60 -13.53 10.73
C ARG A 8 -6.16 -13.02 9.34
N GLY A 9 -6.04 -13.94 8.39
CA GLY A 9 -5.39 -13.70 7.09
C GLY A 9 -3.85 -13.64 7.18
N SER A 10 -3.11 -13.59 6.07
CA SER A 10 -3.57 -13.50 4.67
C SER A 10 -2.77 -14.45 3.74
N ARG A 11 -2.26 -15.56 4.28
CA ARG A 11 -1.41 -16.54 3.56
C ARG A 11 -2.12 -17.21 2.37
N LEU A 12 -3.44 -17.36 2.45
CA LEU A 12 -4.32 -17.88 1.39
C LEU A 12 -4.97 -16.75 0.55
N GLY A 13 -4.43 -15.53 0.63
CA GLY A 13 -5.01 -14.31 0.04
C GLY A 13 -6.05 -13.64 0.96
N ALA A 14 -6.88 -12.73 0.45
CA ALA A 14 -6.97 -12.25 -0.94
C ALA A 14 -7.39 -10.76 -1.02
N VAL A 15 -7.19 -10.14 -2.18
CA VAL A 15 -7.66 -8.77 -2.50
C VAL A 15 -9.17 -8.72 -2.77
N SER A 16 -9.75 -7.54 -2.53
CA SER A 16 -11.16 -7.24 -2.72
C SER A 16 -11.46 -6.71 -4.13
N TYR A 17 -12.77 -6.63 -4.48
CA TYR A 17 -13.34 -6.03 -5.70
C TYR A 17 -12.76 -6.55 -7.05
N GLU A 18 -13.24 -5.98 -8.16
CA GLU A 18 -12.92 -6.40 -9.54
C GLU A 18 -11.58 -5.79 -10.03
N THR A 19 -10.50 -5.98 -9.26
CA THR A 19 -9.15 -5.52 -9.59
C THR A 19 -8.48 -6.44 -10.62
N ASP A 20 -7.72 -5.85 -11.56
CA ASP A 20 -7.00 -6.55 -12.61
C ASP A 20 -5.76 -5.74 -13.08
N ARG A 21 -4.74 -6.42 -13.63
CA ARG A 21 -3.52 -5.79 -14.17
C ARG A 21 -3.77 -4.76 -15.28
N ASN A 22 -4.91 -4.83 -15.98
CA ASN A 22 -5.35 -3.84 -16.97
C ASN A 22 -5.57 -2.43 -16.38
N HIS A 23 -5.67 -2.28 -15.05
CA HIS A 23 -5.72 -0.99 -14.34
C HIS A 23 -4.39 -0.20 -14.41
N ASP A 24 -3.28 -0.86 -14.75
CA ASP A 24 -1.89 -0.34 -14.69
C ASP A 24 -1.44 0.10 -13.28
N LEU A 25 -0.19 0.57 -13.17
CA LEU A 25 0.43 1.10 -11.96
C LEU A 25 0.88 2.57 -12.15
N ALA A 26 0.85 3.34 -11.06
CA ALA A 26 1.22 4.75 -11.00
C ALA A 26 1.93 5.10 -9.66
N PRO A 27 2.63 6.25 -9.56
CA PRO A 27 3.30 6.69 -8.34
C PRO A 27 2.35 6.76 -7.12
N ARG A 28 2.61 5.90 -6.15
CA ARG A 28 1.79 5.67 -4.96
C ARG A 28 2.58 5.44 -3.66
N GLN A 29 1.87 5.46 -2.53
CA GLN A 29 2.33 5.19 -1.16
C GLN A 29 1.40 4.15 -0.52
N ILE A 30 1.92 2.95 -0.26
CA ILE A 30 1.19 1.90 0.47
C ILE A 30 1.46 2.07 1.97
N ALA A 31 0.46 2.53 2.72
CA ALA A 31 0.47 2.56 4.18
C ALA A 31 -0.25 1.34 4.77
N ARG A 32 -0.04 1.08 6.06
CA ARG A 32 -0.81 0.11 6.86
C ARG A 32 -1.55 0.83 7.99
N TYR A 33 -2.67 0.24 8.42
CA TYR A 33 -3.44 0.69 9.57
C TYR A 33 -3.98 -0.49 10.39
N ARG A 34 -3.98 -0.34 11.72
CA ARG A 34 -4.40 -1.35 12.70
C ARG A 34 -5.73 -0.97 13.35
N THR A 35 -6.72 -1.84 13.25
CA THR A 35 -8.07 -1.66 13.79
C THR A 35 -8.11 -1.89 15.31
N ASP A 36 -9.27 -1.70 15.92
CA ASP A 36 -9.43 -1.86 17.36
C ASP A 36 -9.40 -3.32 17.84
N ASN A 37 -9.59 -4.30 16.94
CA ASN A 37 -9.39 -5.72 17.29
C ASN A 37 -7.93 -6.18 17.07
N GLY A 38 -7.01 -5.28 16.70
CA GLY A 38 -5.65 -5.60 16.25
C GLY A 38 -5.53 -6.01 14.79
N GLU A 39 -6.63 -6.00 14.04
CA GLU A 39 -6.66 -6.43 12.64
C GLU A 39 -5.95 -5.38 11.79
N GLU A 40 -4.88 -5.76 11.08
CA GLU A 40 -4.11 -4.82 10.26
C GLU A 40 -4.45 -4.99 8.77
N PHE A 41 -4.66 -3.86 8.10
CA PHE A 41 -4.93 -3.76 6.66
C PHE A 41 -4.00 -2.76 5.98
N GLU A 42 -3.93 -2.83 4.66
CA GLU A 42 -3.10 -1.97 3.82
C GLU A 42 -3.98 -1.00 2.99
N VAL A 43 -3.57 0.28 2.94
CA VAL A 43 -4.24 1.34 2.17
C VAL A 43 -3.26 2.01 1.20
N PRO A 44 -3.41 1.80 -0.13
CA PRO A 44 -2.70 2.55 -1.16
C PRO A 44 -3.22 3.99 -1.25
N PHE A 45 -2.29 4.94 -1.24
CA PHE A 45 -2.50 6.37 -1.50
C PHE A 45 -1.77 6.82 -2.76
N ALA A 46 -2.36 7.70 -3.55
CA ALA A 46 -1.75 8.23 -4.78
C ALA A 46 -0.79 9.39 -4.50
N ASP A 47 0.08 9.72 -5.45
CA ASP A 47 1.01 10.87 -5.36
C ASP A 47 0.29 12.23 -5.20
N ASP A 48 -1.00 12.31 -5.58
CA ASP A 48 -1.87 13.48 -5.34
C ASP A 48 -2.28 13.65 -3.86
N ALA A 49 -2.01 12.64 -3.02
CA ALA A 49 -2.41 12.55 -1.61
C ALA A 49 -1.22 12.21 -0.67
N GLU A 50 -1.49 12.29 0.63
CA GLU A 50 -0.61 11.86 1.72
C GLU A 50 -1.37 10.98 2.75
N ILE A 51 -0.65 10.37 3.68
CA ILE A 51 -1.11 9.44 4.71
C ILE A 51 -1.55 10.22 5.97
N PRO A 52 -2.85 10.29 6.27
CA PRO A 52 -3.36 10.78 7.54
C PRO A 52 -3.06 9.78 8.67
N GLY A 53 -2.91 10.29 9.90
CA GLY A 53 -2.63 9.52 11.12
C GLY A 53 -3.55 8.31 11.35
N THR A 54 -4.80 8.36 10.89
CA THR A 54 -5.72 7.21 10.87
C THR A 54 -6.56 7.14 9.59
N TRP A 55 -7.09 5.95 9.27
CA TRP A 55 -7.90 5.67 8.07
C TRP A 55 -8.81 4.43 8.27
N LEU A 56 -9.98 4.40 7.64
CA LEU A 56 -10.93 3.29 7.75
C LEU A 56 -10.41 2.02 7.04
N CYS A 57 -10.36 0.90 7.74
CA CYS A 57 -9.91 -0.39 7.22
C CYS A 57 -11.07 -1.21 6.63
N ARG A 58 -10.75 -2.21 5.79
CA ARG A 58 -11.76 -3.04 5.10
C ARG A 58 -12.60 -3.93 6.04
N ASN A 59 -12.15 -4.11 7.29
CA ASN A 59 -12.91 -4.76 8.37
C ASN A 59 -14.16 -3.93 8.79
N GLY A 60 -14.22 -2.65 8.40
CA GLY A 60 -15.27 -1.71 8.77
C GLY A 60 -14.97 -0.91 10.05
N MET A 61 -13.73 -0.98 10.55
CA MET A 61 -13.28 -0.23 11.74
C MET A 61 -12.21 0.82 11.38
N GLU A 62 -12.19 1.93 12.11
CA GLU A 62 -11.15 2.96 12.01
C GLU A 62 -9.79 2.41 12.47
N GLY A 63 -8.87 2.24 11.51
CA GLY A 63 -7.50 1.81 11.74
C GLY A 63 -6.56 2.98 12.02
N THR A 64 -5.51 2.75 12.83
CA THR A 64 -4.45 3.74 13.10
C THR A 64 -3.14 3.36 12.41
N LEU A 65 -2.45 4.34 11.85
CA LEU A 65 -1.25 4.18 11.02
C LEU A 65 -0.11 3.49 11.81
N ILE A 66 0.37 2.34 11.31
CA ILE A 66 1.55 1.61 11.81
C ILE A 66 2.53 1.28 10.67
N GLU A 67 3.81 1.11 11.00
CA GLU A 67 4.84 0.72 10.03
C GLU A 67 4.90 -0.81 9.86
N GLY A 68 5.03 -1.26 8.61
CA GLY A 68 5.20 -2.68 8.25
C GLY A 68 6.66 -3.18 8.28
N ASP A 69 7.60 -2.35 8.73
CA ASP A 69 9.04 -2.58 8.75
C ASP A 69 9.68 -1.86 9.96
N LEU A 70 10.93 -2.18 10.20
CA LEU A 70 11.70 -1.85 11.40
C LEU A 70 11.99 -0.33 11.60
N PRO A 71 12.34 0.12 12.83
CA PRO A 71 12.56 1.53 13.12
C PRO A 71 13.75 2.16 12.37
N GLU A 72 14.92 1.51 12.36
CA GLU A 72 16.16 2.05 11.75
C GLU A 72 16.98 1.05 10.89
N PRO A 73 16.39 0.50 9.81
CA PRO A 73 17.11 0.17 8.57
C PRO A 73 17.68 1.40 7.85
N LYS A 74 18.26 1.22 6.66
CA LYS A 74 18.52 2.33 5.72
C LYS A 74 17.19 2.79 5.10
N LYS A 75 16.64 3.88 5.64
CA LYS A 75 15.36 4.49 5.23
C LYS A 75 15.37 6.01 5.43
N VAL A 76 14.83 6.74 4.46
CA VAL A 76 14.72 8.22 4.44
C VAL A 76 13.33 8.68 3.96
N LYS A 77 12.94 9.90 4.32
CA LYS A 77 11.67 10.55 3.92
C LYS A 77 11.63 10.92 2.42
N PRO A 78 12.53 11.77 1.88
CA PRO A 78 12.45 12.23 0.48
C PRO A 78 12.55 11.10 -0.56
N PRO A 79 11.98 11.27 -1.77
CA PRO A 79 11.24 12.45 -2.24
C PRO A 79 9.76 12.47 -1.80
N ARG A 80 9.15 11.29 -1.61
CA ARG A 80 7.72 11.09 -1.30
C ARG A 80 7.50 9.92 -0.34
N SER A 1 9.79 -28.07 -24.26
CA SER A 1 10.45 -29.19 -23.55
C SER A 1 9.88 -30.54 -23.97
N MET A 2 10.64 -31.64 -23.94
CA MET A 2 12.07 -31.75 -23.60
C MET A 2 12.98 -31.80 -24.84
N ALA A 3 12.52 -32.38 -25.95
CA ALA A 3 13.27 -32.46 -27.21
C ALA A 3 13.27 -31.11 -27.96
N ASP A 4 12.11 -30.45 -28.03
CA ASP A 4 11.98 -29.08 -28.55
C ASP A 4 12.29 -28.06 -27.45
N ARG A 5 13.12 -27.06 -27.75
CA ARG A 5 13.53 -25.98 -26.83
C ARG A 5 12.89 -24.64 -27.23
N VAL A 6 12.73 -23.74 -26.24
CA VAL A 6 12.15 -22.39 -26.39
C VAL A 6 12.80 -21.41 -25.41
N LEU A 7 12.89 -20.12 -25.77
CA LEU A 7 13.48 -19.04 -24.96
C LEU A 7 12.47 -18.47 -23.93
N ARG A 8 11.69 -19.34 -23.30
CA ARG A 8 10.60 -19.02 -22.34
C ARG A 8 10.61 -19.99 -21.14
N GLY A 9 9.97 -19.57 -20.04
CA GLY A 9 9.82 -20.39 -18.83
C GLY A 9 8.87 -21.59 -19.00
N SER A 10 8.91 -22.52 -18.05
CA SER A 10 8.11 -23.76 -18.04
C SER A 10 7.74 -24.18 -16.61
N ARG A 11 6.66 -24.97 -16.47
CA ARG A 11 6.22 -25.61 -15.22
C ARG A 11 6.74 -27.05 -15.03
N LEU A 12 7.57 -27.54 -15.96
CA LEU A 12 8.29 -28.81 -15.84
C LEU A 12 9.50 -28.64 -14.90
N GLY A 13 9.42 -29.20 -13.69
CA GLY A 13 10.44 -29.12 -12.64
C GLY A 13 10.51 -27.74 -11.94
N ALA A 14 10.62 -26.66 -12.70
CA ALA A 14 10.55 -25.28 -12.22
C ALA A 14 9.10 -24.83 -11.92
N VAL A 15 8.96 -23.73 -11.16
CA VAL A 15 7.67 -23.15 -10.73
C VAL A 15 7.61 -21.64 -10.97
N SER A 16 6.39 -21.10 -11.08
CA SER A 16 6.11 -19.66 -11.21
C SER A 16 4.74 -19.30 -10.61
N TYR A 17 4.65 -18.15 -9.93
CA TYR A 17 3.44 -17.64 -9.28
C TYR A 17 3.43 -16.11 -9.20
N GLU A 18 2.25 -15.52 -9.00
CA GLU A 18 2.06 -14.08 -8.85
C GLU A 18 2.51 -13.61 -7.45
N THR A 19 3.70 -13.00 -7.37
CA THR A 19 4.22 -12.38 -6.14
C THR A 19 3.56 -11.03 -5.89
N ASP A 20 3.14 -10.76 -4.64
CA ASP A 20 2.40 -9.55 -4.25
C ASP A 20 3.29 -8.31 -4.01
N ARG A 21 4.31 -8.13 -4.87
CA ARG A 21 5.26 -7.00 -4.80
C ARG A 21 4.55 -5.68 -5.12
N ASN A 22 4.61 -4.74 -4.17
CA ASN A 22 3.77 -3.52 -4.17
C ASN A 22 4.54 -2.22 -3.84
N HIS A 23 5.85 -2.32 -3.57
CA HIS A 23 6.78 -1.21 -3.32
C HIS A 23 7.58 -0.79 -4.58
N ASP A 24 7.09 -1.16 -5.76
CA ASP A 24 7.66 -0.82 -7.07
C ASP A 24 7.62 0.69 -7.40
N LEU A 25 8.49 1.09 -8.34
CA LEU A 25 8.77 2.49 -8.70
C LEU A 25 7.72 3.14 -9.62
N ALA A 26 6.54 3.39 -9.06
CA ALA A 26 5.46 4.21 -9.62
C ALA A 26 4.85 5.15 -8.55
N PRO A 27 4.16 6.24 -8.90
CA PRO A 27 3.80 7.31 -7.93
C PRO A 27 2.60 6.98 -7.03
N ARG A 28 2.80 6.04 -6.09
CA ARG A 28 1.87 5.68 -5.00
C ARG A 28 2.59 5.36 -3.68
N GLN A 29 1.82 5.32 -2.60
CA GLN A 29 2.25 5.04 -1.22
C GLN A 29 1.28 4.03 -0.59
N ILE A 30 1.74 2.81 -0.37
CA ILE A 30 0.99 1.78 0.36
C ILE A 30 1.26 1.98 1.86
N ALA A 31 0.29 2.50 2.60
CA ALA A 31 0.34 2.59 4.06
C ALA A 31 -0.43 1.42 4.70
N ARG A 32 -0.11 1.11 5.95
CA ARG A 32 -0.81 0.12 6.78
C ARG A 32 -1.53 0.80 7.93
N TYR A 33 -2.64 0.23 8.37
CA TYR A 33 -3.42 0.68 9.53
C TYR A 33 -3.95 -0.50 10.35
N ARG A 34 -3.97 -0.37 11.68
CA ARG A 34 -4.38 -1.37 12.66
C ARG A 34 -5.70 -0.98 13.33
N THR A 35 -6.69 -1.88 13.28
CA THR A 35 -8.03 -1.68 13.86
C THR A 35 -8.05 -1.90 15.37
N ASP A 36 -9.22 -1.73 15.99
CA ASP A 36 -9.36 -1.88 17.43
C ASP A 36 -9.30 -3.33 17.92
N ASN A 37 -9.47 -4.33 17.03
CA ASN A 37 -9.23 -5.74 17.39
C ASN A 37 -7.78 -6.19 17.15
N GLY A 38 -6.89 -5.27 16.71
CA GLY A 38 -5.54 -5.58 16.22
C GLY A 38 -5.48 -6.04 14.77
N GLU A 39 -6.60 -6.00 14.04
CA GLU A 39 -6.65 -6.44 12.64
C GLU A 39 -5.95 -5.39 11.77
N GLU A 40 -4.89 -5.77 11.07
CA GLU A 40 -4.08 -4.85 10.24
C GLU A 40 -4.41 -5.00 8.75
N PHE A 41 -4.65 -3.86 8.08
CA PHE A 41 -4.98 -3.75 6.66
C PHE A 41 -4.10 -2.72 5.94
N GLU A 42 -4.09 -2.80 4.61
CA GLU A 42 -3.31 -1.93 3.73
C GLU A 42 -4.21 -0.96 2.95
N VAL A 43 -3.79 0.30 2.87
CA VAL A 43 -4.45 1.38 2.12
C VAL A 43 -3.46 2.03 1.14
N PRO A 44 -3.65 1.83 -0.18
CA PRO A 44 -2.91 2.54 -1.23
C PRO A 44 -3.36 4.01 -1.34
N PHE A 45 -2.40 4.91 -1.34
CA PHE A 45 -2.54 6.35 -1.59
C PHE A 45 -1.78 6.79 -2.85
N ALA A 46 -2.31 7.73 -3.61
CA ALA A 46 -1.65 8.28 -4.80
C ALA A 46 -0.68 9.42 -4.43
N ASP A 47 0.28 9.74 -5.29
CA ASP A 47 1.24 10.86 -5.09
C ASP A 47 0.56 12.24 -5.00
N ASP A 48 -0.67 12.37 -5.49
CA ASP A 48 -1.53 13.57 -5.30
C ASP A 48 -2.08 13.72 -3.87
N ALA A 49 -1.96 12.68 -3.04
CA ALA A 49 -2.44 12.58 -1.67
C ALA A 49 -1.31 12.34 -0.65
N GLU A 50 -1.65 12.38 0.64
CA GLU A 50 -0.78 12.03 1.78
C GLU A 50 -1.52 11.08 2.74
N ILE A 51 -0.77 10.44 3.64
CA ILE A 51 -1.22 9.49 4.67
C ILE A 51 -1.65 10.26 5.93
N PRO A 52 -2.94 10.30 6.25
CA PRO A 52 -3.44 10.79 7.53
C PRO A 52 -3.12 9.79 8.64
N GLY A 53 -2.97 10.30 9.87
CA GLY A 53 -2.66 9.52 11.08
C GLY A 53 -3.57 8.30 11.32
N THR A 54 -4.83 8.36 10.86
CA THR A 54 -5.74 7.20 10.85
C THR A 54 -6.59 7.14 9.58
N TRP A 55 -7.13 5.94 9.26
CA TRP A 55 -7.96 5.68 8.06
C TRP A 55 -8.84 4.43 8.26
N LEU A 56 -10.02 4.39 7.66
CA LEU A 56 -10.97 3.26 7.76
C LEU A 56 -10.43 2.00 7.08
N CYS A 57 -10.38 0.89 7.81
CA CYS A 57 -9.88 -0.40 7.32
C CYS A 57 -10.99 -1.28 6.71
N ARG A 58 -10.59 -2.32 5.98
CA ARG A 58 -11.49 -3.23 5.25
C ARG A 58 -12.37 -4.10 6.16
N ASN A 59 -12.02 -4.21 7.44
CA ASN A 59 -12.85 -4.82 8.51
C ASN A 59 -14.10 -3.98 8.84
N GLY A 60 -14.12 -2.70 8.45
CA GLY A 60 -15.18 -1.73 8.78
C GLY A 60 -14.92 -0.95 10.08
N MET A 61 -13.69 -1.02 10.63
CA MET A 61 -13.26 -0.28 11.81
C MET A 61 -12.20 0.77 11.45
N GLU A 62 -12.17 1.89 12.18
CA GLU A 62 -11.15 2.94 12.02
C GLU A 62 -9.78 2.41 12.47
N GLY A 63 -8.88 2.23 11.50
CA GLY A 63 -7.50 1.80 11.72
C GLY A 63 -6.56 2.98 12.00
N THR A 64 -5.52 2.76 12.81
CA THR A 64 -4.45 3.74 13.06
C THR A 64 -3.15 3.35 12.37
N LEU A 65 -2.46 4.33 11.78
CA LEU A 65 -1.25 4.15 10.97
C LEU A 65 -0.12 3.50 11.80
N ILE A 66 0.38 2.35 11.34
CA ILE A 66 1.51 1.60 11.95
C ILE A 66 2.61 1.30 10.92
N GLU A 67 3.84 1.15 11.40
CA GLU A 67 4.97 0.64 10.59
C GLU A 67 4.83 -0.87 10.30
N GLY A 68 5.14 -1.28 9.07
CA GLY A 68 4.95 -2.67 8.61
C GLY A 68 5.39 -2.89 7.16
N ASP A 69 6.58 -2.43 6.79
CA ASP A 69 7.15 -2.52 5.44
C ASP A 69 8.67 -2.80 5.52
N LEU A 70 9.11 -3.85 4.85
CA LEU A 70 10.51 -4.32 4.77
C LEU A 70 11.08 -4.16 3.35
N PRO A 71 12.38 -3.85 3.18
CA PRO A 71 13.03 -3.64 1.89
C PRO A 71 13.38 -4.98 1.19
N GLU A 72 12.35 -5.76 0.85
CA GLU A 72 12.39 -7.10 0.25
C GLU A 72 13.54 -8.01 0.77
N PRO A 73 13.49 -8.47 2.05
CA PRO A 73 14.49 -9.32 2.67
C PRO A 73 14.90 -10.55 1.85
N LYS A 74 16.20 -10.87 1.85
CA LYS A 74 16.84 -11.98 1.11
C LYS A 74 18.03 -12.55 1.90
N LYS A 75 18.49 -13.76 1.56
CA LYS A 75 19.61 -14.47 2.23
C LYS A 75 19.45 -14.52 3.77
N VAL A 76 18.22 -14.73 4.23
CA VAL A 76 17.77 -14.68 5.64
C VAL A 76 18.26 -13.46 6.45
N LYS A 77 18.37 -12.29 5.80
CA LYS A 77 18.75 -11.01 6.41
C LYS A 77 17.73 -9.89 6.08
N PRO A 78 16.86 -9.50 7.04
CA PRO A 78 16.53 -10.21 8.28
C PRO A 78 15.87 -11.59 8.03
N PRO A 79 15.81 -12.50 9.04
CA PRO A 79 15.28 -13.85 8.85
C PRO A 79 13.78 -13.94 8.54
N ARG A 80 12.99 -12.95 9.02
CA ARG A 80 11.52 -12.87 8.89
C ARG A 80 11.06 -11.41 8.79
N SER A 1 22.43 -0.20 -0.41
CA SER A 1 21.02 -0.16 -0.88
C SER A 1 20.81 0.92 -1.93
N MET A 2 19.81 0.75 -2.82
CA MET A 2 19.42 1.76 -3.82
C MET A 2 18.64 2.95 -3.20
N ALA A 3 18.61 4.06 -3.93
CA ALA A 3 17.84 5.28 -3.62
C ALA A 3 17.07 5.77 -4.86
N ASP A 4 16.09 6.67 -4.66
CA ASP A 4 15.10 7.07 -5.68
C ASP A 4 14.26 5.87 -6.19
N ARG A 5 13.46 6.03 -7.27
CA ARG A 5 12.73 4.91 -7.89
C ARG A 5 13.70 3.86 -8.44
N VAL A 6 13.39 2.57 -8.28
CA VAL A 6 14.36 1.50 -8.54
C VAL A 6 14.23 0.88 -9.92
N LEU A 7 15.33 0.92 -10.68
CA LEU A 7 15.58 0.25 -11.97
C LEU A 7 14.57 0.57 -13.10
N ARG A 8 13.83 1.68 -13.00
CA ARG A 8 12.66 2.00 -13.85
C ARG A 8 12.59 3.48 -14.27
N GLY A 9 11.91 3.73 -15.39
CA GLY A 9 11.61 5.07 -15.91
C GLY A 9 10.49 5.13 -16.96
N SER A 10 9.74 4.04 -17.15
CA SER A 10 8.65 3.93 -18.13
C SER A 10 7.33 4.55 -17.64
N ARG A 11 6.44 4.85 -18.60
CA ARG A 11 5.11 5.47 -18.40
C ARG A 11 5.06 6.77 -17.57
N LEU A 12 5.92 7.78 -17.78
CA LEU A 12 7.13 7.89 -18.59
C LEU A 12 7.98 9.08 -18.10
N GLY A 13 9.26 8.85 -17.82
CA GLY A 13 10.29 9.85 -17.50
C GLY A 13 10.19 10.51 -16.12
N ALA A 14 9.04 11.11 -15.79
CA ALA A 14 8.82 11.94 -14.61
C ALA A 14 8.41 11.16 -13.34
N VAL A 15 8.46 11.86 -12.20
CA VAL A 15 8.07 11.43 -10.83
C VAL A 15 8.93 10.31 -10.22
N SER A 16 9.19 10.43 -8.92
CA SER A 16 9.95 9.48 -8.10
C SER A 16 9.16 9.07 -6.85
N TYR A 17 9.14 7.76 -6.57
CA TYR A 17 8.37 7.13 -5.48
C TYR A 17 8.96 5.77 -5.10
N GLU A 18 8.44 5.15 -4.04
CA GLU A 18 8.92 3.89 -3.44
C GLU A 18 8.76 2.61 -4.31
N THR A 19 8.28 2.74 -5.56
CA THR A 19 8.26 1.67 -6.58
C THR A 19 7.53 0.40 -6.10
N ASP A 20 6.25 0.54 -5.75
CA ASP A 20 5.40 -0.56 -5.27
C ASP A 20 5.27 -1.73 -6.28
N ARG A 21 5.12 -2.95 -5.73
CA ARG A 21 5.20 -4.23 -6.48
C ARG A 21 3.88 -4.72 -7.12
N ASN A 22 2.75 -4.01 -6.93
CA ASN A 22 1.49 -4.34 -7.64
C ASN A 22 1.63 -4.09 -9.16
N HIS A 23 0.73 -4.69 -9.95
CA HIS A 23 0.92 -5.02 -11.38
C HIS A 23 0.83 -3.85 -12.39
N ASP A 24 1.02 -2.61 -11.94
CA ASP A 24 1.18 -1.42 -12.81
C ASP A 24 2.11 -0.36 -12.18
N LEU A 25 2.61 0.54 -13.02
CA LEU A 25 3.47 1.66 -12.63
C LEU A 25 2.67 2.96 -12.59
N ALA A 26 2.47 3.49 -11.39
CA ALA A 26 1.75 4.73 -11.08
C ALA A 26 2.21 5.24 -9.70
N PRO A 27 2.63 6.52 -9.54
CA PRO A 27 3.14 7.06 -8.28
C PRO A 27 2.18 6.93 -7.10
N ARG A 28 2.47 5.97 -6.20
CA ARG A 28 1.67 5.61 -5.03
C ARG A 28 2.45 5.27 -3.76
N GLN A 29 1.75 5.27 -2.63
CA GLN A 29 2.23 5.05 -1.26
C GLN A 29 1.28 4.10 -0.51
N ILE A 30 1.67 2.85 -0.37
CA ILE A 30 0.93 1.85 0.43
C ILE A 30 1.34 2.02 1.89
N ALA A 31 0.41 2.51 2.71
CA ALA A 31 0.48 2.50 4.17
C ALA A 31 -0.29 1.31 4.76
N ARG A 32 -0.01 0.98 6.02
CA ARG A 32 -0.76 0.00 6.83
C ARG A 32 -1.48 0.69 7.98
N TYR A 33 -2.61 0.15 8.40
CA TYR A 33 -3.38 0.62 9.55
C TYR A 33 -3.93 -0.56 10.37
N ARG A 34 -3.94 -0.40 11.70
CA ARG A 34 -4.38 -1.39 12.70
C ARG A 34 -5.70 -0.99 13.34
N THR A 35 -6.69 -1.87 13.30
CA THR A 35 -8.05 -1.64 13.83
C THR A 35 -8.09 -1.87 15.34
N ASP A 36 -9.28 -1.67 15.94
CA ASP A 36 -9.46 -1.83 17.38
C ASP A 36 -9.42 -3.30 17.87
N ASN A 37 -9.59 -4.28 16.97
CA ASN A 37 -9.37 -5.69 17.34
C ASN A 37 -7.91 -6.16 17.11
N GLY A 38 -7.01 -5.25 16.69
CA GLY A 38 -5.66 -5.56 16.22
C GLY A 38 -5.60 -6.04 14.76
N GLU A 39 -6.70 -5.98 14.02
CA GLU A 39 -6.73 -6.42 12.62
C GLU A 39 -6.01 -5.38 11.76
N GLU A 40 -4.94 -5.78 11.07
CA GLU A 40 -4.14 -4.87 10.23
C GLU A 40 -4.46 -5.03 8.74
N PHE A 41 -4.67 -3.90 8.07
CA PHE A 41 -4.96 -3.80 6.64
C PHE A 41 -4.05 -2.79 5.93
N GLU A 42 -4.00 -2.87 4.61
CA GLU A 42 -3.18 -2.02 3.75
C GLU A 42 -4.03 -1.05 2.92
N VAL A 43 -3.61 0.21 2.86
CA VAL A 43 -4.28 1.29 2.10
C VAL A 43 -3.31 1.96 1.11
N PRO A 44 -3.47 1.76 -0.21
CA PRO A 44 -2.77 2.50 -1.25
C PRO A 44 -3.28 3.94 -1.39
N PHE A 45 -2.37 4.90 -1.23
CA PHE A 45 -2.57 6.33 -1.52
C PHE A 45 -1.85 6.74 -2.80
N ALA A 46 -2.44 7.63 -3.60
CA ALA A 46 -1.79 8.19 -4.78
C ALA A 46 -0.89 9.38 -4.41
N ASP A 47 0.07 9.75 -5.27
CA ASP A 47 0.98 10.90 -5.05
C ASP A 47 0.24 12.26 -4.94
N ASP A 48 -0.99 12.34 -5.43
CA ASP A 48 -1.89 13.50 -5.27
C ASP A 48 -2.44 13.65 -3.82
N ALA A 49 -2.26 12.61 -2.99
CA ALA A 49 -2.63 12.55 -1.58
C ALA A 49 -1.41 12.32 -0.66
N GLU A 50 -1.60 12.50 0.65
CA GLU A 50 -0.62 12.14 1.69
C GLU A 50 -1.31 11.43 2.88
N ILE A 51 -0.59 10.52 3.52
CA ILE A 51 -1.02 9.60 4.58
C ILE A 51 -1.49 10.36 5.84
N PRO A 52 -2.79 10.36 6.14
CA PRO A 52 -3.33 10.81 7.42
C PRO A 52 -2.99 9.79 8.53
N GLY A 53 -2.84 10.30 9.77
CA GLY A 53 -2.55 9.52 10.97
C GLY A 53 -3.46 8.30 11.21
N THR A 54 -4.71 8.35 10.74
CA THR A 54 -5.63 7.20 10.74
C THR A 54 -6.47 7.10 9.47
N TRP A 55 -7.01 5.92 9.17
CA TRP A 55 -7.83 5.63 7.99
C TRP A 55 -8.75 4.41 8.19
N LEU A 56 -9.93 4.39 7.57
CA LEU A 56 -10.90 3.29 7.68
C LEU A 56 -10.39 2.02 6.98
N CYS A 57 -10.36 0.91 7.72
CA CYS A 57 -9.86 -0.39 7.24
C CYS A 57 -10.98 -1.27 6.65
N ARG A 58 -10.57 -2.32 5.93
CA ARG A 58 -11.49 -3.22 5.20
C ARG A 58 -12.38 -4.08 6.10
N ASN A 59 -12.03 -4.19 7.39
CA ASN A 59 -12.88 -4.78 8.45
C ASN A 59 -14.13 -3.92 8.78
N GLY A 60 -14.12 -2.64 8.37
CA GLY A 60 -15.17 -1.66 8.68
C GLY A 60 -14.92 -0.87 9.98
N MET A 61 -13.69 -0.94 10.53
CA MET A 61 -13.27 -0.20 11.71
C MET A 61 -12.20 0.84 11.36
N GLU A 62 -12.17 1.97 12.07
CA GLU A 62 -11.14 3.00 11.94
C GLU A 62 -9.78 2.45 12.40
N GLY A 63 -8.87 2.25 11.44
CA GLY A 63 -7.49 1.81 11.69
C GLY A 63 -6.54 2.98 11.97
N THR A 64 -5.52 2.76 12.79
CA THR A 64 -4.44 3.73 13.04
C THR A 64 -3.15 3.33 12.36
N LEU A 65 -2.43 4.30 11.79
CA LEU A 65 -1.19 4.11 11.05
C LEU A 65 -0.10 3.45 11.92
N ILE A 66 0.43 2.30 11.46
CA ILE A 66 1.52 1.54 12.11
C ILE A 66 2.68 1.27 11.15
N GLU A 67 3.89 1.12 11.69
CA GLU A 67 5.10 0.77 10.92
C GLU A 67 5.10 -0.72 10.55
N GLY A 68 5.32 -1.03 9.27
CA GLY A 68 5.14 -2.37 8.71
C GLY A 68 6.32 -3.32 8.88
N ASP A 69 7.55 -2.81 9.04
CA ASP A 69 8.79 -3.60 9.10
C ASP A 69 9.81 -3.11 10.15
N LEU A 70 9.34 -2.34 11.14
CA LEU A 70 10.12 -1.84 12.28
C LEU A 70 9.50 -2.31 13.62
N PRO A 71 10.29 -2.48 14.70
CA PRO A 71 9.79 -2.83 16.04
C PRO A 71 9.17 -1.62 16.78
N GLU A 72 8.47 -0.76 16.05
CA GLU A 72 7.95 0.56 16.42
C GLU A 72 8.84 1.37 17.40
N PRO A 73 10.10 1.70 17.01
CA PRO A 73 10.99 2.55 17.80
C PRO A 73 10.62 4.04 17.67
N LYS A 74 10.91 4.84 18.71
CA LYS A 74 10.77 6.31 18.73
C LYS A 74 9.40 6.83 18.22
N LYS A 75 9.27 8.15 18.00
CA LYS A 75 8.07 8.78 17.44
C LYS A 75 7.84 8.37 15.96
N VAL A 76 7.28 7.19 15.76
CA VAL A 76 6.75 6.60 14.51
C VAL A 76 7.68 6.62 13.28
N LYS A 77 9.00 6.54 13.49
CA LYS A 77 10.05 6.64 12.44
C LYS A 77 11.18 5.62 12.64
N PRO A 78 11.89 5.17 11.57
CA PRO A 78 11.78 5.62 10.18
C PRO A 78 10.57 5.05 9.42
N PRO A 79 9.96 5.80 8.47
CA PRO A 79 8.88 5.28 7.62
C PRO A 79 9.35 4.15 6.70
N ARG A 80 8.49 3.22 6.26
CA ARG A 80 7.06 3.05 6.57
C ARG A 80 6.70 1.56 6.65
N SER A 1 2.86 -14.05 -24.86
CA SER A 1 3.44 -13.74 -26.18
C SER A 1 4.33 -12.50 -26.13
N MET A 2 5.29 -12.38 -27.06
CA MET A 2 6.18 -11.22 -27.22
C MET A 2 6.34 -10.83 -28.70
N ALA A 3 6.54 -9.54 -28.98
CA ALA A 3 6.89 -9.04 -30.32
C ALA A 3 8.40 -9.21 -30.63
N ASP A 4 9.24 -9.07 -29.60
CA ASP A 4 10.65 -9.47 -29.59
C ASP A 4 10.79 -10.98 -29.29
N ARG A 5 12.03 -11.52 -29.33
CA ARG A 5 12.44 -12.89 -29.02
C ARG A 5 11.60 -13.55 -27.90
N VAL A 6 10.88 -14.62 -28.26
CA VAL A 6 9.95 -15.35 -27.38
C VAL A 6 10.68 -16.29 -26.42
N LEU A 7 10.00 -16.59 -25.32
CA LEU A 7 10.47 -17.43 -24.18
C LEU A 7 11.77 -16.94 -23.51
N ARG A 8 12.18 -15.69 -23.78
CA ARG A 8 13.37 -15.03 -23.21
C ARG A 8 12.97 -14.16 -22.02
N GLY A 9 13.57 -14.40 -20.84
CA GLY A 9 13.20 -13.74 -19.57
C GLY A 9 14.37 -13.24 -18.70
N SER A 10 15.62 -13.37 -19.16
CA SER A 10 16.84 -13.03 -18.41
C SER A 10 16.97 -11.54 -17.98
N ARG A 11 16.72 -10.52 -18.81
CA ARG A 11 16.38 -10.55 -20.25
C ARG A 11 17.36 -9.78 -21.14
N LEU A 12 17.88 -8.65 -20.68
CA LEU A 12 18.80 -7.77 -21.44
C LEU A 12 20.22 -7.68 -20.83
N GLY A 13 20.50 -8.43 -19.76
CA GLY A 13 21.79 -8.48 -19.05
C GLY A 13 22.06 -7.24 -18.17
N ALA A 14 22.05 -6.05 -18.77
CA ALA A 14 22.29 -4.75 -18.11
C ALA A 14 21.04 -4.19 -17.38
N VAL A 15 20.31 -5.06 -16.69
CA VAL A 15 19.04 -4.74 -15.99
C VAL A 15 19.30 -4.39 -14.53
N SER A 16 18.64 -3.35 -14.03
CA SER A 16 18.86 -2.76 -12.70
C SER A 16 17.76 -3.13 -11.70
N TYR A 17 17.62 -4.44 -11.46
CA TYR A 17 16.55 -5.06 -10.65
C TYR A 17 17.03 -5.63 -9.31
N GLU A 18 18.34 -5.62 -9.05
CA GLU A 18 19.00 -6.07 -7.81
C GLU A 18 18.59 -7.50 -7.37
N THR A 19 18.34 -8.39 -8.35
CA THR A 19 17.90 -9.78 -8.14
C THR A 19 16.58 -9.89 -7.34
N ASP A 20 15.69 -8.90 -7.48
CA ASP A 20 14.40 -8.81 -6.78
C ASP A 20 13.28 -8.25 -7.69
N ARG A 21 12.02 -8.33 -7.25
CA ARG A 21 10.82 -7.89 -8.00
C ARG A 21 9.99 -6.87 -7.22
N ASN A 22 9.54 -5.83 -7.93
CA ASN A 22 8.48 -4.90 -7.52
C ASN A 22 7.55 -4.66 -8.72
N HIS A 23 6.25 -4.92 -8.56
CA HIS A 23 5.26 -4.98 -9.65
C HIS A 23 4.43 -3.70 -9.82
N ASP A 24 4.52 -2.73 -8.91
CA ASP A 24 3.78 -1.46 -8.98
C ASP A 24 4.37 -0.48 -10.01
N LEU A 25 3.51 0.39 -10.53
CA LEU A 25 3.82 1.46 -11.50
C LEU A 25 3.21 2.80 -11.05
N ALA A 26 3.88 3.90 -11.40
CA ALA A 26 3.62 5.28 -10.96
C ALA A 26 3.80 5.50 -9.44
N PRO A 27 4.14 6.73 -8.97
CA PRO A 27 4.40 7.01 -7.56
C PRO A 27 3.11 6.89 -6.72
N ARG A 28 3.05 5.84 -5.92
CA ARG A 28 1.97 5.52 -4.97
C ARG A 28 2.50 4.95 -3.65
N GLN A 29 1.74 5.16 -2.58
CA GLN A 29 2.12 4.93 -1.19
C GLN A 29 1.12 4.00 -0.50
N ILE A 30 1.47 2.73 -0.35
CA ILE A 30 0.65 1.75 0.37
C ILE A 30 1.05 1.81 1.85
N ALA A 31 0.21 2.44 2.66
CA ALA A 31 0.36 2.52 4.11
C ALA A 31 -0.52 1.49 4.82
N ARG A 32 -0.04 0.95 5.94
CA ARG A 32 -0.81 0.03 6.79
C ARG A 32 -1.53 0.78 7.91
N TYR A 33 -2.65 0.22 8.36
CA TYR A 33 -3.41 0.70 9.51
C TYR A 33 -3.96 -0.47 10.35
N ARG A 34 -3.94 -0.31 11.67
CA ARG A 34 -4.34 -1.32 12.67
C ARG A 34 -5.67 -0.94 13.34
N THR A 35 -6.64 -1.84 13.30
CA THR A 35 -7.99 -1.66 13.87
C THR A 35 -7.97 -1.85 15.39
N ASP A 36 -9.12 -1.67 16.03
CA ASP A 36 -9.26 -1.80 17.49
C ASP A 36 -9.35 -3.27 17.94
N ASN A 37 -9.50 -4.19 16.99
CA ASN A 37 -9.53 -5.64 17.17
C ASN A 37 -8.16 -6.28 16.82
N GLY A 38 -7.11 -5.46 16.66
CA GLY A 38 -5.74 -5.85 16.29
C GLY A 38 -5.51 -6.09 14.81
N GLU A 39 -6.55 -5.91 14.00
CA GLU A 39 -6.56 -6.35 12.60
C GLU A 39 -5.88 -5.30 11.72
N GLU A 40 -4.81 -5.67 11.03
CA GLU A 40 -4.03 -4.77 10.19
C GLU A 40 -4.35 -4.95 8.71
N PHE A 41 -4.66 -3.83 8.05
CA PHE A 41 -4.99 -3.74 6.62
C PHE A 41 -4.11 -2.70 5.91
N GLU A 42 -4.05 -2.82 4.59
CA GLU A 42 -3.23 -2.00 3.71
C GLU A 42 -4.09 -1.06 2.84
N VAL A 43 -3.72 0.22 2.79
CA VAL A 43 -4.42 1.29 2.05
C VAL A 43 -3.47 1.98 1.05
N PRO A 44 -3.67 1.78 -0.27
CA PRO A 44 -2.98 2.52 -1.32
C PRO A 44 -3.43 3.98 -1.42
N PHE A 45 -2.46 4.88 -1.44
CA PHE A 45 -2.58 6.33 -1.69
C PHE A 45 -1.81 6.75 -2.95
N ALA A 46 -2.35 7.68 -3.73
CA ALA A 46 -1.65 8.26 -4.89
C ALA A 46 -0.77 9.45 -4.47
N ASP A 47 0.18 9.88 -5.31
CA ASP A 47 1.05 11.03 -5.06
C ASP A 47 0.28 12.36 -4.89
N ASP A 48 -0.96 12.42 -5.37
CA ASP A 48 -1.89 13.55 -5.15
C ASP A 48 -2.43 13.63 -3.71
N ALA A 49 -2.18 12.60 -2.89
CA ALA A 49 -2.56 12.50 -1.48
C ALA A 49 -1.35 12.21 -0.57
N GLU A 50 -1.49 12.48 0.73
CA GLU A 50 -0.53 12.13 1.79
C GLU A 50 -1.24 11.44 2.95
N ILE A 51 -0.59 10.41 3.51
CA ILE A 51 -1.08 9.49 4.55
C ILE A 51 -1.55 10.26 5.79
N PRO A 52 -2.86 10.28 6.06
CA PRO A 52 -3.40 10.77 7.32
C PRO A 52 -3.10 9.80 8.46
N GLY A 53 -2.95 10.33 9.68
CA GLY A 53 -2.65 9.58 10.91
C GLY A 53 -3.54 8.35 11.16
N THR A 54 -4.80 8.38 10.71
CA THR A 54 -5.71 7.23 10.72
C THR A 54 -6.56 7.13 9.44
N TRP A 55 -7.09 5.94 9.14
CA TRP A 55 -7.91 5.63 7.96
C TRP A 55 -8.81 4.41 8.19
N LEU A 56 -10.00 4.37 7.57
CA LEU A 56 -10.96 3.26 7.71
C LEU A 56 -10.45 1.97 7.03
N CYS A 57 -10.41 0.87 7.78
CA CYS A 57 -9.95 -0.43 7.32
C CYS A 57 -11.08 -1.33 6.79
N ARG A 58 -10.73 -2.39 6.06
CA ARG A 58 -11.70 -3.30 5.42
C ARG A 58 -12.51 -4.15 6.40
N ASN A 59 -12.10 -4.24 7.66
CA ASN A 59 -12.91 -4.83 8.75
C ASN A 59 -14.15 -3.97 9.11
N GLY A 60 -14.15 -2.70 8.69
CA GLY A 60 -15.19 -1.71 8.98
C GLY A 60 -14.92 -0.87 10.24
N MET A 61 -13.70 -0.94 10.78
CA MET A 61 -13.22 -0.15 11.92
C MET A 61 -12.19 0.89 11.49
N GLU A 62 -12.14 2.03 12.18
CA GLU A 62 -11.12 3.06 11.98
C GLU A 62 -9.74 2.53 12.43
N GLY A 63 -8.85 2.29 11.47
CA GLY A 63 -7.48 1.86 11.69
C GLY A 63 -6.52 3.03 11.95
N THR A 64 -5.49 2.82 12.76
CA THR A 64 -4.42 3.80 13.00
C THR A 64 -3.13 3.40 12.31
N LEU A 65 -2.43 4.38 11.72
CA LEU A 65 -1.23 4.18 10.90
C LEU A 65 -0.10 3.51 11.73
N ILE A 66 0.38 2.35 11.27
CA ILE A 66 1.52 1.61 11.84
C ILE A 66 2.58 1.30 10.77
N GLU A 67 3.83 1.10 11.19
CA GLU A 67 4.97 0.77 10.32
C GLU A 67 5.37 -0.71 10.44
N GLY A 68 5.66 -1.35 9.30
CA GLY A 68 6.21 -2.72 9.23
C GLY A 68 6.25 -3.30 7.82
N ASP A 69 5.31 -2.91 6.96
CA ASP A 69 5.24 -3.19 5.53
C ASP A 69 4.55 -2.01 4.85
N LEU A 70 4.89 -1.70 3.62
CA LEU A 70 5.70 -2.43 2.62
C LEU A 70 7.20 -2.10 2.73
N PRO A 71 8.10 -2.88 2.10
CA PRO A 71 9.51 -2.52 1.95
C PRO A 71 9.74 -1.34 0.99
N GLU A 72 8.91 -1.19 -0.06
CA GLU A 72 9.04 -0.14 -1.09
C GLU A 72 7.69 0.54 -1.47
N PRO A 73 6.97 1.18 -0.53
CA PRO A 73 5.93 2.15 -0.87
C PRO A 73 6.57 3.49 -1.27
N LYS A 74 6.15 4.05 -2.41
CA LYS A 74 6.82 5.13 -3.15
C LYS A 74 8.28 4.79 -3.51
N LYS A 75 9.05 5.78 -4.00
CA LYS A 75 10.45 5.63 -4.48
C LYS A 75 11.45 5.55 -3.30
N VAL A 76 11.35 4.48 -2.52
CA VAL A 76 12.20 4.16 -1.36
C VAL A 76 12.80 2.75 -1.46
N LYS A 77 13.82 2.44 -0.64
CA LYS A 77 14.46 1.13 -0.49
C LYS A 77 14.79 0.85 0.99
N PRO A 78 14.67 -0.39 1.50
CA PRO A 78 14.97 -0.75 2.90
C PRO A 78 16.41 -0.38 3.37
N PRO A 79 16.65 -0.29 4.70
CA PRO A 79 17.99 -0.09 5.24
C PRO A 79 18.95 -1.26 4.94
N ARG A 80 20.25 -0.95 4.89
CA ARG A 80 21.34 -1.86 4.47
C ARG A 80 22.03 -2.52 5.68
N SER A 1 -6.05 10.40 -32.85
CA SER A 1 -6.67 9.05 -32.94
C SER A 1 -8.13 9.08 -32.45
N MET A 2 -8.96 8.15 -32.95
CA MET A 2 -10.36 8.00 -32.50
C MET A 2 -10.45 7.33 -31.12
N ALA A 3 -11.55 7.59 -30.39
CA ALA A 3 -11.79 7.07 -29.04
C ALA A 3 -12.20 5.57 -29.00
N ASP A 4 -12.70 5.03 -30.11
CA ASP A 4 -13.22 3.64 -30.32
C ASP A 4 -14.43 3.23 -29.45
N ARG A 5 -14.61 3.82 -28.26
CA ARG A 5 -15.72 3.65 -27.31
C ARG A 5 -16.29 5.00 -26.89
N VAL A 6 -17.43 5.00 -26.19
CA VAL A 6 -18.08 6.20 -25.64
C VAL A 6 -17.38 6.61 -24.32
N LEU A 7 -16.21 7.24 -24.46
CA LEU A 7 -15.33 7.64 -23.34
C LEU A 7 -15.64 9.05 -22.79
N ARG A 8 -16.70 9.72 -23.28
CA ARG A 8 -17.11 11.08 -22.89
C ARG A 8 -17.83 11.11 -21.53
N GLY A 9 -17.09 10.82 -20.47
CA GLY A 9 -17.54 10.92 -19.08
C GLY A 9 -17.74 12.37 -18.61
N SER A 10 -18.22 12.55 -17.38
CA SER A 10 -18.79 13.82 -16.85
C SER A 10 -17.87 15.05 -16.93
N ARG A 11 -16.54 14.86 -16.92
CA ARG A 11 -15.53 15.91 -17.14
C ARG A 11 -15.29 16.22 -18.63
N LEU A 12 -16.34 16.20 -19.45
CA LEU A 12 -16.31 16.28 -20.93
C LEU A 12 -15.33 15.30 -21.62
N GLY A 13 -15.12 14.13 -21.00
CA GLY A 13 -14.17 13.09 -21.44
C GLY A 13 -12.77 13.14 -20.79
N ALA A 14 -12.45 14.16 -20.01
CA ALA A 14 -11.18 14.29 -19.26
C ALA A 14 -11.20 13.51 -17.90
N VAL A 15 -11.88 12.36 -17.86
CA VAL A 15 -12.09 11.55 -16.65
C VAL A 15 -10.90 10.67 -16.29
N SER A 16 -10.59 10.61 -15.00
CA SER A 16 -9.51 9.81 -14.38
C SER A 16 -9.75 9.70 -12.87
N TYR A 17 -9.66 8.49 -12.32
CA TYR A 17 -9.87 8.18 -10.91
C TYR A 17 -9.13 6.89 -10.48
N GLU A 18 -9.00 6.67 -9.18
CA GLU A 18 -8.33 5.49 -8.61
C GLU A 18 -9.18 4.22 -8.83
N THR A 19 -8.75 3.38 -9.77
CA THR A 19 -9.36 2.08 -10.09
C THR A 19 -8.32 1.11 -10.68
N ASP A 20 -8.61 -0.20 -10.67
CA ASP A 20 -7.73 -1.24 -11.17
C ASP A 20 -7.65 -1.26 -12.71
N ARG A 21 -6.43 -1.20 -13.26
CA ARG A 21 -6.14 -1.30 -14.70
C ARG A 21 -4.74 -1.88 -14.96
N ASN A 22 -3.72 -1.29 -14.34
CA ASN A 22 -2.32 -1.76 -14.32
C ASN A 22 -1.93 -2.28 -12.93
N HIS A 23 -0.93 -3.18 -12.88
CA HIS A 23 -0.43 -3.81 -11.63
C HIS A 23 1.05 -3.52 -11.32
N ASP A 24 1.73 -2.73 -12.15
CA ASP A 24 3.15 -2.41 -12.00
C ASP A 24 3.42 -1.34 -10.90
N LEU A 25 4.70 -1.06 -10.65
CA LEU A 25 5.17 0.03 -9.80
C LEU A 25 4.77 1.38 -10.41
N ALA A 26 4.17 2.24 -9.60
CA ALA A 26 3.54 3.50 -10.00
C ALA A 26 3.62 4.56 -8.88
N PRO A 27 3.28 5.85 -9.13
CA PRO A 27 3.34 6.94 -8.14
C PRO A 27 2.31 6.83 -7.00
N ARG A 28 2.53 5.87 -6.09
CA ARG A 28 1.70 5.60 -4.90
C ARG A 28 2.50 5.22 -3.63
N GLN A 29 1.80 5.27 -2.50
CA GLN A 29 2.31 5.11 -1.13
C GLN A 29 1.40 4.14 -0.37
N ILE A 30 1.88 2.91 -0.16
CA ILE A 30 1.21 1.89 0.62
C ILE A 30 1.53 2.11 2.10
N ALA A 31 0.53 2.59 2.84
CA ALA A 31 0.53 2.62 4.30
C ALA A 31 -0.23 1.41 4.87
N ARG A 32 -0.01 1.10 6.15
CA ARG A 32 -0.80 0.12 6.92
C ARG A 32 -1.56 0.83 8.03
N TYR A 33 -2.68 0.23 8.45
CA TYR A 33 -3.48 0.70 9.59
C TYR A 33 -4.02 -0.48 10.43
N ARG A 34 -3.98 -0.34 11.76
CA ARG A 34 -4.40 -1.35 12.77
C ARG A 34 -5.75 -0.96 13.39
N THR A 35 -6.73 -1.86 13.31
CA THR A 35 -8.10 -1.66 13.83
C THR A 35 -8.16 -1.89 15.34
N ASP A 36 -9.35 -1.72 15.93
CA ASP A 36 -9.54 -1.87 17.37
C ASP A 36 -9.51 -3.34 17.85
N ASN A 37 -9.65 -4.33 16.94
CA ASN A 37 -9.44 -5.74 17.31
C ASN A 37 -7.96 -6.18 17.11
N GLY A 38 -7.07 -5.27 16.69
CA GLY A 38 -5.71 -5.55 16.22
C GLY A 38 -5.62 -6.04 14.78
N GLU A 39 -6.71 -5.98 14.01
CA GLU A 39 -6.72 -6.42 12.61
C GLU A 39 -5.99 -5.37 11.77
N GLU A 40 -4.90 -5.74 11.10
CA GLU A 40 -4.08 -4.83 10.30
C GLU A 40 -4.35 -4.98 8.80
N PHE A 41 -4.62 -3.86 8.14
CA PHE A 41 -4.90 -3.76 6.69
C PHE A 41 -3.97 -2.76 6.00
N GLU A 42 -3.88 -2.83 4.67
CA GLU A 42 -3.06 -1.94 3.85
C GLU A 42 -3.94 -0.99 3.03
N VAL A 43 -3.57 0.29 2.99
CA VAL A 43 -4.24 1.34 2.22
C VAL A 43 -3.26 2.00 1.24
N PRO A 44 -3.40 1.78 -0.08
CA PRO A 44 -2.62 2.47 -1.09
C PRO A 44 -3.16 3.90 -1.34
N PHE A 45 -2.27 4.90 -1.23
CA PHE A 45 -2.52 6.31 -1.50
C PHE A 45 -1.78 6.77 -2.77
N ALA A 46 -2.39 7.63 -3.58
CA ALA A 46 -1.76 8.22 -4.77
C ALA A 46 -0.84 9.38 -4.39
N ASP A 47 0.11 9.75 -5.25
CA ASP A 47 1.06 10.86 -5.05
C ASP A 47 0.38 12.24 -4.89
N ASP A 48 -0.89 12.36 -5.33
CA ASP A 48 -1.74 13.54 -5.10
C ASP A 48 -2.23 13.67 -3.65
N ALA A 49 -2.07 12.62 -2.84
CA ALA A 49 -2.48 12.52 -1.44
C ALA A 49 -1.30 12.18 -0.49
N GLU A 50 -1.47 12.48 0.81
CA GLU A 50 -0.52 12.12 1.88
C GLU A 50 -1.24 11.45 3.06
N ILE A 51 -0.58 10.46 3.66
CA ILE A 51 -1.06 9.54 4.70
C ILE A 51 -1.54 10.30 5.95
N PRO A 52 -2.85 10.33 6.22
CA PRO A 52 -3.40 10.81 7.47
C PRO A 52 -3.11 9.82 8.61
N GLY A 53 -2.96 10.33 9.84
CA GLY A 53 -2.67 9.57 11.06
C GLY A 53 -3.56 8.35 11.31
N THR A 54 -4.82 8.38 10.86
CA THR A 54 -5.72 7.23 10.85
C THR A 54 -6.57 7.15 9.56
N TRP A 55 -7.11 5.96 9.25
CA TRP A 55 -7.91 5.67 8.05
C TRP A 55 -8.80 4.44 8.24
N LEU A 56 -9.99 4.40 7.61
CA LEU A 56 -10.93 3.28 7.71
C LEU A 56 -10.40 2.01 7.02
N CYS A 57 -10.34 0.91 7.75
CA CYS A 57 -9.84 -0.38 7.27
C CYS A 57 -10.93 -1.24 6.63
N ARG A 58 -10.52 -2.29 5.91
CA ARG A 58 -11.41 -3.18 5.15
C ARG A 58 -12.32 -4.06 6.04
N ASN A 59 -11.99 -4.18 7.33
CA ASN A 59 -12.84 -4.78 8.37
C ASN A 59 -14.09 -3.93 8.71
N GLY A 60 -14.09 -2.65 8.32
CA GLY A 60 -15.15 -1.67 8.63
C GLY A 60 -14.92 -0.91 9.93
N MET A 61 -13.69 -0.95 10.49
CA MET A 61 -13.29 -0.22 11.69
C MET A 61 -12.21 0.83 11.36
N GLU A 62 -12.20 1.94 12.09
CA GLU A 62 -11.17 2.98 11.97
C GLU A 62 -9.80 2.46 12.44
N GLY A 63 -8.89 2.27 11.49
CA GLY A 63 -7.52 1.84 11.74
C GLY A 63 -6.56 3.00 12.02
N THR A 64 -5.51 2.76 12.81
CA THR A 64 -4.45 3.74 13.08
C THR A 64 -3.12 3.37 12.42
N LEU A 65 -2.42 4.36 11.85
CA LEU A 65 -1.25 4.20 10.99
C LEU A 65 -0.08 3.49 11.71
N ILE A 66 0.36 2.37 11.15
CA ILE A 66 1.61 1.65 11.46
C ILE A 66 2.41 1.42 10.18
N GLU A 67 3.73 1.25 10.26
CA GLU A 67 4.59 1.11 9.07
C GLU A 67 4.33 -0.19 8.30
N GLY A 68 4.01 -0.12 7.01
CA GLY A 68 3.68 1.06 6.18
C GLY A 68 4.89 1.83 5.64
N ASP A 69 6.02 1.14 5.44
CA ASP A 69 7.24 1.67 4.82
C ASP A 69 7.93 0.58 3.98
N LEU A 70 8.35 0.96 2.78
CA LEU A 70 9.02 0.10 1.79
C LEU A 70 10.33 0.75 1.30
N PRO A 71 11.52 0.24 1.68
CA PRO A 71 12.80 0.71 1.17
C PRO A 71 13.02 0.36 -0.32
N GLU A 72 12.56 -0.83 -0.75
CA GLU A 72 12.73 -1.37 -2.10
C GLU A 72 11.44 -2.03 -2.65
N PRO A 73 10.41 -1.25 -3.05
CA PRO A 73 9.40 -1.73 -3.99
C PRO A 73 10.08 -2.22 -5.29
N LYS A 74 9.70 -3.42 -5.72
CA LYS A 74 10.43 -4.18 -6.76
C LYS A 74 9.52 -5.18 -7.49
N LYS A 75 9.51 -5.09 -8.83
CA LYS A 75 8.84 -6.02 -9.76
C LYS A 75 9.68 -6.21 -11.03
N VAL A 76 9.50 -7.36 -11.70
CA VAL A 76 10.22 -7.75 -12.93
C VAL A 76 9.97 -6.78 -14.11
N LYS A 77 10.90 -6.77 -15.07
CA LYS A 77 10.88 -5.94 -16.30
C LYS A 77 11.34 -6.74 -17.52
N PRO A 78 10.86 -6.42 -18.74
CA PRO A 78 11.24 -7.15 -19.96
C PRO A 78 12.71 -6.90 -20.37
N PRO A 79 13.34 -7.85 -21.08
CA PRO A 79 14.72 -7.72 -21.57
C PRO A 79 14.84 -6.68 -22.71
N ARG A 80 16.02 -6.05 -22.81
CA ARG A 80 16.37 -5.01 -23.80
C ARG A 80 17.79 -5.21 -24.34
N SER A 1 1.58 3.89 -24.52
CA SER A 1 2.57 4.11 -23.44
C SER A 1 3.16 2.78 -22.95
N MET A 2 2.38 1.95 -22.26
CA MET A 2 2.78 0.61 -21.79
C MET A 2 2.73 -0.42 -22.93
N ALA A 3 3.78 -1.24 -23.07
CA ALA A 3 3.81 -2.41 -23.95
C ALA A 3 3.13 -3.63 -23.27
N ASP A 4 2.39 -4.43 -24.04
CA ASP A 4 1.58 -5.57 -23.54
C ASP A 4 0.65 -5.18 -22.37
N ARG A 5 -0.02 -4.03 -22.49
CA ARG A 5 -0.89 -3.43 -21.46
C ARG A 5 -2.06 -4.33 -21.03
N VAL A 6 -2.32 -4.35 -19.73
CA VAL A 6 -3.48 -5.00 -19.09
C VAL A 6 -4.28 -3.99 -18.26
N LEU A 7 -5.60 -4.11 -18.25
CA LEU A 7 -6.53 -3.22 -17.55
C LEU A 7 -7.38 -3.99 -16.53
N ARG A 8 -7.64 -3.36 -15.36
CA ARG A 8 -8.36 -3.92 -14.20
C ARG A 8 -7.84 -5.32 -13.78
N GLY A 9 -6.52 -5.50 -13.83
CA GLY A 9 -5.81 -6.72 -13.43
C GLY A 9 -5.45 -6.77 -11.94
N SER A 10 -4.50 -7.64 -11.58
CA SER A 10 -3.98 -7.84 -10.22
C SER A 10 -3.03 -6.72 -9.73
N ARG A 11 -3.41 -5.47 -10.00
CA ARG A 11 -2.73 -4.22 -9.59
C ARG A 11 -3.70 -3.06 -9.28
N LEU A 12 -4.99 -3.36 -9.12
CA LEU A 12 -6.08 -2.38 -8.97
C LEU A 12 -6.10 -1.73 -7.57
N GLY A 13 -5.79 -2.49 -6.54
CA GLY A 13 -5.81 -2.06 -5.13
C GLY A 13 -5.50 -3.20 -4.17
N ALA A 14 -5.61 -2.96 -2.86
CA ALA A 14 -5.35 -3.94 -1.80
C ALA A 14 -6.52 -4.94 -1.59
N VAL A 15 -7.20 -5.34 -2.67
CA VAL A 15 -8.50 -6.05 -2.63
C VAL A 15 -8.38 -7.53 -2.29
N SER A 16 -7.28 -8.17 -2.69
CA SER A 16 -7.01 -9.60 -2.46
C SER A 16 -5.48 -9.94 -2.43
N TYR A 17 -4.64 -8.91 -2.56
CA TYR A 17 -3.18 -8.96 -2.75
C TYR A 17 -2.53 -7.64 -2.30
N GLU A 18 -1.20 -7.59 -2.22
CA GLU A 18 -0.42 -6.45 -1.70
C GLU A 18 -0.32 -5.22 -2.64
N THR A 19 -1.29 -5.03 -3.53
CA THR A 19 -1.28 -4.04 -4.64
C THR A 19 -0.09 -4.21 -5.62
N ASP A 20 0.53 -5.40 -5.64
CA ASP A 20 1.69 -5.79 -6.46
C ASP A 20 2.89 -4.81 -6.36
N ARG A 21 3.74 -5.00 -5.34
CA ARG A 21 4.91 -4.15 -5.08
C ARG A 21 6.22 -4.66 -5.68
N ASN A 22 7.15 -3.75 -5.94
CA ASN A 22 8.55 -4.03 -6.27
C ASN A 22 9.57 -3.07 -5.62
N HIS A 23 9.18 -1.83 -5.27
CA HIS A 23 10.07 -0.81 -4.68
C HIS A 23 9.33 0.38 -4.00
N ASP A 24 8.44 1.14 -4.65
CA ASP A 24 7.97 1.03 -6.05
C ASP A 24 8.50 2.15 -6.95
N LEU A 25 8.68 1.82 -8.25
CA LEU A 25 8.89 2.80 -9.31
C LEU A 25 7.55 3.20 -9.94
N ALA A 26 6.76 3.91 -9.15
CA ALA A 26 5.41 4.42 -9.44
C ALA A 26 5.03 5.56 -8.46
N PRO A 27 4.19 6.53 -8.86
CA PRO A 27 3.78 7.63 -7.98
C PRO A 27 2.64 7.19 -7.04
N ARG A 28 2.96 6.31 -6.07
CA ARG A 28 2.06 5.84 -5.01
C ARG A 28 2.74 5.65 -3.65
N GLN A 29 1.93 5.42 -2.62
CA GLN A 29 2.28 4.98 -1.27
C GLN A 29 1.26 3.93 -0.81
N ILE A 30 1.67 2.71 -0.50
CA ILE A 30 0.80 1.71 0.14
C ILE A 30 1.07 1.78 1.66
N ALA A 31 0.17 2.39 2.42
CA ALA A 31 0.30 2.51 3.87
C ALA A 31 -0.50 1.41 4.57
N ARG A 32 -0.28 1.22 5.87
CA ARG A 32 -0.99 0.24 6.70
C ARG A 32 -1.65 0.90 7.90
N TYR A 33 -2.74 0.27 8.36
CA TYR A 33 -3.51 0.71 9.53
C TYR A 33 -4.00 -0.47 10.39
N ARG A 34 -3.93 -0.34 11.72
CA ARG A 34 -4.34 -1.34 12.74
C ARG A 34 -5.66 -0.96 13.39
N THR A 35 -6.64 -1.85 13.35
CA THR A 35 -7.99 -1.66 13.91
C THR A 35 -8.01 -1.88 15.42
N ASP A 36 -9.19 -1.70 16.04
CA ASP A 36 -9.33 -1.84 17.49
C ASP A 36 -9.27 -3.30 17.98
N ASN A 37 -9.44 -4.31 17.10
CA ASN A 37 -9.21 -5.70 17.47
C ASN A 37 -7.75 -6.15 17.23
N GLY A 38 -6.87 -5.24 16.78
CA GLY A 38 -5.52 -5.53 16.28
C GLY A 38 -5.47 -6.03 14.83
N GLU A 39 -6.59 -5.98 14.10
CA GLU A 39 -6.63 -6.44 12.70
C GLU A 39 -5.94 -5.39 11.83
N GLU A 40 -4.88 -5.76 11.12
CA GLU A 40 -4.10 -4.82 10.29
C GLU A 40 -4.42 -4.98 8.79
N PHE A 41 -4.68 -3.85 8.14
CA PHE A 41 -5.03 -3.74 6.71
C PHE A 41 -4.13 -2.73 6.01
N GLU A 42 -4.12 -2.80 4.67
CA GLU A 42 -3.35 -1.95 3.77
C GLU A 42 -4.27 -0.99 2.99
N VAL A 43 -3.85 0.27 2.86
CA VAL A 43 -4.54 1.33 2.13
C VAL A 43 -3.59 1.99 1.11
N PRO A 44 -3.81 1.78 -0.21
CA PRO A 44 -3.11 2.50 -1.27
C PRO A 44 -3.50 3.98 -1.36
N PHE A 45 -2.49 4.83 -1.40
CA PHE A 45 -2.56 6.28 -1.66
C PHE A 45 -1.75 6.66 -2.92
N ALA A 46 -2.17 7.69 -3.66
CA ALA A 46 -1.42 8.24 -4.79
C ALA A 46 -0.46 9.35 -4.32
N ASP A 47 0.61 9.64 -5.08
CA ASP A 47 1.62 10.66 -4.72
C ASP A 47 1.04 12.09 -4.61
N ASP A 48 -0.13 12.33 -5.22
CA ASP A 48 -0.89 13.59 -5.10
C ASP A 48 -1.61 13.73 -3.74
N ALA A 49 -1.75 12.63 -3.00
CA ALA A 49 -2.35 12.54 -1.66
C ALA A 49 -1.28 12.37 -0.57
N GLU A 50 -1.71 12.33 0.70
CA GLU A 50 -0.90 12.01 1.89
C GLU A 50 -1.61 10.99 2.79
N ILE A 51 -0.87 10.40 3.74
CA ILE A 51 -1.35 9.43 4.73
C ILE A 51 -1.77 10.18 5.99
N PRO A 52 -3.07 10.27 6.27
CA PRO A 52 -3.59 10.77 7.53
C PRO A 52 -3.29 9.79 8.67
N GLY A 53 -3.14 10.30 9.89
CA GLY A 53 -2.82 9.54 11.11
C GLY A 53 -3.72 8.31 11.35
N THR A 54 -4.98 8.35 10.90
CA THR A 54 -5.86 7.17 10.88
C THR A 54 -6.71 7.10 9.60
N TRP A 55 -7.22 5.91 9.26
CA TRP A 55 -8.04 5.62 8.08
C TRP A 55 -8.90 4.36 8.28
N LEU A 56 -10.10 4.31 7.67
CA LEU A 56 -11.03 3.18 7.80
C LEU A 56 -10.48 1.91 7.11
N CYS A 57 -10.42 0.81 7.84
CA CYS A 57 -9.93 -0.49 7.36
C CYS A 57 -11.04 -1.37 6.76
N ARG A 58 -10.65 -2.42 6.03
CA ARG A 58 -11.58 -3.32 5.32
C ARG A 58 -12.43 -4.21 6.25
N ASN A 59 -12.06 -4.30 7.53
CA ASN A 59 -12.88 -4.89 8.61
C ASN A 59 -14.13 -4.04 8.96
N GLY A 60 -14.15 -2.78 8.55
CA GLY A 60 -15.20 -1.80 8.87
C GLY A 60 -14.92 -1.01 10.16
N MET A 61 -13.69 -1.07 10.69
CA MET A 61 -13.26 -0.32 11.88
C MET A 61 -12.21 0.74 11.51
N GLU A 62 -12.18 1.85 12.24
CA GLU A 62 -11.17 2.90 12.09
C GLU A 62 -9.78 2.39 12.53
N GLY A 63 -8.88 2.21 11.56
CA GLY A 63 -7.51 1.78 11.76
C GLY A 63 -6.55 2.96 12.02
N THR A 64 -5.48 2.73 12.80
CA THR A 64 -4.43 3.72 13.06
C THR A 64 -3.12 3.37 12.37
N LEU A 65 -2.47 4.38 11.78
CA LEU A 65 -1.31 4.27 10.89
C LEU A 65 -0.12 3.58 11.58
N ILE A 66 0.35 2.47 10.98
CA ILE A 66 1.62 1.81 11.28
C ILE A 66 2.45 1.67 10.00
N GLU A 67 3.79 1.55 10.12
CA GLU A 67 4.69 1.55 8.96
C GLU A 67 4.46 0.34 8.03
N GLY A 68 4.08 0.63 6.78
CA GLY A 68 3.82 -0.35 5.72
C GLY A 68 4.37 0.00 4.33
N ASP A 69 4.84 1.22 4.09
CA ASP A 69 5.25 1.68 2.75
C ASP A 69 6.71 1.31 2.37
N LEU A 70 7.17 0.15 2.86
CA LEU A 70 8.50 -0.41 2.68
C LEU A 70 8.65 -1.09 1.28
N PRO A 71 9.89 -1.31 0.77
CA PRO A 71 11.19 -1.19 1.44
C PRO A 71 11.69 0.23 1.76
N GLU A 72 11.36 1.23 0.94
CA GLU A 72 11.94 2.58 0.97
C GLU A 72 10.88 3.69 0.96
N PRO A 73 10.23 4.00 2.11
CA PRO A 73 9.30 5.13 2.26
C PRO A 73 10.01 6.50 2.28
N LYS A 74 10.71 6.79 1.18
CA LYS A 74 11.59 7.95 0.98
C LYS A 74 10.82 9.20 0.50
N LYS A 75 9.74 9.53 1.23
CA LYS A 75 8.75 10.58 0.89
C LYS A 75 8.54 11.59 2.04
N VAL A 76 9.65 11.96 2.70
CA VAL A 76 9.69 12.95 3.81
C VAL A 76 10.59 14.13 3.41
N LYS A 77 10.14 15.35 3.67
CA LYS A 77 10.82 16.62 3.33
C LYS A 77 10.52 17.74 4.34
N PRO A 78 11.43 18.72 4.54
CA PRO A 78 11.15 19.94 5.30
C PRO A 78 10.24 20.90 4.51
N PRO A 79 9.63 21.92 5.17
CA PRO A 79 8.88 22.98 4.50
C PRO A 79 9.77 23.82 3.57
N ARG A 80 9.36 24.15 2.33
CA ARG A 80 8.17 23.67 1.59
C ARG A 80 8.45 23.61 0.07
N SER A 1 -32.61 -12.83 -7.37
CA SER A 1 -32.05 -14.06 -7.98
C SER A 1 -30.59 -13.87 -8.43
N MET A 2 -30.34 -13.07 -9.48
CA MET A 2 -29.03 -12.71 -10.09
C MET A 2 -28.16 -13.86 -10.65
N ALA A 3 -28.27 -15.10 -10.13
CA ALA A 3 -27.52 -16.29 -10.57
C ALA A 3 -25.97 -16.13 -10.55
N ASP A 4 -25.45 -15.27 -9.67
CA ASP A 4 -24.02 -15.02 -9.51
C ASP A 4 -23.26 -16.18 -8.84
N ARG A 5 -21.96 -16.29 -9.11
CA ARG A 5 -21.05 -17.35 -8.62
C ARG A 5 -19.71 -16.77 -8.15
N VAL A 6 -19.09 -17.44 -7.17
CA VAL A 6 -17.86 -17.02 -6.48
C VAL A 6 -16.88 -18.18 -6.29
N LEU A 7 -15.62 -17.87 -5.99
CA LEU A 7 -14.58 -18.82 -5.62
C LEU A 7 -14.84 -19.48 -4.24
N ARG A 8 -14.39 -20.72 -4.06
CA ARG A 8 -14.56 -21.49 -2.81
C ARG A 8 -13.44 -21.21 -1.79
N GLY A 9 -13.76 -21.32 -0.50
CA GLY A 9 -12.82 -21.11 0.61
C GLY A 9 -12.72 -19.67 1.13
N SER A 10 -12.24 -19.51 2.36
CA SER A 10 -12.27 -18.25 3.14
C SER A 10 -11.46 -17.09 2.52
N ARG A 11 -10.52 -17.38 1.61
CA ARG A 11 -9.74 -16.40 0.83
C ARG A 11 -10.57 -15.50 -0.10
N LEU A 12 -11.88 -15.76 -0.22
CA LEU A 12 -12.87 -14.83 -0.80
C LEU A 12 -12.87 -13.47 -0.06
N GLY A 13 -12.67 -13.47 1.26
CA GLY A 13 -12.66 -12.25 2.09
C GLY A 13 -14.05 -11.65 2.29
N ALA A 14 -15.02 -12.47 2.73
CA ALA A 14 -16.43 -12.08 2.86
C ALA A 14 -16.61 -10.76 3.64
N VAL A 15 -17.18 -9.75 2.97
CA VAL A 15 -17.37 -8.35 3.41
C VAL A 15 -16.14 -7.66 4.05
N SER A 16 -14.93 -8.16 3.77
CA SER A 16 -13.65 -7.63 4.27
C SER A 16 -12.53 -7.97 3.28
N TYR A 17 -12.41 -7.15 2.23
CA TYR A 17 -11.52 -7.37 1.08
C TYR A 17 -10.94 -6.06 0.53
N GLU A 18 -9.83 -6.18 -0.21
CA GLU A 18 -9.17 -5.04 -0.86
C GLU A 18 -10.04 -4.46 -2.00
N THR A 19 -10.57 -3.26 -1.78
CA THR A 19 -11.43 -2.53 -2.73
C THR A 19 -10.67 -1.72 -3.78
N ASP A 20 -9.35 -1.58 -3.63
CA ASP A 20 -8.46 -0.80 -4.52
C ASP A 20 -7.85 -1.65 -5.65
N ARG A 21 -7.51 -1.01 -6.78
CA ARG A 21 -6.97 -1.66 -7.99
C ARG A 21 -5.77 -0.89 -8.58
N ASN A 22 -4.95 -1.60 -9.35
CA ASN A 22 -3.69 -1.12 -9.96
C ASN A 22 -3.72 -1.07 -11.50
N HIS A 23 -4.91 -0.91 -12.10
CA HIS A 23 -5.09 -0.80 -13.56
C HIS A 23 -4.40 0.45 -14.15
N ASP A 24 -4.33 1.53 -13.38
CA ASP A 24 -3.39 2.65 -13.56
C ASP A 24 -2.29 2.61 -12.50
N LEU A 25 -1.10 3.16 -12.84
CA LEU A 25 0.08 3.20 -11.98
C LEU A 25 0.62 4.64 -11.82
N ALA A 26 1.07 4.96 -10.61
CA ALA A 26 1.55 6.30 -10.22
C ALA A 26 2.60 6.23 -9.08
N PRO A 27 3.28 7.35 -8.75
CA PRO A 27 4.10 7.55 -7.54
C PRO A 27 3.32 7.38 -6.21
N ARG A 28 2.93 6.14 -5.91
CA ARG A 28 1.96 5.77 -4.87
C ARG A 28 2.61 5.32 -3.57
N GLN A 29 1.87 5.45 -2.49
CA GLN A 29 2.30 5.30 -1.10
C GLN A 29 1.38 4.29 -0.39
N ILE A 30 1.85 3.06 -0.21
CA ILE A 30 1.08 2.00 0.46
C ILE A 30 1.31 2.11 1.98
N ALA A 31 0.32 2.57 2.73
CA ALA A 31 0.37 2.59 4.19
C ALA A 31 -0.35 1.36 4.78
N ARG A 32 -0.05 1.04 6.05
CA ARG A 32 -0.77 0.05 6.86
C ARG A 32 -1.48 0.73 8.02
N TYR A 33 -2.62 0.17 8.44
CA TYR A 33 -3.38 0.64 9.59
C TYR A 33 -3.92 -0.54 10.41
N ARG A 34 -3.93 -0.39 11.74
CA ARG A 34 -4.38 -1.39 12.72
C ARG A 34 -5.70 -0.99 13.37
N THR A 35 -6.70 -1.87 13.29
CA THR A 35 -8.05 -1.66 13.83
C THR A 35 -8.10 -1.90 15.34
N ASP A 36 -9.27 -1.70 15.94
CA ASP A 36 -9.45 -1.85 17.38
C ASP A 36 -9.46 -3.32 17.86
N ASN A 37 -9.64 -4.30 16.96
CA ASN A 37 -9.46 -5.72 17.33
C ASN A 37 -8.00 -6.21 17.13
N GLY A 38 -7.09 -5.32 16.72
CA GLY A 38 -5.73 -5.64 16.27
C GLY A 38 -5.63 -6.05 14.80
N GLU A 39 -6.72 -6.02 14.05
CA GLU A 39 -6.74 -6.44 12.64
C GLU A 39 -6.01 -5.39 11.80
N GLU A 40 -4.95 -5.78 11.10
CA GLU A 40 -4.16 -4.87 10.26
C GLU A 40 -4.48 -5.03 8.77
N PHE A 41 -4.67 -3.89 8.11
CA PHE A 41 -4.93 -3.79 6.67
C PHE A 41 -3.99 -2.80 5.98
N GLU A 42 -3.91 -2.90 4.65
CA GLU A 42 -3.09 -2.04 3.79
C GLU A 42 -3.98 -1.11 2.96
N VAL A 43 -3.62 0.17 2.89
CA VAL A 43 -4.32 1.22 2.12
C VAL A 43 -3.34 1.94 1.17
N PRO A 44 -3.47 1.74 -0.15
CA PRO A 44 -2.77 2.52 -1.16
C PRO A 44 -3.27 3.97 -1.23
N PHE A 45 -2.33 4.91 -1.21
CA PHE A 45 -2.53 6.34 -1.47
C PHE A 45 -1.84 6.77 -2.76
N ALA A 46 -2.49 7.62 -3.54
CA ALA A 46 -2.00 8.09 -4.83
C ALA A 46 -1.02 9.26 -4.69
N ASP A 47 -0.26 9.56 -5.76
CA ASP A 47 0.66 10.71 -5.85
C ASP A 47 0.00 12.07 -5.55
N ASP A 48 -1.30 12.13 -5.77
CA ASP A 48 -2.18 13.29 -5.49
C ASP A 48 -2.47 13.50 -3.98
N ALA A 49 -2.18 12.51 -3.13
CA ALA A 49 -2.56 12.46 -1.72
C ALA A 49 -1.38 12.10 -0.78
N GLU A 50 -1.53 12.41 0.51
CA GLU A 50 -0.62 12.00 1.59
C GLU A 50 -1.37 11.40 2.80
N ILE A 51 -0.66 10.52 3.51
CA ILE A 51 -1.09 9.63 4.58
C ILE A 51 -1.53 10.40 5.84
N PRO A 52 -2.84 10.41 6.17
CA PRO A 52 -3.34 10.86 7.45
C PRO A 52 -2.96 9.87 8.58
N GLY A 53 -2.84 10.37 9.81
CA GLY A 53 -2.54 9.60 11.02
C GLY A 53 -3.43 8.35 11.24
N THR A 54 -4.67 8.38 10.77
CA THR A 54 -5.60 7.23 10.79
C THR A 54 -6.46 7.14 9.52
N TRP A 55 -7.02 5.95 9.24
CA TRP A 55 -7.86 5.66 8.07
C TRP A 55 -8.79 4.45 8.29
N LEU A 56 -9.98 4.44 7.68
CA LEU A 56 -10.94 3.35 7.79
C LEU A 56 -10.45 2.07 7.07
N CYS A 57 -10.37 0.96 7.79
CA CYS A 57 -9.90 -0.33 7.28
C CYS A 57 -11.02 -1.17 6.67
N ARG A 58 -10.63 -2.22 5.93
CA ARG A 58 -11.55 -3.08 5.17
C ARG A 58 -12.47 -3.92 6.07
N ASN A 59 -12.09 -4.11 7.34
CA ASN A 59 -12.91 -4.71 8.40
C ASN A 59 -14.16 -3.85 8.77
N GLY A 60 -14.16 -2.57 8.38
CA GLY A 60 -15.20 -1.59 8.72
C GLY A 60 -14.93 -0.83 10.02
N MET A 61 -13.70 -0.90 10.55
CA MET A 61 -13.27 -0.17 11.74
C MET A 61 -12.20 0.87 11.42
N GLU A 62 -12.17 1.97 12.16
CA GLU A 62 -11.11 2.99 12.08
C GLU A 62 -9.75 2.42 12.51
N GLY A 63 -8.84 2.27 11.53
CA GLY A 63 -7.47 1.82 11.73
C GLY A 63 -6.51 2.99 12.00
N THR A 64 -5.49 2.76 12.82
CA THR A 64 -4.41 3.74 13.08
C THR A 64 -3.11 3.34 12.39
N LEU A 65 -2.41 4.31 11.82
CA LEU A 65 -1.18 4.13 11.04
C LEU A 65 -0.06 3.46 11.85
N ILE A 66 0.45 2.32 11.38
CA ILE A 66 1.58 1.56 11.96
C ILE A 66 2.66 1.23 10.93
N GLU A 67 3.89 1.01 11.39
CA GLU A 67 5.00 0.48 10.57
C GLU A 67 4.85 -1.03 10.34
N GLY A 68 5.22 -1.49 9.15
CA GLY A 68 5.13 -2.89 8.71
C GLY A 68 5.64 -3.07 7.28
N ASP A 69 6.89 -2.65 7.04
CA ASP A 69 7.46 -2.32 5.75
C ASP A 69 8.56 -3.31 5.32
N LEU A 70 9.11 -3.01 4.15
CA LEU A 70 10.15 -3.73 3.42
C LEU A 70 11.47 -2.93 3.39
N PRO A 71 12.64 -3.57 3.15
CA PRO A 71 13.93 -2.88 3.10
C PRO A 71 14.11 -2.00 1.85
N GLU A 72 13.66 -2.44 0.67
CA GLU A 72 13.76 -1.69 -0.59
C GLU A 72 12.53 -1.81 -1.54
N PRO A 73 11.32 -1.40 -1.09
CA PRO A 73 10.13 -1.28 -1.94
C PRO A 73 10.16 -0.06 -2.87
N LYS A 74 9.34 -0.08 -3.93
CA LYS A 74 9.19 1.00 -4.94
C LYS A 74 8.10 2.03 -4.63
N LYS A 75 7.65 2.11 -3.36
CA LYS A 75 6.52 2.92 -2.85
C LYS A 75 6.83 4.43 -2.69
N VAL A 76 7.56 5.00 -3.64
CA VAL A 76 8.14 6.35 -3.56
C VAL A 76 7.14 7.48 -3.82
N LYS A 77 7.34 8.61 -3.14
CA LYS A 77 6.57 9.86 -3.35
C LYS A 77 6.95 10.54 -4.68
N PRO A 78 6.05 11.34 -5.29
CA PRO A 78 6.41 12.30 -6.34
C PRO A 78 7.25 13.47 -5.77
N PRO A 79 7.88 14.30 -6.61
CA PRO A 79 8.44 15.58 -6.17
C PRO A 79 7.34 16.51 -5.63
N ARG A 80 7.57 17.10 -4.45
CA ARG A 80 6.66 17.98 -3.71
C ARG A 80 7.38 19.19 -3.11
N SER A 1 22.65 -16.02 -12.12
CA SER A 1 21.60 -15.62 -13.08
C SER A 1 21.44 -16.63 -14.21
N MET A 2 20.26 -16.71 -14.81
CA MET A 2 19.97 -17.59 -15.96
C MET A 2 20.66 -17.10 -17.25
N ALA A 3 21.09 -18.04 -18.10
CA ALA A 3 21.84 -17.75 -19.34
C ALA A 3 20.99 -17.23 -20.52
N ASP A 4 19.66 -17.21 -20.37
CA ASP A 4 18.69 -16.73 -21.37
C ASP A 4 17.49 -16.04 -20.69
N ARG A 5 16.74 -15.22 -21.45
CA ARG A 5 15.63 -14.36 -20.98
C ARG A 5 14.22 -14.85 -21.32
N VAL A 6 14.13 -16.15 -21.62
CA VAL A 6 12.93 -16.87 -22.08
C VAL A 6 12.66 -18.09 -21.19
N LEU A 7 11.38 -18.32 -20.87
CA LEU A 7 10.88 -19.45 -20.09
C LEU A 7 9.72 -20.17 -20.81
N ARG A 8 9.48 -21.43 -20.41
CA ARG A 8 8.35 -22.28 -20.84
C ARG A 8 7.44 -22.64 -19.66
N GLY A 9 6.22 -23.10 -19.93
CA GLY A 9 5.27 -23.57 -18.91
C GLY A 9 5.54 -24.98 -18.38
N SER A 10 4.80 -25.38 -17.35
CA SER A 10 4.75 -26.75 -16.79
C SER A 10 6.12 -27.34 -16.37
N ARG A 11 7.04 -26.51 -15.89
CA ARG A 11 8.41 -26.89 -15.47
C ARG A 11 8.43 -27.51 -14.07
N LEU A 12 9.53 -28.20 -13.75
CA LEU A 12 9.93 -28.52 -12.37
C LEU A 12 10.74 -27.39 -11.70
N GLY A 13 11.43 -26.55 -12.49
CA GLY A 13 12.29 -25.47 -12.02
C GLY A 13 11.55 -24.15 -11.74
N ALA A 14 11.52 -23.74 -10.47
CA ALA A 14 11.04 -22.42 -10.05
C ALA A 14 12.07 -21.30 -10.33
N VAL A 15 11.61 -20.05 -10.40
CA VAL A 15 12.43 -18.85 -10.67
C VAL A 15 12.20 -17.76 -9.61
N SER A 16 13.17 -16.86 -9.46
CA SER A 16 13.30 -15.91 -8.34
C SER A 16 12.45 -14.63 -8.46
N TYR A 17 11.50 -14.59 -9.40
CA TYR A 17 10.77 -13.38 -9.83
C TYR A 17 9.36 -13.70 -10.33
N GLU A 18 8.48 -12.70 -10.28
CA GLU A 18 7.08 -12.79 -10.72
C GLU A 18 6.96 -12.73 -12.26
N THR A 19 6.69 -13.88 -12.86
CA THR A 19 6.56 -14.08 -14.32
C THR A 19 5.16 -13.77 -14.89
N ASP A 20 4.17 -13.52 -14.02
CA ASP A 20 2.77 -13.24 -14.36
C ASP A 20 2.17 -12.17 -13.44
N ARG A 21 1.09 -11.50 -13.90
CA ARG A 21 0.39 -10.37 -13.25
C ARG A 21 1.32 -9.26 -12.70
N ASN A 22 2.44 -9.02 -13.40
CA ASN A 22 3.58 -8.21 -12.97
C ASN A 22 3.58 -6.76 -13.52
N HIS A 23 2.50 -6.34 -14.20
CA HIS A 23 2.30 -4.95 -14.66
C HIS A 23 2.00 -3.99 -13.50
N ASP A 24 2.22 -2.68 -13.70
CA ASP A 24 2.00 -1.63 -12.71
C ASP A 24 1.27 -0.40 -13.26
N LEU A 25 0.56 0.28 -12.36
CA LEU A 25 -0.22 1.50 -12.60
C LEU A 25 -0.15 2.45 -11.40
N ALA A 26 0.07 3.73 -11.69
CA ALA A 26 0.04 4.90 -10.79
C ALA A 26 1.12 4.93 -9.66
N PRO A 27 1.98 5.98 -9.62
CA PRO A 27 2.88 6.24 -8.49
C PRO A 27 2.09 6.47 -7.20
N ARG A 28 2.35 5.60 -6.23
CA ARG A 28 1.58 5.46 -4.98
C ARG A 28 2.43 5.19 -3.73
N GLN A 29 1.78 5.28 -2.57
CA GLN A 29 2.27 5.06 -1.21
C GLN A 29 1.35 4.07 -0.51
N ILE A 30 1.86 2.89 -0.20
CA ILE A 30 1.16 1.87 0.58
C ILE A 30 1.45 2.11 2.07
N ALA A 31 0.48 2.64 2.80
CA ALA A 31 0.51 2.72 4.26
C ALA A 31 -0.27 1.55 4.88
N ARG A 32 0.10 1.15 6.09
CA ARG A 32 -0.62 0.16 6.90
C ARG A 32 -1.38 0.85 8.03
N TYR A 33 -2.50 0.27 8.46
CA TYR A 33 -3.30 0.71 9.60
C TYR A 33 -3.83 -0.49 10.39
N ARG A 34 -3.89 -0.36 11.72
CA ARG A 34 -4.34 -1.38 12.68
C ARG A 34 -5.67 -0.99 13.32
N THR A 35 -6.64 -1.89 13.23
CA THR A 35 -8.02 -1.68 13.75
C THR A 35 -8.11 -1.93 15.25
N ASP A 36 -9.30 -1.73 15.82
CA ASP A 36 -9.53 -1.88 17.25
C ASP A 36 -9.50 -3.35 17.73
N ASN A 37 -9.62 -4.33 16.83
CA ASN A 37 -9.42 -5.75 17.20
C ASN A 37 -7.96 -6.22 17.00
N GLY A 38 -7.06 -5.32 16.60
CA GLY A 38 -5.70 -5.64 16.15
C GLY A 38 -5.61 -6.11 14.69
N GLU A 39 -6.69 -6.02 13.92
CA GLU A 39 -6.70 -6.45 12.51
C GLU A 39 -5.96 -5.40 11.68
N GLU A 40 -4.89 -5.78 11.00
CA GLU A 40 -4.04 -4.85 10.23
C GLU A 40 -4.33 -4.96 8.72
N PHE A 41 -4.52 -3.81 8.07
CA PHE A 41 -4.81 -3.68 6.63
C PHE A 41 -3.90 -2.66 5.95
N GLU A 42 -3.85 -2.71 4.62
CA GLU A 42 -3.07 -1.81 3.78
C GLU A 42 -3.99 -0.87 3.00
N VAL A 43 -3.65 0.41 3.00
CA VAL A 43 -4.35 1.48 2.28
C VAL A 43 -3.40 2.10 1.24
N PRO A 44 -3.64 1.87 -0.07
CA PRO A 44 -2.90 2.54 -1.14
C PRO A 44 -3.33 4.01 -1.28
N PHE A 45 -2.35 4.92 -1.27
CA PHE A 45 -2.53 6.37 -1.51
C PHE A 45 -1.78 6.83 -2.77
N ALA A 46 -2.36 7.71 -3.56
CA ALA A 46 -1.74 8.23 -4.78
C ALA A 46 -0.74 9.35 -4.46
N ASP A 47 0.21 9.63 -5.36
CA ASP A 47 1.21 10.70 -5.22
C ASP A 47 0.59 12.12 -5.10
N ASP A 48 -0.67 12.29 -5.52
CA ASP A 48 -1.47 13.51 -5.34
C ASP A 48 -2.01 13.68 -3.89
N ALA A 49 -1.93 12.63 -3.07
CA ALA A 49 -2.42 12.54 -1.69
C ALA A 49 -1.29 12.28 -0.67
N GLU A 50 -1.64 12.32 0.61
CA GLU A 50 -0.78 12.00 1.77
C GLU A 50 -1.49 11.08 2.77
N ILE A 51 -0.73 10.52 3.72
CA ILE A 51 -1.17 9.57 4.76
C ILE A 51 -1.61 10.34 6.02
N PRO A 52 -2.90 10.37 6.34
CA PRO A 52 -3.40 10.85 7.62
C PRO A 52 -3.10 9.84 8.74
N GLY A 53 -2.96 10.34 9.96
CA GLY A 53 -2.67 9.56 11.18
C GLY A 53 -3.58 8.34 11.41
N THR A 54 -4.83 8.39 10.94
CA THR A 54 -5.73 7.23 10.92
C THR A 54 -6.58 7.17 9.64
N TRP A 55 -7.11 5.98 9.31
CA TRP A 55 -7.92 5.72 8.11
C TRP A 55 -8.82 4.47 8.28
N LEU A 56 -9.99 4.45 7.66
CA LEU A 56 -10.94 3.33 7.73
C LEU A 56 -10.40 2.09 6.98
N CYS A 57 -10.33 0.96 7.68
CA CYS A 57 -9.81 -0.31 7.16
C CYS A 57 -10.91 -1.19 6.55
N ARG A 58 -10.47 -2.22 5.80
CA ARG A 58 -11.36 -3.12 5.04
C ARG A 58 -12.26 -4.01 5.92
N ASN A 59 -11.94 -4.12 7.21
CA ASN A 59 -12.77 -4.76 8.25
C ASN A 59 -14.05 -3.94 8.58
N GLY A 60 -14.09 -2.67 8.20
CA GLY A 60 -15.15 -1.71 8.56
C GLY A 60 -14.89 -0.96 9.87
N MET A 61 -13.67 -1.03 10.40
CA MET A 61 -13.22 -0.35 11.63
C MET A 61 -12.17 0.73 11.31
N GLU A 62 -12.15 1.81 12.09
CA GLU A 62 -11.15 2.87 11.99
C GLU A 62 -9.77 2.34 12.42
N GLY A 63 -8.86 2.20 11.46
CA GLY A 63 -7.47 1.79 11.67
C GLY A 63 -6.55 2.97 12.00
N THR A 64 -5.52 2.74 12.81
CA THR A 64 -4.46 3.74 13.11
C THR A 64 -3.14 3.37 12.44
N LEU A 65 -2.46 4.36 11.87
CA LEU A 65 -1.23 4.23 11.10
C LEU A 65 -0.10 3.59 11.93
N ILE A 66 0.41 2.44 11.49
CA ILE A 66 1.58 1.73 12.06
C ILE A 66 2.66 1.49 11.00
N GLU A 67 3.92 1.34 11.44
CA GLU A 67 5.04 1.00 10.54
C GLU A 67 4.80 -0.35 9.84
N GLY A 68 4.80 -0.34 8.50
CA GLY A 68 4.30 -1.46 7.68
C GLY A 68 5.21 -2.69 7.59
N ASP A 69 6.50 -2.54 7.93
CA ASP A 69 7.60 -3.52 7.79
C ASP A 69 7.92 -3.94 6.34
N LEU A 70 9.22 -3.98 6.01
CA LEU A 70 9.77 -4.41 4.72
C LEU A 70 10.89 -5.46 4.87
N PRO A 71 10.94 -6.50 4.01
CA PRO A 71 12.12 -7.37 3.88
C PRO A 71 13.20 -6.73 2.98
N GLU A 72 12.83 -5.77 2.12
CA GLU A 72 13.71 -5.08 1.17
C GLU A 72 13.57 -3.53 1.18
N PRO A 73 13.82 -2.83 2.31
CA PRO A 73 13.94 -1.37 2.37
C PRO A 73 14.84 -0.76 1.28
N LYS A 74 14.44 0.40 0.74
CA LYS A 74 15.15 1.16 -0.30
C LYS A 74 16.44 1.79 0.24
N LYS A 75 17.50 1.80 -0.58
CA LYS A 75 18.87 2.26 -0.24
C LYS A 75 19.43 3.23 -1.29
N VAL A 76 18.57 4.13 -1.80
CA VAL A 76 18.85 5.11 -2.85
C VAL A 76 18.16 6.44 -2.51
N LYS A 77 18.84 7.57 -2.70
CA LYS A 77 18.33 8.94 -2.46
C LYS A 77 18.70 9.88 -3.63
N PRO A 78 17.98 11.01 -3.83
CA PRO A 78 18.30 12.00 -4.86
C PRO A 78 19.70 12.64 -4.71
N PRO A 79 20.26 13.25 -5.77
CA PRO A 79 21.59 13.88 -5.74
C PRO A 79 21.73 15.07 -4.77
N ARG A 80 20.62 15.75 -4.45
CA ARG A 80 20.54 16.92 -3.54
C ARG A 80 19.25 16.90 -2.71
N SER A 1 -16.18 -17.58 11.99
CA SER A 1 -14.74 -17.81 11.72
C SER A 1 -14.37 -19.29 11.90
N MET A 2 -13.34 -19.76 11.19
CA MET A 2 -12.93 -21.19 11.15
C MET A 2 -12.10 -21.66 12.37
N ALA A 3 -11.57 -20.73 13.17
CA ALA A 3 -10.79 -20.99 14.39
C ALA A 3 -9.58 -21.96 14.20
N ASP A 4 -8.95 -21.92 13.02
CA ASP A 4 -7.86 -22.83 12.62
C ASP A 4 -6.44 -22.36 13.02
N ARG A 5 -6.33 -21.17 13.65
CA ARG A 5 -5.09 -20.59 14.21
C ARG A 5 -3.91 -20.48 13.23
N VAL A 6 -4.21 -20.22 11.96
CA VAL A 6 -3.23 -20.09 10.87
C VAL A 6 -2.56 -18.71 10.90
N LEU A 7 -1.24 -18.72 10.69
CA LEU A 7 -0.36 -17.56 10.88
C LEU A 7 -0.12 -16.74 9.59
N ARG A 8 -0.62 -17.20 8.44
CA ARG A 8 -0.47 -16.56 7.11
C ARG A 8 -1.80 -16.55 6.34
N GLY A 9 -1.97 -15.53 5.49
CA GLY A 9 -3.14 -15.38 4.60
C GLY A 9 -3.10 -16.29 3.36
N SER A 10 -4.20 -16.33 2.62
CA SER A 10 -4.37 -17.11 1.37
C SER A 10 -5.33 -16.42 0.39
N ARG A 11 -5.42 -16.92 -0.85
CA ARG A 11 -6.42 -16.52 -1.85
C ARG A 11 -7.03 -17.74 -2.56
N LEU A 12 -8.08 -18.37 -2.03
CA LEU A 12 -8.69 -18.16 -0.70
C LEU A 12 -9.14 -19.50 -0.07
N GLY A 13 -8.47 -20.61 -0.43
CA GLY A 13 -8.92 -21.98 -0.19
C GLY A 13 -10.05 -22.40 -1.14
N ALA A 14 -11.12 -21.59 -1.18
CA ALA A 14 -12.13 -21.59 -2.24
C ALA A 14 -11.61 -20.89 -3.51
N VAL A 15 -12.23 -21.20 -4.66
CA VAL A 15 -11.85 -20.68 -5.99
C VAL A 15 -12.43 -19.30 -6.33
N SER A 16 -13.38 -18.83 -5.50
CA SER A 16 -14.08 -17.56 -5.66
C SER A 16 -13.63 -16.55 -4.57
N TYR A 17 -12.99 -15.47 -5.00
CA TYR A 17 -12.40 -14.41 -4.17
C TYR A 17 -12.17 -13.12 -4.99
N GLU A 18 -11.47 -12.14 -4.42
CA GLU A 18 -10.95 -10.94 -5.11
C GLU A 18 -9.84 -11.29 -6.14
N THR A 19 -10.22 -11.92 -7.26
CA THR A 19 -9.30 -12.38 -8.32
C THR A 19 -8.59 -11.26 -9.09
N ASP A 20 -9.02 -10.01 -8.90
CA ASP A 20 -8.44 -8.77 -9.43
C ASP A 20 -7.17 -8.32 -8.68
N ARG A 21 -6.25 -9.25 -8.38
CA ARG A 21 -4.99 -9.02 -7.67
C ARG A 21 -3.93 -8.28 -8.50
N ASN A 22 -4.04 -8.32 -9.83
CA ASN A 22 -3.12 -7.68 -10.77
C ASN A 22 -3.26 -6.14 -10.77
N HIS A 23 -2.16 -5.42 -11.04
CA HIS A 23 -2.09 -3.95 -11.03
C HIS A 23 -1.05 -3.40 -12.03
N ASP A 24 -1.16 -2.12 -12.36
CA ASP A 24 -0.11 -1.34 -13.05
C ASP A 24 0.77 -0.57 -12.06
N LEU A 25 1.94 -0.11 -12.54
CA LEU A 25 2.96 0.57 -11.74
C LEU A 25 2.76 2.10 -11.77
N ALA A 26 1.90 2.59 -10.88
CA ALA A 26 1.56 3.99 -10.70
C ALA A 26 2.31 4.63 -9.50
N PRO A 27 2.55 5.96 -9.49
CA PRO A 27 3.22 6.65 -8.39
C PRO A 27 2.29 6.73 -7.16
N ARG A 28 2.51 5.85 -6.19
CA ARG A 28 1.69 5.67 -4.97
C ARG A 28 2.51 5.38 -3.70
N GLN A 29 1.83 5.44 -2.56
CA GLN A 29 2.32 5.23 -1.20
C GLN A 29 1.43 4.20 -0.50
N ILE A 30 1.93 3.00 -0.29
CA ILE A 30 1.23 1.94 0.45
C ILE A 30 1.51 2.13 1.94
N ALA A 31 0.52 2.60 2.70
CA ALA A 31 0.54 2.64 4.17
C ALA A 31 -0.19 1.42 4.75
N ARG A 32 -0.04 1.22 6.07
CA ARG A 32 -0.78 0.21 6.85
C ARG A 32 -1.49 0.86 8.04
N TYR A 33 -2.59 0.25 8.47
CA TYR A 33 -3.39 0.69 9.61
C TYR A 33 -3.93 -0.49 10.43
N ARG A 34 -3.98 -0.33 11.76
CA ARG A 34 -4.39 -1.31 12.78
C ARG A 34 -5.73 -0.93 13.40
N THR A 35 -6.71 -1.83 13.33
CA THR A 35 -8.08 -1.61 13.83
C THR A 35 -8.17 -1.82 15.34
N ASP A 36 -9.37 -1.62 15.90
CA ASP A 36 -9.59 -1.76 17.34
C ASP A 36 -9.56 -3.21 17.85
N ASN A 37 -9.66 -4.21 16.96
CA ASN A 37 -9.43 -5.62 17.36
C ASN A 37 -7.96 -6.06 17.18
N GLY A 38 -7.07 -5.14 16.74
CA GLY A 38 -5.71 -5.44 16.29
C GLY A 38 -5.60 -5.95 14.86
N GLU A 39 -6.69 -5.91 14.08
CA GLU A 39 -6.68 -6.38 12.69
C GLU A 39 -5.95 -5.34 11.83
N GLU A 40 -4.87 -5.73 11.17
CA GLU A 40 -4.04 -4.82 10.36
C GLU A 40 -4.31 -4.99 8.85
N PHE A 41 -4.55 -3.87 8.17
CA PHE A 41 -4.82 -3.77 6.73
C PHE A 41 -3.90 -2.76 6.04
N GLU A 42 -3.82 -2.83 4.71
CA GLU A 42 -3.00 -1.97 3.87
C GLU A 42 -3.87 -1.01 3.04
N VAL A 43 -3.46 0.26 2.96
CA VAL A 43 -4.14 1.32 2.20
C VAL A 43 -3.17 2.02 1.22
N PRO A 44 -3.33 1.81 -0.10
CA PRO A 44 -2.65 2.59 -1.14
C PRO A 44 -3.18 4.03 -1.23
N PHE A 45 -2.26 4.99 -1.22
CA PHE A 45 -2.49 6.42 -1.46
C PHE A 45 -1.78 6.90 -2.73
N ALA A 46 -2.40 7.77 -3.50
CA ALA A 46 -1.83 8.32 -4.75
C ALA A 46 -0.91 9.52 -4.47
N ASP A 47 -0.07 9.87 -5.44
CA ASP A 47 0.90 10.97 -5.36
C ASP A 47 0.29 12.34 -5.01
N ASP A 48 -0.98 12.51 -5.35
CA ASP A 48 -1.77 13.71 -5.08
C ASP A 48 -2.28 13.82 -3.63
N ALA A 49 -2.18 12.72 -2.88
CA ALA A 49 -2.56 12.58 -1.48
C ALA A 49 -1.35 12.29 -0.55
N GLU A 50 -1.54 12.47 0.76
CA GLU A 50 -0.58 12.08 1.80
C GLU A 50 -1.29 11.39 2.99
N ILE A 51 -0.60 10.47 3.65
CA ILE A 51 -1.08 9.55 4.68
C ILE A 51 -1.56 10.31 5.93
N PRO A 52 -2.87 10.32 6.20
CA PRO A 52 -3.42 10.80 7.46
C PRO A 52 -3.11 9.81 8.60
N GLY A 53 -2.98 10.32 9.83
CA GLY A 53 -2.68 9.55 11.05
C GLY A 53 -3.58 8.33 11.28
N THR A 54 -4.82 8.35 10.81
CA THR A 54 -5.73 7.19 10.81
C THR A 54 -6.56 7.10 9.52
N TRP A 55 -7.09 5.90 9.21
CA TRP A 55 -7.90 5.61 8.01
C TRP A 55 -8.79 4.36 8.21
N LEU A 56 -9.97 4.33 7.58
CA LEU A 56 -10.92 3.21 7.68
C LEU A 56 -10.40 1.95 6.96
N CYS A 57 -10.35 0.84 7.69
CA CYS A 57 -9.85 -0.45 7.20
C CYS A 57 -10.96 -1.34 6.61
N ARG A 58 -10.58 -2.37 5.85
CA ARG A 58 -11.52 -3.28 5.16
C ARG A 58 -12.38 -4.14 6.11
N ASN A 59 -12.00 -4.23 7.39
CA ASN A 59 -12.82 -4.84 8.45
C ASN A 59 -14.10 -4.01 8.78
N GLY A 60 -14.13 -2.74 8.37
CA GLY A 60 -15.20 -1.78 8.69
C GLY A 60 -14.94 -0.98 9.97
N MET A 61 -13.70 -1.02 10.48
CA MET A 61 -13.26 -0.30 11.68
C MET A 61 -12.20 0.76 11.34
N GLU A 62 -12.18 1.87 12.07
CA GLU A 62 -11.17 2.93 11.95
C GLU A 62 -9.80 2.41 12.40
N GLY A 63 -8.88 2.24 11.45
CA GLY A 63 -7.50 1.82 11.71
C GLY A 63 -6.57 2.99 11.99
N THR A 64 -5.53 2.78 12.81
CA THR A 64 -4.47 3.77 13.09
C THR A 64 -3.16 3.37 12.42
N LEU A 65 -2.45 4.36 11.85
CA LEU A 65 -1.25 4.15 11.02
C LEU A 65 -0.12 3.45 11.80
N ILE A 66 0.35 2.30 11.32
CA ILE A 66 1.51 1.54 11.83
C ILE A 66 2.49 1.15 10.72
N GLU A 67 3.76 0.91 11.09
CA GLU A 67 4.75 0.28 10.19
C GLU A 67 4.51 -1.25 10.08
N GLY A 68 4.89 -1.84 8.94
CA GLY A 68 4.86 -3.29 8.74
C GLY A 68 5.16 -3.78 7.31
N ASP A 69 5.04 -2.89 6.31
CA ASP A 69 5.48 -3.10 4.93
C ASP A 69 5.84 -1.73 4.32
N LEU A 70 6.71 -1.75 3.32
CA LEU A 70 7.28 -0.58 2.66
C LEU A 70 6.40 -0.09 1.48
N PRO A 71 6.44 1.21 1.13
CA PRO A 71 5.72 1.78 -0.01
C PRO A 71 6.44 1.47 -1.34
N GLU A 72 6.39 0.19 -1.73
CA GLU A 72 6.96 -0.40 -2.95
C GLU A 72 8.37 0.09 -3.34
N PRO A 73 9.43 -0.33 -2.61
CA PRO A 73 10.83 -0.15 -3.00
C PRO A 73 11.20 -0.77 -4.36
N LYS A 74 12.42 -0.49 -4.85
CA LYS A 74 12.92 -0.94 -6.17
C LYS A 74 12.99 -2.48 -6.31
N LYS A 75 13.20 -3.21 -5.20
CA LYS A 75 13.13 -4.68 -5.08
C LYS A 75 13.91 -5.42 -6.19
N VAL A 76 15.23 -5.21 -6.22
CA VAL A 76 16.16 -5.70 -7.26
C VAL A 76 16.53 -7.19 -7.15
N LYS A 77 15.62 -8.03 -6.64
CA LYS A 77 15.80 -9.47 -6.39
C LYS A 77 14.58 -10.30 -6.89
N PRO A 78 14.75 -11.61 -7.19
CA PRO A 78 13.65 -12.47 -7.65
C PRO A 78 12.48 -12.57 -6.64
N PRO A 79 11.24 -12.82 -7.12
CA PRO A 79 10.05 -12.89 -6.27
C PRO A 79 9.92 -14.22 -5.48
N ARG A 80 10.67 -15.27 -5.87
CA ARG A 80 10.66 -16.60 -5.24
C ARG A 80 12.06 -17.21 -5.17
N SER A 1 -18.02 -0.53 -2.32
CA SER A 1 -18.61 -1.87 -2.53
C SER A 1 -17.53 -2.94 -2.69
N MET A 2 -17.89 -4.22 -2.50
CA MET A 2 -16.96 -5.38 -2.58
C MET A 2 -17.01 -6.10 -3.94
N ALA A 3 -17.95 -5.74 -4.82
CA ALA A 3 -18.13 -6.30 -6.17
C ALA A 3 -18.66 -5.24 -7.16
N ASP A 4 -18.45 -5.37 -8.48
CA ASP A 4 -17.74 -6.43 -9.20
C ASP A 4 -16.34 -6.00 -9.69
N ARG A 5 -15.43 -6.96 -9.90
CA ARG A 5 -14.01 -6.79 -10.28
C ARG A 5 -13.19 -5.88 -9.35
N VAL A 6 -13.58 -5.79 -8.08
CA VAL A 6 -12.91 -5.07 -7.01
C VAL A 6 -11.74 -5.89 -6.49
N LEU A 7 -10.64 -5.22 -6.15
CA LEU A 7 -9.41 -5.81 -5.61
C LEU A 7 -9.55 -6.30 -4.16
N ARG A 8 -8.72 -7.27 -3.77
CA ARG A 8 -8.49 -7.74 -2.38
C ARG A 8 -7.06 -7.42 -1.93
N GLY A 9 -6.62 -7.96 -0.79
CA GLY A 9 -5.21 -7.99 -0.36
C GLY A 9 -4.33 -8.89 -1.24
N SER A 10 -4.33 -8.68 -2.56
CA SER A 10 -3.80 -9.59 -3.59
C SER A 10 -2.29 -9.88 -3.49
N ARG A 11 -1.53 -9.05 -2.75
CA ARG A 11 -0.09 -9.25 -2.51
C ARG A 11 0.24 -10.47 -1.66
N LEU A 12 -0.72 -10.93 -0.84
CA LEU A 12 -0.65 -12.05 0.11
C LEU A 12 0.43 -11.89 1.21
N GLY A 13 1.71 -11.93 0.84
CA GLY A 13 2.85 -11.67 1.74
C GLY A 13 3.05 -10.19 2.06
N ALA A 14 3.94 -9.89 3.01
CA ALA A 14 4.22 -8.54 3.51
C ALA A 14 5.15 -7.71 2.60
N VAL A 15 4.99 -7.82 1.27
CA VAL A 15 5.72 -7.06 0.25
C VAL A 15 4.77 -6.66 -0.88
N SER A 16 4.70 -5.37 -1.18
CA SER A 16 3.82 -4.79 -2.19
C SER A 16 4.48 -4.70 -3.57
N TYR A 17 3.75 -5.14 -4.60
CA TYR A 17 4.10 -5.07 -6.02
C TYR A 17 2.83 -5.05 -6.89
N GLU A 18 2.93 -5.26 -8.20
CA GLU A 18 1.85 -5.07 -9.18
C GLU A 18 0.72 -6.14 -9.18
N THR A 19 0.43 -6.76 -8.03
CA THR A 19 -0.66 -7.76 -7.87
C THR A 19 -2.08 -7.17 -7.99
N ASP A 20 -2.19 -5.84 -7.94
CA ASP A 20 -3.43 -5.08 -8.09
C ASP A 20 -3.43 -4.19 -9.36
N ARG A 21 -2.73 -4.63 -10.42
CA ARG A 21 -2.59 -3.92 -11.71
C ARG A 21 -3.92 -3.65 -12.43
N ASN A 22 -4.97 -4.40 -12.11
CA ASN A 22 -6.34 -4.16 -12.57
C ASN A 22 -6.88 -2.78 -12.17
N HIS A 23 -6.60 -2.32 -10.93
CA HIS A 23 -7.01 -1.01 -10.41
C HIS A 23 -6.19 -0.62 -9.15
N ASP A 24 -5.13 0.17 -9.24
CA ASP A 24 -4.40 0.61 -10.45
C ASP A 24 -2.93 0.93 -10.11
N LEU A 25 -2.08 1.01 -11.13
CA LEU A 25 -0.68 1.42 -11.01
C LEU A 25 -0.51 2.94 -11.17
N ALA A 26 0.26 3.53 -10.27
CA ALA A 26 0.53 4.97 -10.17
C ALA A 26 1.81 5.21 -9.33
N PRO A 27 2.41 6.42 -9.34
CA PRO A 27 3.29 6.86 -8.27
C PRO A 27 2.47 6.90 -6.96
N ARG A 28 2.74 5.95 -6.07
CA ARG A 28 1.88 5.60 -4.92
C ARG A 28 2.64 5.27 -3.63
N GLN A 29 1.89 5.25 -2.53
CA GLN A 29 2.31 4.99 -1.14
C GLN A 29 1.33 4.01 -0.50
N ILE A 30 1.76 2.79 -0.24
CA ILE A 30 0.93 1.77 0.43
C ILE A 30 1.13 1.88 1.96
N ALA A 31 0.21 2.51 2.66
CA ALA A 31 0.27 2.66 4.12
C ALA A 31 -0.56 1.59 4.84
N ARG A 32 -0.02 1.06 5.94
CA ARG A 32 -0.73 0.10 6.81
C ARG A 32 -1.48 0.82 7.93
N TYR A 33 -2.58 0.23 8.38
CA TYR A 33 -3.35 0.68 9.53
C TYR A 33 -3.88 -0.49 10.36
N ARG A 34 -3.88 -0.35 11.69
CA ARG A 34 -4.30 -1.35 12.67
C ARG A 34 -5.62 -0.96 13.34
N THR A 35 -6.62 -1.85 13.28
CA THR A 35 -7.96 -1.64 13.81
C THR A 35 -8.01 -1.86 15.32
N ASP A 36 -9.19 -1.66 15.92
CA ASP A 36 -9.37 -1.78 17.37
C ASP A 36 -9.35 -3.25 17.86
N ASN A 37 -9.51 -4.25 16.98
CA ASN A 37 -9.31 -5.66 17.37
C ASN A 37 -7.84 -6.13 17.16
N GLY A 38 -6.95 -5.23 16.73
CA GLY A 38 -5.60 -5.55 16.26
C GLY A 38 -5.50 -5.99 14.80
N GLU A 39 -6.60 -5.95 14.05
CA GLU A 39 -6.64 -6.40 12.66
C GLU A 39 -5.92 -5.37 11.77
N GLU A 40 -4.87 -5.75 11.07
CA GLU A 40 -4.09 -4.83 10.22
C GLU A 40 -4.43 -5.00 8.73
N PHE A 41 -4.64 -3.86 8.07
CA PHE A 41 -4.94 -3.74 6.64
C PHE A 41 -4.00 -2.75 5.96
N GLU A 42 -3.94 -2.84 4.63
CA GLU A 42 -3.14 -1.98 3.76
C GLU A 42 -4.03 -1.08 2.90
N VAL A 43 -3.67 0.21 2.83
CA VAL A 43 -4.38 1.28 2.09
C VAL A 43 -3.42 1.96 1.10
N PRO A 44 -3.60 1.76 -0.22
CA PRO A 44 -2.88 2.51 -1.25
C PRO A 44 -3.33 3.98 -1.34
N PHE A 45 -2.35 4.88 -1.33
CA PHE A 45 -2.49 6.33 -1.57
C PHE A 45 -1.70 6.77 -2.81
N ALA A 46 -2.24 7.68 -3.61
CA ALA A 46 -1.55 8.26 -4.75
C ALA A 46 -0.63 9.43 -4.33
N ASP A 47 0.36 9.78 -5.13
CA ASP A 47 1.30 10.90 -4.87
C ASP A 47 0.60 12.28 -4.74
N ASP A 48 -0.63 12.41 -5.26
CA ASP A 48 -1.50 13.59 -5.09
C ASP A 48 -2.08 13.70 -3.65
N ALA A 49 -1.96 12.64 -2.84
CA ALA A 49 -2.41 12.55 -1.45
C ALA A 49 -1.24 12.27 -0.48
N GLU A 50 -1.47 12.52 0.82
CA GLU A 50 -0.55 12.18 1.92
C GLU A 50 -1.30 11.47 3.06
N ILE A 51 -0.64 10.44 3.63
CA ILE A 51 -1.14 9.52 4.65
C ILE A 51 -1.63 10.27 5.90
N PRO A 52 -2.95 10.29 6.15
CA PRO A 52 -3.51 10.79 7.39
C PRO A 52 -3.22 9.80 8.54
N GLY A 53 -3.09 10.33 9.77
CA GLY A 53 -2.78 9.58 10.99
C GLY A 53 -3.67 8.35 11.25
N THR A 54 -4.92 8.37 10.78
CA THR A 54 -5.81 7.21 10.77
C THR A 54 -6.65 7.11 9.49
N TRP A 55 -7.17 5.92 9.18
CA TRP A 55 -7.98 5.62 7.99
C TRP A 55 -8.89 4.40 8.21
N LEU A 56 -10.07 4.36 7.58
CA LEU A 56 -11.01 3.25 7.72
C LEU A 56 -10.50 1.97 7.01
N CYS A 57 -10.42 0.87 7.75
CA CYS A 57 -9.95 -0.43 7.25
C CYS A 57 -11.10 -1.29 6.71
N ARG A 58 -10.76 -2.32 5.92
CA ARG A 58 -11.74 -3.20 5.25
C ARG A 58 -12.52 -4.12 6.20
N ASN A 59 -12.11 -4.21 7.48
CA ASN A 59 -12.89 -4.84 8.56
C ASN A 59 -14.16 -4.02 8.92
N GLY A 60 -14.22 -2.75 8.51
CA GLY A 60 -15.27 -1.79 8.88
C GLY A 60 -14.96 -0.99 10.15
N MET A 61 -13.72 -1.05 10.64
CA MET A 61 -13.22 -0.32 11.82
C MET A 61 -12.18 0.73 11.44
N GLU A 62 -12.15 1.85 12.16
CA GLU A 62 -11.13 2.89 12.00
C GLU A 62 -9.75 2.37 12.43
N GLY A 63 -8.86 2.17 11.46
CA GLY A 63 -7.48 1.77 11.68
C GLY A 63 -6.55 2.97 11.95
N THR A 64 -5.51 2.76 12.77
CA THR A 64 -4.46 3.77 13.03
C THR A 64 -3.16 3.40 12.33
N LEU A 65 -2.48 4.39 11.75
CA LEU A 65 -1.28 4.24 10.93
C LEU A 65 -0.13 3.60 11.74
N ILE A 66 0.39 2.46 11.25
CA ILE A 66 1.57 1.76 11.78
C ILE A 66 2.57 1.42 10.67
N GLU A 67 3.84 1.27 11.03
CA GLU A 67 4.87 0.69 10.18
C GLU A 67 4.89 -0.85 10.24
N GLY A 68 5.35 -1.50 9.17
CA GLY A 68 5.56 -2.96 9.15
C GLY A 68 6.31 -3.49 7.92
N ASP A 69 6.11 -2.90 6.74
CA ASP A 69 6.82 -3.19 5.50
C ASP A 69 6.83 -1.96 4.57
N LEU A 70 7.55 -2.08 3.45
CA LEU A 70 7.88 -1.00 2.52
C LEU A 70 6.64 -0.52 1.72
N PRO A 71 6.33 0.79 1.72
CA PRO A 71 5.11 1.36 1.11
C PRO A 71 5.21 1.56 -0.42
N GLU A 72 5.90 0.67 -1.14
CA GLU A 72 6.47 0.91 -2.49
C GLU A 72 7.21 2.26 -2.59
N PRO A 73 8.26 2.48 -1.78
CA PRO A 73 8.96 3.77 -1.69
C PRO A 73 9.80 4.09 -2.93
N LYS A 74 10.11 5.38 -3.14
CA LYS A 74 10.96 5.87 -4.24
C LYS A 74 12.46 5.76 -3.92
N LYS A 75 12.85 5.89 -2.65
CA LYS A 75 14.25 6.01 -2.17
C LYS A 75 14.98 4.66 -2.01
N VAL A 76 14.76 3.74 -2.96
CA VAL A 76 15.38 2.40 -3.04
C VAL A 76 15.92 2.09 -4.45
N LYS A 77 16.35 3.13 -5.17
CA LYS A 77 16.85 3.10 -6.56
C LYS A 77 17.99 4.13 -6.76
N PRO A 78 19.03 3.84 -7.56
CA PRO A 78 20.09 4.81 -7.86
C PRO A 78 19.60 6.11 -8.54
N PRO A 79 20.30 7.24 -8.37
CA PRO A 79 19.96 8.52 -9.01
C PRO A 79 20.23 8.52 -10.52
N ARG A 80 19.59 9.46 -11.23
CA ARG A 80 19.76 9.71 -12.68
C ARG A 80 21.10 10.39 -13.01
N SER A 1 2.18 -19.81 1.97
CA SER A 1 3.55 -20.39 2.01
C SER A 1 3.78 -21.25 3.24
N MET A 2 3.85 -20.67 4.45
CA MET A 2 4.04 -21.39 5.72
C MET A 2 3.34 -20.67 6.89
N ALA A 3 2.95 -21.43 7.92
CA ALA A 3 2.41 -20.89 9.18
C ALA A 3 3.53 -20.45 10.15
N ASP A 4 4.65 -21.18 10.16
CA ASP A 4 5.85 -20.92 10.98
C ASP A 4 7.12 -21.31 10.20
N ARG A 5 8.19 -20.51 10.22
CA ARG A 5 8.36 -19.14 10.75
C ARG A 5 9.50 -18.40 10.03
N VAL A 6 9.47 -17.07 10.07
CA VAL A 6 10.54 -16.21 9.54
C VAL A 6 11.62 -16.01 10.61
N LEU A 7 12.88 -16.21 10.23
CA LEU A 7 14.05 -16.33 11.10
C LEU A 7 14.73 -15.00 11.48
N ARG A 8 14.24 -13.85 10.99
CA ARG A 8 14.83 -12.51 11.18
C ARG A 8 13.74 -11.46 11.45
N GLY A 9 14.02 -10.53 12.37
CA GLY A 9 13.11 -9.45 12.76
C GLY A 9 11.94 -9.87 13.66
N SER A 10 11.28 -8.90 14.30
CA SER A 10 10.21 -9.12 15.28
C SER A 10 8.80 -9.22 14.68
N ARG A 11 8.58 -8.69 13.46
CA ARG A 11 7.27 -8.62 12.77
C ARG A 11 7.30 -9.02 11.29
N LEU A 12 8.44 -9.47 10.76
CA LEU A 12 8.61 -9.82 9.33
C LEU A 12 7.75 -11.04 8.91
N GLY A 13 7.32 -11.87 9.86
CA GLY A 13 6.36 -12.96 9.62
C GLY A 13 4.94 -12.50 9.24
N ALA A 14 4.60 -11.22 9.41
CA ALA A 14 3.32 -10.61 9.04
C ALA A 14 3.35 -9.91 7.66
N VAL A 15 4.20 -10.40 6.74
CA VAL A 15 4.43 -9.85 5.39
C VAL A 15 4.16 -10.92 4.33
N SER A 16 3.46 -10.51 3.26
CA SER A 16 2.95 -11.40 2.19
C SER A 16 3.30 -10.89 0.77
N TYR A 17 4.30 -10.02 0.66
CA TYR A 17 4.66 -9.25 -0.53
C TYR A 17 6.18 -8.96 -0.58
N GLU A 18 6.69 -8.62 -1.76
CA GLU A 18 8.12 -8.48 -2.08
C GLU A 18 8.76 -7.16 -1.61
N THR A 19 8.48 -6.75 -0.37
CA THR A 19 8.90 -5.48 0.28
C THR A 19 8.45 -4.24 -0.52
N ASP A 20 7.23 -3.76 -0.24
CA ASP A 20 6.59 -2.64 -0.93
C ASP A 20 7.11 -1.24 -0.53
N ARG A 21 8.39 -1.15 -0.16
CA ARG A 21 9.17 0.08 0.09
C ARG A 21 10.17 0.41 -1.03
N ASN A 22 10.37 -0.51 -1.97
CA ASN A 22 11.20 -0.33 -3.17
C ASN A 22 10.50 0.54 -4.23
N HIS A 23 11.27 1.21 -5.10
CA HIS A 23 10.76 2.13 -6.13
C HIS A 23 9.96 1.42 -7.25
N ASP A 24 9.03 2.14 -7.88
CA ASP A 24 8.14 1.65 -8.95
C ASP A 24 7.70 2.72 -9.96
N LEU A 25 7.13 2.26 -11.09
CA LEU A 25 6.26 3.06 -11.95
C LEU A 25 4.90 3.27 -11.26
N ALA A 26 4.16 4.29 -11.70
CA ALA A 26 2.90 4.75 -11.09
C ALA A 26 3.06 5.17 -9.61
N PRO A 27 3.66 6.36 -9.34
CA PRO A 27 4.01 6.83 -8.00
C PRO A 27 2.84 6.85 -7.01
N ARG A 28 2.93 5.95 -6.03
CA ARG A 28 1.96 5.73 -4.95
C ARG A 28 2.64 5.43 -3.60
N GLN A 29 1.86 5.44 -2.53
CA GLN A 29 2.25 5.20 -1.14
C GLN A 29 1.30 4.18 -0.51
N ILE A 30 1.78 2.96 -0.32
CA ILE A 30 1.02 1.90 0.38
C ILE A 30 1.28 2.06 1.87
N ALA A 31 0.32 2.57 2.63
CA ALA A 31 0.37 2.61 4.08
C ALA A 31 -0.38 1.42 4.69
N ARG A 32 -0.04 1.06 5.93
CA ARG A 32 -0.76 0.07 6.73
C ARG A 32 -1.47 0.74 7.89
N TYR A 33 -2.58 0.15 8.34
CA TYR A 33 -3.34 0.61 9.51
C TYR A 33 -3.87 -0.57 10.34
N ARG A 34 -3.88 -0.43 11.67
CA ARG A 34 -4.32 -1.42 12.66
C ARG A 34 -5.62 -0.99 13.33
N THR A 35 -6.63 -1.85 13.29
CA THR A 35 -7.97 -1.61 13.87
C THR A 35 -8.01 -1.84 15.37
N ASP A 36 -9.16 -1.60 15.98
CA ASP A 36 -9.35 -1.73 17.43
C ASP A 36 -9.35 -3.19 17.92
N ASN A 37 -9.53 -4.19 17.04
CA ASN A 37 -9.35 -5.60 17.41
C ASN A 37 -7.90 -6.10 17.20
N GLY A 38 -6.99 -5.22 16.74
CA GLY A 38 -5.65 -5.58 16.25
C GLY A 38 -5.60 -6.04 14.81
N GLU A 39 -6.70 -5.94 14.04
CA GLU A 39 -6.75 -6.40 12.66
C GLU A 39 -6.02 -5.38 11.77
N GLU A 40 -4.97 -5.81 11.07
CA GLU A 40 -4.11 -4.94 10.25
C GLU A 40 -4.43 -5.07 8.75
N PHE A 41 -4.62 -3.93 8.08
CA PHE A 41 -4.96 -3.81 6.66
C PHE A 41 -4.04 -2.81 5.94
N GLU A 42 -4.03 -2.88 4.60
CA GLU A 42 -3.23 -2.01 3.72
C GLU A 42 -4.12 -1.02 2.94
N VAL A 43 -3.68 0.23 2.85
CA VAL A 43 -4.35 1.32 2.10
C VAL A 43 -3.38 1.99 1.12
N PRO A 44 -3.54 1.80 -0.20
CA PRO A 44 -2.83 2.54 -1.23
C PRO A 44 -3.33 4.00 -1.34
N PHE A 45 -2.37 4.93 -1.34
CA PHE A 45 -2.56 6.37 -1.60
C PHE A 45 -1.79 6.82 -2.85
N ALA A 46 -2.38 7.69 -3.66
CA ALA A 46 -1.73 8.28 -4.83
C ALA A 46 -0.83 9.46 -4.45
N ASP A 47 0.10 9.86 -5.32
CA ASP A 47 1.03 10.99 -5.11
C ASP A 47 0.29 12.36 -4.95
N ASP A 48 -0.96 12.44 -5.40
CA ASP A 48 -1.87 13.58 -5.18
C ASP A 48 -2.37 13.70 -3.72
N ALA A 49 -2.17 12.66 -2.91
CA ALA A 49 -2.60 12.56 -1.50
C ALA A 49 -1.42 12.24 -0.56
N GLU A 50 -1.62 12.48 0.74
CA GLU A 50 -0.67 12.12 1.82
C GLU A 50 -1.39 11.43 2.98
N ILE A 51 -0.72 10.44 3.58
CA ILE A 51 -1.19 9.52 4.63
C ILE A 51 -1.67 10.27 5.88
N PRO A 52 -2.97 10.28 6.15
CA PRO A 52 -3.52 10.75 7.42
C PRO A 52 -3.20 9.75 8.55
N GLY A 53 -3.06 10.26 9.77
CA GLY A 53 -2.73 9.50 10.98
C GLY A 53 -3.60 8.26 11.24
N THR A 54 -4.87 8.28 10.80
CA THR A 54 -5.76 7.12 10.79
C THR A 54 -6.62 7.03 9.52
N TRP A 55 -7.15 5.85 9.20
CA TRP A 55 -7.99 5.58 8.01
C TRP A 55 -8.89 4.36 8.21
N LEU A 56 -10.08 4.35 7.60
CA LEU A 56 -11.05 3.24 7.71
C LEU A 56 -10.54 1.97 7.00
N CYS A 57 -10.47 0.86 7.74
CA CYS A 57 -9.99 -0.43 7.26
C CYS A 57 -11.11 -1.35 6.78
N ARG A 58 -10.74 -2.42 6.05
CA ARG A 58 -11.69 -3.35 5.41
C ARG A 58 -12.56 -4.14 6.40
N ASN A 59 -12.14 -4.21 7.67
CA ASN A 59 -12.92 -4.79 8.77
C ASN A 59 -14.18 -3.95 9.13
N GLY A 60 -14.24 -2.70 8.68
CA GLY A 60 -15.29 -1.72 9.02
C GLY A 60 -14.99 -0.89 10.27
N MET A 61 -13.74 -0.90 10.73
CA MET A 61 -13.24 -0.14 11.89
C MET A 61 -12.17 0.88 11.46
N GLU A 62 -12.09 2.02 12.15
CA GLU A 62 -11.04 3.01 11.93
C GLU A 62 -9.69 2.45 12.39
N GLY A 63 -8.80 2.18 11.42
CA GLY A 63 -7.44 1.75 11.66
C GLY A 63 -6.49 2.92 11.93
N THR A 64 -5.44 2.70 12.74
CA THR A 64 -4.38 3.69 12.99
C THR A 64 -3.08 3.30 12.29
N LEU A 65 -2.40 4.29 11.70
CA LEU A 65 -1.22 4.13 10.84
C LEU A 65 -0.05 3.44 11.59
N ILE A 66 0.43 2.31 11.07
CA ILE A 66 1.62 1.56 11.56
C ILE A 66 2.55 1.16 10.41
N GLU A 67 3.83 0.94 10.72
CA GLU A 67 4.82 0.33 9.81
C GLU A 67 5.76 -0.61 10.58
N GLY A 68 6.02 -1.80 10.03
CA GLY A 68 6.84 -2.84 10.68
C GLY A 68 7.28 -3.99 9.76
N ASP A 69 7.23 -3.80 8.44
CA ASP A 69 7.45 -4.83 7.42
C ASP A 69 8.90 -4.97 6.93
N LEU A 70 9.87 -4.48 7.72
CA LEU A 70 11.32 -4.70 7.57
C LEU A 70 11.95 -5.15 8.90
N PRO A 71 13.01 -6.00 8.89
CA PRO A 71 13.62 -6.51 10.11
C PRO A 71 14.55 -5.48 10.77
N GLU A 72 15.42 -4.82 9.98
CA GLU A 72 16.41 -3.83 10.41
C GLU A 72 16.45 -2.61 9.46
N PRO A 73 15.34 -1.87 9.28
CA PRO A 73 15.27 -0.76 8.33
C PRO A 73 16.12 0.45 8.73
N LYS A 74 16.66 1.14 7.71
CA LYS A 74 17.30 2.47 7.83
C LYS A 74 16.26 3.61 7.89
N LYS A 75 15.04 3.37 7.38
CA LYS A 75 13.88 4.27 7.40
C LYS A 75 13.35 4.46 8.83
N VAL A 76 13.46 5.68 9.36
CA VAL A 76 12.92 6.12 10.67
C VAL A 76 12.44 7.57 10.55
N LYS A 77 11.35 7.92 11.24
CA LYS A 77 10.79 9.28 11.25
C LYS A 77 11.77 10.30 11.88
N PRO A 78 11.92 11.52 11.33
CA PRO A 78 12.71 12.59 11.96
C PRO A 78 12.09 13.09 13.29
N PRO A 79 12.85 13.78 14.17
CA PRO A 79 14.27 14.15 14.02
C PRO A 79 15.24 12.95 13.99
N ARG A 80 16.37 13.12 13.28
CA ARG A 80 17.35 12.06 12.97
C ARG A 80 18.79 12.55 13.12
N SER A 1 41.09 -0.01 -24.31
CA SER A 1 39.91 -0.47 -25.09
C SER A 1 38.70 0.43 -24.86
N MET A 2 37.77 0.49 -25.82
CA MET A 2 36.51 1.25 -25.73
C MET A 2 35.60 0.67 -24.62
N ALA A 3 34.90 1.46 -23.80
CA ALA A 3 34.77 2.92 -23.80
C ALA A 3 36.03 3.65 -23.31
N ASP A 4 36.50 4.62 -24.10
CA ASP A 4 37.68 5.47 -23.81
C ASP A 4 37.49 6.93 -24.29
N ARG A 5 36.22 7.38 -24.39
CA ARG A 5 35.79 8.67 -24.96
C ARG A 5 34.75 9.36 -24.07
N VAL A 6 34.58 10.68 -24.26
CA VAL A 6 33.67 11.56 -23.49
C VAL A 6 32.23 11.63 -24.06
N LEU A 7 31.82 10.61 -24.81
CA LEU A 7 30.51 10.55 -25.49
C LEU A 7 29.33 10.42 -24.51
N ARG A 8 28.19 11.00 -24.90
CA ARG A 8 26.91 11.00 -24.16
C ARG A 8 25.83 10.19 -24.87
N GLY A 9 24.71 9.93 -24.18
CA GLY A 9 23.50 9.27 -24.71
C GLY A 9 23.31 7.81 -24.28
N SER A 10 24.29 7.20 -23.59
CA SER A 10 24.16 5.86 -23.00
C SER A 10 23.42 5.92 -21.66
N ARG A 11 22.25 5.28 -21.47
CA ARG A 11 21.42 4.51 -22.42
C ARG A 11 19.90 4.63 -22.15
N LEU A 12 19.49 5.72 -21.50
CA LEU A 12 18.10 6.00 -21.05
C LEU A 12 17.48 4.86 -20.21
N GLY A 13 18.31 4.21 -19.38
CA GLY A 13 17.95 3.07 -18.53
C GLY A 13 19.18 2.46 -17.85
N ALA A 14 18.96 1.65 -16.82
CA ALA A 14 20.02 1.01 -16.00
C ALA A 14 21.09 1.97 -15.43
N VAL A 15 20.70 3.23 -15.17
CA VAL A 15 21.57 4.32 -14.69
C VAL A 15 20.79 5.28 -13.78
N SER A 16 21.48 5.88 -12.82
CA SER A 16 20.88 6.69 -11.75
C SER A 16 20.71 8.16 -12.14
N TYR A 17 19.50 8.70 -11.92
CA TYR A 17 19.14 10.12 -12.13
C TYR A 17 17.94 10.52 -11.26
N GLU A 18 17.66 11.82 -11.18
CA GLU A 18 16.58 12.39 -10.38
C GLU A 18 15.20 11.86 -10.82
N THR A 19 14.60 11.02 -9.98
CA THR A 19 13.35 10.29 -10.23
C THR A 19 12.26 10.67 -9.20
N ASP A 20 11.01 10.84 -9.65
CA ASP A 20 9.88 11.28 -8.83
C ASP A 20 9.22 10.12 -8.05
N ARG A 21 10.04 9.42 -7.23
CA ARG A 21 9.67 8.29 -6.36
C ARG A 21 8.86 7.16 -7.03
N ASN A 22 9.04 6.96 -8.34
CA ASN A 22 8.22 6.07 -9.17
C ASN A 22 9.03 5.02 -9.94
N HIS A 23 8.42 3.84 -10.15
CA HIS A 23 8.83 2.80 -11.11
C HIS A 23 7.66 2.43 -12.05
N ASP A 24 6.71 3.36 -12.18
CA ASP A 24 5.39 3.24 -12.82
C ASP A 24 4.85 4.60 -13.27
N LEU A 25 3.76 4.58 -14.04
CA LEU A 25 2.84 5.71 -14.17
C LEU A 25 1.89 5.76 -12.95
N ALA A 26 1.32 6.93 -12.66
CA ALA A 26 0.42 7.14 -11.52
C ALA A 26 0.98 6.61 -10.17
N PRO A 27 2.13 7.12 -9.68
CA PRO A 27 2.79 6.64 -8.46
C PRO A 27 1.92 6.71 -7.20
N ARG A 28 2.23 5.80 -6.28
CA ARG A 28 1.48 5.51 -5.05
C ARG A 28 2.33 5.21 -3.81
N GLN A 29 1.68 5.21 -2.63
CA GLN A 29 2.22 5.02 -1.29
C GLN A 29 1.34 4.06 -0.49
N ILE A 30 1.79 2.84 -0.28
CA ILE A 30 1.13 1.86 0.58
C ILE A 30 1.53 2.12 2.04
N ALA A 31 0.59 2.65 2.81
CA ALA A 31 0.63 2.66 4.26
C ALA A 31 -0.19 1.49 4.84
N ARG A 32 0.04 1.15 6.11
CA ARG A 32 -0.69 0.13 6.86
C ARG A 32 -1.36 0.71 8.09
N TYR A 33 -2.49 0.12 8.48
CA TYR A 33 -3.31 0.58 9.62
C TYR A 33 -3.87 -0.59 10.43
N ARG A 34 -3.88 -0.46 11.76
CA ARG A 34 -4.36 -1.46 12.75
C ARG A 34 -5.69 -1.04 13.35
N THR A 35 -6.70 -1.90 13.29
CA THR A 35 -8.06 -1.66 13.82
C THR A 35 -8.13 -1.93 15.32
N ASP A 36 -9.30 -1.69 15.92
CA ASP A 36 -9.50 -1.87 17.35
C ASP A 36 -9.55 -3.34 17.81
N ASN A 37 -9.71 -4.30 16.88
CA ASN A 37 -9.55 -5.73 17.22
C ASN A 37 -8.09 -6.22 17.04
N GLY A 38 -7.17 -5.33 16.64
CA GLY A 38 -5.82 -5.65 16.18
C GLY A 38 -5.72 -6.08 14.73
N GLU A 39 -6.80 -6.00 13.95
CA GLU A 39 -6.79 -6.43 12.54
C GLU A 39 -6.04 -5.39 11.71
N GLU A 40 -4.96 -5.80 11.04
CA GLU A 40 -4.10 -4.91 10.25
C GLU A 40 -4.38 -5.06 8.74
N PHE A 41 -4.57 -3.92 8.08
CA PHE A 41 -4.85 -3.77 6.64
C PHE A 41 -3.89 -2.80 5.96
N GLU A 42 -3.84 -2.83 4.63
CA GLU A 42 -2.99 -1.98 3.80
C GLU A 42 -3.84 -1.02 2.97
N VAL A 43 -3.46 0.25 2.93
CA VAL A 43 -4.15 1.31 2.19
C VAL A 43 -3.20 1.98 1.19
N PRO A 44 -3.39 1.76 -0.13
CA PRO A 44 -2.64 2.47 -1.18
C PRO A 44 -3.19 3.89 -1.41
N PHE A 45 -2.33 4.89 -1.22
CA PHE A 45 -2.57 6.32 -1.48
C PHE A 45 -1.88 6.76 -2.77
N ALA A 46 -2.48 7.66 -3.55
CA ALA A 46 -1.88 8.21 -4.76
C ALA A 46 -0.91 9.37 -4.45
N ASP A 47 0.02 9.67 -5.34
CA ASP A 47 1.06 10.70 -5.19
C ASP A 47 0.50 12.12 -4.96
N ASP A 48 -0.77 12.36 -5.32
CA ASP A 48 -1.48 13.63 -5.06
C ASP A 48 -2.12 13.73 -3.66
N ALA A 49 -2.16 12.60 -2.95
CA ALA A 49 -2.66 12.47 -1.58
C ALA A 49 -1.51 12.26 -0.57
N GLU A 50 -1.78 12.50 0.72
CA GLU A 50 -0.84 12.32 1.83
C GLU A 50 -1.49 11.55 2.98
N ILE A 51 -0.74 10.62 3.58
CA ILE A 51 -1.14 9.67 4.64
C ILE A 51 -1.64 10.41 5.89
N PRO A 52 -2.94 10.34 6.19
CA PRO A 52 -3.50 10.77 7.47
C PRO A 52 -3.14 9.77 8.59
N GLY A 53 -3.02 10.27 9.82
CA GLY A 53 -2.71 9.50 11.04
C GLY A 53 -3.58 8.26 11.26
N THR A 54 -4.84 8.28 10.79
CA THR A 54 -5.73 7.11 10.77
C THR A 54 -6.56 7.01 9.48
N TRP A 55 -7.09 5.83 9.17
CA TRP A 55 -7.89 5.55 7.97
C TRP A 55 -8.83 4.34 8.15
N LEU A 56 -10.01 4.36 7.52
CA LEU A 56 -10.99 3.27 7.63
C LEU A 56 -10.52 2.00 6.90
N CYS A 57 -10.47 0.89 7.63
CA CYS A 57 -9.97 -0.41 7.16
C CYS A 57 -11.10 -1.36 6.73
N ARG A 58 -10.74 -2.42 5.98
CA ARG A 58 -11.70 -3.36 5.37
C ARG A 58 -12.49 -4.23 6.37
N ASN A 59 -12.05 -4.28 7.63
CA ASN A 59 -12.83 -4.84 8.75
C ASN A 59 -14.10 -4.01 9.08
N GLY A 60 -14.16 -2.76 8.60
CA GLY A 60 -15.24 -1.81 8.88
C GLY A 60 -14.99 -0.93 10.12
N MET A 61 -13.74 -0.85 10.57
CA MET A 61 -13.29 -0.05 11.72
C MET A 61 -12.21 0.96 11.30
N GLU A 62 -12.13 2.10 11.99
CA GLU A 62 -11.04 3.06 11.81
C GLU A 62 -9.71 2.46 12.30
N GLY A 63 -8.83 2.16 11.36
CA GLY A 63 -7.47 1.71 11.61
C GLY A 63 -6.51 2.87 11.91
N THR A 64 -5.50 2.65 12.75
CA THR A 64 -4.46 3.63 13.05
C THR A 64 -3.13 3.27 12.41
N LEU A 65 -2.44 4.27 11.85
CA LEU A 65 -1.19 4.12 11.11
C LEU A 65 -0.08 3.50 11.98
N ILE A 66 0.46 2.36 11.53
CA ILE A 66 1.60 1.64 12.12
C ILE A 66 2.77 1.60 11.13
N GLU A 67 4.00 1.43 11.63
CA GLU A 67 5.24 1.47 10.83
C GLU A 67 5.21 0.44 9.68
N GLY A 68 5.00 0.95 8.47
CA GLY A 68 4.73 0.18 7.25
C GLY A 68 4.27 1.09 6.12
N ASP A 69 5.00 2.18 5.91
CA ASP A 69 4.61 3.37 5.18
C ASP A 69 5.88 4.10 4.71
N LEU A 70 5.78 4.78 3.57
CA LEU A 70 6.90 5.49 2.93
C LEU A 70 7.31 6.74 3.76
N PRO A 71 8.61 7.09 3.83
CA PRO A 71 9.13 8.23 4.59
C PRO A 71 8.95 9.57 3.85
N GLU A 72 7.76 9.78 3.27
CA GLU A 72 7.36 10.87 2.37
C GLU A 72 8.48 11.31 1.40
N PRO A 73 9.01 10.41 0.52
CA PRO A 73 10.28 10.62 -0.19
C PRO A 73 10.13 11.47 -1.49
N LYS A 74 9.64 12.70 -1.30
CA LYS A 74 9.47 13.77 -2.31
C LYS A 74 9.25 15.13 -1.63
N LYS A 75 8.51 15.13 -0.51
CA LYS A 75 8.05 16.29 0.25
C LYS A 75 9.20 17.06 0.91
N VAL A 76 9.17 18.39 0.79
CA VAL A 76 10.11 19.33 1.44
C VAL A 76 9.32 20.54 1.98
N LYS A 77 9.63 20.95 3.22
CA LYS A 77 9.05 22.12 3.90
C LYS A 77 10.12 22.93 4.67
N PRO A 78 9.99 24.26 4.82
CA PRO A 78 10.94 25.08 5.56
C PRO A 78 10.88 24.81 7.08
N PRO A 79 11.97 25.06 7.83
CA PRO A 79 12.01 24.90 9.29
C PRO A 79 11.16 25.99 9.99
N ARG A 80 10.53 25.60 11.11
CA ARG A 80 9.68 26.45 11.97
C ARG A 80 9.90 26.15 13.46
N SER A 1 -7.96 -23.88 -21.57
CA SER A 1 -7.73 -22.75 -20.63
C SER A 1 -7.79 -21.41 -21.35
N MET A 2 -8.12 -20.33 -20.64
CA MET A 2 -8.17 -18.94 -21.14
C MET A 2 -7.54 -17.96 -20.15
N ALA A 3 -7.08 -16.80 -20.63
CA ALA A 3 -6.55 -15.72 -19.82
C ALA A 3 -7.63 -14.98 -19.01
N ASP A 4 -7.25 -14.40 -17.87
CA ASP A 4 -8.12 -13.63 -16.96
C ASP A 4 -8.01 -12.10 -17.17
N ARG A 5 -6.88 -11.62 -17.70
CA ARG A 5 -6.62 -10.20 -17.98
C ARG A 5 -7.44 -9.65 -19.16
N VAL A 6 -7.59 -8.32 -19.22
CA VAL A 6 -8.32 -7.58 -20.28
C VAL A 6 -7.57 -6.31 -20.75
N LEU A 7 -6.26 -6.25 -20.51
CA LEU A 7 -5.38 -5.10 -20.76
C LEU A 7 -4.06 -5.52 -21.41
N ARG A 8 -3.31 -4.56 -21.99
CA ARG A 8 -1.97 -4.74 -22.56
C ARG A 8 -0.84 -4.30 -21.61
N GLY A 9 0.40 -4.66 -21.95
CA GLY A 9 1.62 -4.10 -21.32
C GLY A 9 2.13 -4.80 -20.05
N SER A 10 1.55 -5.94 -19.65
CA SER A 10 2.05 -6.77 -18.53
C SER A 10 1.73 -8.26 -18.71
N ARG A 11 2.34 -9.14 -17.90
CA ARG A 11 2.29 -10.62 -18.03
C ARG A 11 1.27 -11.31 -17.11
N LEU A 12 0.82 -10.64 -16.05
CA LEU A 12 -0.04 -11.24 -15.01
C LEU A 12 -1.43 -11.60 -15.54
N GLY A 13 -2.04 -12.67 -15.02
CA GLY A 13 -3.37 -13.14 -15.45
C GLY A 13 -3.42 -13.76 -16.86
N ALA A 14 -2.27 -14.14 -17.42
CA ALA A 14 -2.13 -14.82 -18.72
C ALA A 14 -0.92 -15.77 -18.75
N VAL A 15 -0.85 -16.62 -19.78
CA VAL A 15 0.25 -17.56 -20.05
C VAL A 15 0.68 -17.51 -21.53
N SER A 16 1.95 -17.76 -21.86
CA SER A 16 3.11 -17.95 -20.97
C SER A 16 3.73 -16.63 -20.50
N TYR A 17 4.41 -16.66 -19.35
CA TYR A 17 5.09 -15.51 -18.72
C TYR A 17 6.60 -15.75 -18.48
N GLU A 18 7.11 -16.92 -18.85
CA GLU A 18 8.53 -17.34 -18.85
C GLU A 18 9.26 -17.20 -17.50
N THR A 19 8.51 -17.14 -16.39
CA THR A 19 9.01 -16.83 -15.02
C THR A 19 9.82 -15.51 -14.97
N ASP A 20 9.53 -14.55 -15.87
CA ASP A 20 10.24 -13.28 -15.94
C ASP A 20 9.79 -12.29 -14.84
N ARG A 21 10.75 -11.65 -14.18
CA ARG A 21 10.55 -10.82 -12.97
C ARG A 21 11.34 -9.51 -13.04
N ASN A 22 10.99 -8.67 -14.02
CA ASN A 22 11.53 -7.30 -14.16
C ASN A 22 11.13 -6.38 -12.99
N HIS A 23 11.85 -5.26 -12.83
CA HIS A 23 11.50 -4.19 -11.89
C HIS A 23 10.51 -3.18 -12.51
N ASP A 24 9.61 -2.63 -11.70
CA ASP A 24 8.65 -1.57 -12.07
C ASP A 24 8.40 -0.62 -10.88
N LEU A 25 7.92 0.58 -11.18
CA LEU A 25 7.51 1.62 -10.22
C LEU A 25 6.17 2.26 -10.62
N ALA A 26 5.46 2.81 -9.64
CA ALA A 26 4.20 3.56 -9.81
C ALA A 26 4.11 4.72 -8.80
N PRO A 27 3.40 5.83 -9.11
CA PRO A 27 3.32 7.00 -8.25
C PRO A 27 2.29 6.82 -7.12
N ARG A 28 2.60 5.94 -6.17
CA ARG A 28 1.79 5.63 -4.98
C ARG A 28 2.60 5.41 -3.70
N GLN A 29 1.90 5.38 -2.57
CA GLN A 29 2.38 5.19 -1.19
C GLN A 29 1.46 4.17 -0.49
N ILE A 30 1.98 2.99 -0.17
CA ILE A 30 1.26 1.97 0.61
C ILE A 30 1.53 2.24 2.09
N ALA A 31 0.51 2.68 2.82
CA ALA A 31 0.49 2.69 4.28
C ALA A 31 -0.25 1.46 4.84
N ARG A 32 -0.02 1.12 6.11
CA ARG A 32 -0.77 0.11 6.88
C ARG A 32 -1.50 0.76 8.05
N TYR A 33 -2.64 0.20 8.46
CA TYR A 33 -3.42 0.66 9.60
C TYR A 33 -3.98 -0.52 10.42
N ARG A 34 -4.01 -0.37 11.75
CA ARG A 34 -4.42 -1.37 12.74
C ARG A 34 -5.75 -0.99 13.39
N THR A 35 -6.73 -1.89 13.34
CA THR A 35 -8.09 -1.70 13.87
C THR A 35 -8.14 -1.93 15.38
N ASP A 36 -9.32 -1.75 15.98
CA ASP A 36 -9.50 -1.92 17.43
C ASP A 36 -9.47 -3.38 17.89
N ASN A 37 -9.62 -4.36 16.98
CA ASN A 37 -9.40 -5.78 17.33
C ASN A 37 -7.93 -6.22 17.11
N GLY A 38 -7.05 -5.31 16.68
CA GLY A 38 -5.69 -5.60 16.21
C GLY A 38 -5.61 -6.07 14.77
N GLU A 39 -6.72 -6.03 14.01
CA GLU A 39 -6.73 -6.46 12.60
C GLU A 39 -6.01 -5.40 11.76
N GLU A 40 -4.93 -5.77 11.07
CA GLU A 40 -4.11 -4.85 10.27
C GLU A 40 -4.42 -4.99 8.76
N PHE A 41 -4.68 -3.86 8.11
CA PHE A 41 -4.96 -3.74 6.69
C PHE A 41 -4.02 -2.75 6.00
N GLU A 42 -3.94 -2.83 4.68
CA GLU A 42 -3.11 -1.94 3.85
C GLU A 42 -3.98 -1.00 3.02
N VAL A 43 -3.55 0.27 2.95
CA VAL A 43 -4.21 1.33 2.18
C VAL A 43 -3.21 1.99 1.21
N PRO A 44 -3.35 1.77 -0.11
CA PRO A 44 -2.62 2.50 -1.13
C PRO A 44 -3.16 3.94 -1.27
N PHE A 45 -2.24 4.89 -1.24
CA PHE A 45 -2.47 6.32 -1.52
C PHE A 45 -1.74 6.75 -2.79
N ALA A 46 -2.30 7.64 -3.59
CA ALA A 46 -1.67 8.16 -4.81
C ALA A 46 -0.77 9.36 -4.50
N ASP A 47 0.21 9.65 -5.38
CA ASP A 47 1.19 10.74 -5.20
C ASP A 47 0.56 12.15 -5.08
N ASP A 48 -0.69 12.33 -5.53
CA ASP A 48 -1.46 13.57 -5.35
C ASP A 48 -2.12 13.71 -3.96
N ALA A 49 -2.15 12.61 -3.20
CA ALA A 49 -2.62 12.50 -1.82
C ALA A 49 -1.46 12.33 -0.81
N GLU A 50 -1.80 12.32 0.48
CA GLU A 50 -0.89 12.03 1.60
C GLU A 50 -1.57 11.14 2.66
N ILE A 51 -0.78 10.52 3.55
CA ILE A 51 -1.18 9.61 4.62
C ILE A 51 -1.62 10.39 5.87
N PRO A 52 -2.92 10.39 6.21
CA PRO A 52 -3.41 10.83 7.50
C PRO A 52 -3.05 9.83 8.61
N GLY A 53 -2.92 10.33 9.85
CA GLY A 53 -2.61 9.55 11.06
C GLY A 53 -3.50 8.31 11.28
N THR A 54 -4.76 8.35 10.82
CA THR A 54 -5.67 7.21 10.83
C THR A 54 -6.51 7.11 9.54
N TRP A 55 -7.05 5.93 9.25
CA TRP A 55 -7.86 5.64 8.05
C TRP A 55 -8.76 4.40 8.22
N LEU A 56 -9.94 4.39 7.58
CA LEU A 56 -10.91 3.28 7.68
C LEU A 56 -10.39 2.00 7.02
N CYS A 57 -10.33 0.93 7.79
CA CYS A 57 -9.86 -0.39 7.35
C CYS A 57 -10.99 -1.22 6.74
N ARG A 58 -10.62 -2.26 5.99
CA ARG A 58 -11.57 -3.09 5.22
C ARG A 58 -12.47 -3.96 6.12
N ASN A 59 -12.08 -4.15 7.39
CA ASN A 59 -12.92 -4.75 8.44
C ASN A 59 -14.16 -3.89 8.81
N GLY A 60 -14.16 -2.61 8.43
CA GLY A 60 -15.20 -1.63 8.74
C GLY A 60 -14.94 -0.84 10.04
N MET A 61 -13.71 -0.93 10.58
CA MET A 61 -13.28 -0.18 11.77
C MET A 61 -12.20 0.86 11.41
N GLU A 62 -12.18 1.98 12.13
CA GLU A 62 -11.15 3.02 11.99
C GLU A 62 -9.78 2.48 12.45
N GLY A 63 -8.87 2.28 11.50
CA GLY A 63 -7.50 1.83 11.76
C GLY A 63 -6.55 3.00 12.03
N THR A 64 -5.52 2.77 12.86
CA THR A 64 -4.45 3.74 13.11
C THR A 64 -3.15 3.34 12.43
N LEU A 65 -2.43 4.31 11.86
CA LEU A 65 -1.21 4.13 11.08
C LEU A 65 -0.09 3.41 11.85
N ILE A 66 0.37 2.26 11.36
CA ILE A 66 1.51 1.47 11.86
C ILE A 66 2.43 1.04 10.71
N GLU A 67 3.71 0.78 11.02
CA GLU A 67 4.68 0.20 10.11
C GLU A 67 5.62 -0.76 10.84
N GLY A 68 5.88 -1.94 10.24
CA GLY A 68 6.81 -2.94 10.81
C GLY A 68 6.73 -4.36 10.23
N ASP A 69 5.93 -4.61 9.20
CA ASP A 69 5.76 -5.91 8.54
C ASP A 69 5.40 -5.70 7.06
N LEU A 70 5.93 -6.58 6.21
CA LEU A 70 5.89 -6.60 4.74
C LEU A 70 4.51 -6.23 4.13
N PRO A 71 4.35 -5.04 3.52
CA PRO A 71 3.14 -4.62 2.80
C PRO A 71 3.02 -5.28 1.40
N GLU A 72 3.14 -6.62 1.35
CA GLU A 72 3.58 -7.41 0.19
C GLU A 72 4.90 -6.85 -0.40
N PRO A 73 5.98 -6.99 0.38
CA PRO A 73 7.17 -6.14 0.42
C PRO A 73 7.00 -4.62 0.29
N LYS A 74 8.07 -3.88 0.63
CA LYS A 74 8.05 -2.41 0.71
C LYS A 74 7.93 -1.73 -0.66
N LYS A 75 7.30 -0.56 -0.66
CA LYS A 75 7.24 0.39 -1.79
C LYS A 75 8.01 1.66 -1.41
N VAL A 76 8.61 2.34 -2.38
CA VAL A 76 9.44 3.55 -2.17
C VAL A 76 8.61 4.80 -1.86
N LYS A 77 9.26 5.83 -1.29
CA LYS A 77 8.75 7.20 -1.07
C LYS A 77 7.36 7.27 -0.36
N PRO A 78 7.29 7.11 0.98
CA PRO A 78 8.40 6.89 1.91
C PRO A 78 9.00 5.47 1.80
N PRO A 79 10.34 5.30 1.94
CA PRO A 79 10.99 4.00 2.00
C PRO A 79 10.73 3.26 3.33
N ARG A 80 11.25 2.04 3.48
CA ARG A 80 11.15 1.22 4.71
C ARG A 80 12.45 0.48 5.04
N SER A 1 7.94 -14.33 -11.40
CA SER A 1 9.41 -14.18 -11.50
C SER A 1 9.82 -12.71 -11.46
N MET A 2 11.04 -12.42 -10.99
CA MET A 2 11.63 -11.08 -10.80
C MET A 2 10.79 -10.15 -9.92
N ALA A 3 11.06 -10.15 -8.60
CA ALA A 3 10.47 -9.21 -7.64
C ALA A 3 11.25 -7.87 -7.55
N ASP A 4 12.51 -7.86 -7.95
CA ASP A 4 13.44 -6.71 -7.95
C ASP A 4 13.25 -5.79 -9.19
N ARG A 5 12.01 -5.38 -9.43
CA ARG A 5 11.53 -4.65 -10.63
C ARG A 5 11.88 -3.15 -10.63
N VAL A 6 12.98 -2.80 -9.98
CA VAL A 6 13.50 -1.44 -9.77
C VAL A 6 14.24 -0.92 -11.00
N LEU A 7 14.33 0.41 -11.08
CA LEU A 7 15.05 1.15 -12.12
C LEU A 7 16.54 0.81 -12.15
N ARG A 8 17.15 0.89 -13.34
CA ARG A 8 18.53 0.50 -13.66
C ARG A 8 19.14 1.46 -14.69
N GLY A 9 20.45 1.71 -14.58
CA GLY A 9 21.22 2.61 -15.47
C GLY A 9 20.99 4.11 -15.23
N SER A 10 19.73 4.54 -15.17
CA SER A 10 19.30 5.93 -14.88
C SER A 10 19.80 6.46 -13.54
N ARG A 11 19.98 5.57 -12.56
CA ARG A 11 20.46 5.85 -11.19
C ARG A 11 21.95 6.22 -11.11
N LEU A 12 22.72 6.04 -12.19
CA LEU A 12 24.13 6.45 -12.29
C LEU A 12 24.26 8.00 -12.28
N GLY A 13 23.32 8.69 -12.93
CA GLY A 13 23.12 10.14 -12.77
C GLY A 13 24.14 11.07 -13.43
N ALA A 14 25.03 10.55 -14.28
CA ALA A 14 26.05 11.34 -14.99
C ALA A 14 25.46 12.33 -16.02
N VAL A 15 26.30 13.23 -16.53
CA VAL A 15 25.98 14.24 -17.55
C VAL A 15 26.81 14.05 -18.84
N SER A 16 26.33 14.38 -20.03
CA SER A 16 24.98 14.90 -20.36
C SER A 16 23.89 13.81 -20.29
N TYR A 17 22.63 14.24 -20.18
CA TYR A 17 21.43 13.39 -20.08
C TYR A 17 20.23 14.03 -20.81
N GLU A 18 19.19 13.24 -21.08
CA GLU A 18 18.00 13.62 -21.87
C GLU A 18 16.72 13.49 -21.02
N THR A 19 16.73 14.08 -19.82
CA THR A 19 15.73 13.93 -18.74
C THR A 19 15.55 12.50 -18.18
N ASP A 20 16.34 11.53 -18.65
CA ASP A 20 16.22 10.09 -18.38
C ASP A 20 16.83 9.63 -17.03
N ARG A 21 16.83 10.52 -16.02
CA ARG A 21 17.15 10.22 -14.61
C ARG A 21 15.91 10.04 -13.72
N ASN A 22 14.71 10.29 -14.27
CA ASN A 22 13.41 10.09 -13.63
C ASN A 22 12.43 9.41 -14.60
N HIS A 23 11.63 8.46 -14.11
CA HIS A 23 10.81 7.54 -14.92
C HIS A 23 9.43 7.28 -14.30
N ASP A 24 8.49 6.79 -15.12
CA ASP A 24 7.06 6.60 -14.82
C ASP A 24 6.28 7.89 -14.47
N LEU A 25 4.95 7.76 -14.40
CA LEU A 25 4.00 8.82 -14.03
C LEU A 25 3.04 8.32 -12.93
N ALA A 26 2.52 9.26 -12.14
CA ALA A 26 1.56 9.05 -11.04
C ALA A 26 1.96 7.94 -10.03
N PRO A 27 3.01 8.16 -9.20
CA PRO A 27 3.43 7.21 -8.16
C PRO A 27 2.39 6.99 -7.06
N ARG A 28 2.67 6.02 -6.18
CA ARG A 28 1.82 5.64 -5.03
C ARG A 28 2.62 5.30 -3.76
N GLN A 29 1.91 5.28 -2.63
CA GLN A 29 2.37 5.04 -1.26
C GLN A 29 1.44 4.04 -0.59
N ILE A 30 1.90 2.83 -0.32
CA ILE A 30 1.13 1.80 0.39
C ILE A 30 1.37 1.95 1.90
N ALA A 31 0.39 2.51 2.61
CA ALA A 31 0.41 2.60 4.07
C ALA A 31 -0.42 1.44 4.66
N ARG A 32 -0.24 1.19 5.96
CA ARG A 32 -0.92 0.13 6.71
C ARG A 32 -1.52 0.68 7.98
N TYR A 33 -2.65 0.11 8.40
CA TYR A 33 -3.42 0.56 9.55
C TYR A 33 -3.93 -0.62 10.39
N ARG A 34 -3.85 -0.48 11.72
CA ARG A 34 -4.32 -1.47 12.72
C ARG A 34 -5.64 -1.04 13.36
N THR A 35 -6.65 -1.90 13.30
CA THR A 35 -8.00 -1.66 13.84
C THR A 35 -8.06 -1.88 15.35
N ASP A 36 -9.22 -1.64 15.95
CA ASP A 36 -9.41 -1.75 17.39
C ASP A 36 -9.44 -3.22 17.90
N ASN A 37 -9.62 -4.22 17.01
CA ASN A 37 -9.47 -5.63 17.41
C ASN A 37 -8.03 -6.15 17.20
N GLY A 38 -7.10 -5.29 16.76
CA GLY A 38 -5.76 -5.65 16.29
C GLY A 38 -5.68 -6.10 14.83
N GLU A 39 -6.76 -6.00 14.07
CA GLU A 39 -6.81 -6.45 12.67
C GLU A 39 -6.07 -5.43 11.79
N GLU A 40 -5.02 -5.86 11.09
CA GLU A 40 -4.18 -4.97 10.27
C GLU A 40 -4.51 -5.11 8.77
N PHE A 41 -4.70 -3.96 8.10
CA PHE A 41 -5.01 -3.84 6.67
C PHE A 41 -4.07 -2.85 5.96
N GLU A 42 -4.04 -2.92 4.64
CA GLU A 42 -3.23 -2.06 3.76
C GLU A 42 -4.11 -1.09 2.97
N VAL A 43 -3.66 0.16 2.84
CA VAL A 43 -4.32 1.23 2.08
C VAL A 43 -3.33 1.90 1.11
N PRO A 44 -3.46 1.70 -0.21
CA PRO A 44 -2.74 2.44 -1.23
C PRO A 44 -3.23 3.90 -1.33
N PHE A 45 -2.28 4.83 -1.31
CA PHE A 45 -2.47 6.26 -1.56
C PHE A 45 -1.73 6.71 -2.81
N ALA A 46 -2.30 7.63 -3.60
CA ALA A 46 -1.64 8.20 -4.78
C ALA A 46 -0.74 9.39 -4.39
N ASP A 47 0.22 9.75 -5.24
CA ASP A 47 1.14 10.89 -5.02
C ASP A 47 0.43 12.25 -4.89
N ASP A 48 -0.81 12.35 -5.38
CA ASP A 48 -1.70 13.52 -5.20
C ASP A 48 -2.24 13.65 -3.76
N ALA A 49 -2.11 12.61 -2.94
CA ALA A 49 -2.57 12.52 -1.55
C ALA A 49 -1.39 12.33 -0.55
N GLU A 50 -1.65 12.60 0.73
CA GLU A 50 -0.73 12.34 1.85
C GLU A 50 -1.42 11.60 2.99
N ILE A 51 -0.72 10.63 3.58
CA ILE A 51 -1.16 9.67 4.60
C ILE A 51 -1.62 10.38 5.88
N PRO A 52 -2.93 10.37 6.18
CA PRO A 52 -3.46 10.79 7.46
C PRO A 52 -3.10 9.78 8.56
N GLY A 53 -2.96 10.27 9.80
CA GLY A 53 -2.63 9.49 11.01
C GLY A 53 -3.50 8.25 11.22
N THR A 54 -4.76 8.28 10.78
CA THR A 54 -5.66 7.11 10.78
C THR A 54 -6.52 7.03 9.50
N TRP A 55 -7.05 5.84 9.20
CA TRP A 55 -7.90 5.57 8.02
C TRP A 55 -8.81 4.34 8.24
N LEU A 56 -10.01 4.33 7.64
CA LEU A 56 -10.97 3.24 7.78
C LEU A 56 -10.51 1.97 7.05
N CYS A 57 -10.45 0.85 7.77
CA CYS A 57 -9.99 -0.45 7.27
C CYS A 57 -11.14 -1.31 6.73
N ARG A 58 -10.80 -2.35 5.95
CA ARG A 58 -11.78 -3.24 5.28
C ARG A 58 -12.61 -4.10 6.26
N ASN A 59 -12.20 -4.20 7.52
CA ASN A 59 -12.98 -4.79 8.62
C ASN A 59 -14.24 -3.95 8.98
N GLY A 60 -14.28 -2.68 8.56
CA GLY A 60 -15.32 -1.71 8.92
C GLY A 60 -15.00 -0.90 10.19
N MET A 61 -13.75 -0.97 10.67
CA MET A 61 -13.25 -0.27 11.85
C MET A 61 -12.18 0.77 11.48
N GLU A 62 -12.12 1.86 12.25
CA GLU A 62 -11.08 2.89 12.11
C GLU A 62 -9.71 2.34 12.50
N GLY A 63 -8.83 2.16 11.51
CA GLY A 63 -7.45 1.72 11.69
C GLY A 63 -6.49 2.88 11.95
N THR A 64 -5.44 2.65 12.75
CA THR A 64 -4.38 3.64 13.02
C THR A 64 -3.06 3.24 12.35
N LEU A 65 -2.39 4.23 11.76
CA LEU A 65 -1.19 4.08 10.94
C LEU A 65 -0.03 3.41 11.69
N ILE A 66 0.49 2.32 11.13
CA ILE A 66 1.71 1.61 11.58
C ILE A 66 2.76 1.55 10.47
N GLU A 67 4.04 1.57 10.84
CA GLU A 67 5.17 1.58 9.90
C GLU A 67 5.53 0.15 9.47
N GLY A 68 4.99 -0.27 8.32
CA GLY A 68 5.27 -1.56 7.68
C GLY A 68 6.64 -1.59 6.98
N ASP A 69 7.71 -1.57 7.77
CA ASP A 69 9.10 -1.40 7.33
C ASP A 69 9.38 -0.05 6.65
N LEU A 70 8.90 1.03 7.27
CA LEU A 70 9.21 2.43 6.95
C LEU A 70 10.08 3.08 8.04
N PRO A 71 10.82 4.19 7.78
CA PRO A 71 10.95 4.96 6.53
C PRO A 71 12.06 4.42 5.60
N GLU A 72 11.74 3.35 4.86
CA GLU A 72 12.66 2.47 4.13
C GLU A 72 13.99 2.18 4.88
N PRO A 73 13.95 1.56 6.08
CA PRO A 73 15.15 1.27 6.88
C PRO A 73 16.19 0.39 6.17
N LYS A 74 17.48 0.57 6.52
CA LYS A 74 18.63 -0.14 5.94
C LYS A 74 19.68 -0.49 7.01
N LYS A 75 20.30 -1.66 6.85
CA LYS A 75 21.46 -2.15 7.62
C LYS A 75 22.59 -2.59 6.67
N VAL A 76 23.84 -2.56 7.15
CA VAL A 76 25.06 -2.90 6.40
C VAL A 76 26.04 -3.74 7.23
N LYS A 77 26.94 -4.47 6.55
CA LYS A 77 28.01 -5.27 7.17
C LYS A 77 29.21 -4.39 7.61
N PRO A 78 30.01 -4.82 8.61
CA PRO A 78 29.83 -6.02 9.43
C PRO A 78 28.70 -5.86 10.48
N PRO A 79 28.06 -6.97 10.90
CA PRO A 79 26.94 -6.94 11.85
C PRO A 79 27.34 -6.70 13.31
N ARG A 80 28.63 -6.85 13.66
CA ARG A 80 29.20 -6.66 15.00
C ARG A 80 30.59 -6.00 14.96
N SER A 1 -9.05 -7.61 -33.68
CA SER A 1 -9.99 -6.77 -32.88
C SER A 1 -9.25 -5.90 -31.88
N MET A 2 -9.80 -4.73 -31.54
CA MET A 2 -9.13 -3.71 -30.70
C MET A 2 -8.91 -4.13 -29.24
N ALA A 3 -9.63 -5.16 -28.76
CA ALA A 3 -9.47 -5.77 -27.44
C ALA A 3 -8.21 -6.65 -27.28
N ASP A 4 -7.43 -6.86 -28.35
CA ASP A 4 -6.20 -7.67 -28.35
C ASP A 4 -5.06 -7.09 -27.47
N ARG A 5 -5.07 -5.76 -27.22
CA ARG A 5 -3.93 -5.00 -26.65
C ARG A 5 -4.37 -3.98 -25.59
N VAL A 6 -3.40 -3.50 -24.81
CA VAL A 6 -3.55 -2.48 -23.74
C VAL A 6 -4.63 -2.84 -22.70
N LEU A 7 -4.85 -4.15 -22.47
CA LEU A 7 -5.89 -4.73 -21.60
C LEU A 7 -7.32 -4.20 -21.90
N ARG A 8 -7.58 -3.76 -23.14
CA ARG A 8 -8.83 -3.12 -23.57
C ARG A 8 -10.01 -4.10 -23.61
N GLY A 9 -11.19 -3.64 -23.19
CA GLY A 9 -12.44 -4.42 -23.19
C GLY A 9 -13.61 -3.70 -22.54
N SER A 10 -14.79 -4.32 -22.55
CA SER A 10 -16.02 -3.82 -21.91
C SER A 10 -16.11 -4.19 -20.43
N ARG A 11 -16.85 -3.39 -19.65
CA ARG A 11 -17.12 -3.60 -18.21
C ARG A 11 -18.60 -3.33 -17.87
N LEU A 12 -19.18 -4.16 -17.01
CA LEU A 12 -20.63 -4.16 -16.71
C LEU A 12 -21.03 -3.30 -15.50
N GLY A 13 -20.11 -3.05 -14.56
CA GLY A 13 -20.37 -2.24 -13.36
C GLY A 13 -19.16 -2.08 -12.43
N ALA A 14 -19.22 -1.08 -11.54
CA ALA A 14 -18.14 -0.58 -10.68
C ALA A 14 -16.89 -0.03 -11.42
N VAL A 15 -16.13 0.82 -10.73
CA VAL A 15 -14.92 1.50 -11.25
C VAL A 15 -13.61 0.86 -10.78
N SER A 16 -13.67 0.00 -9.77
CA SER A 16 -12.54 -0.74 -9.21
C SER A 16 -12.98 -2.16 -8.82
N TYR A 17 -12.21 -3.16 -9.26
CA TYR A 17 -12.56 -4.59 -9.20
C TYR A 17 -11.33 -5.50 -9.35
N GLU A 18 -10.43 -5.12 -10.24
CA GLU A 18 -9.13 -5.75 -10.53
C GLU A 18 -8.16 -4.76 -11.22
N THR A 19 -8.34 -3.46 -10.95
CA THR A 19 -7.72 -2.34 -11.69
C THR A 19 -6.33 -1.96 -11.16
N ASP A 20 -5.88 -2.59 -10.07
CA ASP A 20 -4.63 -2.34 -9.34
C ASP A 20 -3.36 -2.92 -10.00
N ARG A 21 -3.36 -3.02 -11.34
CA ARG A 21 -2.21 -3.45 -12.16
C ARG A 21 -1.19 -2.33 -12.36
N ASN A 22 0.07 -2.69 -12.59
CA ASN A 22 1.20 -1.78 -12.80
C ASN A 22 1.63 -1.70 -14.30
N HIS A 23 0.68 -1.90 -15.22
CA HIS A 23 0.91 -1.80 -16.67
C HIS A 23 1.15 -0.35 -17.13
N ASP A 24 0.50 0.61 -16.47
CA ASP A 24 0.73 2.06 -16.59
C ASP A 24 1.49 2.62 -15.36
N LEU A 25 1.93 3.88 -15.46
CA LEU A 25 2.59 4.61 -14.38
C LEU A 25 1.58 4.96 -13.29
N ALA A 26 1.86 4.54 -12.05
CA ALA A 26 0.97 4.65 -10.89
C ALA A 26 1.75 4.96 -9.60
N PRO A 27 2.39 6.15 -9.49
CA PRO A 27 3.20 6.54 -8.33
C PRO A 27 2.32 6.66 -7.07
N ARG A 28 2.62 5.78 -6.11
CA ARG A 28 1.82 5.54 -4.90
C ARG A 28 2.63 5.30 -3.63
N GLN A 29 1.94 5.36 -2.49
CA GLN A 29 2.41 5.19 -1.11
C GLN A 29 1.51 4.18 -0.40
N ILE A 30 2.07 3.04 -0.01
CA ILE A 30 1.39 2.00 0.76
C ILE A 30 1.60 2.26 2.25
N ALA A 31 0.56 2.71 2.94
CA ALA A 31 0.48 2.74 4.40
C ALA A 31 -0.25 1.51 4.93
N ARG A 32 -0.04 1.17 6.21
CA ARG A 32 -0.78 0.14 6.94
C ARG A 32 -1.53 0.78 8.11
N TYR A 33 -2.67 0.22 8.48
CA TYR A 33 -3.47 0.67 9.63
C TYR A 33 -4.00 -0.51 10.46
N ARG A 34 -3.93 -0.38 11.80
CA ARG A 34 -4.39 -1.40 12.77
C ARG A 34 -5.72 -1.01 13.41
N THR A 35 -6.73 -1.88 13.29
CA THR A 35 -8.09 -1.66 13.79
C THR A 35 -8.18 -1.90 15.29
N ASP A 36 -9.38 -1.71 15.86
CA ASP A 36 -9.61 -1.84 17.30
C ASP A 36 -9.61 -3.31 17.79
N ASN A 37 -9.75 -4.30 16.89
CA ASN A 37 -9.58 -5.72 17.27
C ASN A 37 -8.12 -6.21 17.09
N GLY A 38 -7.19 -5.32 16.69
CA GLY A 38 -5.83 -5.65 16.27
C GLY A 38 -5.70 -6.08 14.81
N GLU A 39 -6.77 -6.00 14.02
CA GLU A 39 -6.78 -6.44 12.61
C GLU A 39 -6.03 -5.39 11.76
N GLU A 40 -4.96 -5.79 11.09
CA GLU A 40 -4.13 -4.88 10.29
C GLU A 40 -4.41 -5.02 8.79
N PHE A 41 -4.63 -3.88 8.13
CA PHE A 41 -4.90 -3.76 6.69
C PHE A 41 -3.96 -2.75 6.01
N GLU A 42 -3.86 -2.81 4.69
CA GLU A 42 -3.03 -1.90 3.88
C GLU A 42 -3.92 -0.96 3.07
N VAL A 43 -3.53 0.31 3.00
CA VAL A 43 -4.22 1.37 2.24
C VAL A 43 -3.24 2.00 1.24
N PRO A 44 -3.42 1.77 -0.08
CA PRO A 44 -2.66 2.45 -1.12
C PRO A 44 -3.15 3.90 -1.30
N PHE A 45 -2.21 4.85 -1.26
CA PHE A 45 -2.44 6.28 -1.51
C PHE A 45 -1.69 6.74 -2.77
N ALA A 46 -2.28 7.59 -3.59
CA ALA A 46 -1.66 8.12 -4.80
C ALA A 46 -0.74 9.33 -4.48
N ASP A 47 0.20 9.65 -5.37
CA ASP A 47 1.11 10.80 -5.22
C ASP A 47 0.39 12.17 -5.15
N ASP A 48 -0.86 12.24 -5.61
CA ASP A 48 -1.76 13.40 -5.46
C ASP A 48 -2.31 13.57 -4.02
N ALA A 49 -2.14 12.56 -3.17
CA ALA A 49 -2.62 12.47 -1.79
C ALA A 49 -1.48 12.28 -0.77
N GLU A 50 -1.81 12.31 0.52
CA GLU A 50 -0.92 12.03 1.66
C GLU A 50 -1.61 11.14 2.71
N ILE A 51 -0.82 10.56 3.63
CA ILE A 51 -1.22 9.64 4.70
C ILE A 51 -1.64 10.42 5.96
N PRO A 52 -2.94 10.40 6.30
CA PRO A 52 -3.44 10.85 7.60
C PRO A 52 -3.08 9.84 8.71
N GLY A 53 -2.93 10.34 9.93
CA GLY A 53 -2.62 9.56 11.14
C GLY A 53 -3.51 8.33 11.39
N THR A 54 -4.77 8.37 10.94
CA THR A 54 -5.68 7.22 10.92
C THR A 54 -6.53 7.14 9.64
N TRP A 55 -7.06 5.96 9.33
CA TRP A 55 -7.88 5.68 8.13
C TRP A 55 -8.79 4.45 8.33
N LEU A 56 -9.98 4.43 7.72
CA LEU A 56 -10.93 3.31 7.82
C LEU A 56 -10.41 2.06 7.07
N CYS A 57 -10.35 0.93 7.76
CA CYS A 57 -9.90 -0.36 7.22
C CYS A 57 -11.06 -1.16 6.60
N ARG A 58 -10.73 -2.14 5.74
CA ARG A 58 -11.72 -2.97 5.02
C ARG A 58 -12.59 -3.85 5.96
N ASN A 59 -12.16 -4.03 7.20
CA ASN A 59 -12.94 -4.68 8.28
C ASN A 59 -14.19 -3.88 8.68
N GLY A 60 -14.26 -2.60 8.32
CA GLY A 60 -15.31 -1.65 8.72
C GLY A 60 -14.99 -0.90 10.02
N MET A 61 -13.75 -0.98 10.51
CA MET A 61 -13.27 -0.32 11.73
C MET A 61 -12.20 0.74 11.41
N GLU A 62 -12.17 1.82 12.20
CA GLU A 62 -11.15 2.87 12.11
C GLU A 62 -9.78 2.33 12.52
N GLY A 63 -8.88 2.19 11.56
CA GLY A 63 -7.49 1.77 11.77
C GLY A 63 -6.54 2.94 12.06
N THR A 64 -5.50 2.69 12.84
CA THR A 64 -4.44 3.68 13.14
C THR A 64 -3.11 3.31 12.48
N LEU A 65 -2.44 4.31 11.91
CA LEU A 65 -1.22 4.17 11.12
C LEU A 65 -0.06 3.45 11.82
N ILE A 66 0.42 2.39 11.17
CA ILE A 66 1.68 1.67 11.43
C ILE A 66 2.47 1.55 10.12
N GLU A 67 3.80 1.38 10.20
CA GLU A 67 4.67 1.45 9.02
C GLU A 67 4.36 0.37 7.95
N GLY A 68 3.84 0.82 6.79
CA GLY A 68 3.64 0.00 5.58
C GLY A 68 4.79 0.03 4.58
N ASP A 69 5.79 0.89 4.80
CA ASP A 69 6.89 1.19 3.86
C ASP A 69 8.12 0.25 4.02
N LEU A 70 7.92 -0.92 4.63
CA LEU A 70 8.94 -1.95 4.85
C LEU A 70 9.37 -2.67 3.54
N PRO A 71 10.56 -3.30 3.49
CA PRO A 71 11.50 -3.55 4.59
C PRO A 71 12.36 -2.35 5.05
N GLU A 72 12.41 -1.28 4.26
CA GLU A 72 13.32 -0.14 4.44
C GLU A 72 12.57 1.22 4.50
N PRO A 73 11.75 1.45 5.55
CA PRO A 73 10.87 2.61 5.64
C PRO A 73 11.63 3.95 5.73
N LYS A 74 11.09 4.98 5.06
CA LYS A 74 11.61 6.35 5.05
C LYS A 74 11.25 7.09 6.35
N LYS A 75 12.16 7.93 6.86
CA LYS A 75 11.96 8.72 8.09
C LYS A 75 11.24 10.06 7.82
N VAL A 76 9.98 9.96 7.37
CA VAL A 76 9.03 11.09 7.25
C VAL A 76 8.22 11.32 8.54
N LYS A 77 8.81 10.99 9.69
CA LYS A 77 8.21 11.03 11.04
C LYS A 77 9.21 11.66 12.04
N PRO A 78 8.83 12.60 12.92
CA PRO A 78 9.73 13.24 13.88
C PRO A 78 10.36 12.26 14.90
N PRO A 79 11.55 12.57 15.47
CA PRO A 79 12.41 13.71 15.15
C PRO A 79 13.10 13.58 13.77
N ARG A 80 13.15 14.68 13.00
CA ARG A 80 13.71 14.72 11.63
C ARG A 80 15.20 15.06 11.62
N SER A 1 -14.19 -32.21 0.90
CA SER A 1 -14.20 -30.76 1.25
C SER A 1 -15.53 -30.12 0.87
N MET A 2 -15.90 -29.03 1.57
CA MET A 2 -17.07 -28.17 1.27
C MET A 2 -16.68 -26.70 1.02
N ALA A 3 -15.39 -26.40 0.86
CA ALA A 3 -14.84 -25.04 0.81
C ALA A 3 -15.39 -24.17 -0.35
N ASP A 4 -15.89 -24.79 -1.42
CA ASP A 4 -16.41 -24.10 -2.62
C ASP A 4 -17.91 -23.74 -2.57
N ARG A 5 -18.66 -24.26 -1.59
CA ARG A 5 -20.15 -24.24 -1.58
C ARG A 5 -20.77 -24.03 -0.18
N VAL A 6 -22.07 -23.75 -0.15
CA VAL A 6 -22.89 -23.33 1.01
C VAL A 6 -22.41 -22.04 1.69
N LEU A 7 -23.23 -21.52 2.62
CA LEU A 7 -23.03 -20.25 3.34
C LEU A 7 -21.81 -20.26 4.28
N ARG A 8 -21.41 -19.06 4.73
CA ARG A 8 -20.30 -18.79 5.67
C ARG A 8 -20.73 -17.82 6.79
N GLY A 9 -20.03 -17.86 7.93
CA GLY A 9 -20.23 -16.94 9.06
C GLY A 9 -19.73 -15.52 8.79
N SER A 10 -20.00 -14.60 9.71
CA SER A 10 -19.73 -13.15 9.56
C SER A 10 -18.24 -12.78 9.44
N ARG A 11 -17.33 -13.69 9.81
CA ARG A 11 -15.86 -13.55 9.69
C ARG A 11 -15.30 -13.94 8.31
N LEU A 12 -16.14 -13.96 7.27
CA LEU A 12 -15.79 -14.30 5.88
C LEU A 12 -14.84 -13.29 5.17
N GLY A 13 -14.52 -12.16 5.79
CA GLY A 13 -13.50 -11.20 5.35
C GLY A 13 -13.91 -10.28 4.20
N ALA A 14 -12.96 -9.44 3.77
CA ALA A 14 -13.15 -8.47 2.68
C ALA A 14 -13.05 -9.12 1.28
N VAL A 15 -13.65 -8.47 0.27
CA VAL A 15 -13.69 -8.97 -1.13
C VAL A 15 -12.32 -8.88 -1.79
N SER A 16 -11.96 -9.92 -2.55
CA SER A 16 -10.69 -10.08 -3.24
C SER A 16 -10.89 -10.31 -4.74
N TYR A 17 -9.93 -9.86 -5.55
CA TYR A 17 -10.06 -9.71 -7.01
C TYR A 17 -9.08 -10.41 -7.94
N GLU A 18 -7.97 -10.98 -7.52
CA GLU A 18 -7.24 -10.92 -6.24
C GLU A 18 -6.92 -9.49 -5.81
N THR A 19 -6.44 -8.71 -6.78
CA THR A 19 -6.32 -7.24 -6.76
C THR A 19 -6.62 -6.64 -8.14
N ASP A 20 -7.05 -5.38 -8.18
CA ASP A 20 -7.46 -4.65 -9.39
C ASP A 20 -7.12 -3.14 -9.28
N ARG A 21 -7.15 -2.41 -10.41
CA ARG A 21 -6.90 -0.95 -10.45
C ARG A 21 -7.93 -0.16 -9.65
N ASN A 22 -7.48 0.95 -9.05
CA ASN A 22 -8.26 1.83 -8.18
C ASN A 22 -7.79 3.29 -8.36
N HIS A 23 -6.57 3.59 -7.91
CA HIS A 23 -5.67 4.55 -8.56
C HIS A 23 -5.01 3.86 -9.78
N ASP A 24 -4.44 4.64 -10.69
CA ASP A 24 -3.89 4.17 -11.97
C ASP A 24 -2.49 3.54 -11.85
N LEU A 25 -1.92 3.11 -12.98
CA LEU A 25 -0.53 2.62 -13.10
C LEU A 25 0.45 3.80 -13.05
N ALA A 26 0.54 4.38 -11.84
CA ALA A 26 1.17 5.64 -11.49
C ALA A 26 1.71 5.58 -10.04
N PRO A 27 2.64 6.47 -9.64
CA PRO A 27 3.27 6.46 -8.30
C PRO A 27 2.24 6.52 -7.17
N ARG A 28 2.46 5.64 -6.19
CA ARG A 28 1.64 5.46 -4.97
C ARG A 28 2.46 5.16 -3.71
N GLN A 29 1.79 5.21 -2.55
CA GLN A 29 2.30 5.05 -1.20
C GLN A 29 1.39 4.10 -0.41
N ILE A 30 1.82 2.86 -0.23
CA ILE A 30 1.15 1.90 0.63
C ILE A 30 1.50 2.21 2.08
N ALA A 31 0.51 2.69 2.81
CA ALA A 31 0.51 2.73 4.27
C ALA A 31 -0.26 1.52 4.83
N ARG A 32 0.00 1.18 6.10
CA ARG A 32 -0.78 0.19 6.86
C ARG A 32 -1.52 0.87 8.00
N TYR A 33 -2.61 0.24 8.44
CA TYR A 33 -3.39 0.69 9.61
C TYR A 33 -3.91 -0.50 10.42
N ARG A 34 -3.90 -0.37 11.75
CA ARG A 34 -4.35 -1.38 12.73
C ARG A 34 -5.68 -0.98 13.37
N THR A 35 -6.68 -1.85 13.25
CA THR A 35 -8.04 -1.66 13.79
C THR A 35 -8.10 -1.90 15.30
N ASP A 36 -9.28 -1.71 15.88
CA ASP A 36 -9.47 -1.86 17.32
C ASP A 36 -9.43 -3.32 17.81
N ASN A 37 -9.55 -4.32 16.92
CA ASN A 37 -9.34 -5.72 17.29
C ASN A 37 -7.88 -6.19 17.08
N GLY A 38 -6.98 -5.28 16.66
CA GLY A 38 -5.62 -5.58 16.22
C GLY A 38 -5.51 -6.00 14.76
N GLU A 39 -6.61 -5.98 14.00
CA GLU A 39 -6.64 -6.42 12.60
C GLU A 39 -5.93 -5.36 11.75
N GLU A 40 -4.87 -5.74 11.04
CA GLU A 40 -4.09 -4.81 10.21
C GLU A 40 -4.41 -4.98 8.71
N PHE A 41 -4.63 -3.84 8.06
CA PHE A 41 -4.93 -3.71 6.63
C PHE A 41 -3.97 -2.71 5.96
N GLU A 42 -3.90 -2.76 4.63
CA GLU A 42 -3.07 -1.90 3.80
C GLU A 42 -3.96 -0.94 3.00
N VAL A 43 -3.58 0.35 2.98
CA VAL A 43 -4.25 1.40 2.22
C VAL A 43 -3.26 2.05 1.24
N PRO A 44 -3.43 1.84 -0.08
CA PRO A 44 -2.63 2.50 -1.11
C PRO A 44 -3.14 3.93 -1.37
N PHE A 45 -2.27 4.92 -1.16
CA PHE A 45 -2.50 6.35 -1.44
C PHE A 45 -1.78 6.78 -2.71
N ALA A 46 -2.39 7.65 -3.51
CA ALA A 46 -1.80 8.18 -4.74
C ALA A 46 -0.80 9.31 -4.45
N ASP A 47 0.13 9.57 -5.37
CA ASP A 47 1.11 10.67 -5.27
C ASP A 47 0.47 12.09 -5.15
N ASP A 48 -0.80 12.22 -5.55
CA ASP A 48 -1.61 13.44 -5.38
C ASP A 48 -2.13 13.63 -3.93
N ALA A 49 -2.01 12.59 -3.09
CA ALA A 49 -2.49 12.52 -1.71
C ALA A 49 -1.36 12.28 -0.69
N GLU A 50 -1.71 12.33 0.60
CA GLU A 50 -0.84 12.02 1.75
C GLU A 50 -1.55 11.10 2.77
N ILE A 51 -0.80 10.53 3.71
CA ILE A 51 -1.24 9.58 4.75
C ILE A 51 -1.67 10.35 6.01
N PRO A 52 -2.97 10.37 6.33
CA PRO A 52 -3.48 10.83 7.61
C PRO A 52 -3.16 9.83 8.72
N GLY A 53 -3.02 10.33 9.95
CA GLY A 53 -2.72 9.55 11.16
C GLY A 53 -3.61 8.32 11.39
N THR A 54 -4.86 8.35 10.94
CA THR A 54 -5.76 7.19 10.91
C THR A 54 -6.60 7.12 9.63
N TRP A 55 -7.13 5.93 9.30
CA TRP A 55 -7.94 5.66 8.11
C TRP A 55 -8.84 4.41 8.29
N LEU A 56 -10.03 4.39 7.69
CA LEU A 56 -10.98 3.28 7.79
C LEU A 56 -10.47 2.03 7.04
N CYS A 57 -10.39 0.90 7.75
CA CYS A 57 -9.91 -0.38 7.22
C CYS A 57 -11.05 -1.24 6.65
N ARG A 58 -10.69 -2.25 5.84
CA ARG A 58 -11.66 -3.12 5.14
C ARG A 58 -12.48 -4.05 6.06
N ASN A 59 -12.09 -4.16 7.34
CA ASN A 59 -12.88 -4.79 8.41
C ASN A 59 -14.15 -3.99 8.78
N GLY A 60 -14.21 -2.70 8.39
CA GLY A 60 -15.25 -1.75 8.76
C GLY A 60 -14.95 -0.98 10.06
N MET A 61 -13.71 -1.04 10.55
CA MET A 61 -13.24 -0.35 11.76
C MET A 61 -12.19 0.71 11.42
N GLU A 62 -12.16 1.81 12.18
CA GLU A 62 -11.16 2.87 12.07
C GLU A 62 -9.77 2.35 12.49
N GLY A 63 -8.87 2.19 11.52
CA GLY A 63 -7.49 1.78 11.75
C GLY A 63 -6.54 2.95 12.04
N THR A 64 -5.50 2.72 12.84
CA THR A 64 -4.44 3.71 13.12
C THR A 64 -3.12 3.34 12.44
N LEU A 65 -2.45 4.35 11.87
CA LEU A 65 -1.26 4.20 11.02
C LEU A 65 -0.10 3.52 11.78
N ILE A 66 0.41 2.40 11.25
CA ILE A 66 1.62 1.70 11.70
C ILE A 66 2.58 1.42 10.54
N GLU A 67 3.86 1.26 10.84
CA GLU A 67 4.89 0.85 9.87
C GLU A 67 4.81 -0.66 9.55
N GLY A 68 5.02 -1.02 8.27
CA GLY A 68 5.00 -2.41 7.81
C GLY A 68 6.18 -3.28 8.27
N ASP A 69 7.30 -2.66 8.67
CA ASP A 69 8.51 -3.25 9.21
C ASP A 69 9.34 -4.12 8.23
N LEU A 70 10.63 -4.19 8.52
CA LEU A 70 11.64 -5.06 7.91
C LEU A 70 11.39 -6.56 8.23
N PRO A 71 11.96 -7.53 7.46
CA PRO A 71 13.03 -7.37 6.46
C PRO A 71 12.60 -6.88 5.07
N GLU A 72 11.33 -7.05 4.67
CA GLU A 72 10.88 -6.84 3.28
C GLU A 72 9.68 -5.88 3.14
N PRO A 73 9.87 -4.57 3.37
CA PRO A 73 8.91 -3.55 2.95
C PRO A 73 8.92 -3.41 1.40
N LYS A 74 7.76 -3.07 0.82
CA LYS A 74 7.60 -2.81 -0.63
C LYS A 74 6.59 -1.69 -0.91
N LYS A 75 6.94 -0.79 -1.84
CA LYS A 75 6.18 0.42 -2.27
C LYS A 75 5.51 1.20 -1.12
N VAL A 76 6.21 1.31 0.02
CA VAL A 76 5.71 1.92 1.26
C VAL A 76 5.69 3.45 1.21
N LYS A 77 4.98 4.08 2.16
CA LYS A 77 5.06 5.53 2.43
C LYS A 77 6.49 5.98 2.80
N PRO A 78 6.83 7.28 2.66
CA PRO A 78 8.09 7.85 3.17
C PRO A 78 8.24 7.71 4.70
N PRO A 79 9.45 7.86 5.28
CA PRO A 79 10.73 8.11 4.60
C PRO A 79 11.23 6.90 3.77
N ARG A 80 12.11 7.18 2.80
CA ARG A 80 12.76 6.19 1.93
C ARG A 80 14.21 6.54 1.56
N SER A 1 -13.43 -19.12 -12.26
CA SER A 1 -13.18 -18.68 -13.65
C SER A 1 -13.92 -17.38 -13.97
N MET A 2 -13.37 -16.45 -14.76
CA MET A 2 -12.05 -16.49 -15.42
C MET A 2 -10.88 -16.32 -14.43
N ALA A 3 -11.09 -15.53 -13.37
CA ALA A 3 -10.21 -15.47 -12.19
C ALA A 3 -10.56 -16.56 -11.15
N ASP A 4 -9.68 -16.95 -10.23
CA ASP A 4 -8.26 -16.55 -10.09
C ASP A 4 -7.30 -17.41 -10.95
N ARG A 5 -6.12 -16.90 -11.31
CA ARG A 5 -5.58 -15.53 -11.14
C ARG A 5 -6.25 -14.49 -12.05
N VAL A 6 -6.00 -13.20 -11.80
CA VAL A 6 -6.46 -12.07 -12.61
C VAL A 6 -5.53 -11.83 -13.82
N LEU A 7 -6.01 -11.04 -14.77
CA LEU A 7 -5.30 -10.58 -15.97
C LEU A 7 -4.69 -11.72 -16.81
N ARG A 8 -5.47 -12.77 -17.07
CA ARG A 8 -5.09 -13.97 -17.87
C ARG A 8 -5.18 -13.68 -19.38
N GLY A 9 -4.52 -12.61 -19.81
CA GLY A 9 -4.76 -11.94 -21.09
C GLY A 9 -5.97 -10.99 -21.07
N SER A 10 -6.90 -11.16 -20.12
CA SER A 10 -7.99 -10.22 -19.84
C SER A 10 -7.44 -8.85 -19.44
N ARG A 11 -7.97 -7.78 -20.08
CA ARG A 11 -7.51 -6.37 -19.93
C ARG A 11 -5.99 -6.15 -20.13
N LEU A 12 -5.32 -7.06 -20.84
CA LEU A 12 -3.85 -7.11 -21.00
C LEU A 12 -3.39 -7.45 -22.43
N GLY A 13 -4.12 -8.32 -23.13
CA GLY A 13 -3.69 -8.90 -24.41
C GLY A 13 -2.54 -9.91 -24.28
N ALA A 14 -1.97 -10.34 -25.40
CA ALA A 14 -0.80 -11.22 -25.44
C ALA A 14 0.48 -10.46 -25.06
N VAL A 15 1.29 -11.04 -24.17
CA VAL A 15 2.55 -10.47 -23.64
C VAL A 15 3.66 -11.52 -23.57
N SER A 16 4.90 -11.07 -23.75
CA SER A 16 6.12 -11.90 -23.84
C SER A 16 7.32 -11.23 -23.16
N TYR A 17 8.14 -12.02 -22.47
CA TYR A 17 9.36 -11.57 -21.78
C TYR A 17 10.39 -12.72 -21.67
N GLU A 18 11.68 -12.38 -21.67
CA GLU A 18 12.80 -13.34 -21.64
C GLU A 18 13.20 -13.70 -20.20
N THR A 19 12.23 -14.21 -19.42
CA THR A 19 12.36 -14.55 -17.99
C THR A 19 12.88 -13.38 -17.12
N ASP A 20 12.49 -12.15 -17.48
CA ASP A 20 12.92 -10.90 -16.84
C ASP A 20 12.32 -10.74 -15.43
N ARG A 21 13.17 -10.37 -14.45
CA ARG A 21 12.79 -10.12 -13.05
C ARG A 21 12.24 -8.70 -12.80
N ASN A 22 12.50 -7.75 -13.72
CA ASN A 22 12.02 -6.36 -13.60
C ASN A 22 10.47 -6.27 -13.71
N HIS A 23 9.89 -5.29 -13.01
CA HIS A 23 8.44 -5.02 -12.97
C HIS A 23 8.13 -3.51 -12.99
N ASP A 24 6.89 -3.15 -13.33
CA ASP A 24 6.41 -1.77 -13.38
C ASP A 24 6.34 -1.10 -12.00
N LEU A 25 6.38 0.24 -12.01
CA LEU A 25 6.21 1.12 -10.84
C LEU A 25 5.16 2.21 -11.12
N ALA A 26 4.51 2.71 -10.06
CA ALA A 26 3.45 3.71 -10.13
C ALA A 26 3.59 4.78 -9.02
N PRO A 27 3.07 6.01 -9.23
CA PRO A 27 3.18 7.14 -8.28
C PRO A 27 2.19 7.00 -7.09
N ARG A 28 2.44 6.01 -6.22
CA ARG A 28 1.62 5.68 -5.04
C ARG A 28 2.41 5.30 -3.79
N GLN A 29 1.72 5.31 -2.65
CA GLN A 29 2.22 5.12 -1.28
C GLN A 29 1.30 4.17 -0.51
N ILE A 30 1.70 2.91 -0.37
CA ILE A 30 0.99 1.90 0.41
C ILE A 30 1.39 2.02 1.88
N ALA A 31 0.48 2.54 2.70
CA ALA A 31 0.57 2.52 4.16
C ALA A 31 -0.21 1.34 4.76
N ARG A 32 0.03 1.03 6.03
CA ARG A 32 -0.73 0.06 6.84
C ARG A 32 -1.45 0.75 7.99
N TYR A 33 -2.60 0.20 8.38
CA TYR A 33 -3.37 0.68 9.53
C TYR A 33 -3.94 -0.50 10.35
N ARG A 34 -3.97 -0.34 11.67
CA ARG A 34 -4.38 -1.33 12.67
C ARG A 34 -5.72 -0.95 13.30
N THR A 35 -6.70 -1.84 13.24
CA THR A 35 -8.04 -1.67 13.83
C THR A 35 -8.01 -1.88 15.34
N ASP A 36 -9.15 -1.67 16.00
CA ASP A 36 -9.27 -1.81 17.46
C ASP A 36 -9.40 -3.28 17.91
N ASN A 37 -9.62 -4.18 16.94
CA ASN A 37 -9.69 -5.63 17.12
C ASN A 37 -8.33 -6.30 16.80
N GLY A 38 -7.26 -5.50 16.64
CA GLY A 38 -5.89 -5.92 16.29
C GLY A 38 -5.65 -6.14 14.80
N GLU A 39 -6.66 -5.95 13.97
CA GLU A 39 -6.66 -6.37 12.58
C GLU A 39 -5.96 -5.33 11.72
N GLU A 40 -4.88 -5.72 11.05
CA GLU A 40 -4.08 -4.81 10.22
C GLU A 40 -4.39 -4.99 8.73
N PHE A 41 -4.63 -3.86 8.06
CA PHE A 41 -4.93 -3.76 6.63
C PHE A 41 -4.01 -2.76 5.93
N GLU A 42 -3.93 -2.85 4.61
CA GLU A 42 -3.10 -1.99 3.76
C GLU A 42 -3.95 -1.03 2.92
N VAL A 43 -3.52 0.23 2.84
CA VAL A 43 -4.20 1.31 2.09
C VAL A 43 -3.24 1.99 1.11
N PRO A 44 -3.40 1.80 -0.23
CA PRO A 44 -2.72 2.56 -1.26
C PRO A 44 -3.25 4.00 -1.38
N PHE A 45 -2.35 4.96 -1.27
CA PHE A 45 -2.56 6.39 -1.55
C PHE A 45 -1.86 6.82 -2.83
N ALA A 46 -2.46 7.69 -3.62
CA ALA A 46 -1.84 8.28 -4.81
C ALA A 46 -0.92 9.46 -4.43
N ASP A 47 0.03 9.83 -5.29
CA ASP A 47 0.96 10.96 -5.07
C ASP A 47 0.24 12.33 -4.92
N ASP A 48 -1.00 12.43 -5.40
CA ASP A 48 -1.88 13.59 -5.19
C ASP A 48 -2.41 13.72 -3.74
N ALA A 49 -2.26 12.67 -2.93
CA ALA A 49 -2.64 12.57 -1.52
C ALA A 49 -1.44 12.32 -0.59
N GLU A 50 -1.60 12.59 0.70
CA GLU A 50 -0.63 12.29 1.77
C GLU A 50 -1.30 11.58 2.95
N ILE A 51 -0.61 10.59 3.50
CA ILE A 51 -1.04 9.65 4.55
C ILE A 51 -1.54 10.39 5.80
N PRO A 52 -2.85 10.37 6.09
CA PRO A 52 -3.39 10.82 7.35
C PRO A 52 -3.06 9.82 8.48
N GLY A 53 -2.93 10.34 9.71
CA GLY A 53 -2.64 9.58 10.93
C GLY A 53 -3.52 8.34 11.16
N THR A 54 -4.78 8.38 10.69
CA THR A 54 -5.67 7.22 10.68
C THR A 54 -6.51 7.10 9.40
N TRP A 55 -7.04 5.92 9.11
CA TRP A 55 -7.85 5.61 7.92
C TRP A 55 -8.77 4.39 8.12
N LEU A 56 -9.95 4.35 7.49
CA LEU A 56 -10.92 3.26 7.61
C LEU A 56 -10.42 1.98 6.93
N CYS A 57 -10.40 0.88 7.68
CA CYS A 57 -9.92 -0.44 7.23
C CYS A 57 -11.05 -1.34 6.73
N ARG A 58 -10.70 -2.42 5.99
CA ARG A 58 -11.66 -3.33 5.35
C ARG A 58 -12.46 -4.20 6.34
N ASN A 59 -12.06 -4.27 7.61
CA ASN A 59 -12.89 -4.86 8.68
C ASN A 59 -14.13 -4.00 9.02
N GLY A 60 -14.12 -2.72 8.60
CA GLY A 60 -15.18 -1.73 8.86
C GLY A 60 -14.92 -0.87 10.10
N MET A 61 -13.70 -0.88 10.64
CA MET A 61 -13.24 -0.09 11.77
C MET A 61 -12.18 0.94 11.35
N GLU A 62 -12.19 2.12 11.98
CA GLU A 62 -11.11 3.11 11.87
C GLU A 62 -9.78 2.51 12.33
N GLY A 63 -8.86 2.29 11.39
CA GLY A 63 -7.50 1.84 11.64
C GLY A 63 -6.55 3.01 11.91
N THR A 64 -5.55 2.79 12.75
CA THR A 64 -4.48 3.79 13.01
C THR A 64 -3.18 3.38 12.33
N LEU A 65 -2.45 4.35 11.77
CA LEU A 65 -1.21 4.16 11.03
C LEU A 65 -0.12 3.50 11.88
N ILE A 66 0.41 2.35 11.44
CA ILE A 66 1.49 1.58 12.08
C ILE A 66 2.63 1.24 11.13
N GLU A 67 3.83 1.02 11.67
CA GLU A 67 4.98 0.47 10.94
C GLU A 67 4.86 -1.06 10.78
N GLY A 68 5.32 -1.58 9.63
CA GLY A 68 5.37 -3.02 9.33
C GLY A 68 5.70 -3.31 7.86
N ASP A 69 5.17 -2.49 6.95
CA ASP A 69 5.58 -2.39 5.54
C ASP A 69 5.39 -0.95 5.05
N LEU A 70 6.45 -0.34 4.52
CA LEU A 70 6.53 1.07 4.14
C LEU A 70 6.81 1.22 2.63
N PRO A 71 6.38 2.33 1.98
CA PRO A 71 6.60 2.60 0.55
C PRO A 71 8.01 3.16 0.25
N GLU A 72 9.02 2.64 0.96
CA GLU A 72 10.42 3.12 1.01
C GLU A 72 10.57 4.66 0.98
N PRO A 73 9.99 5.39 1.97
CA PRO A 73 10.12 6.85 2.05
C PRO A 73 11.58 7.25 2.28
N LYS A 74 12.03 8.30 1.59
CA LYS A 74 13.44 8.74 1.46
C LYS A 74 14.46 7.62 1.18
N LYS A 75 14.03 6.52 0.53
CA LYS A 75 14.77 5.24 0.37
C LYS A 75 15.34 4.72 1.70
N VAL A 76 14.55 4.86 2.77
CA VAL A 76 14.81 4.44 4.17
C VAL A 76 16.16 4.94 4.73
N LYS A 77 16.64 6.12 4.26
CA LYS A 77 17.87 6.76 4.76
C LYS A 77 17.73 7.25 6.22
N PRO A 78 18.84 7.48 6.98
CA PRO A 78 20.26 7.35 6.60
C PRO A 78 20.71 5.92 6.24
N PRO A 79 21.86 5.74 5.55
CA PRO A 79 22.40 4.43 5.17
C PRO A 79 22.63 3.46 6.36
N ARG A 80 22.53 2.15 6.08
CA ARG A 80 22.44 1.07 7.09
C ARG A 80 23.36 -0.11 6.78
N SER A 1 -25.06 -12.30 -18.73
CA SER A 1 -25.73 -12.50 -17.42
C SER A 1 -24.71 -12.77 -16.31
N MET A 2 -25.11 -12.60 -15.04
CA MET A 2 -24.25 -12.81 -13.87
C MET A 2 -23.88 -14.29 -13.65
N ALA A 3 -22.68 -14.54 -13.11
CA ALA A 3 -22.12 -15.86 -12.80
C ALA A 3 -22.06 -16.86 -14.00
N ASP A 4 -22.08 -16.36 -15.24
CA ASP A 4 -22.04 -17.18 -16.46
C ASP A 4 -20.63 -17.75 -16.72
N ARG A 5 -20.40 -18.98 -16.21
CA ARG A 5 -19.09 -19.68 -16.19
C ARG A 5 -19.25 -21.17 -16.54
N VAL A 6 -18.16 -21.81 -16.95
CA VAL A 6 -18.13 -23.24 -17.35
C VAL A 6 -17.98 -24.15 -16.12
N LEU A 7 -18.95 -24.06 -15.21
CA LEU A 7 -19.08 -24.80 -13.94
C LEU A 7 -17.90 -24.66 -12.94
N ARG A 8 -16.95 -23.74 -13.19
CA ARG A 8 -15.74 -23.48 -12.39
C ARG A 8 -15.29 -22.03 -12.52
N GLY A 9 -14.75 -21.46 -11.44
CA GLY A 9 -14.26 -20.07 -11.41
C GLY A 9 -13.65 -19.61 -10.08
N SER A 10 -13.00 -20.51 -9.33
CA SER A 10 -12.55 -20.28 -7.94
C SER A 10 -11.52 -19.14 -7.81
N ARG A 11 -10.74 -18.87 -8.86
CA ARG A 11 -9.74 -17.77 -8.92
C ARG A 11 -10.35 -16.37 -9.13
N LEU A 12 -11.66 -16.30 -9.45
CA LEU A 12 -12.44 -15.11 -9.84
C LEU A 12 -11.96 -14.45 -11.15
N GLY A 13 -12.90 -14.24 -12.08
CA GLY A 13 -12.65 -13.64 -13.40
C GLY A 13 -12.66 -12.10 -13.40
N ALA A 14 -11.79 -11.50 -14.21
CA ALA A 14 -11.58 -10.05 -14.35
C ALA A 14 -11.22 -9.31 -13.03
N VAL A 15 -11.18 -7.98 -13.07
CA VAL A 15 -10.84 -7.08 -11.95
C VAL A 15 -11.87 -5.95 -11.79
N SER A 16 -11.95 -5.40 -10.58
CA SER A 16 -12.90 -4.35 -10.19
C SER A 16 -12.20 -3.04 -9.76
N TYR A 17 -10.92 -2.90 -10.10
CA TYR A 17 -9.97 -1.90 -9.59
C TYR A 17 -8.82 -1.66 -10.57
N GLU A 18 -8.16 -0.50 -10.44
CA GLU A 18 -7.11 -0.03 -11.35
C GLU A 18 -5.92 -1.02 -11.41
N THR A 19 -5.78 -1.69 -12.55
CA THR A 19 -4.79 -2.76 -12.79
C THR A 19 -4.04 -2.52 -14.10
N ASP A 20 -2.71 -2.36 -14.02
CA ASP A 20 -1.86 -2.08 -15.19
C ASP A 20 -1.86 -3.20 -16.24
N ARG A 21 -1.82 -2.86 -17.54
CA ARG A 21 -1.68 -1.53 -18.19
C ARG A 21 -3.01 -0.83 -18.51
N ASN A 22 -4.14 -1.40 -18.06
CA ASN A 22 -5.47 -0.80 -18.15
C ASN A 22 -5.66 0.32 -17.08
N HIS A 23 -6.78 1.03 -17.16
CA HIS A 23 -7.21 2.12 -16.27
C HIS A 23 -6.24 3.34 -16.25
N ASP A 24 -6.55 4.34 -15.40
CA ASP A 24 -5.58 5.38 -15.04
C ASP A 24 -4.53 4.84 -14.06
N LEU A 25 -3.29 5.33 -14.16
CA LEU A 25 -2.13 4.87 -13.40
C LEU A 25 -1.28 6.06 -12.92
N ALA A 26 -0.81 5.99 -11.68
CA ALA A 26 0.05 6.99 -11.04
C ALA A 26 1.04 6.36 -10.04
N PRO A 27 2.12 7.07 -9.63
CA PRO A 27 2.97 6.68 -8.50
C PRO A 27 2.18 6.72 -7.19
N ARG A 28 2.53 5.80 -6.28
CA ARG A 28 1.77 5.51 -5.06
C ARG A 28 2.62 5.24 -3.81
N GLN A 29 1.95 5.25 -2.66
CA GLN A 29 2.47 5.06 -1.30
C GLN A 29 1.54 4.10 -0.54
N ILE A 30 2.04 2.94 -0.14
CA ILE A 30 1.30 1.96 0.64
C ILE A 30 1.50 2.25 2.13
N ALA A 31 0.46 2.73 2.80
CA ALA A 31 0.40 2.78 4.26
C ALA A 31 -0.36 1.56 4.80
N ARG A 32 -0.20 1.25 6.09
CA ARG A 32 -0.94 0.21 6.81
C ARG A 32 -1.63 0.80 8.02
N TYR A 33 -2.74 0.22 8.43
CA TYR A 33 -3.53 0.67 9.59
C TYR A 33 -4.04 -0.50 10.44
N ARG A 34 -3.95 -0.37 11.77
CA ARG A 34 -4.39 -1.37 12.76
C ARG A 34 -5.71 -0.97 13.42
N THR A 35 -6.71 -1.85 13.32
CA THR A 35 -8.07 -1.65 13.86
C THR A 35 -8.12 -1.87 15.37
N ASP A 36 -9.31 -1.69 15.95
CA ASP A 36 -9.50 -1.82 17.39
C ASP A 36 -9.46 -3.27 17.90
N ASN A 37 -9.59 -4.27 17.01
CA ASN A 37 -9.37 -5.68 17.41
C ASN A 37 -7.92 -6.15 17.20
N GLY A 38 -7.02 -5.25 16.77
CA GLY A 38 -5.66 -5.56 16.31
C GLY A 38 -5.57 -6.03 14.86
N GLU A 39 -6.67 -5.99 14.10
CA GLU A 39 -6.70 -6.45 12.71
C GLU A 39 -5.99 -5.40 11.84
N GLU A 40 -4.92 -5.77 11.14
CA GLU A 40 -4.13 -4.83 10.32
C GLU A 40 -4.44 -4.99 8.82
N PHE A 41 -4.67 -3.85 8.16
CA PHE A 41 -4.99 -3.75 6.72
C PHE A 41 -4.07 -2.73 6.03
N GLU A 42 -4.02 -2.82 4.70
CA GLU A 42 -3.19 -1.98 3.84
C GLU A 42 -4.04 -1.00 3.03
N VAL A 43 -3.59 0.25 2.91
CA VAL A 43 -4.24 1.31 2.13
C VAL A 43 -3.22 1.97 1.18
N PRO A 44 -3.31 1.74 -0.14
CA PRO A 44 -2.58 2.48 -1.15
C PRO A 44 -3.10 3.91 -1.30
N PHE A 45 -2.18 4.87 -1.26
CA PHE A 45 -2.39 6.30 -1.52
C PHE A 45 -1.65 6.75 -2.78
N ALA A 46 -2.20 7.68 -3.55
CA ALA A 46 -1.56 8.23 -4.75
C ALA A 46 -0.63 9.40 -4.39
N ASP A 47 0.36 9.69 -5.24
CA ASP A 47 1.40 10.70 -5.00
C ASP A 47 0.84 12.14 -4.84
N ASP A 48 -0.38 12.38 -5.32
CA ASP A 48 -1.09 13.66 -5.15
C ASP A 48 -1.81 13.80 -3.80
N ALA A 49 -1.89 12.71 -3.05
CA ALA A 49 -2.47 12.60 -1.71
C ALA A 49 -1.38 12.52 -0.61
N GLU A 50 -1.80 12.53 0.65
CA GLU A 50 -0.98 12.26 1.83
C GLU A 50 -1.68 11.28 2.78
N ILE A 51 -0.90 10.64 3.66
CA ILE A 51 -1.32 9.68 4.68
C ILE A 51 -1.77 10.42 5.96
N PRO A 52 -3.05 10.41 6.27
CA PRO A 52 -3.57 10.85 7.57
C PRO A 52 -3.20 9.84 8.67
N GLY A 53 -3.06 10.34 9.91
CA GLY A 53 -2.74 9.55 11.12
C GLY A 53 -3.62 8.32 11.33
N THR A 54 -4.87 8.34 10.87
CA THR A 54 -5.76 7.17 10.86
C THR A 54 -6.61 7.08 9.58
N TRP A 55 -7.11 5.88 9.26
CA TRP A 55 -7.94 5.59 8.08
C TRP A 55 -8.81 4.34 8.28
N LEU A 56 -10.00 4.29 7.67
CA LEU A 56 -10.95 3.18 7.79
C LEU A 56 -10.42 1.92 7.08
N CYS A 57 -10.38 0.79 7.80
CA CYS A 57 -9.88 -0.49 7.30
C CYS A 57 -10.99 -1.35 6.68
N ARG A 58 -10.60 -2.40 5.93
CA ARG A 58 -11.53 -3.28 5.20
C ARG A 58 -12.40 -4.17 6.12
N ASN A 59 -12.06 -4.26 7.42
CA ASN A 59 -12.89 -4.86 8.47
C ASN A 59 -14.14 -4.01 8.81
N GLY A 60 -14.16 -2.73 8.41
CA GLY A 60 -15.20 -1.76 8.75
C GLY A 60 -14.93 -0.98 10.05
N MET A 61 -13.70 -1.05 10.57
CA MET A 61 -13.25 -0.35 11.78
C MET A 61 -12.21 0.72 11.46
N GLU A 62 -12.19 1.81 12.22
CA GLU A 62 -11.18 2.87 12.13
C GLU A 62 -9.80 2.34 12.54
N GLY A 63 -8.90 2.21 11.57
CA GLY A 63 -7.51 1.78 11.77
C GLY A 63 -6.56 2.94 12.03
N THR A 64 -5.51 2.71 12.82
CA THR A 64 -4.45 3.69 13.10
C THR A 64 -3.13 3.32 12.42
N LEU A 65 -2.46 4.32 11.85
CA LEU A 65 -1.26 4.19 11.01
C LEU A 65 -0.08 3.46 11.67
N ILE A 66 0.39 2.40 11.01
CA ILE A 66 1.65 1.69 11.22
C ILE A 66 2.41 1.56 9.89
N GLU A 67 3.73 1.41 9.93
CA GLU A 67 4.58 1.36 8.71
C GLU A 67 4.18 0.21 7.75
N GLY A 68 3.66 0.56 6.57
CA GLY A 68 3.44 -0.36 5.45
C GLY A 68 4.67 -0.44 4.53
N ASP A 69 4.92 0.64 3.79
CA ASP A 69 6.09 0.81 2.91
C ASP A 69 6.68 2.24 2.99
N LEU A 70 6.36 2.98 4.06
CA LEU A 70 6.66 4.40 4.26
C LEU A 70 7.35 4.62 5.63
N PRO A 71 8.68 4.84 5.67
CA PRO A 71 9.40 5.10 6.91
C PRO A 71 9.41 6.59 7.29
N GLU A 72 9.58 7.49 6.30
CA GLU A 72 9.66 8.94 6.49
C GLU A 72 8.96 9.76 5.37
N PRO A 73 7.63 9.61 5.16
CA PRO A 73 6.87 10.51 4.29
C PRO A 73 7.00 11.98 4.75
N LYS A 74 7.36 12.85 3.79
CA LYS A 74 7.95 14.19 4.07
C LYS A 74 7.67 15.28 3.02
N LYS A 75 6.74 15.06 2.08
CA LYS A 75 6.59 15.93 0.88
C LYS A 75 6.25 17.40 1.22
N VAL A 76 6.71 18.31 0.37
CA VAL A 76 6.37 19.74 0.42
C VAL A 76 4.89 20.00 0.06
N LYS A 77 4.35 21.13 0.52
CA LYS A 77 2.96 21.54 0.26
C LYS A 77 2.72 21.80 -1.25
N PRO A 78 1.65 21.26 -1.86
CA PRO A 78 1.34 21.48 -3.29
C PRO A 78 0.83 22.92 -3.57
N PRO A 79 0.92 23.40 -4.82
CA PRO A 79 0.53 24.77 -5.20
C PRO A 79 -0.99 24.99 -5.35
N ARG A 80 -1.80 23.92 -5.29
CA ARG A 80 -3.26 23.93 -5.47
C ARG A 80 -4.03 24.70 -4.37
N SER A 1 -7.87 -19.90 9.67
CA SER A 1 -6.80 -20.94 9.70
C SER A 1 -5.48 -20.39 9.17
N MET A 2 -5.40 -20.02 7.88
CA MET A 2 -4.26 -19.36 7.25
C MET A 2 -4.71 -18.16 6.38
N ALA A 3 -3.91 -17.10 6.22
CA ALA A 3 -2.60 -16.88 6.86
C ALA A 3 -2.71 -16.42 8.32
N ASP A 4 -3.65 -15.51 8.63
CA ASP A 4 -3.95 -15.00 9.98
C ASP A 4 -2.71 -14.54 10.79
N ARG A 5 -1.64 -14.10 10.10
CA ARG A 5 -0.32 -13.70 10.65
C ARG A 5 0.42 -14.80 11.45
N VAL A 6 0.05 -16.07 11.25
CA VAL A 6 0.61 -17.25 11.93
C VAL A 6 1.04 -18.36 10.95
N LEU A 7 1.83 -19.31 11.43
CA LEU A 7 2.34 -20.50 10.73
C LEU A 7 3.22 -20.18 9.48
N ARG A 8 3.77 -21.23 8.84
CA ARG A 8 4.55 -21.19 7.59
C ARG A 8 5.71 -20.17 7.59
N GLY A 9 6.43 -20.11 8.71
CA GLY A 9 7.59 -19.23 8.91
C GLY A 9 8.81 -19.59 8.05
N SER A 10 9.82 -18.72 8.06
CA SER A 10 11.02 -18.77 7.20
C SER A 10 12.08 -19.79 7.67
N ARG A 11 11.66 -21.03 7.96
CA ARG A 11 12.52 -22.14 8.42
C ARG A 11 13.54 -22.60 7.37
N LEU A 12 13.21 -22.43 6.08
CA LEU A 12 14.07 -22.69 4.92
C LEU A 12 13.91 -21.56 3.88
N GLY A 13 15.01 -21.16 3.24
CA GLY A 13 15.02 -20.10 2.22
C GLY A 13 14.36 -20.51 0.89
N ALA A 14 13.77 -19.53 0.19
CA ALA A 14 13.13 -19.69 -1.12
C ALA A 14 13.25 -18.41 -1.97
N VAL A 15 13.18 -18.54 -3.30
CA VAL A 15 13.30 -17.42 -4.27
C VAL A 15 11.94 -16.70 -4.44
N SER A 16 11.41 -16.17 -3.33
CA SER A 16 10.12 -15.47 -3.27
C SER A 16 10.25 -13.96 -3.52
N TYR A 17 11.27 -13.36 -2.87
CA TYR A 17 11.70 -11.95 -2.92
C TYR A 17 10.61 -10.87 -2.72
N GLU A 18 11.02 -9.60 -2.65
CA GLU A 18 10.13 -8.45 -2.49
C GLU A 18 9.57 -8.00 -3.85
N THR A 19 8.30 -8.33 -4.12
CA THR A 19 7.55 -7.81 -5.28
C THR A 19 7.33 -6.30 -5.14
N ASP A 20 7.68 -5.53 -6.16
CA ASP A 20 7.54 -4.07 -6.15
C ASP A 20 6.06 -3.65 -6.31
N ARG A 21 5.48 -3.07 -5.24
CA ARG A 21 4.09 -2.61 -5.19
C ARG A 21 3.82 -1.29 -5.92
N ASN A 22 4.86 -0.62 -6.43
CA ASN A 22 4.82 0.68 -7.12
C ASN A 22 5.50 0.60 -8.51
N HIS A 23 5.49 -0.58 -9.15
CA HIS A 23 6.26 -0.87 -10.37
C HIS A 23 5.71 -0.20 -11.64
N ASP A 24 4.39 -0.22 -11.84
CA ASP A 24 3.68 0.42 -12.95
C ASP A 24 3.55 1.95 -12.79
N LEU A 25 3.27 2.66 -13.90
CA LEU A 25 3.21 4.12 -13.96
C LEU A 25 1.87 4.68 -13.43
N ALA A 26 1.70 4.54 -12.12
CA ALA A 26 0.68 5.19 -11.29
C ALA A 26 1.26 5.41 -9.88
N PRO A 27 2.12 6.44 -9.68
CA PRO A 27 2.92 6.63 -8.48
C PRO A 27 2.10 6.73 -7.20
N ARG A 28 2.38 5.81 -6.28
CA ARG A 28 1.63 5.59 -5.04
C ARG A 28 2.49 5.26 -3.80
N GLN A 29 1.84 5.30 -2.63
CA GLN A 29 2.35 5.03 -1.29
C GLN A 29 1.39 4.04 -0.62
N ILE A 30 1.85 2.82 -0.40
CA ILE A 30 1.09 1.79 0.33
C ILE A 30 1.38 1.95 1.83
N ALA A 31 0.43 2.47 2.58
CA ALA A 31 0.49 2.54 4.05
C ALA A 31 -0.28 1.37 4.69
N ARG A 32 0.01 1.09 5.96
CA ARG A 32 -0.69 0.09 6.79
C ARG A 32 -1.41 0.77 7.95
N TYR A 33 -2.52 0.17 8.41
CA TYR A 33 -3.29 0.61 9.56
C TYR A 33 -3.83 -0.58 10.38
N ARG A 34 -3.87 -0.44 11.72
CA ARG A 34 -4.33 -1.44 12.69
C ARG A 34 -5.65 -1.01 13.33
N THR A 35 -6.66 -1.87 13.26
CA THR A 35 -8.02 -1.63 13.78
C THR A 35 -8.10 -1.85 15.29
N ASP A 36 -9.28 -1.63 15.86
CA ASP A 36 -9.50 -1.76 17.31
C ASP A 36 -9.50 -3.21 17.81
N ASN A 37 -9.64 -4.21 16.93
CA ASN A 37 -9.46 -5.63 17.31
C ASN A 37 -8.00 -6.12 17.11
N GLY A 38 -7.10 -5.24 16.68
CA GLY A 38 -5.75 -5.59 16.22
C GLY A 38 -5.68 -6.09 14.78
N GLU A 39 -6.76 -5.99 14.00
CA GLU A 39 -6.79 -6.43 12.61
C GLU A 39 -6.02 -5.42 11.74
N GLU A 40 -4.96 -5.83 11.07
CA GLU A 40 -4.10 -4.95 10.27
C GLU A 40 -4.39 -5.07 8.76
N PHE A 41 -4.58 -3.93 8.10
CA PHE A 41 -4.87 -3.81 6.67
C PHE A 41 -3.93 -2.82 5.97
N GLU A 42 -3.89 -2.88 4.64
CA GLU A 42 -3.12 -1.97 3.79
C GLU A 42 -4.05 -1.03 3.00
N VAL A 43 -3.64 0.24 2.91
CA VAL A 43 -4.33 1.30 2.15
C VAL A 43 -3.36 1.99 1.17
N PRO A 44 -3.52 1.79 -0.15
CA PRO A 44 -2.81 2.54 -1.18
C PRO A 44 -3.28 4.01 -1.25
N PHE A 45 -2.31 4.93 -1.25
CA PHE A 45 -2.48 6.37 -1.47
C PHE A 45 -1.74 6.83 -2.73
N ALA A 46 -2.31 7.76 -3.50
CA ALA A 46 -1.67 8.30 -4.71
C ALA A 46 -0.69 9.43 -4.36
N ASP A 47 0.26 9.73 -5.25
CA ASP A 47 1.24 10.83 -5.09
C ASP A 47 0.58 12.22 -4.97
N ASP A 48 -0.67 12.37 -5.42
CA ASP A 48 -1.51 13.57 -5.24
C ASP A 48 -2.04 13.73 -3.80
N ALA A 49 -1.92 12.69 -2.98
CA ALA A 49 -2.40 12.59 -1.59
C ALA A 49 -1.25 12.37 -0.58
N GLU A 50 -1.59 12.38 0.71
CA GLU A 50 -0.72 12.03 1.85
C GLU A 50 -1.45 11.10 2.83
N ILE A 51 -0.70 10.44 3.73
CA ILE A 51 -1.16 9.49 4.74
C ILE A 51 -1.58 10.25 6.01
N PRO A 52 -2.90 10.30 6.32
CA PRO A 52 -3.40 10.78 7.60
C PRO A 52 -3.04 9.79 8.73
N GLY A 53 -2.95 10.31 9.96
CA GLY A 53 -2.66 9.52 11.17
C GLY A 53 -3.55 8.27 11.36
N THR A 54 -4.79 8.30 10.87
CA THR A 54 -5.70 7.15 10.86
C THR A 54 -6.56 7.07 9.58
N TRP A 55 -7.10 5.89 9.26
CA TRP A 55 -7.93 5.63 8.08
C TRP A 55 -8.84 4.40 8.27
N LEU A 56 -10.03 4.40 7.66
CA LEU A 56 -11.00 3.29 7.75
C LEU A 56 -10.48 2.04 6.99
N CYS A 57 -10.39 0.91 7.71
CA CYS A 57 -9.88 -0.36 7.19
C CYS A 57 -10.99 -1.25 6.62
N ARG A 58 -10.58 -2.29 5.89
CA ARG A 58 -11.47 -3.20 5.15
C ARG A 58 -12.35 -4.07 6.05
N ASN A 59 -12.02 -4.16 7.35
CA ASN A 59 -12.85 -4.78 8.39
C ASN A 59 -14.13 -3.95 8.73
N GLY A 60 -14.16 -2.67 8.32
CA GLY A 60 -15.23 -1.72 8.68
C GLY A 60 -14.95 -0.94 9.97
N MET A 61 -13.70 -1.00 10.48
CA MET A 61 -13.25 -0.30 11.69
C MET A 61 -12.19 0.75 11.35
N GLU A 62 -12.14 1.84 12.11
CA GLU A 62 -11.11 2.87 12.00
C GLU A 62 -9.74 2.33 12.43
N GLY A 63 -8.85 2.16 11.46
CA GLY A 63 -7.46 1.74 11.68
C GLY A 63 -6.52 2.92 11.97
N THR A 64 -5.49 2.69 12.78
CA THR A 64 -4.43 3.67 13.06
C THR A 64 -3.12 3.29 12.37
N LEU A 65 -2.45 4.28 11.78
CA LEU A 65 -1.22 4.10 11.00
C LEU A 65 -0.10 3.47 11.84
N ILE A 66 0.43 2.32 11.41
CA ILE A 66 1.57 1.61 12.03
C ILE A 66 2.72 1.37 11.03
N GLU A 67 3.95 1.30 11.54
CA GLU A 67 5.17 1.10 10.74
C GLU A 67 5.47 -0.38 10.52
N GLY A 68 5.68 -0.76 9.26
CA GLY A 68 5.98 -2.13 8.83
C GLY A 68 5.72 -2.28 7.33
N ASP A 69 6.48 -1.53 6.52
CA ASP A 69 6.20 -1.22 5.13
C ASP A 69 7.50 -1.31 4.32
N LEU A 70 7.36 -1.63 3.05
CA LEU A 70 8.45 -1.75 2.06
C LEU A 70 9.33 -0.47 2.05
N PRO A 71 10.67 -0.58 2.06
CA PRO A 71 11.48 -1.80 1.89
C PRO A 71 11.67 -2.70 3.13
N GLU A 72 10.98 -2.44 4.24
CA GLU A 72 11.16 -3.13 5.53
C GLU A 72 9.86 -3.65 6.19
N PRO A 73 9.08 -4.55 5.55
CA PRO A 73 7.89 -5.17 6.14
C PRO A 73 8.28 -6.35 7.07
N LYS A 74 9.07 -6.03 8.10
CA LYS A 74 9.79 -6.99 8.96
C LYS A 74 9.82 -6.65 10.46
N LYS A 75 9.11 -5.59 10.87
CA LYS A 75 9.29 -4.89 12.17
C LYS A 75 8.54 -5.54 13.35
N VAL A 76 8.54 -6.87 13.39
CA VAL A 76 7.97 -7.73 14.46
C VAL A 76 8.88 -8.95 14.63
N LYS A 77 9.44 -9.15 15.82
CA LYS A 77 10.38 -10.24 16.17
C LYS A 77 10.06 -10.83 17.55
N PRO A 78 9.16 -11.83 17.64
CA PRO A 78 8.68 -12.38 18.92
C PRO A 78 9.81 -12.78 19.88
N PRO A 79 9.72 -12.46 21.19
CA PRO A 79 8.55 -11.92 21.91
C PRO A 79 8.23 -10.41 21.70
N ARG A 80 8.99 -9.69 20.86
CA ARG A 80 8.70 -8.30 20.44
C ARG A 80 8.23 -8.26 18.97
N SER A 1 13.58 -1.22 -41.95
CA SER A 1 13.69 -1.55 -40.52
C SER A 1 12.64 -2.59 -40.09
N MET A 2 12.86 -3.25 -38.95
CA MET A 2 11.96 -4.29 -38.42
C MET A 2 10.66 -3.70 -37.84
N ALA A 3 9.57 -4.48 -37.88
CA ALA A 3 8.28 -4.11 -37.29
C ALA A 3 8.31 -4.09 -35.76
N ASP A 4 7.45 -3.27 -35.14
CA ASP A 4 7.33 -3.11 -33.68
C ASP A 4 6.60 -4.32 -33.04
N ARG A 5 7.38 -5.32 -32.60
CA ARG A 5 6.91 -6.62 -32.08
C ARG A 5 7.74 -7.09 -30.88
N VAL A 6 7.24 -8.10 -30.16
CA VAL A 6 7.97 -8.84 -29.11
C VAL A 6 7.71 -10.35 -29.24
N LEU A 7 8.72 -11.18 -28.99
CA LEU A 7 8.72 -12.62 -29.25
C LEU A 7 8.22 -13.51 -28.10
N ARG A 8 8.13 -12.96 -26.88
CA ARG A 8 7.79 -13.67 -25.63
C ARG A 8 7.09 -12.72 -24.63
N GLY A 9 6.29 -13.28 -23.72
CA GLY A 9 5.39 -12.51 -22.85
C GLY A 9 4.18 -11.94 -23.61
N SER A 10 3.60 -10.85 -23.11
CA SER A 10 2.48 -10.14 -23.76
C SER A 10 2.55 -8.63 -23.50
N ARG A 11 2.16 -7.82 -24.49
CA ARG A 11 2.26 -6.34 -24.45
C ARG A 11 1.22 -5.68 -23.53
N LEU A 12 0.17 -6.42 -23.14
CA LEU A 12 -0.75 -6.04 -22.06
C LEU A 12 -0.29 -6.50 -20.66
N GLY A 13 0.92 -7.06 -20.56
CA GLY A 13 1.57 -7.53 -19.33
C GLY A 13 1.54 -9.05 -19.16
N ALA A 14 2.67 -9.61 -18.73
CA ALA A 14 2.84 -11.02 -18.37
C ALA A 14 3.92 -11.17 -17.27
N VAL A 15 3.81 -12.19 -16.41
CA VAL A 15 4.74 -12.45 -15.29
C VAL A 15 5.49 -13.77 -15.46
N SER A 16 6.81 -13.84 -15.25
CA SER A 16 7.76 -12.73 -15.07
C SER A 16 7.92 -11.87 -16.34
N TYR A 17 8.62 -10.73 -16.23
CA TYR A 17 8.40 -9.58 -17.11
C TYR A 17 9.52 -9.30 -18.10
N GLU A 18 9.12 -9.09 -19.36
CA GLU A 18 9.95 -8.59 -20.48
C GLU A 18 9.27 -7.44 -21.25
N THR A 19 8.08 -7.03 -20.81
CA THR A 19 7.17 -6.06 -21.46
C THR A 19 6.76 -4.88 -20.56
N ASP A 20 7.56 -4.60 -19.52
CA ASP A 20 7.30 -3.53 -18.54
C ASP A 20 7.49 -2.12 -19.14
N ARG A 21 6.78 -1.13 -18.60
CA ARG A 21 6.83 0.28 -19.04
C ARG A 21 8.16 0.96 -18.68
N ASN A 22 8.65 1.83 -19.57
CA ASN A 22 10.00 2.40 -19.50
C ASN A 22 10.22 3.34 -18.29
N HIS A 23 9.23 4.18 -17.97
CA HIS A 23 9.28 5.16 -16.87
C HIS A 23 7.88 5.36 -16.27
N ASP A 24 7.79 5.59 -14.97
CA ASP A 24 6.51 5.63 -14.24
C ASP A 24 5.74 6.94 -14.43
N LEU A 25 4.43 6.86 -14.22
CA LEU A 25 3.47 7.96 -14.26
C LEU A 25 2.45 7.79 -13.12
N ALA A 26 2.17 8.88 -12.41
CA ALA A 26 1.27 8.93 -11.24
C ALA A 26 1.60 7.86 -10.15
N PRO A 27 2.69 8.04 -9.38
CA PRO A 27 3.13 7.10 -8.35
C PRO A 27 2.14 6.94 -7.18
N ARG A 28 2.43 5.97 -6.30
CA ARG A 28 1.63 5.64 -5.11
C ARG A 28 2.46 5.30 -3.86
N GLN A 29 1.77 5.28 -2.72
CA GLN A 29 2.26 5.04 -1.36
C GLN A 29 1.34 4.03 -0.66
N ILE A 30 1.87 2.88 -0.31
CA ILE A 30 1.17 1.84 0.46
C ILE A 30 1.46 2.05 1.95
N ALA A 31 0.47 2.53 2.70
CA ALA A 31 0.50 2.56 4.17
C ALA A 31 -0.25 1.36 4.75
N ARG A 32 0.03 1.04 6.02
CA ARG A 32 -0.74 0.07 6.82
C ARG A 32 -1.47 0.78 7.96
N TYR A 33 -2.60 0.20 8.38
CA TYR A 33 -3.37 0.67 9.53
C TYR A 33 -3.92 -0.50 10.35
N ARG A 34 -3.92 -0.36 11.68
CA ARG A 34 -4.34 -1.37 12.67
C ARG A 34 -5.66 -0.98 13.32
N THR A 35 -6.65 -1.87 13.26
CA THR A 35 -8.00 -1.66 13.81
C THR A 35 -8.04 -1.89 15.32
N ASP A 36 -9.21 -1.70 15.94
CA ASP A 36 -9.36 -1.87 17.39
C ASP A 36 -9.33 -3.33 17.86
N ASN A 37 -9.50 -4.32 16.96
CA ASN A 37 -9.27 -5.73 17.32
C ASN A 37 -7.81 -6.18 17.08
N GLY A 38 -6.93 -5.26 16.64
CA GLY A 38 -5.58 -5.56 16.16
C GLY A 38 -5.50 -6.03 14.70
N GLU A 39 -6.62 -5.98 13.97
CA GLU A 39 -6.65 -6.41 12.56
C GLU A 39 -5.93 -5.37 11.71
N GLU A 40 -4.87 -5.75 11.00
CA GLU A 40 -4.09 -4.82 10.16
C GLU A 40 -4.42 -4.99 8.68
N PHE A 41 -4.65 -3.85 8.02
CA PHE A 41 -4.94 -3.74 6.58
C PHE A 41 -3.99 -2.74 5.89
N GLU A 42 -3.92 -2.81 4.57
CA GLU A 42 -3.10 -1.94 3.73
C GLU A 42 -3.99 -0.97 2.94
N VAL A 43 -3.61 0.31 2.92
CA VAL A 43 -4.32 1.37 2.19
C VAL A 43 -3.38 1.99 1.15
N PRO A 44 -3.61 1.78 -0.16
CA PRO A 44 -2.89 2.46 -1.23
C PRO A 44 -3.34 3.93 -1.35
N PHE A 45 -2.38 4.85 -1.39
CA PHE A 45 -2.57 6.29 -1.62
C PHE A 45 -1.83 6.77 -2.87
N ALA A 46 -2.42 7.66 -3.65
CA ALA A 46 -1.78 8.25 -4.83
C ALA A 46 -0.85 9.41 -4.45
N ASP A 47 0.10 9.77 -5.31
CA ASP A 47 1.05 10.89 -5.11
C ASP A 47 0.37 12.26 -4.94
N ASP A 48 -0.90 12.39 -5.37
CA ASP A 48 -1.75 13.57 -5.13
C ASP A 48 -2.24 13.70 -3.67
N ALA A 49 -2.08 12.63 -2.88
CA ALA A 49 -2.48 12.52 -1.47
C ALA A 49 -1.30 12.22 -0.54
N GLU A 50 -1.47 12.48 0.76
CA GLU A 50 -0.53 12.11 1.83
C GLU A 50 -1.25 11.44 3.01
N ILE A 51 -0.60 10.42 3.59
CA ILE A 51 -1.09 9.50 4.62
C ILE A 51 -1.55 10.26 5.87
N PRO A 52 -2.86 10.29 6.15
CA PRO A 52 -3.41 10.78 7.40
C PRO A 52 -3.11 9.80 8.54
N GLY A 53 -2.98 10.32 9.77
CA GLY A 53 -2.68 9.56 10.99
C GLY A 53 -3.58 8.34 11.24
N THR A 54 -4.84 8.38 10.78
CA THR A 54 -5.75 7.22 10.77
C THR A 54 -6.59 7.14 9.50
N TRP A 55 -7.12 5.95 9.19
CA TRP A 55 -7.93 5.66 7.99
C TRP A 55 -8.83 4.42 8.18
N LEU A 56 -10.01 4.38 7.55
CA LEU A 56 -10.96 3.26 7.68
C LEU A 56 -10.44 1.99 6.97
N CYS A 57 -10.39 0.88 7.71
CA CYS A 57 -9.92 -0.42 7.22
C CYS A 57 -11.05 -1.29 6.66
N ARG A 58 -10.70 -2.32 5.88
CA ARG A 58 -11.68 -3.22 5.21
C ARG A 58 -12.49 -4.09 6.17
N ASN A 59 -12.07 -4.21 7.44
CA ASN A 59 -12.87 -4.82 8.52
C ASN A 59 -14.14 -3.99 8.89
N GLY A 60 -14.17 -2.72 8.47
CA GLY A 60 -15.22 -1.75 8.80
C GLY A 60 -14.95 -0.94 10.08
N MET A 61 -13.71 -0.99 10.59
CA MET A 61 -13.26 -0.23 11.76
C MET A 61 -12.20 0.81 11.38
N GLU A 62 -12.17 1.94 12.08
CA GLU A 62 -11.13 2.97 11.93
C GLU A 62 -9.77 2.42 12.39
N GLY A 63 -8.87 2.22 11.42
CA GLY A 63 -7.49 1.81 11.66
C GLY A 63 -6.56 2.98 11.95
N THR A 64 -5.53 2.77 12.76
CA THR A 64 -4.47 3.77 13.02
C THR A 64 -3.17 3.38 12.34
N LEU A 65 -2.48 4.36 11.75
CA LEU A 65 -1.26 4.19 10.97
C LEU A 65 -0.14 3.56 11.84
N ILE A 66 0.38 2.40 11.41
CA ILE A 66 1.50 1.68 12.05
C ILE A 66 2.66 1.41 11.08
N GLU A 67 3.87 1.26 11.61
CA GLU A 67 5.01 0.71 10.87
C GLU A 67 4.86 -0.80 10.66
N GLY A 68 5.38 -1.32 9.54
CA GLY A 68 5.19 -2.71 9.11
C GLY A 68 5.86 -3.80 9.98
N ASP A 69 6.76 -3.40 10.87
CA ASP A 69 7.55 -4.22 11.82
C ASP A 69 8.53 -5.25 11.19
N LEU A 70 9.76 -5.28 11.71
CA LEU A 70 10.81 -6.25 11.37
C LEU A 70 11.43 -6.85 12.65
N PRO A 71 11.90 -8.13 12.63
CA PRO A 71 12.48 -8.81 13.79
C PRO A 71 13.96 -8.42 14.03
N GLU A 72 14.28 -7.11 13.88
CA GLU A 72 15.62 -6.52 13.86
C GLU A 72 16.67 -7.41 13.15
N PRO A 73 16.49 -7.74 11.85
CA PRO A 73 17.00 -8.95 11.19
C PRO A 73 18.35 -9.49 11.67
N LYS A 74 18.26 -10.57 12.45
CA LYS A 74 19.30 -11.23 13.25
C LYS A 74 19.00 -12.72 13.43
N LYS A 75 19.92 -13.49 14.04
CA LYS A 75 19.71 -14.90 14.41
C LYS A 75 18.54 -15.03 15.39
N VAL A 76 17.62 -15.98 15.13
CA VAL A 76 16.34 -16.11 15.85
C VAL A 76 16.54 -16.70 17.25
N LYS A 77 15.98 -16.03 18.27
CA LYS A 77 15.89 -16.48 19.67
C LYS A 77 14.54 -16.01 20.25
N PRO A 78 13.50 -16.87 20.35
CA PRO A 78 12.16 -16.47 20.80
C PRO A 78 12.11 -15.97 22.26
N PRO A 79 11.15 -15.10 22.62
CA PRO A 79 10.17 -14.43 21.74
C PRO A 79 10.80 -13.31 20.90
N ARG A 80 10.14 -12.96 19.78
CA ARG A 80 10.58 -11.91 18.85
C ARG A 80 10.50 -10.49 19.43
N SER A 1 -11.98 15.76 0.08
CA SER A 1 -11.60 14.33 -0.02
C SER A 1 -10.33 14.16 -0.86
N MET A 2 -9.56 13.08 -0.60
CA MET A 2 -8.28 12.78 -1.28
C MET A 2 -8.09 11.28 -1.62
N ALA A 3 -9.18 10.52 -1.75
CA ALA A 3 -9.19 9.07 -2.00
C ALA A 3 -8.86 8.67 -3.46
N ASP A 4 -8.22 9.55 -4.23
CA ASP A 4 -7.87 9.36 -5.65
C ASP A 4 -6.96 8.13 -5.88
N ARG A 5 -7.06 7.51 -7.06
CA ARG A 5 -6.45 6.20 -7.39
C ARG A 5 -5.42 6.26 -8.55
N VAL A 6 -4.72 7.39 -8.65
CA VAL A 6 -3.89 7.79 -9.82
C VAL A 6 -4.76 7.83 -11.09
N LEU A 7 -5.88 8.56 -11.01
CA LEU A 7 -6.89 8.65 -12.08
C LEU A 7 -6.56 9.78 -13.08
N ARG A 8 -6.78 9.60 -14.40
CA ARG A 8 -7.21 8.37 -15.10
C ARG A 8 -6.11 7.30 -15.04
N GLY A 9 -6.49 6.04 -14.81
CA GLY A 9 -5.56 4.93 -14.55
C GLY A 9 -4.60 4.64 -15.70
N SER A 10 -3.36 4.24 -15.39
CA SER A 10 -2.27 3.95 -16.33
C SER A 10 -2.63 2.87 -17.36
N ARG A 11 -2.25 3.07 -18.63
CA ARG A 11 -2.62 2.21 -19.78
C ARG A 11 -1.62 2.27 -20.94
N LEU A 12 -1.76 1.29 -21.85
CA LEU A 12 -0.96 1.03 -23.05
C LEU A 12 0.54 0.73 -22.82
N GLY A 13 1.14 -0.03 -23.75
CA GLY A 13 2.55 -0.41 -23.77
C GLY A 13 3.40 0.41 -24.75
N ALA A 14 4.61 -0.08 -25.04
CA ALA A 14 5.56 0.47 -26.02
C ALA A 14 5.92 1.97 -25.85
N VAL A 15 5.92 2.45 -24.60
CA VAL A 15 6.27 3.85 -24.25
C VAL A 15 7.78 4.10 -24.41
N SER A 16 8.16 5.27 -24.94
CA SER A 16 9.51 5.54 -25.45
C SER A 16 10.56 5.90 -24.37
N TYR A 17 10.13 6.06 -23.12
CA TYR A 17 10.91 6.64 -22.01
C TYR A 17 10.63 5.98 -20.64
N GLU A 18 9.95 4.84 -20.67
CA GLU A 18 9.67 3.92 -19.54
C GLU A 18 9.06 4.53 -18.26
N THR A 19 8.24 5.59 -18.38
CA THR A 19 7.40 6.13 -17.30
C THR A 19 5.95 6.37 -17.75
N ASP A 20 5.03 6.51 -16.80
CA ASP A 20 3.65 6.95 -17.05
C ASP A 20 3.49 8.43 -16.69
N ARG A 21 2.71 9.19 -17.47
CA ARG A 21 2.40 10.63 -17.33
C ARG A 21 3.60 11.55 -17.00
N ASN A 22 4.81 11.15 -17.42
CA ASN A 22 6.11 11.74 -17.07
C ASN A 22 6.39 11.86 -15.54
N HIS A 23 5.79 10.98 -14.73
CA HIS A 23 5.89 10.93 -13.26
C HIS A 23 6.16 9.50 -12.76
N ASP A 24 7.27 8.89 -13.21
CA ASP A 24 7.71 7.53 -12.85
C ASP A 24 6.70 6.42 -13.21
N LEU A 25 6.93 5.19 -12.73
CA LEU A 25 5.94 4.12 -12.72
C LEU A 25 5.39 3.93 -11.29
N ALA A 26 4.10 3.55 -11.19
CA ALA A 26 3.41 3.30 -9.92
C ALA A 26 3.56 4.42 -8.86
N PRO A 27 3.13 5.68 -9.14
CA PRO A 27 3.28 6.81 -8.22
C PRO A 27 2.26 6.76 -7.06
N ARG A 28 2.46 5.81 -6.14
CA ARG A 28 1.61 5.54 -4.97
C ARG A 28 2.41 5.16 -3.70
N GLN A 29 1.74 5.22 -2.55
CA GLN A 29 2.27 5.08 -1.19
C GLN A 29 1.39 4.13 -0.39
N ILE A 30 1.83 2.90 -0.21
CA ILE A 30 1.17 1.91 0.64
C ILE A 30 1.53 2.19 2.10
N ALA A 31 0.53 2.66 2.85
CA ALA A 31 0.54 2.66 4.31
C ALA A 31 -0.22 1.44 4.87
N ARG A 32 0.05 1.09 6.12
CA ARG A 32 -0.72 0.10 6.90
C ARG A 32 -1.48 0.80 8.02
N TYR A 33 -2.61 0.24 8.43
CA TYR A 33 -3.41 0.71 9.55
C TYR A 33 -3.94 -0.47 10.38
N ARG A 34 -3.93 -0.32 11.70
CA ARG A 34 -4.36 -1.34 12.68
C ARG A 34 -5.69 -0.96 13.32
N THR A 35 -6.67 -1.85 13.22
CA THR A 35 -8.02 -1.68 13.78
C THR A 35 -8.02 -1.92 15.29
N ASP A 36 -9.19 -1.75 15.93
CA ASP A 36 -9.32 -1.91 17.38
C ASP A 36 -9.27 -3.38 17.84
N ASN A 37 -9.45 -4.36 16.94
CA ASN A 37 -9.22 -5.78 17.28
C ASN A 37 -7.76 -6.23 17.07
N GLY A 38 -6.87 -5.31 16.64
CA GLY A 38 -5.51 -5.61 16.15
C GLY A 38 -5.44 -6.03 14.69
N GLU A 39 -6.55 -6.00 13.95
CA GLU A 39 -6.58 -6.42 12.55
C GLU A 39 -5.88 -5.36 11.70
N GLU A 40 -4.81 -5.71 10.99
CA GLU A 40 -4.06 -4.77 10.15
C GLU A 40 -4.39 -4.94 8.66
N PHE A 41 -4.64 -3.80 8.01
CA PHE A 41 -4.94 -3.69 6.58
C PHE A 41 -4.02 -2.65 5.90
N GLU A 42 -3.92 -2.75 4.57
CA GLU A 42 -3.08 -1.91 3.74
C GLU A 42 -3.91 -0.95 2.89
N VAL A 43 -3.52 0.32 2.88
CA VAL A 43 -4.18 1.37 2.10
C VAL A 43 -3.16 2.02 1.13
N PRO A 44 -3.29 1.80 -0.19
CA PRO A 44 -2.50 2.49 -1.20
C PRO A 44 -3.04 3.90 -1.47
N PHE A 45 -2.24 4.92 -1.21
CA PHE A 45 -2.50 6.34 -1.50
C PHE A 45 -1.81 6.78 -2.78
N ALA A 46 -2.43 7.65 -3.58
CA ALA A 46 -1.83 8.24 -4.77
C ALA A 46 -0.88 9.40 -4.40
N ASP A 47 0.08 9.73 -5.27
CA ASP A 47 1.05 10.82 -5.06
C ASP A 47 0.39 12.21 -4.90
N ASP A 48 -0.87 12.37 -5.37
CA ASP A 48 -1.69 13.58 -5.18
C ASP A 48 -2.24 13.72 -3.73
N ALA A 49 -2.13 12.66 -2.92
CA ALA A 49 -2.58 12.58 -1.53
C ALA A 49 -1.40 12.34 -0.54
N GLU A 50 -1.63 12.61 0.75
CA GLU A 50 -0.67 12.34 1.84
C GLU A 50 -1.35 11.62 3.01
N ILE A 51 -0.65 10.65 3.58
CA ILE A 51 -1.09 9.72 4.64
C ILE A 51 -1.57 10.47 5.89
N PRO A 52 -2.88 10.45 6.19
CA PRO A 52 -3.42 10.90 7.45
C PRO A 52 -3.06 9.94 8.59
N GLY A 53 -2.99 10.46 9.83
CA GLY A 53 -2.72 9.68 11.06
C GLY A 53 -3.60 8.43 11.24
N THR A 54 -4.83 8.43 10.72
CA THR A 54 -5.73 7.27 10.71
C THR A 54 -6.58 7.16 9.43
N TRP A 55 -7.10 5.96 9.13
CA TRP A 55 -7.90 5.64 7.94
C TRP A 55 -8.80 4.42 8.15
N LEU A 56 -9.98 4.37 7.53
CA LEU A 56 -10.93 3.25 7.65
C LEU A 56 -10.41 1.98 6.96
N CYS A 57 -10.38 0.86 7.70
CA CYS A 57 -9.91 -0.44 7.21
C CYS A 57 -11.04 -1.30 6.64
N ARG A 58 -10.68 -2.34 5.86
CA ARG A 58 -11.65 -3.24 5.20
C ARG A 58 -12.48 -4.11 6.15
N ASN A 59 -12.06 -4.24 7.41
CA ASN A 59 -12.84 -4.85 8.50
C ASN A 59 -14.11 -4.03 8.86
N GLY A 60 -14.15 -2.75 8.46
CA GLY A 60 -15.22 -1.79 8.78
C GLY A 60 -14.93 -0.99 10.06
N MET A 61 -13.70 -1.03 10.58
CA MET A 61 -13.26 -0.29 11.76
C MET A 61 -12.21 0.78 11.37
N GLU A 62 -12.20 1.90 12.09
CA GLU A 62 -11.18 2.94 11.95
C GLU A 62 -9.80 2.42 12.40
N GLY A 63 -8.90 2.26 11.44
CA GLY A 63 -7.52 1.84 11.67
C GLY A 63 -6.59 3.01 11.94
N THR A 64 -5.56 2.80 12.77
CA THR A 64 -4.51 3.80 13.02
C THR A 64 -3.19 3.42 12.35
N LEU A 65 -2.49 4.40 11.78
CA LEU A 65 -1.25 4.25 11.03
C LEU A 65 -0.12 3.59 11.84
N ILE A 66 0.42 2.47 11.33
CA ILE A 66 1.54 1.70 11.90
C ILE A 66 2.53 1.23 10.83
N GLU A 67 3.78 0.99 11.22
CA GLU A 67 4.71 0.13 10.46
C GLU A 67 4.58 -1.32 10.93
N GLY A 68 4.47 -2.27 9.99
CA GLY A 68 4.16 -3.67 10.30
C GLY A 68 5.32 -4.46 10.91
N ASP A 69 6.50 -4.41 10.25
CA ASP A 69 7.74 -5.10 10.64
C ASP A 69 7.58 -6.61 10.93
N LEU A 70 6.65 -7.28 10.24
CA LEU A 70 6.32 -8.70 10.45
C LEU A 70 7.37 -9.64 9.81
N PRO A 71 7.59 -10.85 10.38
CA PRO A 71 8.54 -11.85 9.88
C PRO A 71 7.97 -12.67 8.69
N GLU A 72 7.35 -11.98 7.73
CA GLU A 72 6.63 -12.51 6.55
C GLU A 72 5.76 -13.77 6.86
N PRO A 73 4.76 -13.66 7.76
CA PRO A 73 3.87 -14.77 8.13
C PRO A 73 2.88 -15.14 7.02
N LYS A 74 2.31 -16.35 7.12
CA LYS A 74 1.27 -16.90 6.22
C LYS A 74 0.20 -17.68 6.99
N LYS A 75 -0.82 -18.20 6.28
CA LYS A 75 -1.81 -19.16 6.79
C LYS A 75 -1.13 -20.48 7.20
N VAL A 76 -1.37 -20.91 8.44
CA VAL A 76 -0.81 -22.13 9.09
C VAL A 76 -1.86 -22.82 9.98
N LYS A 77 -3.15 -22.70 9.64
CA LYS A 77 -4.27 -23.10 10.52
C LYS A 77 -4.26 -24.60 10.92
N PRO A 78 -4.75 -24.93 12.12
CA PRO A 78 -5.26 -24.03 13.16
C PRO A 78 -4.14 -23.42 14.03
N PRO A 79 -4.34 -22.23 14.65
CA PRO A 79 -5.49 -21.32 14.50
C PRO A 79 -5.26 -20.16 13.52
N ARG A 80 -4.00 -19.85 13.17
CA ARG A 80 -3.58 -18.64 12.43
C ARG A 80 -3.74 -18.76 10.91
N SER A 1 -12.72 -15.85 18.45
CA SER A 1 -11.55 -16.44 17.78
C SER A 1 -11.80 -16.65 16.28
N MET A 2 -10.73 -16.65 15.47
CA MET A 2 -10.80 -16.91 14.03
C MET A 2 -11.12 -18.37 13.69
N ALA A 3 -11.61 -18.63 12.46
CA ALA A 3 -11.88 -19.97 11.96
C ALA A 3 -10.59 -20.79 11.71
N ASP A 4 -10.69 -22.12 11.82
CA ASP A 4 -9.56 -23.06 11.65
C ASP A 4 -9.29 -23.37 10.17
N ARG A 5 -8.87 -22.35 9.41
CA ARG A 5 -8.62 -22.39 7.96
C ARG A 5 -7.39 -21.58 7.54
N VAL A 6 -6.83 -21.89 6.37
CA VAL A 6 -5.66 -21.22 5.77
C VAL A 6 -5.75 -21.24 4.24
N LEU A 7 -5.23 -20.21 3.56
CA LEU A 7 -5.30 -20.09 2.09
C LEU A 7 -4.16 -20.82 1.37
N ARG A 8 -2.95 -20.83 1.96
CA ARG A 8 -1.69 -21.32 1.38
C ARG A 8 -1.01 -22.35 2.30
N GLY A 9 0.04 -23.01 1.80
CA GLY A 9 0.89 -23.90 2.61
C GLY A 9 0.24 -25.21 3.03
N SER A 10 -0.79 -25.69 2.33
CA SER A 10 -1.59 -26.87 2.70
C SER A 10 -0.77 -28.17 2.81
N ARG A 11 0.32 -28.29 2.03
CA ARG A 11 1.27 -29.42 2.06
C ARG A 11 2.37 -29.22 3.12
N LEU A 12 1.94 -29.03 4.37
CA LEU A 12 2.77 -28.79 5.56
C LEU A 12 3.77 -27.62 5.40
N GLY A 13 3.35 -26.56 4.71
CA GLY A 13 4.08 -25.31 4.49
C GLY A 13 3.80 -24.25 5.57
N ALA A 14 3.84 -22.98 5.18
CA ALA A 14 3.64 -21.81 6.05
C ALA A 14 2.86 -20.67 5.36
N VAL A 15 2.48 -19.66 6.16
CA VAL A 15 1.79 -18.40 5.80
C VAL A 15 0.45 -18.53 5.03
N SER A 16 -0.20 -17.39 4.77
CA SER A 16 -1.50 -17.29 4.11
C SER A 16 -1.63 -15.96 3.34
N TYR A 17 -2.07 -16.03 2.07
CA TYR A 17 -2.27 -14.86 1.20
C TYR A 17 -3.24 -15.17 0.04
N GLU A 18 -3.91 -14.15 -0.49
CA GLU A 18 -4.98 -14.24 -1.50
C GLU A 18 -4.49 -14.48 -2.93
N THR A 19 -3.17 -14.38 -3.14
CA THR A 19 -2.45 -14.56 -4.41
C THR A 19 -2.94 -13.61 -5.52
N ASP A 20 -3.04 -12.31 -5.20
CA ASP A 20 -3.28 -11.25 -6.19
C ASP A 20 -2.03 -11.03 -7.07
N ARG A 21 -2.22 -10.59 -8.32
CA ARG A 21 -1.20 -10.53 -9.39
C ARG A 21 -1.06 -9.15 -10.04
N ASN A 22 -1.63 -8.11 -9.42
CA ASN A 22 -1.57 -6.72 -9.92
C ASN A 22 -0.13 -6.16 -9.95
N HIS A 23 0.15 -5.30 -10.93
CA HIS A 23 1.49 -4.82 -11.31
C HIS A 23 1.48 -3.34 -11.74
N ASP A 24 0.60 -2.54 -11.15
CA ASP A 24 0.19 -1.22 -11.66
C ASP A 24 1.35 -0.22 -11.77
N LEU A 25 1.36 0.57 -12.85
CA LEU A 25 2.38 1.55 -13.18
C LEU A 25 1.94 2.99 -12.87
N ALA A 26 1.86 3.28 -11.57
CA ALA A 26 1.43 4.56 -11.00
C ALA A 26 2.22 4.94 -9.73
N PRO A 27 2.50 6.24 -9.49
CA PRO A 27 3.18 6.71 -8.29
C PRO A 27 2.24 6.69 -7.08
N ARG A 28 2.49 5.78 -6.14
CA ARG A 28 1.68 5.56 -4.94
C ARG A 28 2.49 5.25 -3.66
N GLN A 29 1.82 5.35 -2.51
CA GLN A 29 2.32 5.27 -1.15
C GLN A 29 1.45 4.30 -0.34
N ILE A 30 1.93 3.08 -0.12
CA ILE A 30 1.28 2.05 0.68
C ILE A 30 1.61 2.29 2.15
N ALA A 31 0.60 2.71 2.91
CA ALA A 31 0.59 2.66 4.38
C ALA A 31 -0.15 1.42 4.88
N ARG A 32 0.12 1.02 6.13
CA ARG A 32 -0.66 0.04 6.90
C ARG A 32 -1.41 0.72 8.05
N TYR A 33 -2.56 0.18 8.44
CA TYR A 33 -3.35 0.66 9.57
C TYR A 33 -3.92 -0.50 10.38
N ARG A 34 -3.94 -0.37 11.71
CA ARG A 34 -4.40 -1.39 12.67
C ARG A 34 -5.72 -1.00 13.31
N THR A 35 -6.71 -1.90 13.25
CA THR A 35 -8.05 -1.71 13.81
C THR A 35 -8.05 -1.93 15.33
N ASP A 36 -9.21 -1.73 15.97
CA ASP A 36 -9.35 -1.87 17.42
C ASP A 36 -9.49 -3.34 17.86
N ASN A 37 -9.72 -4.24 16.89
CA ASN A 37 -9.79 -5.68 17.05
C ASN A 37 -8.44 -6.37 16.74
N GLY A 38 -7.36 -5.57 16.60
CA GLY A 38 -5.99 -5.99 16.28
C GLY A 38 -5.71 -6.18 14.79
N GLU A 39 -6.70 -5.96 13.94
CA GLU A 39 -6.68 -6.39 12.54
C GLU A 39 -5.97 -5.35 11.67
N GLU A 40 -4.90 -5.75 11.00
CA GLU A 40 -4.05 -4.85 10.20
C GLU A 40 -4.34 -4.99 8.71
N PHE A 41 -4.60 -3.85 8.05
CA PHE A 41 -4.90 -3.74 6.62
C PHE A 41 -4.00 -2.70 5.93
N GLU A 42 -3.93 -2.76 4.60
CA GLU A 42 -3.10 -1.90 3.77
C GLU A 42 -3.94 -0.91 2.97
N VAL A 43 -3.49 0.34 2.92
CA VAL A 43 -4.14 1.42 2.16
C VAL A 43 -3.13 2.05 1.19
N PRO A 44 -3.28 1.81 -0.14
CA PRO A 44 -2.49 2.49 -1.16
C PRO A 44 -3.05 3.90 -1.44
N PHE A 45 -2.23 4.92 -1.19
CA PHE A 45 -2.51 6.33 -1.50
C PHE A 45 -1.80 6.75 -2.79
N ALA A 46 -2.47 7.55 -3.62
CA ALA A 46 -1.92 8.09 -4.86
C ALA A 46 -1.07 9.35 -4.59
N ASP A 47 -0.19 9.73 -5.53
CA ASP A 47 0.73 10.85 -5.41
C ASP A 47 0.04 12.22 -5.17
N ASP A 48 -1.24 12.33 -5.50
CA ASP A 48 -2.06 13.54 -5.23
C ASP A 48 -2.57 13.63 -3.78
N ALA A 49 -2.43 12.53 -3.03
CA ALA A 49 -2.80 12.38 -1.62
C ALA A 49 -1.59 12.08 -0.71
N GLU A 50 -1.70 12.38 0.59
CA GLU A 50 -0.70 12.04 1.61
C GLU A 50 -1.34 11.48 2.88
N ILE A 51 -0.61 10.54 3.51
CA ILE A 51 -1.02 9.65 4.61
C ILE A 51 -1.50 10.43 5.84
N PRO A 52 -2.81 10.39 6.15
CA PRO A 52 -3.34 10.84 7.42
C PRO A 52 -3.02 9.84 8.54
N GLY A 53 -2.88 10.34 9.78
CA GLY A 53 -2.59 9.56 10.99
C GLY A 53 -3.49 8.34 11.22
N THR A 54 -4.73 8.38 10.75
CA THR A 54 -5.65 7.23 10.75
C THR A 54 -6.49 7.13 9.46
N TRP A 55 -7.02 5.94 9.17
CA TRP A 55 -7.82 5.64 7.97
C TRP A 55 -8.73 4.41 8.16
N LEU A 56 -9.90 4.37 7.52
CA LEU A 56 -10.86 3.27 7.62
C LEU A 56 -10.35 1.99 6.94
N CYS A 57 -10.33 0.88 7.68
CA CYS A 57 -9.86 -0.42 7.21
C CYS A 57 -10.98 -1.31 6.66
N ARG A 58 -10.62 -2.38 5.93
CA ARG A 58 -11.58 -3.29 5.27
C ARG A 58 -12.41 -4.15 6.23
N ASN A 59 -12.02 -4.24 7.51
CA ASN A 59 -12.86 -4.83 8.57
C ASN A 59 -14.11 -3.97 8.90
N GLY A 60 -14.09 -2.70 8.48
CA GLY A 60 -15.14 -1.70 8.74
C GLY A 60 -14.90 -0.86 10.00
N MET A 61 -13.69 -0.91 10.57
CA MET A 61 -13.25 -0.12 11.71
C MET A 61 -12.19 0.91 11.31
N GLU A 62 -12.17 2.06 12.00
CA GLU A 62 -11.12 3.07 11.85
C GLU A 62 -9.76 2.50 12.34
N GLY A 63 -8.85 2.26 11.40
CA GLY A 63 -7.49 1.83 11.66
C GLY A 63 -6.55 2.99 11.96
N THR A 64 -5.54 2.77 12.79
CA THR A 64 -4.47 3.75 13.06
C THR A 64 -3.16 3.35 12.39
N LEU A 65 -2.44 4.32 11.84
CA LEU A 65 -1.18 4.14 11.10
C LEU A 65 -0.09 3.48 11.97
N ILE A 66 0.44 2.35 11.50
CA ILE A 66 1.53 1.58 12.15
C ILE A 66 2.65 1.21 11.17
N GLU A 67 3.86 1.02 11.68
CA GLU A 67 5.02 0.52 10.91
C GLU A 67 4.98 -1.02 10.82
N GLY A 68 5.03 -1.56 9.60
CA GLY A 68 4.96 -3.01 9.35
C GLY A 68 4.75 -3.39 7.88
N ASP A 69 5.32 -2.62 6.96
CA ASP A 69 5.16 -2.73 5.51
C ASP A 69 6.49 -2.42 4.78
N LEU A 70 6.43 -2.07 3.50
CA LEU A 70 7.56 -1.56 2.71
C LEU A 70 8.19 -0.31 3.35
N PRO A 71 9.50 -0.04 3.10
CA PRO A 71 10.21 1.11 3.65
C PRO A 71 9.79 2.42 2.95
N GLU A 72 8.60 2.90 3.33
CA GLU A 72 7.91 4.11 2.85
C GLU A 72 8.00 4.33 1.32
N PRO A 73 7.25 3.55 0.51
CA PRO A 73 7.11 3.80 -0.93
C PRO A 73 6.84 5.27 -1.30
N LYS A 74 7.63 5.78 -2.26
CA LYS A 74 7.71 7.18 -2.71
C LYS A 74 7.84 8.21 -1.56
N LYS A 75 8.76 7.96 -0.62
CA LYS A 75 9.24 8.96 0.36
C LYS A 75 10.05 10.05 -0.37
N VAL A 76 9.63 11.30 -0.23
CA VAL A 76 9.93 12.44 -1.11
C VAL A 76 9.41 12.22 -2.55
N LYS A 77 8.72 13.23 -3.10
CA LYS A 77 8.06 13.19 -4.41
C LYS A 77 8.99 13.53 -5.59
N PRO A 78 9.62 14.73 -5.67
CA PRO A 78 10.63 15.02 -6.68
C PRO A 78 11.86 14.09 -6.59
N PRO A 79 12.63 13.92 -7.68
CA PRO A 79 13.74 12.97 -7.73
C PRO A 79 14.89 13.32 -6.76
N ARG A 80 15.40 12.29 -6.07
CA ARG A 80 16.48 12.34 -5.05
C ARG A 80 17.19 11.00 -4.93
N SER A 1 29.34 21.07 -20.40
CA SER A 1 29.50 21.31 -18.95
C SER A 1 28.61 20.37 -18.12
N MET A 2 28.61 20.47 -16.79
CA MET A 2 27.74 19.67 -15.91
C MET A 2 26.24 19.97 -16.11
N ALA A 3 25.88 21.09 -16.74
CA ALA A 3 24.50 21.43 -17.10
C ALA A 3 23.93 20.56 -18.25
N ASP A 4 24.77 19.83 -18.99
CA ASP A 4 24.36 18.91 -20.07
C ASP A 4 23.99 17.50 -19.56
N ARG A 5 24.14 17.23 -18.25
CA ARG A 5 23.79 15.95 -17.61
C ARG A 5 22.27 15.69 -17.60
N VAL A 6 21.87 14.42 -17.59
CA VAL A 6 20.48 13.96 -17.52
C VAL A 6 19.95 13.99 -16.10
N LEU A 7 18.64 14.24 -15.98
CA LEU A 7 17.92 14.39 -14.70
C LEU A 7 17.32 13.08 -14.17
N ARG A 8 17.33 11.99 -14.97
CA ARG A 8 16.91 10.63 -14.60
C ARG A 8 17.90 9.60 -15.17
N GLY A 9 17.99 8.44 -14.52
CA GLY A 9 18.85 7.31 -14.90
C GLY A 9 19.17 6.37 -13.73
N SER A 10 19.25 6.91 -12.52
CA SER A 10 19.26 6.17 -11.25
C SER A 10 17.86 5.66 -10.87
N ARG A 11 17.77 4.77 -9.86
CA ARG A 11 16.51 4.20 -9.35
C ARG A 11 15.58 5.29 -8.79
N LEU A 12 14.30 5.21 -9.15
CA LEU A 12 13.22 6.13 -8.75
C LEU A 12 11.91 5.38 -8.43
N GLY A 13 10.93 6.08 -7.87
CA GLY A 13 9.62 5.51 -7.50
C GLY A 13 8.79 5.12 -8.72
N ALA A 14 8.61 3.81 -8.93
CA ALA A 14 7.85 3.21 -10.03
C ALA A 14 7.25 1.84 -9.62
N VAL A 15 6.20 1.40 -10.32
CA VAL A 15 5.48 0.13 -10.07
C VAL A 15 5.24 -0.67 -11.37
N SER A 16 6.09 -0.46 -12.37
CA SER A 16 6.20 -1.28 -13.60
C SER A 16 4.90 -1.47 -14.40
N TYR A 17 4.19 -0.36 -14.66
CA TYR A 17 2.91 -0.32 -15.40
C TYR A 17 3.03 0.32 -16.79
N GLU A 18 3.80 1.40 -16.87
CA GLU A 18 4.23 2.11 -18.09
C GLU A 18 5.41 3.03 -17.83
N THR A 19 5.35 3.69 -16.67
CA THR A 19 6.38 4.53 -16.03
C THR A 19 6.88 5.66 -16.93
N ASP A 20 6.25 6.83 -16.92
CA ASP A 20 5.08 7.27 -16.13
C ASP A 20 4.25 8.32 -16.89
N ARG A 21 2.94 8.45 -16.56
CA ARG A 21 2.01 9.41 -17.18
C ARG A 21 0.87 9.84 -16.23
N ASN A 22 0.17 10.93 -16.60
CA ASN A 22 -1.01 11.44 -15.91
C ASN A 22 -2.31 10.74 -16.38
N HIS A 23 -3.38 10.85 -15.58
CA HIS A 23 -4.73 10.28 -15.84
C HIS A 23 -4.72 8.75 -16.09
N ASP A 24 -3.88 8.03 -15.36
CA ASP A 24 -3.61 6.59 -15.48
C ASP A 24 -3.07 6.02 -14.15
N LEU A 25 -2.60 4.77 -14.18
CA LEU A 25 -1.72 4.23 -13.14
C LEU A 25 -0.48 5.13 -12.96
N ALA A 26 -0.09 5.31 -11.70
CA ALA A 26 0.79 6.41 -11.25
C ALA A 26 1.62 6.00 -10.01
N PRO A 27 2.65 6.79 -9.61
CA PRO A 27 3.35 6.61 -8.34
C PRO A 27 2.39 6.68 -7.14
N ARG A 28 2.63 5.78 -6.20
CA ARG A 28 1.78 5.51 -5.02
C ARG A 28 2.55 5.23 -3.72
N GLN A 29 1.82 5.24 -2.61
CA GLN A 29 2.26 4.98 -1.24
C GLN A 29 1.31 3.98 -0.58
N ILE A 30 1.79 2.80 -0.27
CA ILE A 30 1.05 1.77 0.47
C ILE A 30 1.33 1.95 1.97
N ALA A 31 0.39 2.55 2.70
CA ALA A 31 0.47 2.73 4.16
C ALA A 31 -0.40 1.72 4.89
N ARG A 32 0.05 1.26 6.06
CA ARG A 32 -0.68 0.28 6.90
C ARG A 32 -1.41 0.93 8.06
N TYR A 33 -2.51 0.31 8.49
CA TYR A 33 -3.31 0.75 9.63
C TYR A 33 -3.86 -0.45 10.43
N ARG A 34 -3.91 -0.32 11.76
CA ARG A 34 -4.37 -1.34 12.72
C ARG A 34 -5.71 -0.96 13.35
N THR A 35 -6.69 -1.84 13.25
CA THR A 35 -8.04 -1.67 13.82
C THR A 35 -8.05 -1.90 15.34
N ASP A 36 -9.20 -1.70 15.97
CA ASP A 36 -9.34 -1.84 17.42
C ASP A 36 -9.47 -3.31 17.86
N ASN A 37 -9.68 -4.21 16.89
CA ASN A 37 -9.74 -5.66 17.05
C ASN A 37 -8.37 -6.33 16.74
N GLY A 38 -7.31 -5.51 16.60
CA GLY A 38 -5.94 -5.93 16.27
C GLY A 38 -5.67 -6.15 14.78
N GLU A 39 -6.67 -5.93 13.93
CA GLU A 39 -6.64 -6.35 12.54
C GLU A 39 -5.92 -5.31 11.69
N GLU A 40 -4.84 -5.70 11.04
CA GLU A 40 -3.98 -4.79 10.26
C GLU A 40 -4.24 -4.92 8.76
N PHE A 41 -4.49 -3.79 8.10
CA PHE A 41 -4.78 -3.66 6.67
C PHE A 41 -3.84 -2.66 5.99
N GLU A 42 -3.78 -2.73 4.65
CA GLU A 42 -3.00 -1.84 3.80
C GLU A 42 -3.92 -0.93 2.99
N VAL A 43 -3.64 0.37 2.99
CA VAL A 43 -4.36 1.40 2.26
C VAL A 43 -3.45 2.02 1.19
N PRO A 44 -3.70 1.79 -0.11
CA PRO A 44 -2.99 2.45 -1.19
C PRO A 44 -3.40 3.93 -1.33
N PHE A 45 -2.41 4.82 -1.38
CA PHE A 45 -2.55 6.26 -1.61
C PHE A 45 -1.78 6.69 -2.87
N ALA A 46 -2.31 7.63 -3.64
CA ALA A 46 -1.64 8.17 -4.84
C ALA A 46 -0.69 9.33 -4.47
N ASP A 47 0.29 9.64 -5.32
CA ASP A 47 1.24 10.75 -5.12
C ASP A 47 0.57 12.14 -5.03
N ASP A 48 -0.67 12.27 -5.53
CA ASP A 48 -1.52 13.47 -5.39
C ASP A 48 -2.11 13.63 -3.96
N ALA A 49 -2.03 12.57 -3.14
CA ALA A 49 -2.54 12.49 -1.77
C ALA A 49 -1.41 12.31 -0.73
N GLU A 50 -1.79 12.32 0.55
CA GLU A 50 -0.92 12.04 1.72
C GLU A 50 -1.58 11.06 2.70
N ILE A 51 -0.81 10.53 3.65
CA ILE A 51 -1.23 9.57 4.69
C ILE A 51 -1.66 10.34 5.95
N PRO A 52 -2.96 10.37 6.27
CA PRO A 52 -3.46 10.84 7.55
C PRO A 52 -3.13 9.84 8.67
N GLY A 53 -2.99 10.36 9.89
CA GLY A 53 -2.68 9.58 11.11
C GLY A 53 -3.57 8.36 11.35
N THR A 54 -4.83 8.38 10.89
CA THR A 54 -5.73 7.22 10.88
C THR A 54 -6.58 7.15 9.59
N TRP A 55 -7.10 5.96 9.27
CA TRP A 55 -7.92 5.69 8.08
C TRP A 55 -8.80 4.44 8.24
N LEU A 56 -9.99 4.41 7.62
CA LEU A 56 -10.94 3.30 7.71
C LEU A 56 -10.42 2.05 6.98
N CYS A 57 -10.36 0.93 7.70
CA CYS A 57 -9.86 -0.36 7.21
C CYS A 57 -10.96 -1.28 6.69
N ARG A 58 -10.58 -2.33 5.94
CA ARG A 58 -11.53 -3.26 5.28
C ARG A 58 -12.34 -4.14 6.25
N ASN A 59 -11.94 -4.23 7.52
CA ASN A 59 -12.79 -4.84 8.58
C ASN A 59 -14.04 -3.99 8.90
N GLY A 60 -14.05 -2.72 8.50
CA GLY A 60 -15.12 -1.74 8.77
C GLY A 60 -14.88 -0.91 10.04
N MET A 61 -13.66 -0.89 10.57
CA MET A 61 -13.23 -0.11 11.72
C MET A 61 -12.17 0.94 11.34
N GLU A 62 -12.14 2.06 12.05
CA GLU A 62 -11.09 3.08 11.92
C GLU A 62 -9.74 2.51 12.40
N GLY A 63 -8.83 2.29 11.45
CA GLY A 63 -7.46 1.84 11.71
C GLY A 63 -6.52 3.01 12.02
N THR A 64 -5.50 2.79 12.85
CA THR A 64 -4.44 3.78 13.14
C THR A 64 -3.12 3.40 12.47
N LEU A 65 -2.44 4.39 11.88
CA LEU A 65 -1.24 4.22 11.06
C LEU A 65 -0.09 3.53 11.83
N ILE A 66 0.38 2.39 11.34
CA ILE A 66 1.56 1.65 11.82
C ILE A 66 2.45 1.23 10.63
N GLU A 67 3.74 1.00 10.85
CA GLU A 67 4.60 0.34 9.86
C GLU A 67 5.59 -0.64 10.52
N GLY A 68 5.92 -1.71 9.80
CA GLY A 68 6.89 -2.75 10.23
C GLY A 68 8.36 -2.32 10.21
N ASP A 69 8.67 -1.13 9.68
CA ASP A 69 9.96 -0.46 9.69
C ASP A 69 9.69 1.06 9.70
N LEU A 70 10.66 1.84 10.17
CA LEU A 70 10.53 3.28 10.41
C LEU A 70 10.22 4.05 9.10
N PRO A 71 9.18 4.92 9.07
CA PRO A 71 8.74 5.65 7.87
C PRO A 71 9.59 6.92 7.65
N GLU A 72 10.92 6.75 7.54
CA GLU A 72 11.95 7.78 7.42
C GLU A 72 11.72 9.01 8.34
N PRO A 73 11.66 8.85 9.68
CA PRO A 73 11.31 9.91 10.65
C PRO A 73 12.47 10.88 10.93
N LYS A 74 12.93 11.54 9.86
CA LYS A 74 14.08 12.47 9.82
C LYS A 74 13.76 13.81 9.13
N LYS A 75 12.65 13.89 8.38
CA LYS A 75 12.32 15.01 7.48
C LYS A 75 12.15 16.33 8.25
N VAL A 76 12.73 17.40 7.73
CA VAL A 76 12.64 18.77 8.30
C VAL A 76 11.24 19.39 8.15
N LYS A 77 10.90 20.31 9.04
CA LYS A 77 9.61 21.03 9.10
C LYS A 77 9.84 22.48 9.59
N PRO A 78 9.21 23.51 8.98
CA PRO A 78 9.39 24.91 9.39
C PRO A 78 8.95 25.14 10.85
N PRO A 79 9.58 26.10 11.57
CA PRO A 79 10.56 27.09 11.08
C PRO A 79 12.01 26.59 10.96
N ARG A 80 12.29 25.32 11.31
CA ARG A 80 13.64 24.71 11.25
C ARG A 80 14.13 24.48 9.81
N SER A 1 10.83 1.74 -26.33
CA SER A 1 9.45 1.90 -26.85
C SER A 1 8.45 2.31 -25.77
N MET A 2 8.21 1.49 -24.74
CA MET A 2 7.19 1.73 -23.70
C MET A 2 7.66 2.61 -22.52
N ALA A 3 8.98 2.83 -22.39
CA ALA A 3 9.69 3.32 -21.20
C ALA A 3 9.57 2.41 -19.96
N ASP A 4 10.59 2.44 -19.09
CA ASP A 4 10.88 1.43 -18.05
C ASP A 4 11.08 0.00 -18.61
N ARG A 5 11.52 -0.96 -17.78
CA ARG A 5 11.60 -2.38 -18.17
C ARG A 5 10.22 -3.02 -18.26
N VAL A 6 9.95 -3.72 -19.37
CA VAL A 6 8.69 -4.43 -19.67
C VAL A 6 9.00 -5.69 -20.48
N LEU A 7 8.22 -6.77 -20.30
CA LEU A 7 8.39 -8.03 -21.04
C LEU A 7 7.80 -8.02 -22.48
N ARG A 8 7.32 -6.86 -22.93
CA ARG A 8 6.71 -6.58 -24.25
C ARG A 8 7.25 -5.24 -24.80
N GLY A 9 6.89 -4.89 -26.04
CA GLY A 9 7.16 -3.58 -26.66
C GLY A 9 8.65 -3.26 -26.81
N SER A 10 9.24 -2.64 -25.79
CA SER A 10 10.70 -2.43 -25.67
C SER A 10 11.48 -3.74 -25.69
N ARG A 11 10.89 -4.84 -25.19
CA ARG A 11 11.32 -6.23 -25.44
C ARG A 11 10.49 -6.83 -26.58
N LEU A 12 11.15 -7.23 -27.66
CA LEU A 12 10.48 -7.80 -28.85
C LEU A 12 10.01 -9.24 -28.61
N GLY A 13 8.86 -9.60 -29.17
CA GLY A 13 8.26 -10.94 -29.06
C GLY A 13 6.82 -11.01 -29.57
N ALA A 14 6.30 -12.24 -29.68
CA ALA A 14 4.94 -12.56 -30.14
C ALA A 14 4.30 -13.69 -29.29
N VAL A 15 4.59 -13.69 -27.99
CA VAL A 15 4.24 -14.78 -27.04
C VAL A 15 2.76 -14.82 -26.66
N SER A 16 2.29 -16.04 -26.35
CA SER A 16 0.92 -16.36 -25.94
C SER A 16 0.94 -17.36 -24.79
N TYR A 17 0.45 -17.06 -23.59
CA TYR A 17 -0.35 -15.94 -23.06
C TYR A 17 -1.77 -15.73 -23.62
N GLU A 18 -2.65 -15.35 -22.70
CA GLU A 18 -3.69 -14.34 -22.92
C GLU A 18 -3.53 -13.26 -21.85
N THR A 19 -3.09 -12.06 -22.26
CA THR A 19 -2.49 -11.06 -21.36
C THR A 19 -3.55 -10.17 -20.71
N ASP A 20 -3.42 -9.95 -19.40
CA ASP A 20 -4.25 -9.04 -18.61
C ASP A 20 -3.42 -8.37 -17.49
N ARG A 21 -3.80 -7.15 -17.08
CA ARG A 21 -3.07 -6.35 -16.07
C ARG A 21 -4.02 -5.61 -15.12
N ASN A 22 -3.66 -5.58 -13.84
CA ASN A 22 -4.21 -4.73 -12.78
C ASN A 22 -3.09 -4.16 -11.88
N HIS A 23 -3.42 -3.18 -11.05
CA HIS A 23 -2.48 -2.51 -10.11
C HIS A 23 -1.19 -2.00 -10.79
N ASP A 24 -1.34 -1.41 -11.98
CA ASP A 24 -0.24 -1.01 -12.88
C ASP A 24 0.77 -0.01 -12.28
N LEU A 25 1.91 0.16 -12.95
CA LEU A 25 3.06 0.94 -12.47
C LEU A 25 2.77 2.45 -12.49
N ALA A 26 2.41 2.99 -11.32
CA ALA A 26 2.11 4.39 -11.06
C ALA A 26 2.57 4.79 -9.64
N PRO A 27 2.91 6.07 -9.37
CA PRO A 27 3.48 6.52 -8.10
C PRO A 27 2.42 6.54 -6.98
N ARG A 28 2.58 5.63 -6.03
CA ARG A 28 1.72 5.43 -4.86
C ARG A 28 2.48 5.10 -3.56
N GLN A 29 1.77 5.19 -2.44
CA GLN A 29 2.26 5.05 -1.07
C GLN A 29 1.34 4.09 -0.30
N ILE A 30 1.78 2.85 -0.13
CA ILE A 30 1.10 1.86 0.70
C ILE A 30 1.46 2.15 2.16
N ALA A 31 0.47 2.66 2.91
CA ALA A 31 0.48 2.70 4.36
C ALA A 31 -0.31 1.51 4.93
N ARG A 32 0.02 1.09 6.16
CA ARG A 32 -0.77 0.12 6.93
C ARG A 32 -1.56 0.84 8.03
N TYR A 33 -2.68 0.26 8.44
CA TYR A 33 -3.48 0.72 9.58
C TYR A 33 -4.00 -0.48 10.40
N ARG A 34 -3.95 -0.36 11.73
CA ARG A 34 -4.37 -1.37 12.71
C ARG A 34 -5.71 -1.00 13.32
N THR A 35 -6.68 -1.91 13.26
CA THR A 35 -8.03 -1.74 13.82
C THR A 35 -8.05 -2.00 15.33
N ASP A 36 -9.22 -1.84 15.95
CA ASP A 36 -9.37 -2.02 17.39
C ASP A 36 -9.31 -3.49 17.84
N ASN A 37 -9.47 -4.47 16.93
CA ASN A 37 -9.24 -5.88 17.27
C ASN A 37 -7.78 -6.33 17.04
N GLY A 38 -6.90 -5.42 16.61
CA GLY A 38 -5.55 -5.73 16.12
C GLY A 38 -5.49 -6.15 14.65
N GLU A 39 -6.61 -6.10 13.92
CA GLU A 39 -6.65 -6.48 12.51
C GLU A 39 -5.95 -5.41 11.68
N GLU A 40 -4.89 -5.76 10.96
CA GLU A 40 -4.14 -4.79 10.13
C GLU A 40 -4.49 -4.92 8.65
N PHE A 41 -4.75 -3.77 8.03
CA PHE A 41 -5.06 -3.62 6.61
C PHE A 41 -4.11 -2.63 5.93
N GLU A 42 -4.01 -2.71 4.60
CA GLU A 42 -3.09 -1.90 3.79
C GLU A 42 -3.89 -0.98 2.86
N VAL A 43 -3.57 0.32 2.89
CA VAL A 43 -4.24 1.36 2.11
C VAL A 43 -3.24 2.01 1.15
N PRO A 44 -3.36 1.77 -0.17
CA PRO A 44 -2.56 2.46 -1.18
C PRO A 44 -3.10 3.87 -1.44
N PHE A 45 -2.28 4.89 -1.16
CA PHE A 45 -2.52 6.30 -1.49
C PHE A 45 -1.80 6.69 -2.77
N ALA A 46 -2.39 7.55 -3.60
CA ALA A 46 -1.74 8.09 -4.79
C ALA A 46 -0.80 9.24 -4.39
N ASP A 47 0.24 9.52 -5.19
CA ASP A 47 1.23 10.57 -4.89
C ASP A 47 0.61 11.99 -4.79
N ASP A 48 -0.58 12.20 -5.35
CA ASP A 48 -1.35 13.45 -5.21
C ASP A 48 -1.96 13.62 -3.79
N ALA A 49 -1.98 12.55 -3.00
CA ALA A 49 -2.43 12.50 -1.61
C ALA A 49 -1.25 12.25 -0.63
N GLU A 50 -1.54 12.37 0.67
CA GLU A 50 -0.63 12.05 1.79
C GLU A 50 -1.37 11.34 2.93
N ILE A 51 -0.66 10.46 3.65
CA ILE A 51 -1.13 9.56 4.70
C ILE A 51 -1.60 10.32 5.94
N PRO A 52 -2.92 10.35 6.22
CA PRO A 52 -3.46 10.81 7.49
C PRO A 52 -3.16 9.82 8.62
N GLY A 53 -3.02 10.34 9.84
CA GLY A 53 -2.74 9.57 11.07
C GLY A 53 -3.64 8.35 11.31
N THR A 54 -4.88 8.37 10.84
CA THR A 54 -5.78 7.21 10.83
C THR A 54 -6.62 7.13 9.55
N TRP A 55 -7.14 5.93 9.23
CA TRP A 55 -7.96 5.64 8.05
C TRP A 55 -8.88 4.43 8.26
N LEU A 56 -10.06 4.40 7.64
CA LEU A 56 -11.03 3.31 7.77
C LEU A 56 -10.54 2.03 7.06
N CYS A 57 -10.49 0.92 7.79
CA CYS A 57 -10.03 -0.38 7.29
C CYS A 57 -11.18 -1.25 6.74
N ARG A 58 -10.84 -2.27 5.94
CA ARG A 58 -11.82 -3.14 5.24
C ARG A 58 -12.59 -4.08 6.19
N ASN A 59 -12.17 -4.19 7.45
CA ASN A 59 -12.95 -4.83 8.53
C ASN A 59 -14.21 -4.02 8.92
N GLY A 60 -14.26 -2.73 8.53
CA GLY A 60 -15.31 -1.78 8.91
C GLY A 60 -15.00 -1.00 10.20
N MET A 61 -13.75 -1.07 10.69
CA MET A 61 -13.27 -0.37 11.88
C MET A 61 -12.22 0.70 11.52
N GLU A 62 -12.20 1.80 12.27
CA GLU A 62 -11.22 2.88 12.12
C GLU A 62 -9.81 2.39 12.53
N GLY A 63 -8.93 2.24 11.55
CA GLY A 63 -7.55 1.82 11.73
C GLY A 63 -6.59 2.98 12.01
N THR A 64 -5.53 2.74 12.79
CA THR A 64 -4.48 3.73 13.08
C THR A 64 -3.14 3.36 12.41
N LEU A 65 -2.48 4.36 11.84
CA LEU A 65 -1.28 4.22 11.00
C LEU A 65 -0.12 3.53 11.73
N ILE A 66 0.36 2.42 11.18
CA ILE A 66 1.61 1.72 11.55
C ILE A 66 2.49 1.52 10.31
N GLU A 67 3.81 1.48 10.50
CA GLU A 67 4.77 1.25 9.40
C GLU A 67 4.86 -0.25 9.05
N GLY A 68 4.54 -0.60 7.80
CA GLY A 68 4.57 -1.97 7.27
C GLY A 68 5.98 -2.50 6.95
N ASP A 69 6.92 -2.36 7.90
CA ASP A 69 8.36 -2.62 7.72
C ASP A 69 8.97 -1.83 6.53
N LEU A 70 8.48 -0.60 6.32
CA LEU A 70 8.80 0.25 5.17
C LEU A 70 10.23 0.80 5.26
N PRO A 71 11.09 0.63 4.23
CA PRO A 71 12.49 1.06 4.28
C PRO A 71 12.68 2.58 4.04
N GLU A 72 11.94 3.15 3.07
CA GLU A 72 12.05 4.56 2.68
C GLU A 72 10.70 5.24 2.34
N PRO A 73 9.74 5.31 3.28
CA PRO A 73 8.43 5.98 3.10
C PRO A 73 8.54 7.51 3.22
N LYS A 74 9.35 8.09 2.34
CA LYS A 74 9.70 9.53 2.26
C LYS A 74 9.51 10.07 0.84
N LYS A 75 9.02 11.32 0.74
CA LYS A 75 8.77 12.07 -0.50
C LYS A 75 9.08 13.57 -0.30
N VAL A 76 9.46 14.25 -1.38
CA VAL A 76 9.87 15.68 -1.37
C VAL A 76 9.10 16.50 -2.38
N LYS A 77 8.38 17.53 -1.95
CA LYS A 77 7.99 17.96 -0.58
C LYS A 77 7.10 16.91 0.14
N PRO A 78 7.00 16.89 1.50
CA PRO A 78 7.56 17.82 2.49
C PRO A 78 9.11 17.85 2.58
N PRO A 79 9.74 18.84 3.25
CA PRO A 79 9.15 19.90 4.07
C PRO A 79 8.37 20.96 3.28
N ARG A 80 7.52 21.73 3.98
CA ARG A 80 6.65 22.80 3.45
C ARG A 80 6.74 24.07 4.30
N SER A 1 -3.24 -0.24 -19.64
CA SER A 1 -4.10 -0.57 -18.49
C SER A 1 -3.29 -0.72 -17.20
N MET A 2 -3.57 0.02 -16.12
CA MET A 2 -4.55 1.12 -16.00
C MET A 2 -4.03 2.48 -16.53
N ALA A 3 -2.72 2.62 -16.68
CA ALA A 3 -2.06 3.72 -17.39
C ALA A 3 -2.12 3.52 -18.92
N ASP A 4 -1.56 4.45 -19.69
CA ASP A 4 -1.49 4.37 -21.17
C ASP A 4 -0.60 3.21 -21.68
N ARG A 5 0.38 2.78 -20.87
CA ARG A 5 1.24 1.61 -21.12
C ARG A 5 0.51 0.28 -20.96
N VAL A 6 0.99 -0.73 -21.70
CA VAL A 6 0.62 -2.17 -21.73
C VAL A 6 -0.89 -2.47 -21.86
N LEU A 7 -1.27 -3.19 -22.93
CA LEU A 7 -2.67 -3.49 -23.28
C LEU A 7 -3.30 -4.63 -22.44
N ARG A 8 -2.69 -4.98 -21.30
CA ARG A 8 -3.10 -6.07 -20.38
C ARG A 8 -2.69 -5.73 -18.93
N GLY A 9 -3.14 -6.52 -17.95
CA GLY A 9 -2.82 -6.31 -16.53
C GLY A 9 -1.36 -6.60 -16.14
N SER A 10 -0.58 -7.27 -16.99
CA SER A 10 0.78 -7.73 -16.73
C SER A 10 1.85 -6.63 -16.71
N ARG A 11 2.80 -6.76 -15.77
CA ARG A 11 4.12 -6.09 -15.72
C ARG A 11 5.08 -6.88 -14.83
N LEU A 12 6.39 -6.68 -15.01
CA LEU A 12 7.45 -7.47 -14.36
C LEU A 12 8.69 -6.66 -13.92
N GLY A 13 9.04 -5.59 -14.65
CA GLY A 13 10.27 -4.82 -14.43
C GLY A 13 11.56 -5.51 -14.91
N ALA A 14 11.44 -6.59 -15.70
CA ALA A 14 12.54 -7.40 -16.22
C ALA A 14 12.25 -7.92 -17.65
N VAL A 15 13.26 -8.51 -18.29
CA VAL A 15 13.21 -9.06 -19.67
C VAL A 15 12.38 -10.36 -19.77
N SER A 16 12.13 -10.81 -21.01
CA SER A 16 11.28 -11.97 -21.38
C SER A 16 9.82 -11.83 -20.91
N TYR A 17 9.11 -10.91 -21.57
CA TYR A 17 7.73 -10.49 -21.28
C TYR A 17 7.01 -10.01 -22.56
N GLU A 18 5.83 -9.38 -22.42
CA GLU A 18 5.00 -8.89 -23.55
C GLU A 18 5.54 -7.63 -24.26
N THR A 19 6.74 -7.15 -23.88
CA THR A 19 7.56 -6.15 -24.58
C THR A 19 6.89 -4.77 -24.72
N ASP A 20 6.24 -4.30 -23.66
CA ASP A 20 6.00 -2.86 -23.44
C ASP A 20 7.31 -2.21 -22.98
N ARG A 21 8.03 -1.52 -23.87
CA ARG A 21 9.40 -1.04 -23.63
C ARG A 21 9.41 0.23 -22.75
N ASN A 22 9.89 0.22 -21.50
CA ASN A 22 10.44 -0.88 -20.69
C ASN A 22 9.75 -0.90 -19.30
N HIS A 23 8.55 -1.48 -19.25
CA HIS A 23 7.59 -1.49 -18.13
C HIS A 23 7.11 -0.08 -17.70
N ASP A 24 6.10 -0.04 -16.84
CA ASP A 24 5.45 1.18 -16.33
C ASP A 24 5.73 1.46 -14.84
N LEU A 25 5.53 2.72 -14.44
CA LEU A 25 5.57 3.18 -13.05
C LEU A 25 4.33 4.02 -12.74
N ALA A 26 3.77 3.82 -11.54
CA ALA A 26 2.62 4.56 -11.02
C ALA A 26 2.95 5.17 -9.64
N PRO A 27 3.06 6.51 -9.50
CA PRO A 27 3.40 7.18 -8.24
C PRO A 27 2.35 6.99 -7.13
N ARG A 28 2.60 6.04 -6.22
CA ARG A 28 1.75 5.69 -5.07
C ARG A 28 2.53 5.39 -3.78
N GLN A 29 1.79 5.33 -2.66
CA GLN A 29 2.24 5.07 -1.30
C GLN A 29 1.30 4.04 -0.65
N ILE A 30 1.79 2.84 -0.42
CA ILE A 30 1.06 1.80 0.32
C ILE A 30 1.36 1.96 1.81
N ALA A 31 0.40 2.45 2.59
CA ALA A 31 0.47 2.49 4.05
C ALA A 31 -0.26 1.28 4.67
N ARG A 32 -0.04 1.05 5.97
CA ARG A 32 -0.80 0.09 6.79
C ARG A 32 -1.52 0.82 7.92
N TYR A 33 -2.62 0.23 8.40
CA TYR A 33 -3.39 0.69 9.54
C TYR A 33 -3.90 -0.49 10.38
N ARG A 34 -3.90 -0.34 11.70
CA ARG A 34 -4.31 -1.34 12.71
C ARG A 34 -5.64 -0.95 13.34
N THR A 35 -6.63 -1.84 13.30
CA THR A 35 -7.98 -1.62 13.84
C THR A 35 -8.03 -1.83 15.35
N ASP A 36 -9.21 -1.64 15.93
CA ASP A 36 -9.41 -1.76 17.38
C ASP A 36 -9.40 -3.22 17.88
N ASN A 37 -9.54 -4.22 16.99
CA ASN A 37 -9.36 -5.63 17.38
C ASN A 37 -7.90 -6.11 17.18
N GLY A 38 -6.99 -5.23 16.73
CA GLY A 38 -5.64 -5.57 16.26
C GLY A 38 -5.60 -6.07 14.81
N GLU A 39 -6.71 -6.00 14.06
CA GLU A 39 -6.74 -6.43 12.67
C GLU A 39 -6.01 -5.39 11.82
N GLU A 40 -4.94 -5.77 11.12
CA GLU A 40 -4.14 -4.85 10.31
C GLU A 40 -4.46 -5.00 8.81
N PHE A 41 -4.66 -3.86 8.13
CA PHE A 41 -4.93 -3.77 6.71
C PHE A 41 -4.03 -2.75 6.01
N GLU A 42 -3.96 -2.85 4.68
CA GLU A 42 -3.14 -2.01 3.81
C GLU A 42 -4.01 -1.06 2.98
N VAL A 43 -3.61 0.21 2.91
CA VAL A 43 -4.30 1.27 2.15
C VAL A 43 -3.33 1.94 1.15
N PRO A 44 -3.51 1.72 -0.17
CA PRO A 44 -2.84 2.47 -1.22
C PRO A 44 -3.33 3.92 -1.32
N PHE A 45 -2.39 4.85 -1.34
CA PHE A 45 -2.59 6.28 -1.60
C PHE A 45 -1.84 6.73 -2.86
N ALA A 46 -2.42 7.64 -3.65
CA ALA A 46 -1.76 8.23 -4.82
C ALA A 46 -0.82 9.38 -4.39
N ASP A 47 0.18 9.72 -5.19
CA ASP A 47 1.13 10.81 -4.92
C ASP A 47 0.49 12.20 -4.77
N ASP A 48 -0.74 12.37 -5.29
CA ASP A 48 -1.57 13.58 -5.10
C ASP A 48 -2.14 13.70 -3.67
N ALA A 49 -2.07 12.62 -2.87
CA ALA A 49 -2.48 12.53 -1.48
C ALA A 49 -1.31 12.21 -0.53
N GLU A 50 -1.48 12.46 0.77
CA GLU A 50 -0.53 12.09 1.84
C GLU A 50 -1.26 11.40 3.00
N ILE A 51 -0.61 10.38 3.57
CA ILE A 51 -1.12 9.45 4.61
C ILE A 51 -1.58 10.21 5.85
N PRO A 52 -2.89 10.25 6.12
CA PRO A 52 -3.43 10.76 7.37
C PRO A 52 -3.14 9.78 8.51
N GLY A 53 -3.00 10.32 9.73
CA GLY A 53 -2.70 9.57 10.97
C GLY A 53 -3.60 8.35 11.23
N THR A 54 -4.86 8.39 10.77
CA THR A 54 -5.75 7.23 10.78
C THR A 54 -6.60 7.14 9.49
N TRP A 55 -7.14 5.95 9.19
CA TRP A 55 -7.96 5.66 8.00
C TRP A 55 -8.86 4.43 8.22
N LEU A 56 -10.05 4.40 7.61
CA LEU A 56 -10.99 3.27 7.72
C LEU A 56 -10.46 2.01 7.03
N CYS A 57 -10.38 0.90 7.77
CA CYS A 57 -9.88 -0.39 7.28
C CYS A 57 -10.99 -1.26 6.68
N ARG A 58 -10.58 -2.31 5.95
CA ARG A 58 -11.50 -3.21 5.22
C ARG A 58 -12.39 -4.06 6.13
N ASN A 59 -12.04 -4.16 7.42
CA ASN A 59 -12.87 -4.77 8.47
C ASN A 59 -14.14 -3.93 8.82
N GLY A 60 -14.16 -2.65 8.42
CA GLY A 60 -15.20 -1.69 8.77
C GLY A 60 -14.93 -0.91 10.06
N MET A 61 -13.70 -1.00 10.60
CA MET A 61 -13.24 -0.30 11.80
C MET A 61 -12.19 0.76 11.43
N GLU A 62 -12.15 1.87 12.17
CA GLU A 62 -11.16 2.93 12.01
C GLU A 62 -9.77 2.42 12.45
N GLY A 63 -8.87 2.24 11.48
CA GLY A 63 -7.49 1.83 11.71
C GLY A 63 -6.56 3.01 11.97
N THR A 64 -5.50 2.79 12.77
CA THR A 64 -4.45 3.78 13.02
C THR A 64 -3.13 3.40 12.34
N LEU A 65 -2.45 4.38 11.75
CA LEU A 65 -1.25 4.23 10.95
C LEU A 65 -0.11 3.60 11.78
N ILE A 66 0.42 2.47 11.33
CA ILE A 66 1.60 1.78 11.87
C ILE A 66 2.69 1.58 10.82
N GLU A 67 3.94 1.44 11.26
CA GLU A 67 5.09 1.19 10.37
C GLU A 67 4.92 -0.14 9.59
N GLY A 68 4.99 -0.06 8.27
CA GLY A 68 4.74 -1.17 7.34
C GLY A 68 4.47 -0.66 5.92
N ASP A 69 5.35 0.23 5.45
CA ASP A 69 5.14 1.16 4.35
C ASP A 69 6.46 1.37 3.56
N LEU A 70 6.56 2.48 2.81
CA LEU A 70 7.67 2.78 1.90
C LEU A 70 9.05 2.87 2.62
N PRO A 71 10.17 2.54 1.94
CA PRO A 71 11.54 2.60 2.47
C PRO A 71 12.11 4.04 2.45
N GLU A 72 11.33 5.01 2.95
CA GLU A 72 11.61 6.46 3.01
C GLU A 72 12.29 7.05 1.74
N PRO A 73 11.65 6.96 0.55
CA PRO A 73 12.16 7.54 -0.69
C PRO A 73 12.12 9.08 -0.66
N LYS A 74 12.92 9.71 -1.54
CA LYS A 74 13.08 11.17 -1.67
C LYS A 74 12.78 11.66 -3.10
N LYS A 75 12.41 12.94 -3.25
CA LYS A 75 12.10 13.61 -4.52
C LYS A 75 13.36 14.07 -5.29
N VAL A 76 14.39 13.21 -5.32
CA VAL A 76 15.65 13.44 -6.08
C VAL A 76 15.46 13.23 -7.59
N LYS A 77 16.32 13.86 -8.40
CA LYS A 77 16.29 13.81 -9.88
C LYS A 77 17.71 13.86 -10.48
N PRO A 78 17.95 13.29 -11.67
CA PRO A 78 19.24 13.36 -12.37
C PRO A 78 19.55 14.78 -12.89
N PRO A 79 20.83 15.11 -13.15
CA PRO A 79 21.24 16.43 -13.63
C PRO A 79 20.95 16.70 -15.12
N ARG A 80 20.60 15.66 -15.89
CA ARG A 80 20.31 15.69 -17.34
C ARG A 80 19.01 14.95 -17.67
N SER A 1 -11.85 -27.76 -31.10
CA SER A 1 -11.35 -26.56 -30.39
C SER A 1 -12.32 -26.15 -29.27
N MET A 2 -11.86 -25.88 -28.04
CA MET A 2 -10.50 -26.02 -27.50
C MET A 2 -10.51 -26.38 -26.00
N ALA A 3 -9.39 -26.89 -25.48
CA ALA A 3 -9.20 -27.27 -24.08
C ALA A 3 -7.76 -27.00 -23.60
N ASP A 4 -7.56 -26.95 -22.27
CA ASP A 4 -6.27 -26.78 -21.61
C ASP A 4 -6.20 -27.57 -20.29
N ARG A 5 -5.02 -27.64 -19.65
CA ARG A 5 -4.69 -28.50 -18.49
C ARG A 5 -5.19 -28.02 -17.11
N VAL A 6 -6.19 -27.14 -17.15
CA VAL A 6 -6.82 -26.42 -16.04
C VAL A 6 -8.34 -26.34 -16.20
N LEU A 7 -9.06 -26.26 -15.09
CA LEU A 7 -10.52 -26.06 -15.06
C LEU A 7 -10.88 -24.60 -15.38
N ARG A 8 -12.09 -24.37 -15.92
CA ARG A 8 -12.62 -23.03 -16.25
C ARG A 8 -12.96 -22.23 -14.98
N GLY A 9 -12.57 -20.96 -14.94
CA GLY A 9 -12.77 -20.05 -13.82
C GLY A 9 -11.80 -18.85 -13.85
N SER A 10 -11.66 -18.16 -12.71
CA SER A 10 -10.69 -17.07 -12.55
C SER A 10 -9.24 -17.59 -12.54
N ARG A 11 -8.28 -16.72 -12.88
CA ARG A 11 -6.85 -17.06 -13.12
C ARG A 11 -5.95 -16.41 -12.06
N LEU A 12 -6.05 -16.90 -10.83
CA LEU A 12 -5.28 -16.42 -9.67
C LEU A 12 -3.77 -16.73 -9.83
N GLY A 13 -2.86 -15.90 -9.31
CA GLY A 13 -3.11 -14.64 -8.62
C GLY A 13 -1.81 -13.89 -8.23
N ALA A 14 -1.89 -12.71 -7.61
CA ALA A 14 -3.08 -11.98 -7.19
C ALA A 14 -2.96 -10.46 -7.46
N VAL A 15 -4.09 -9.74 -7.40
CA VAL A 15 -4.16 -8.29 -7.69
C VAL A 15 -3.46 -7.43 -6.65
N SER A 16 -2.96 -6.28 -7.09
CA SER A 16 -2.29 -5.25 -6.27
C SER A 16 -2.97 -3.88 -6.33
N TYR A 17 -4.22 -3.86 -6.79
CA TYR A 17 -5.02 -2.68 -7.20
C TYR A 17 -6.53 -2.85 -6.94
N GLU A 18 -6.86 -3.81 -6.09
CA GLU A 18 -8.22 -4.16 -5.64
C GLU A 18 -9.23 -4.40 -6.78
N THR A 19 -8.76 -5.01 -7.88
CA THR A 19 -9.52 -5.33 -9.11
C THR A 19 -10.14 -4.09 -9.79
N ASP A 20 -9.63 -2.89 -9.52
CA ASP A 20 -10.01 -1.65 -10.22
C ASP A 20 -9.48 -1.62 -11.67
N ARG A 21 -10.16 -0.88 -12.56
CA ARG A 21 -9.77 -0.72 -13.98
C ARG A 21 -8.44 0.02 -14.18
N ASN A 22 -8.00 0.82 -13.20
CA ASN A 22 -6.69 1.46 -13.09
C ASN A 22 -6.28 2.23 -14.37
N HIS A 23 -7.13 3.17 -14.81
CA HIS A 23 -6.83 4.06 -15.94
C HIS A 23 -5.69 5.04 -15.60
N ASP A 24 -4.78 5.26 -16.57
CA ASP A 24 -3.51 6.00 -16.40
C ASP A 24 -2.56 5.44 -15.31
N LEU A 25 -1.36 6.02 -15.20
CA LEU A 25 -0.32 5.63 -14.24
C LEU A 25 0.23 6.84 -13.48
N ALA A 26 0.47 6.67 -12.18
CA ALA A 26 1.09 7.65 -11.27
C ALA A 26 1.78 6.93 -10.08
N PRO A 27 2.72 7.58 -9.36
CA PRO A 27 3.32 7.02 -8.16
C PRO A 27 2.31 6.90 -7.02
N ARG A 28 2.54 5.92 -6.14
CA ARG A 28 1.71 5.62 -4.97
C ARG A 28 2.49 5.22 -3.71
N GLN A 29 1.80 5.28 -2.57
CA GLN A 29 2.30 5.11 -1.20
C GLN A 29 1.37 4.16 -0.42
N ILE A 30 1.79 2.91 -0.27
CA ILE A 30 1.07 1.90 0.51
C ILE A 30 1.46 2.05 1.98
N ALA A 31 0.51 2.54 2.79
CA ALA A 31 0.57 2.53 4.24
C ALA A 31 -0.21 1.33 4.81
N ARG A 32 0.06 0.98 6.08
CA ARG A 32 -0.71 0.00 6.87
C ARG A 32 -1.43 0.70 8.02
N TYR A 33 -2.58 0.16 8.41
CA TYR A 33 -3.35 0.62 9.55
C TYR A 33 -3.91 -0.55 10.36
N ARG A 34 -3.90 -0.41 11.70
CA ARG A 34 -4.36 -1.41 12.66
C ARG A 34 -5.67 -0.99 13.32
N THR A 35 -6.68 -1.85 13.23
CA THR A 35 -8.02 -1.65 13.81
C THR A 35 -8.01 -1.90 15.32
N ASP A 36 -9.17 -1.70 15.96
CA ASP A 36 -9.30 -1.85 17.42
C ASP A 36 -9.30 -3.32 17.87
N ASN A 37 -9.50 -4.29 16.96
CA ASN A 37 -9.30 -5.72 17.31
C ASN A 37 -7.85 -6.20 17.10
N GLY A 38 -6.95 -5.30 16.65
CA GLY A 38 -5.60 -5.63 16.15
C GLY A 38 -5.54 -6.05 14.69
N GLU A 39 -6.66 -6.01 13.96
CA GLU A 39 -6.71 -6.42 12.55
C GLU A 39 -5.99 -5.38 11.69
N GLU A 40 -4.94 -5.76 10.98
CA GLU A 40 -4.16 -4.85 10.12
C GLU A 40 -4.51 -5.00 8.64
N PHE A 41 -4.70 -3.85 7.99
CA PHE A 41 -5.00 -3.71 6.57
C PHE A 41 -4.07 -2.70 5.88
N GLU A 42 -3.98 -2.81 4.56
CA GLU A 42 -3.07 -2.03 3.71
C GLU A 42 -3.86 -1.07 2.81
N VAL A 43 -3.47 0.22 2.81
CA VAL A 43 -4.15 1.28 2.05
C VAL A 43 -3.16 1.97 1.09
N PRO A 44 -3.31 1.79 -0.24
CA PRO A 44 -2.59 2.55 -1.26
C PRO A 44 -3.14 3.97 -1.41
N PHE A 45 -2.25 4.95 -1.24
CA PHE A 45 -2.47 6.38 -1.50
C PHE A 45 -1.76 6.83 -2.78
N ALA A 46 -2.39 7.68 -3.58
CA ALA A 46 -1.78 8.26 -4.78
C ALA A 46 -0.86 9.45 -4.43
N ASP A 47 0.05 9.82 -5.32
CA ASP A 47 0.98 10.95 -5.14
C ASP A 47 0.27 12.31 -4.97
N ASP A 48 -1.00 12.41 -5.40
CA ASP A 48 -1.89 13.57 -5.17
C ASP A 48 -2.37 13.69 -3.71
N ALA A 49 -2.18 12.64 -2.89
CA ALA A 49 -2.58 12.54 -1.50
C ALA A 49 -1.38 12.27 -0.56
N GLU A 50 -1.56 12.55 0.73
CA GLU A 50 -0.60 12.24 1.81
C GLU A 50 -1.29 11.54 2.98
N ILE A 51 -0.60 10.54 3.55
CA ILE A 51 -1.05 9.61 4.60
C ILE A 51 -1.55 10.36 5.84
N PRO A 52 -2.86 10.33 6.12
CA PRO A 52 -3.42 10.78 7.38
C PRO A 52 -3.08 9.79 8.51
N GLY A 53 -2.96 10.31 9.74
CA GLY A 53 -2.66 9.54 10.96
C GLY A 53 -3.55 8.31 11.20
N THR A 54 -4.80 8.33 10.73
CA THR A 54 -5.69 7.18 10.73
C THR A 54 -6.53 7.07 9.43
N TRP A 55 -7.08 5.88 9.15
CA TRP A 55 -7.89 5.59 7.95
C TRP A 55 -8.82 4.38 8.17
N LEU A 56 -10.01 4.38 7.55
CA LEU A 56 -10.99 3.30 7.69
C LEU A 56 -10.52 2.01 6.96
N CYS A 57 -10.49 0.90 7.70
CA CYS A 57 -10.02 -0.40 7.22
C CYS A 57 -11.16 -1.31 6.74
N ARG A 58 -10.82 -2.37 5.97
CA ARG A 58 -11.80 -3.27 5.33
C ARG A 58 -12.58 -4.16 6.32
N ASN A 59 -12.14 -4.23 7.58
CA ASN A 59 -12.92 -4.83 8.68
C ASN A 59 -14.19 -4.01 9.04
N GLY A 60 -14.24 -2.75 8.60
CA GLY A 60 -15.29 -1.78 8.92
C GLY A 60 -15.00 -0.94 10.17
N MET A 61 -13.75 -0.95 10.66
CA MET A 61 -13.28 -0.18 11.81
C MET A 61 -12.22 0.85 11.40
N GLU A 62 -12.16 1.98 12.11
CA GLU A 62 -11.12 3.00 11.96
C GLU A 62 -9.76 2.43 12.39
N GLY A 63 -8.88 2.21 11.42
CA GLY A 63 -7.50 1.77 11.64
C GLY A 63 -6.56 2.95 11.92
N THR A 64 -5.54 2.73 12.76
CA THR A 64 -4.48 3.72 13.03
C THR A 64 -3.18 3.33 12.34
N LEU A 65 -2.48 4.31 11.79
CA LEU A 65 -1.22 4.13 11.04
C LEU A 65 -0.12 3.48 11.89
N ILE A 66 0.42 2.35 11.42
CA ILE A 66 1.53 1.59 12.03
C ILE A 66 2.62 1.26 11.01
N GLU A 67 3.85 1.04 11.48
CA GLU A 67 5.01 0.73 10.65
C GLU A 67 5.88 -0.39 11.27
N GLY A 68 6.36 -1.31 10.42
CA GLY A 68 7.49 -2.21 10.71
C GLY A 68 7.15 -3.70 10.86
N ASP A 69 5.86 -4.06 10.91
CA ASP A 69 5.33 -5.41 11.06
C ASP A 69 5.65 -6.09 12.42
N LEU A 70 4.80 -7.06 12.75
CA LEU A 70 4.96 -7.98 13.89
C LEU A 70 6.09 -9.00 13.63
N PRO A 71 6.70 -9.61 14.68
CA PRO A 71 7.73 -10.66 14.57
C PRO A 71 7.23 -12.02 14.04
N GLU A 72 6.18 -12.04 13.21
CA GLU A 72 5.36 -13.19 12.80
C GLU A 72 5.07 -14.18 13.95
N PRO A 73 4.40 -13.73 15.04
CA PRO A 73 4.09 -14.56 16.21
C PRO A 73 3.06 -15.66 15.88
N LYS A 74 3.28 -16.85 16.42
CA LYS A 74 2.56 -18.10 16.11
C LYS A 74 2.77 -19.17 17.19
N LYS A 75 1.96 -20.23 17.17
CA LYS A 75 2.06 -21.42 18.04
C LYS A 75 1.82 -22.70 17.24
N VAL A 76 2.61 -23.74 17.50
CA VAL A 76 2.43 -25.09 16.93
C VAL A 76 1.34 -25.88 17.68
N LYS A 77 0.54 -26.66 16.94
CA LYS A 77 -0.59 -27.48 17.44
C LYS A 77 -0.59 -28.86 16.77
N PRO A 78 -1.08 -29.95 17.39
CA PRO A 78 -1.66 -30.08 18.75
C PRO A 78 -0.70 -29.72 19.90
N PRO A 79 -1.18 -29.49 21.14
CA PRO A 79 -2.53 -29.82 21.64
C PRO A 79 -3.64 -28.79 21.38
N ARG A 80 -3.42 -27.51 21.68
CA ARG A 80 -4.47 -26.48 21.81
C ARG A 80 -3.98 -25.07 21.43
N SER A 1 -11.45 17.04 -32.50
CA SER A 1 -11.73 16.96 -31.04
C SER A 1 -10.73 17.79 -30.24
N MET A 2 -11.07 18.14 -28.99
CA MET A 2 -10.25 18.95 -28.07
C MET A 2 -9.15 18.11 -27.38
N ALA A 3 -8.20 17.61 -28.16
CA ALA A 3 -7.07 16.78 -27.73
C ALA A 3 -5.77 17.14 -28.47
N ASP A 4 -4.62 16.82 -27.86
CA ASP A 4 -3.27 17.10 -28.37
C ASP A 4 -2.27 16.02 -27.88
N ARG A 5 -1.03 16.03 -28.39
CA ARG A 5 0.08 15.14 -27.97
C ARG A 5 0.73 15.57 -26.63
N VAL A 6 0.02 16.36 -25.84
CA VAL A 6 0.36 16.84 -24.48
C VAL A 6 -0.91 16.81 -23.63
N LEU A 7 -0.80 16.41 -22.36
CA LEU A 7 -1.96 16.26 -21.46
C LEU A 7 -2.61 17.63 -21.12
N ARG A 8 -3.95 17.64 -21.05
CA ARG A 8 -4.75 18.81 -20.64
C ARG A 8 -4.82 18.95 -19.11
N GLY A 9 -5.16 20.16 -18.64
CA GLY A 9 -5.18 20.52 -17.21
C GLY A 9 -3.79 20.74 -16.61
N SER A 10 -3.73 20.79 -15.27
CA SER A 10 -2.50 21.02 -14.48
C SER A 10 -2.55 20.32 -13.12
N ARG A 11 -1.41 20.26 -12.42
CA ARG A 11 -1.22 19.65 -11.09
C ARG A 11 -0.44 20.59 -10.17
N LEU A 12 -0.80 20.63 -8.88
CA LEU A 12 -0.26 21.55 -7.89
C LEU A 12 1.18 21.18 -7.47
N GLY A 13 2.12 22.12 -7.64
CA GLY A 13 3.49 22.08 -7.10
C GLY A 13 4.48 21.08 -7.72
N ALA A 14 4.03 20.21 -8.64
CA ALA A 14 4.83 19.15 -9.27
C ALA A 14 4.26 18.73 -10.64
N VAL A 15 4.96 17.82 -11.34
CA VAL A 15 4.54 17.23 -12.62
C VAL A 15 3.42 16.19 -12.46
N SER A 16 2.76 15.84 -13.56
CA SER A 16 1.79 14.73 -13.66
C SER A 16 1.83 14.08 -15.04
N TYR A 17 1.62 12.76 -15.10
CA TYR A 17 1.68 11.94 -16.31
C TYR A 17 0.76 10.70 -16.22
N GLU A 18 0.42 10.10 -17.36
CA GLU A 18 -0.57 9.01 -17.47
C GLU A 18 -0.06 7.64 -17.01
N THR A 19 1.25 7.52 -16.82
CA THR A 19 1.96 6.31 -16.32
C THR A 19 1.68 5.06 -17.17
N ASP A 20 1.59 5.21 -18.50
CA ASP A 20 1.26 4.11 -19.44
C ASP A 20 2.47 3.21 -19.79
N ARG A 21 3.41 3.06 -18.85
CA ARG A 21 4.63 2.23 -18.87
C ARG A 21 4.95 1.66 -17.47
N ASN A 22 3.91 1.43 -16.66
CA ASN A 22 4.02 1.25 -15.20
C ASN A 22 4.89 0.06 -14.76
N HIS A 23 5.73 0.31 -13.76
CA HIS A 23 6.53 -0.67 -13.00
C HIS A 23 6.83 -0.09 -11.61
N ASP A 24 6.93 -0.94 -10.58
CA ASP A 24 7.02 -0.53 -9.16
C ASP A 24 5.82 0.37 -8.72
N LEU A 25 5.88 0.97 -7.54
CA LEU A 25 4.82 1.82 -6.97
C LEU A 25 4.76 3.22 -7.62
N ALA A 26 4.33 3.24 -8.88
CA ALA A 26 4.29 4.41 -9.74
C ALA A 26 2.87 5.00 -9.78
N PRO A 27 2.73 6.32 -9.59
CA PRO A 27 3.23 7.03 -8.41
C PRO A 27 2.28 6.87 -7.20
N ARG A 28 2.57 5.92 -6.31
CA ARG A 28 1.76 5.61 -5.12
C ARG A 28 2.57 5.26 -3.85
N GLN A 29 1.88 5.27 -2.71
CA GLN A 29 2.35 5.01 -1.35
C GLN A 29 1.41 4.02 -0.66
N ILE A 30 1.88 2.82 -0.38
CA ILE A 30 1.13 1.81 0.38
C ILE A 30 1.39 2.03 1.87
N ALA A 31 0.41 2.54 2.60
CA ALA A 31 0.44 2.60 4.07
C ALA A 31 -0.32 1.41 4.69
N ARG A 32 -0.07 1.16 5.97
CA ARG A 32 -0.77 0.16 6.79
C ARG A 32 -1.48 0.81 7.97
N TYR A 33 -2.59 0.22 8.39
CA TYR A 33 -3.36 0.66 9.55
C TYR A 33 -3.89 -0.53 10.37
N ARG A 34 -3.92 -0.38 11.71
CA ARG A 34 -4.35 -1.38 12.69
C ARG A 34 -5.68 -0.99 13.33
N THR A 35 -6.66 -1.88 13.27
CA THR A 35 -8.01 -1.68 13.84
C THR A 35 -8.02 -1.88 15.36
N ASP A 36 -9.18 -1.67 15.98
CA ASP A 36 -9.33 -1.80 17.44
C ASP A 36 -9.44 -3.27 17.90
N ASN A 37 -9.61 -4.18 16.94
CA ASN A 37 -9.64 -5.63 17.13
C ASN A 37 -8.27 -6.28 16.80
N GLY A 38 -7.22 -5.46 16.65
CA GLY A 38 -5.85 -5.86 16.30
C GLY A 38 -5.60 -6.11 14.82
N GLU A 39 -6.62 -5.92 13.98
CA GLU A 39 -6.60 -6.36 12.59
C GLU A 39 -5.90 -5.33 11.71
N GLU A 40 -4.83 -5.74 11.05
CA GLU A 40 -4.00 -4.85 10.22
C GLU A 40 -4.29 -5.01 8.73
N PHE A 41 -4.58 -3.88 8.07
CA PHE A 41 -4.90 -3.78 6.64
C PHE A 41 -4.00 -2.75 5.94
N GLU A 42 -3.97 -2.83 4.61
CA GLU A 42 -3.18 -1.94 3.75
C GLU A 42 -4.07 -0.98 2.95
N VAL A 43 -3.64 0.27 2.86
CA VAL A 43 -4.31 1.35 2.11
C VAL A 43 -3.32 2.00 1.12
N PRO A 44 -3.49 1.80 -0.19
CA PRO A 44 -2.77 2.53 -1.24
C PRO A 44 -3.24 3.99 -1.33
N PHE A 45 -2.28 4.91 -1.33
CA PHE A 45 -2.46 6.36 -1.55
C PHE A 45 -1.71 6.81 -2.81
N ALA A 46 -2.26 7.74 -3.58
CA ALA A 46 -1.64 8.30 -4.78
C ALA A 46 -0.65 9.44 -4.43
N ASP A 47 0.28 9.75 -5.32
CA ASP A 47 1.25 10.85 -5.17
C ASP A 47 0.58 12.24 -5.04
N ASP A 48 -0.68 12.38 -5.48
CA ASP A 48 -1.50 13.58 -5.29
C ASP A 48 -2.05 13.74 -3.85
N ALA A 49 -1.92 12.68 -3.04
CA ALA A 49 -2.40 12.57 -1.66
C ALA A 49 -1.24 12.36 -0.65
N GLU A 50 -1.59 12.37 0.65
CA GLU A 50 -0.71 12.01 1.77
C GLU A 50 -1.43 11.06 2.75
N ILE A 51 -0.69 10.44 3.67
CA ILE A 51 -1.15 9.49 4.69
C ILE A 51 -1.58 10.25 5.95
N PRO A 52 -2.89 10.29 6.25
CA PRO A 52 -3.40 10.78 7.52
C PRO A 52 -3.10 9.78 8.64
N GLY A 53 -2.96 10.28 9.87
CA GLY A 53 -2.68 9.50 11.09
C GLY A 53 -3.59 8.28 11.31
N THR A 54 -4.84 8.33 10.83
CA THR A 54 -5.73 7.17 10.81
C THR A 54 -6.57 7.09 9.52
N TRP A 55 -7.10 5.91 9.20
CA TRP A 55 -7.91 5.63 7.99
C TRP A 55 -8.80 4.38 8.17
N LEU A 56 -9.98 4.35 7.54
CA LEU A 56 -10.93 3.23 7.64
C LEU A 56 -10.39 1.95 6.97
N CYS A 57 -10.35 0.85 7.71
CA CYS A 57 -9.88 -0.45 7.25
C CYS A 57 -11.02 -1.34 6.71
N ARG A 58 -10.66 -2.41 5.98
CA ARG A 58 -11.62 -3.33 5.34
C ARG A 58 -12.45 -4.17 6.32
N ASN A 59 -12.04 -4.24 7.60
CA ASN A 59 -12.87 -4.83 8.68
C ASN A 59 -14.11 -3.97 9.02
N GLY A 60 -14.11 -2.70 8.60
CA GLY A 60 -15.16 -1.71 8.88
C GLY A 60 -14.92 -0.87 10.14
N MET A 61 -13.69 -0.91 10.68
CA MET A 61 -13.22 -0.12 11.82
C MET A 61 -12.18 0.92 11.38
N GLU A 62 -12.13 2.07 12.04
CA GLU A 62 -11.07 3.07 11.81
C GLU A 62 -9.73 2.53 12.33
N GLY A 63 -8.83 2.22 11.40
CA GLY A 63 -7.47 1.78 11.70
C GLY A 63 -6.53 2.96 11.97
N THR A 64 -5.52 2.76 12.82
CA THR A 64 -4.45 3.74 13.08
C THR A 64 -3.16 3.35 12.38
N LEU A 65 -2.46 4.33 11.79
CA LEU A 65 -1.24 4.13 11.02
C LEU A 65 -0.13 3.50 11.88
N ILE A 66 0.39 2.33 11.47
CA ILE A 66 1.45 1.57 12.16
C ILE A 66 2.64 1.27 11.24
N GLU A 67 3.81 1.05 11.85
CA GLU A 67 5.05 0.60 11.19
C GLU A 67 5.31 -0.90 11.44
N GLY A 68 5.80 -1.60 10.42
CA GLY A 68 6.26 -3.00 10.52
C GLY A 68 6.79 -3.54 9.20
N ASP A 69 6.05 -3.31 8.11
CA ASP A 69 6.48 -3.54 6.72
C ASP A 69 5.87 -2.45 5.82
N LEU A 70 6.68 -1.46 5.44
CA LEU A 70 6.30 -0.32 4.58
C LEU A 70 7.31 -0.14 3.43
N PRO A 71 6.92 0.49 2.29
CA PRO A 71 7.79 0.72 1.13
C PRO A 71 8.75 1.91 1.35
N GLU A 72 9.59 1.80 2.38
CA GLU A 72 10.58 2.77 2.86
C GLU A 72 10.11 4.26 2.81
N PRO A 73 9.11 4.67 3.61
CA PRO A 73 8.70 6.07 3.75
C PRO A 73 9.80 6.99 4.28
N LYS A 74 9.61 8.32 4.14
CA LYS A 74 10.52 9.36 4.65
C LYS A 74 10.68 9.34 6.18
N LYS A 75 11.78 9.90 6.68
CA LYS A 75 12.04 10.10 8.11
C LYS A 75 11.07 11.12 8.73
N VAL A 76 10.58 10.81 9.93
CA VAL A 76 9.66 11.64 10.74
C VAL A 76 10.05 11.62 12.22
N LYS A 77 9.56 12.60 13.00
CA LYS A 77 9.80 12.73 14.45
C LYS A 77 8.48 12.87 15.23
N PRO A 78 8.43 12.54 16.55
CA PRO A 78 7.23 12.67 17.38
C PRO A 78 6.68 14.11 17.47
N PRO A 79 5.36 14.29 17.69
CA PRO A 79 4.75 15.61 17.87
C PRO A 79 5.16 16.27 19.19
N ARG A 80 5.17 17.61 19.22
CA ARG A 80 5.53 18.46 20.37
C ARG A 80 4.56 19.64 20.53
N SER A 1 29.48 -1.22 -36.87
CA SER A 1 28.21 -0.62 -37.32
C SER A 1 27.83 -1.12 -38.72
N MET A 2 26.55 -1.30 -39.06
CA MET A 2 25.34 -1.18 -38.23
C MET A 2 24.87 -2.56 -37.73
N ALA A 3 24.14 -2.68 -36.63
CA ALA A 3 23.69 -1.63 -35.70
C ALA A 3 24.82 -1.09 -34.78
N ASP A 4 24.50 -0.11 -33.94
CA ASP A 4 25.40 0.49 -32.95
C ASP A 4 24.66 0.82 -31.64
N ARG A 5 25.40 0.96 -30.53
CA ARG A 5 24.86 1.23 -29.18
C ARG A 5 24.32 2.66 -29.05
N VAL A 6 23.25 2.82 -28.25
CA VAL A 6 22.55 4.07 -27.97
C VAL A 6 22.19 4.20 -26.48
N LEU A 7 21.97 5.44 -26.02
CA LEU A 7 21.44 5.74 -24.69
C LEU A 7 19.92 5.47 -24.61
N ARG A 8 19.43 5.20 -23.39
CA ARG A 8 18.00 4.99 -23.08
C ARG A 8 17.27 6.32 -22.90
N GLY A 9 16.00 6.37 -23.32
CA GLY A 9 15.02 7.41 -22.98
C GLY A 9 13.96 6.88 -22.00
N SER A 10 14.09 7.06 -20.67
CA SER A 10 15.20 7.73 -19.96
C SER A 10 15.46 7.16 -18.57
N ARG A 11 14.43 6.93 -17.76
CA ARG A 11 14.56 6.58 -16.33
C ARG A 11 15.14 5.17 -16.09
N LEU A 12 16.01 4.97 -15.09
CA LEU A 12 16.57 5.97 -14.16
C LEU A 12 17.91 6.55 -14.67
N GLY A 13 18.78 5.73 -15.24
CA GLY A 13 20.18 6.08 -15.55
C GLY A 13 20.51 6.51 -16.99
N ALA A 14 19.52 6.64 -17.87
CA ALA A 14 19.67 6.83 -19.33
C ALA A 14 20.56 5.77 -20.02
N VAL A 15 20.58 4.55 -19.47
CA VAL A 15 21.17 3.32 -20.00
C VAL A 15 20.29 2.13 -19.62
N SER A 16 20.40 1.05 -20.37
CA SER A 16 19.58 -0.16 -20.19
C SER A 16 20.24 -1.18 -19.27
N TYR A 17 19.45 -1.85 -18.41
CA TYR A 17 19.96 -2.83 -17.43
C TYR A 17 18.93 -3.87 -16.94
N GLU A 18 17.71 -3.42 -16.72
CA GLU A 18 16.55 -4.19 -16.22
C GLU A 18 15.26 -3.39 -16.55
N THR A 19 15.22 -2.87 -17.78
CA THR A 19 14.52 -1.62 -18.13
C THR A 19 13.36 -1.82 -19.10
N ASP A 20 12.30 -1.05 -18.92
CA ASP A 20 11.03 -1.14 -19.68
C ASP A 20 10.65 0.22 -20.29
N ARG A 21 9.98 0.25 -21.46
CA ARG A 21 9.61 1.50 -22.16
C ARG A 21 8.47 2.28 -21.47
N ASN A 22 7.79 1.67 -20.50
CA ASN A 22 6.73 2.26 -19.68
C ASN A 22 6.99 1.90 -18.20
N HIS A 23 8.12 2.37 -17.67
CA HIS A 23 8.82 1.80 -16.50
C HIS A 23 8.05 1.90 -15.17
N ASP A 24 7.24 2.94 -14.98
CA ASP A 24 6.32 3.11 -13.84
C ASP A 24 4.98 3.73 -14.27
N LEU A 25 3.92 3.41 -13.52
CA LEU A 25 2.57 3.98 -13.63
C LEU A 25 1.98 4.24 -12.24
N ALA A 26 1.22 5.33 -12.09
CA ALA A 26 0.51 5.72 -10.87
C ALA A 26 1.41 5.69 -9.60
N PRO A 27 2.34 6.66 -9.44
CA PRO A 27 3.20 6.75 -8.27
C PRO A 27 2.37 6.85 -6.98
N ARG A 28 2.67 5.93 -6.06
CA ARG A 28 1.84 5.61 -4.88
C ARG A 28 2.61 5.34 -3.58
N GLN A 29 1.88 5.30 -2.47
CA GLN A 29 2.32 5.08 -1.09
C GLN A 29 1.39 4.10 -0.38
N ILE A 30 1.80 2.85 -0.20
CA ILE A 30 1.09 1.89 0.62
C ILE A 30 1.43 2.15 2.09
N ALA A 31 0.46 2.64 2.83
CA ALA A 31 0.46 2.67 4.28
C ALA A 31 -0.32 1.47 4.85
N ARG A 32 0.01 1.06 6.07
CA ARG A 32 -0.78 0.09 6.86
C ARG A 32 -1.53 0.82 7.96
N TYR A 33 -2.66 0.24 8.39
CA TYR A 33 -3.45 0.70 9.54
C TYR A 33 -3.98 -0.48 10.37
N ARG A 34 -3.94 -0.35 11.71
CA ARG A 34 -4.38 -1.36 12.68
C ARG A 34 -5.70 -0.96 13.33
N THR A 35 -6.70 -1.85 13.26
CA THR A 35 -8.04 -1.65 13.84
C THR A 35 -8.04 -1.92 15.34
N ASP A 36 -9.19 -1.72 15.98
CA ASP A 36 -9.33 -1.88 17.43
C ASP A 36 -9.34 -3.36 17.89
N ASN A 37 -9.52 -4.33 16.97
CA ASN A 37 -9.33 -5.74 17.30
C ASN A 37 -7.86 -6.21 17.10
N GLY A 38 -6.96 -5.32 16.66
CA GLY A 38 -5.61 -5.63 16.19
C GLY A 38 -5.53 -6.03 14.71
N GLU A 39 -6.64 -5.99 13.98
CA GLU A 39 -6.67 -6.41 12.57
C GLU A 39 -5.96 -5.35 11.72
N GLU A 40 -4.91 -5.72 11.01
CA GLU A 40 -4.14 -4.79 10.17
C GLU A 40 -4.47 -4.96 8.68
N PHE A 41 -4.70 -3.81 8.03
CA PHE A 41 -5.02 -3.70 6.60
C PHE A 41 -4.11 -2.67 5.91
N GLU A 42 -4.02 -2.79 4.58
CA GLU A 42 -3.17 -1.96 3.73
C GLU A 42 -4.00 -1.01 2.86
N VAL A 43 -3.60 0.27 2.84
CA VAL A 43 -4.26 1.33 2.06
C VAL A 43 -3.26 2.00 1.11
N PRO A 44 -3.36 1.77 -0.22
CA PRO A 44 -2.59 2.50 -1.22
C PRO A 44 -3.14 3.93 -1.42
N PHE A 45 -2.27 4.92 -1.24
CA PHE A 45 -2.48 6.33 -1.53
C PHE A 45 -1.72 6.76 -2.79
N ALA A 46 -2.28 7.65 -3.60
CA ALA A 46 -1.61 8.21 -4.78
C ALA A 46 -0.71 9.39 -4.38
N ASP A 47 0.27 9.75 -5.21
CA ASP A 47 1.19 10.87 -4.99
C ASP A 47 0.49 12.25 -4.88
N ASP A 48 -0.74 12.35 -5.39
CA ASP A 48 -1.63 13.52 -5.23
C ASP A 48 -2.19 13.67 -3.78
N ALA A 49 -2.07 12.63 -2.97
CA ALA A 49 -2.50 12.54 -1.57
C ALA A 49 -1.32 12.29 -0.60
N GLU A 50 -1.58 12.45 0.70
CA GLU A 50 -0.65 12.06 1.78
C GLU A 50 -1.38 11.37 2.94
N ILE A 51 -0.69 10.45 3.61
CA ILE A 51 -1.17 9.53 4.66
C ILE A 51 -1.66 10.31 5.91
N PRO A 52 -2.97 10.32 6.16
CA PRO A 52 -3.53 10.79 7.42
C PRO A 52 -3.23 9.80 8.56
N GLY A 53 -3.10 10.32 9.78
CA GLY A 53 -2.79 9.56 11.01
C GLY A 53 -3.68 8.33 11.26
N THR A 54 -4.93 8.34 10.79
CA THR A 54 -5.82 7.17 10.79
C THR A 54 -6.66 7.08 9.50
N TRP A 55 -7.17 5.88 9.19
CA TRP A 55 -8.00 5.59 8.00
C TRP A 55 -8.90 4.36 8.21
N LEU A 56 -10.08 4.34 7.59
CA LEU A 56 -11.06 3.25 7.73
C LEU A 56 -10.59 1.97 7.01
N CYS A 57 -10.54 0.86 7.75
CA CYS A 57 -10.07 -0.44 7.27
C CYS A 57 -11.21 -1.35 6.80
N ARG A 58 -10.87 -2.40 6.05
CA ARG A 58 -11.84 -3.32 5.41
C ARG A 58 -12.58 -4.24 6.41
N ASN A 59 -12.14 -4.30 7.66
CA ASN A 59 -12.90 -4.88 8.78
C ASN A 59 -14.17 -4.05 9.14
N GLY A 60 -14.23 -2.79 8.69
CA GLY A 60 -15.29 -1.84 9.00
C GLY A 60 -15.01 -0.97 10.24
N MET A 61 -13.74 -0.92 10.69
CA MET A 61 -13.28 -0.14 11.84
C MET A 61 -12.23 0.90 11.44
N GLU A 62 -12.19 2.03 12.15
CA GLU A 62 -11.14 3.04 12.02
C GLU A 62 -9.77 2.45 12.44
N GLY A 63 -8.89 2.25 11.47
CA GLY A 63 -7.52 1.80 11.69
C GLY A 63 -6.56 2.96 11.95
N THR A 64 -5.52 2.73 12.76
CA THR A 64 -4.46 3.73 13.04
C THR A 64 -3.14 3.36 12.36
N LEU A 65 -2.47 4.36 11.78
CA LEU A 65 -1.28 4.22 10.93
C LEU A 65 -0.11 3.55 11.68
N ILE A 66 0.37 2.42 11.13
CA ILE A 66 1.61 1.72 11.53
C ILE A 66 2.49 1.47 10.30
N GLU A 67 3.80 1.30 10.50
CA GLU A 67 4.75 1.07 9.41
C GLU A 67 4.58 -0.30 8.75
N GLY A 68 4.42 -0.31 7.42
CA GLY A 68 4.50 -1.49 6.55
C GLY A 68 5.94 -1.96 6.35
N ASP A 69 6.61 -2.35 7.44
CA ASP A 69 8.06 -2.62 7.50
C ASP A 69 8.46 -4.00 6.94
N LEU A 70 8.18 -4.21 5.65
CA LEU A 70 8.56 -5.41 4.89
C LEU A 70 10.08 -5.44 4.60
N PRO A 71 10.71 -6.64 4.45
CA PRO A 71 12.13 -6.81 4.19
C PRO A 71 12.49 -6.58 2.70
N GLU A 72 12.06 -5.44 2.16
CA GLU A 72 12.14 -5.03 0.74
C GLU A 72 11.98 -6.17 -0.31
N PRO A 73 10.84 -6.89 -0.32
CA PRO A 73 10.66 -8.09 -1.16
C PRO A 73 10.76 -7.80 -2.68
N LYS A 74 11.37 -8.72 -3.42
CA LYS A 74 11.48 -8.72 -4.90
C LYS A 74 11.46 -10.13 -5.49
N LYS A 75 12.45 -10.97 -5.10
CA LYS A 75 12.57 -12.39 -5.49
C LYS A 75 11.92 -13.31 -4.43
N VAL A 76 10.63 -13.07 -4.16
CA VAL A 76 9.84 -13.70 -3.10
C VAL A 76 8.49 -14.16 -3.64
N LYS A 77 8.02 -15.33 -3.19
CA LYS A 77 6.72 -15.95 -3.55
C LYS A 77 5.96 -16.42 -2.29
N PRO A 78 4.62 -16.59 -2.35
CA PRO A 78 3.82 -17.09 -1.22
C PRO A 78 4.25 -18.49 -0.72
N PRO A 79 4.05 -18.83 0.56
CA PRO A 79 4.47 -20.10 1.15
C PRO A 79 3.57 -21.29 0.79
N ARG A 80 2.35 -21.04 0.29
CA ARG A 80 1.32 -22.02 -0.08
C ARG A 80 0.68 -21.71 -1.45
N SER A 1 7.72 10.55 -36.91
CA SER A 1 8.03 9.28 -36.21
C SER A 1 9.52 8.93 -36.26
N MET A 2 10.06 8.55 -37.43
CA MET A 2 11.41 7.96 -37.57
C MET A 2 12.60 8.91 -37.28
N ALA A 3 12.35 10.21 -37.10
CA ALA A 3 13.35 11.20 -36.68
C ALA A 3 13.58 11.26 -35.15
N ASP A 4 12.68 10.67 -34.34
CA ASP A 4 12.80 10.64 -32.88
C ASP A 4 13.73 9.49 -32.43
N ARG A 5 14.94 9.84 -31.97
CA ARG A 5 16.05 8.89 -31.68
C ARG A 5 16.82 9.27 -30.42
N VAL A 6 17.46 8.29 -29.78
CA VAL A 6 18.27 8.44 -28.55
C VAL A 6 19.72 8.92 -28.80
N LEU A 7 19.97 9.52 -29.96
CA LEU A 7 21.28 10.04 -30.40
C LEU A 7 21.62 11.42 -29.81
N ARG A 8 20.61 12.15 -29.30
CA ARG A 8 20.75 13.46 -28.65
C ARG A 8 21.05 13.34 -27.14
N GLY A 9 21.61 14.40 -26.56
CA GLY A 9 21.98 14.47 -25.13
C GLY A 9 20.79 14.63 -24.17
N SER A 10 21.07 15.03 -22.92
CA SER A 10 20.06 15.22 -21.86
C SER A 10 19.03 16.33 -22.15
N ARG A 11 19.34 17.23 -23.11
CA ARG A 11 18.39 18.11 -23.80
C ARG A 11 18.37 17.78 -25.30
N LEU A 12 17.18 17.59 -25.86
CA LEU A 12 16.95 17.04 -27.20
C LEU A 12 16.43 18.07 -28.22
N GLY A 13 16.36 19.36 -27.85
CA GLY A 13 15.77 20.44 -28.65
C GLY A 13 14.26 20.64 -28.43
N ALA A 14 13.55 19.56 -28.07
CA ALA A 14 12.26 19.63 -27.38
C ALA A 14 12.45 20.03 -25.89
N VAL A 15 11.36 20.29 -25.16
CA VAL A 15 11.42 20.64 -23.72
C VAL A 15 11.88 19.42 -22.91
N SER A 16 13.13 19.49 -22.47
CA SER A 16 13.89 18.38 -21.87
C SER A 16 15.10 18.89 -21.09
N TYR A 17 15.51 18.14 -20.05
CA TYR A 17 16.52 18.54 -19.06
C TYR A 17 17.11 17.35 -18.31
N GLU A 18 18.28 17.55 -17.69
CA GLU A 18 19.02 16.52 -16.93
C GLU A 18 18.51 16.27 -15.49
N THR A 19 17.49 17.02 -15.06
CA THR A 19 16.88 17.08 -13.71
C THR A 19 17.81 17.61 -12.59
N ASP A 20 17.20 18.17 -11.53
CA ASP A 20 17.90 18.70 -10.36
C ASP A 20 18.30 17.59 -9.35
N ARG A 21 19.32 17.85 -8.52
CA ARG A 21 19.98 16.85 -7.66
C ARG A 21 20.20 17.38 -6.23
N ASN A 22 20.31 16.55 -5.19
CA ASN A 22 20.29 15.07 -5.17
C ASN A 22 18.93 14.49 -4.69
N HIS A 23 17.92 15.34 -4.51
CA HIS A 23 16.55 14.95 -4.09
C HIS A 23 15.78 14.17 -5.18
N ASP A 24 14.66 13.57 -4.77
CA ASP A 24 13.78 12.76 -5.64
C ASP A 24 12.29 12.93 -5.30
N LEU A 25 11.43 12.54 -6.26
CA LEU A 25 9.99 12.39 -6.10
C LEU A 25 9.54 10.98 -6.53
N ALA A 26 8.55 10.43 -5.83
CA ALA A 26 8.02 9.07 -6.04
C ALA A 26 6.46 9.05 -6.08
N PRO A 27 5.85 8.07 -6.79
CA PRO A 27 4.40 7.88 -6.89
C PRO A 27 3.82 7.21 -5.62
N ARG A 28 2.73 6.45 -5.80
CA ARG A 28 1.80 5.95 -4.77
C ARG A 28 2.45 5.29 -3.54
N GLN A 29 1.75 5.40 -2.41
CA GLN A 29 2.23 5.22 -1.04
C GLN A 29 1.31 4.24 -0.30
N ILE A 30 1.76 3.00 -0.17
CA ILE A 30 1.07 1.97 0.60
C ILE A 30 1.45 2.12 2.08
N ALA A 31 0.51 2.59 2.88
CA ALA A 31 0.56 2.59 4.33
C ALA A 31 -0.20 1.39 4.92
N ARG A 32 0.06 1.06 6.19
CA ARG A 32 -0.68 0.06 6.97
C ARG A 32 -1.42 0.73 8.13
N TYR A 33 -2.59 0.19 8.50
CA TYR A 33 -3.38 0.66 9.63
C TYR A 33 -3.95 -0.51 10.43
N ARG A 34 -3.98 -0.37 11.76
CA ARG A 34 -4.43 -1.38 12.73
C ARG A 34 -5.76 -0.98 13.37
N THR A 35 -6.74 -1.87 13.28
CA THR A 35 -8.11 -1.68 13.79
C THR A 35 -8.19 -1.91 15.30
N ASP A 36 -9.38 -1.73 15.87
CA ASP A 36 -9.60 -1.89 17.30
C ASP A 36 -9.55 -3.34 17.79
N ASN A 37 -9.66 -4.34 16.89
CA ASN A 37 -9.43 -5.74 17.27
C ASN A 37 -7.96 -6.20 17.08
N GLY A 38 -7.07 -5.28 16.67
CA GLY A 38 -5.70 -5.58 16.22
C GLY A 38 -5.60 -6.06 14.77
N GLU A 39 -6.69 -6.02 14.02
CA GLU A 39 -6.71 -6.45 12.61
C GLU A 39 -5.97 -5.40 11.77
N GLU A 40 -4.89 -5.78 11.08
CA GLU A 40 -4.09 -4.85 10.29
C GLU A 40 -4.39 -4.99 8.78
N PHE A 41 -4.62 -3.86 8.12
CA PHE A 41 -4.89 -3.74 6.69
C PHE A 41 -3.94 -2.74 6.01
N GLU A 42 -3.87 -2.78 4.67
CA GLU A 42 -3.04 -1.89 3.87
C GLU A 42 -3.92 -0.94 3.04
N VAL A 43 -3.54 0.33 3.01
CA VAL A 43 -4.22 1.40 2.27
C VAL A 43 -3.26 2.05 1.25
N PRO A 44 -3.47 1.83 -0.07
CA PRO A 44 -2.73 2.53 -1.12
C PRO A 44 -3.23 3.96 -1.32
N PHE A 45 -2.35 4.95 -1.10
CA PHE A 45 -2.57 6.37 -1.39
C PHE A 45 -1.88 6.79 -2.69
N ALA A 46 -2.53 7.63 -3.49
CA ALA A 46 -2.02 8.05 -4.79
C ALA A 46 -0.97 9.18 -4.66
N ASP A 47 -0.19 9.42 -5.73
CA ASP A 47 0.76 10.54 -5.86
C ASP A 47 0.15 11.93 -5.53
N ASP A 48 -1.17 12.08 -5.71
CA ASP A 48 -1.95 13.28 -5.42
C ASP A 48 -2.32 13.46 -3.92
N ALA A 49 -2.13 12.40 -3.11
CA ALA A 49 -2.55 12.32 -1.71
C ALA A 49 -1.39 11.96 -0.75
N GLU A 50 -1.56 12.29 0.54
CA GLU A 50 -0.60 11.98 1.62
C GLU A 50 -1.31 11.37 2.84
N ILE A 51 -0.57 10.51 3.56
CA ILE A 51 -1.00 9.64 4.66
C ILE A 51 -1.46 10.42 5.90
N PRO A 52 -2.76 10.41 6.22
CA PRO A 52 -3.29 10.86 7.50
C PRO A 52 -2.97 9.85 8.62
N GLY A 53 -2.82 10.35 9.85
CA GLY A 53 -2.53 9.57 11.06
C GLY A 53 -3.44 8.35 11.30
N THR A 54 -4.69 8.40 10.85
CA THR A 54 -5.62 7.26 10.86
C THR A 54 -6.47 7.17 9.57
N TRP A 55 -7.02 5.99 9.27
CA TRP A 55 -7.81 5.69 8.08
C TRP A 55 -8.74 4.47 8.27
N LEU A 56 -9.91 4.45 7.62
CA LEU A 56 -10.86 3.33 7.72
C LEU A 56 -10.33 2.06 7.02
N CYS A 57 -10.29 0.94 7.73
CA CYS A 57 -9.80 -0.34 7.24
C CYS A 57 -10.91 -1.18 6.59
N ARG A 58 -10.50 -2.22 5.84
CA ARG A 58 -11.40 -3.10 5.08
C ARG A 58 -12.32 -3.97 5.96
N ASN A 59 -12.00 -4.10 7.25
CA ASN A 59 -12.85 -4.72 8.27
C ASN A 59 -14.11 -3.88 8.62
N GLY A 60 -14.11 -2.60 8.25
CA GLY A 60 -15.17 -1.62 8.59
C GLY A 60 -14.91 -0.88 9.91
N MET A 61 -13.69 -0.98 10.45
CA MET A 61 -13.25 -0.28 11.67
C MET A 61 -12.18 0.77 11.35
N GLU A 62 -12.17 1.87 12.08
CA GLU A 62 -11.16 2.94 11.95
C GLU A 62 -9.79 2.42 12.42
N GLY A 63 -8.87 2.24 11.48
CA GLY A 63 -7.49 1.83 11.75
C GLY A 63 -6.56 3.02 12.04
N THR A 64 -5.54 2.79 12.86
CA THR A 64 -4.47 3.77 13.12
C THR A 64 -3.16 3.35 12.45
N LEU A 65 -2.43 4.32 11.90
CA LEU A 65 -1.19 4.13 11.15
C LEU A 65 -0.08 3.43 11.98
N ILE A 66 0.41 2.29 11.50
CA ILE A 66 1.50 1.48 12.10
C ILE A 66 2.54 1.05 11.06
N GLU A 67 3.76 0.78 11.51
CA GLU A 67 4.83 0.16 10.71
C GLU A 67 4.99 -1.34 11.05
N GLY A 68 5.42 -2.16 10.09
CA GLY A 68 5.71 -3.59 10.28
C GLY A 68 7.10 -3.90 10.84
N ASP A 69 8.05 -2.97 10.73
CA ASP A 69 9.47 -3.10 11.05
C ASP A 69 9.91 -2.09 12.12
N LEU A 70 11.22 -1.82 12.20
CA LEU A 70 11.87 -0.98 13.21
C LEU A 70 11.27 0.44 13.28
N PRO A 71 11.16 1.06 14.48
CA PRO A 71 11.73 0.61 15.75
C PRO A 71 10.99 -0.54 16.48
N GLU A 72 9.80 -0.93 16.01
CA GLU A 72 8.94 -1.92 16.68
C GLU A 72 8.52 -3.06 15.72
N PRO A 73 9.45 -3.95 15.30
CA PRO A 73 9.15 -5.03 14.36
C PRO A 73 8.20 -6.09 14.95
N LYS A 74 7.33 -6.63 14.09
CA LYS A 74 6.30 -7.63 14.45
C LYS A 74 5.99 -8.60 13.30
N LYS A 75 5.68 -9.86 13.65
CA LYS A 75 5.48 -10.99 12.72
C LYS A 75 4.07 -11.05 12.12
N VAL A 76 3.64 -9.92 11.54
CA VAL A 76 2.33 -9.77 10.88
C VAL A 76 2.29 -10.39 9.48
N LYS A 77 1.08 -10.59 8.92
CA LYS A 77 0.84 -11.11 7.57
C LYS A 77 0.40 -9.98 6.61
N PRO A 78 0.95 -9.89 5.38
CA PRO A 78 2.08 -10.66 4.86
C PRO A 78 3.42 -10.25 5.52
N PRO A 79 4.48 -11.08 5.44
CA PRO A 79 5.76 -10.84 6.13
C PRO A 79 6.55 -9.61 5.68
N ARG A 80 6.23 -9.03 4.51
CA ARG A 80 6.86 -7.84 3.92
C ARG A 80 5.85 -6.69 3.81
N SER A 1 -16.89 -47.89 -17.00
CA SER A 1 -15.57 -47.56 -17.61
C SER A 1 -15.20 -46.09 -17.37
N MET A 2 -13.90 -45.78 -17.30
CA MET A 2 -13.40 -44.42 -17.03
C MET A 2 -13.55 -43.46 -18.23
N ALA A 3 -13.44 -43.97 -19.46
CA ALA A 3 -13.59 -43.24 -20.72
C ALA A 3 -12.69 -41.98 -20.85
N ASP A 4 -11.50 -42.00 -20.24
CA ASP A 4 -10.52 -40.92 -20.29
C ASP A 4 -9.77 -40.82 -21.63
N ARG A 5 -9.22 -39.65 -21.99
CA ARG A 5 -9.20 -38.34 -21.31
C ARG A 5 -9.85 -37.23 -22.14
N VAL A 6 -10.25 -36.14 -21.48
CA VAL A 6 -10.94 -34.98 -22.05
C VAL A 6 -10.28 -33.65 -21.64
N LEU A 7 -10.49 -32.61 -22.42
CA LEU A 7 -10.04 -31.23 -22.14
C LEU A 7 -10.97 -30.51 -21.15
N ARG A 8 -10.47 -29.42 -20.55
CA ARG A 8 -11.19 -28.55 -19.58
C ARG A 8 -11.15 -27.09 -20.02
N GLY A 9 -12.20 -26.32 -19.70
CA GLY A 9 -12.36 -24.91 -20.09
C GLY A 9 -11.46 -23.90 -19.36
N SER A 10 -10.74 -24.33 -18.32
CA SER A 10 -9.77 -23.52 -17.56
C SER A 10 -8.62 -24.38 -17.02
N ARG A 11 -7.43 -23.78 -16.88
CA ARG A 11 -6.22 -24.41 -16.33
C ARG A 11 -6.11 -24.13 -14.83
N LEU A 12 -6.58 -25.07 -14.01
CA LEU A 12 -6.47 -25.01 -12.54
C LEU A 12 -5.01 -25.28 -12.11
N GLY A 13 -4.54 -24.58 -11.07
CA GLY A 13 -3.17 -24.73 -10.55
C GLY A 13 -2.06 -24.31 -11.52
N ALA A 14 -2.33 -23.33 -12.39
CA ALA A 14 -1.44 -22.90 -13.47
C ALA A 14 -0.06 -22.38 -12.97
N VAL A 15 1.01 -22.77 -13.66
CA VAL A 15 2.41 -22.39 -13.43
C VAL A 15 3.12 -22.07 -14.76
N SER A 16 4.16 -21.24 -14.80
CA SER A 16 4.77 -20.49 -13.69
C SER A 16 4.08 -19.15 -13.39
N TYR A 17 4.34 -18.61 -12.20
CA TYR A 17 3.77 -17.35 -11.67
C TYR A 17 4.82 -16.22 -11.50
N GLU A 18 6.08 -16.50 -11.86
CA GLU A 18 7.21 -15.54 -11.89
C GLU A 18 7.43 -14.76 -10.58
N THR A 19 7.17 -15.41 -9.44
CA THR A 19 7.27 -14.83 -8.07
C THR A 19 6.37 -13.60 -7.85
N ASP A 20 5.28 -13.47 -8.63
CA ASP A 20 4.31 -12.35 -8.66
C ASP A 20 4.91 -10.98 -9.06
N ARG A 21 4.04 -10.02 -9.41
CA ARG A 21 4.42 -8.68 -9.91
C ARG A 21 5.03 -7.80 -8.82
N ASN A 22 5.96 -6.92 -9.23
CA ASN A 22 6.63 -5.94 -8.36
C ASN A 22 5.71 -4.76 -7.99
N HIS A 23 6.01 -4.06 -6.89
CA HIS A 23 5.39 -2.77 -6.55
C HIS A 23 5.84 -1.66 -7.52
N ASP A 24 7.11 -1.71 -7.91
CA ASP A 24 7.73 -0.96 -9.02
C ASP A 24 7.66 0.58 -8.94
N LEU A 25 8.18 1.28 -9.96
CA LEU A 25 8.33 2.73 -9.99
C LEU A 25 7.04 3.43 -10.45
N ALA A 26 6.03 3.39 -9.58
CA ALA A 26 4.74 4.06 -9.70
C ALA A 26 4.60 5.17 -8.62
N PRO A 27 4.00 6.35 -8.92
CA PRO A 27 3.79 7.41 -7.93
C PRO A 27 2.68 7.10 -6.91
N ARG A 28 2.93 6.13 -6.01
CA ARG A 28 2.04 5.69 -4.94
C ARG A 28 2.74 5.37 -3.61
N GLN A 29 1.96 5.29 -2.54
CA GLN A 29 2.36 5.03 -1.15
C GLN A 29 1.41 4.02 -0.51
N ILE A 30 1.93 2.87 -0.09
CA ILE A 30 1.22 1.89 0.73
C ILE A 30 1.44 2.23 2.21
N ALA A 31 0.40 2.68 2.88
CA ALA A 31 0.34 2.70 4.34
C ALA A 31 -0.42 1.46 4.86
N ARG A 32 -0.11 1.07 6.09
CA ARG A 32 -0.89 0.07 6.86
C ARG A 32 -1.64 0.78 7.98
N TYR A 33 -2.78 0.23 8.39
CA TYR A 33 -3.55 0.71 9.54
C TYR A 33 -4.06 -0.47 10.38
N ARG A 34 -3.98 -0.36 11.71
CA ARG A 34 -4.38 -1.37 12.70
C ARG A 34 -5.71 -1.00 13.36
N THR A 35 -6.69 -1.90 13.31
CA THR A 35 -8.02 -1.73 13.91
C THR A 35 -7.98 -1.95 15.43
N ASP A 36 -9.12 -1.75 16.10
CA ASP A 36 -9.22 -1.90 17.56
C ASP A 36 -9.31 -3.38 17.99
N ASN A 37 -9.54 -4.28 17.02
CA ASN A 37 -9.56 -5.73 17.19
C ASN A 37 -8.19 -6.37 16.82
N GLY A 38 -7.14 -5.54 16.66
CA GLY A 38 -5.77 -5.93 16.28
C GLY A 38 -5.56 -6.15 14.78
N GLU A 39 -6.60 -5.96 13.98
CA GLU A 39 -6.62 -6.38 12.58
C GLU A 39 -5.94 -5.33 11.70
N GLU A 40 -4.88 -5.71 11.00
CA GLU A 40 -4.11 -4.79 10.16
C GLU A 40 -4.43 -4.97 8.68
N PHE A 41 -4.71 -3.83 8.03
CA PHE A 41 -5.05 -3.73 6.60
C PHE A 41 -4.21 -2.68 5.89
N GLU A 42 -4.13 -2.77 4.57
CA GLU A 42 -3.28 -1.94 3.72
C GLU A 42 -4.12 -0.95 2.89
N VAL A 43 -3.71 0.31 2.88
CA VAL A 43 -4.38 1.37 2.14
C VAL A 43 -3.38 1.98 1.13
N PRO A 44 -3.58 1.75 -0.18
CA PRO A 44 -2.80 2.39 -1.23
C PRO A 44 -3.24 3.85 -1.43
N PHE A 45 -2.28 4.77 -1.39
CA PHE A 45 -2.46 6.20 -1.66
C PHE A 45 -1.67 6.63 -2.91
N ALA A 46 -2.20 7.55 -3.71
CA ALA A 46 -1.49 8.14 -4.85
C ALA A 46 -0.64 9.33 -4.42
N ASP A 47 0.37 9.72 -5.22
CA ASP A 47 1.26 10.86 -4.95
C ASP A 47 0.52 12.21 -4.86
N ASP A 48 -0.70 12.30 -5.40
CA ASP A 48 -1.61 13.45 -5.27
C ASP A 48 -2.22 13.58 -3.85
N ALA A 49 -2.11 12.54 -3.03
CA ALA A 49 -2.59 12.44 -1.64
C ALA A 49 -1.45 12.27 -0.63
N GLU A 50 -1.73 12.54 0.65
CA GLU A 50 -0.81 12.30 1.78
C GLU A 50 -1.53 11.57 2.94
N ILE A 51 -0.82 10.62 3.55
CA ILE A 51 -1.25 9.70 4.60
C ILE A 51 -1.73 10.44 5.86
N PRO A 52 -3.04 10.41 6.14
CA PRO A 52 -3.59 10.86 7.42
C PRO A 52 -3.26 9.87 8.54
N GLY A 53 -3.13 10.38 9.77
CA GLY A 53 -2.80 9.61 10.98
C GLY A 53 -3.67 8.37 11.23
N THR A 54 -4.93 8.37 10.78
CA THR A 54 -5.80 7.19 10.79
C THR A 54 -6.65 7.08 9.51
N TRP A 55 -7.18 5.89 9.21
CA TRP A 55 -7.99 5.59 8.02
C TRP A 55 -8.89 4.35 8.21
N LEU A 56 -10.07 4.32 7.58
CA LEU A 56 -11.02 3.21 7.69
C LEU A 56 -10.49 1.92 7.03
N CYS A 57 -10.47 0.83 7.79
CA CYS A 57 -9.98 -0.48 7.36
C CYS A 57 -11.09 -1.40 6.83
N ARG A 58 -10.70 -2.48 6.13
CA ARG A 58 -11.64 -3.42 5.48
C ARG A 58 -12.51 -4.21 6.47
N ASN A 59 -12.10 -4.31 7.74
CA ASN A 59 -12.92 -4.89 8.82
C ASN A 59 -14.16 -4.01 9.18
N GLY A 60 -14.14 -2.73 8.76
CA GLY A 60 -15.19 -1.74 9.03
C GLY A 60 -14.94 -0.89 10.29
N MET A 61 -13.72 -0.92 10.81
CA MET A 61 -13.26 -0.11 11.95
C MET A 61 -12.22 0.93 11.49
N GLU A 62 -12.18 2.08 12.15
CA GLU A 62 -11.13 3.09 11.93
C GLU A 62 -9.78 2.55 12.42
N GLY A 63 -8.89 2.25 11.47
CA GLY A 63 -7.52 1.80 11.73
C GLY A 63 -6.57 2.96 12.01
N THR A 64 -5.55 2.74 12.82
CA THR A 64 -4.48 3.73 13.07
C THR A 64 -3.18 3.35 12.38
N LEU A 65 -2.52 4.34 11.79
CA LEU A 65 -1.30 4.20 10.99
C LEU A 65 -0.13 3.49 11.70
N ILE A 66 0.36 2.43 11.06
CA ILE A 66 1.61 1.70 11.33
C ILE A 66 2.42 1.53 10.04
N GLU A 67 3.73 1.36 10.13
CA GLU A 67 4.62 1.32 8.96
C GLU A 67 4.28 0.19 7.97
N GLY A 68 3.82 0.56 6.77
CA GLY A 68 3.58 -0.32 5.62
C GLY A 68 4.88 -0.81 4.96
N ASP A 69 5.66 -1.60 5.68
CA ASP A 69 6.98 -2.09 5.27
C ASP A 69 6.85 -3.29 4.33
N LEU A 70 6.83 -3.00 3.02
CA LEU A 70 6.67 -3.98 1.93
C LEU A 70 7.85 -4.98 1.83
N PRO A 71 7.70 -6.15 1.15
CA PRO A 71 8.64 -7.28 1.23
C PRO A 71 9.32 -7.65 -0.11
N GLU A 72 10.37 -6.99 -0.60
CA GLU A 72 11.15 -5.88 -0.03
C GLU A 72 11.51 -4.81 -1.12
N PRO A 73 10.52 -4.17 -1.78
CA PRO A 73 10.79 -3.12 -2.76
C PRO A 73 11.31 -1.82 -2.10
N LYS A 74 12.15 -1.08 -2.82
CA LYS A 74 12.81 0.15 -2.35
C LYS A 74 12.98 1.18 -3.48
N LYS A 75 12.82 2.47 -3.16
CA LYS A 75 13.04 3.63 -4.04
C LYS A 75 14.37 4.32 -3.72
N VAL A 76 14.99 4.96 -4.70
CA VAL A 76 16.32 5.60 -4.59
C VAL A 76 16.20 7.02 -4.01
N LYS A 77 15.79 7.10 -2.74
CA LYS A 77 15.60 8.34 -1.96
C LYS A 77 16.16 8.19 -0.53
N PRO A 78 16.71 9.26 0.08
CA PRO A 78 17.20 9.23 1.46
C PRO A 78 16.05 9.24 2.49
N PRO A 79 16.28 8.76 3.74
CA PRO A 79 15.30 8.84 4.82
C PRO A 79 15.12 10.30 5.32
N ARG A 80 13.98 10.68 5.91
CA ARG A 80 12.74 9.92 6.19
C ARG A 80 11.52 10.73 5.76
N SER A 1 -20.17 -5.07 -9.20
CA SER A 1 -20.47 -6.47 -9.58
C SER A 1 -20.58 -6.62 -11.10
N MET A 2 -20.34 -7.84 -11.62
CA MET A 2 -20.48 -8.20 -13.04
C MET A 2 -21.07 -9.61 -13.19
N ALA A 3 -22.24 -9.86 -12.59
CA ALA A 3 -22.93 -11.16 -12.65
C ALA A 3 -23.34 -11.58 -14.08
N ASP A 4 -23.47 -10.61 -14.99
CA ASP A 4 -23.68 -10.81 -16.43
C ASP A 4 -22.43 -11.34 -17.18
N ARG A 5 -21.25 -11.25 -16.54
CA ARG A 5 -19.94 -11.82 -16.94
C ARG A 5 -19.36 -11.33 -18.29
N VAL A 6 -18.11 -11.68 -18.52
CA VAL A 6 -17.36 -11.43 -19.77
C VAL A 6 -17.62 -12.58 -20.73
N LEU A 7 -17.52 -12.33 -22.03
CA LEU A 7 -17.60 -13.34 -23.11
C LEU A 7 -16.17 -13.80 -23.52
N ARG A 8 -15.63 -14.91 -22.99
CA ARG A 8 -16.16 -15.85 -21.98
C ARG A 8 -15.20 -15.94 -20.78
N GLY A 9 -15.63 -15.43 -19.63
CA GLY A 9 -14.84 -15.38 -18.38
C GLY A 9 -15.35 -14.33 -17.38
N SER A 10 -14.45 -13.83 -16.52
CA SER A 10 -14.72 -12.78 -15.54
C SER A 10 -13.54 -11.82 -15.36
N ARG A 11 -13.76 -10.71 -14.66
CA ARG A 11 -12.75 -9.67 -14.35
C ARG A 11 -11.97 -9.92 -13.05
N LEU A 12 -12.25 -11.01 -12.33
CA LEU A 12 -11.70 -11.29 -11.00
C LEU A 12 -10.18 -11.47 -11.02
N GLY A 13 -9.47 -10.78 -10.12
CA GLY A 13 -8.00 -10.84 -9.99
C GLY A 13 -7.20 -10.21 -11.14
N ALA A 14 -7.86 -9.44 -12.03
CA ALA A 14 -7.28 -8.89 -13.26
C ALA A 14 -7.81 -7.48 -13.60
N VAL A 15 -7.29 -6.89 -14.68
CA VAL A 15 -7.87 -5.70 -15.34
C VAL A 15 -9.19 -6.03 -16.04
N SER A 16 -9.96 -4.98 -16.32
CA SER A 16 -11.29 -5.09 -16.90
C SER A 16 -11.28 -5.60 -18.35
N TYR A 17 -12.26 -6.44 -18.69
CA TYR A 17 -12.40 -7.18 -19.95
C TYR A 17 -13.82 -7.12 -20.53
N GLU A 18 -14.00 -7.29 -21.84
CA GLU A 18 -13.13 -7.84 -22.89
C GLU A 18 -11.86 -7.03 -23.19
N THR A 19 -11.99 -5.72 -23.07
CA THR A 19 -10.91 -4.71 -23.04
C THR A 19 -11.30 -3.50 -22.18
N ASP A 20 -10.30 -2.71 -21.76
CA ASP A 20 -10.47 -1.48 -20.98
C ASP A 20 -9.36 -0.46 -21.29
N ARG A 21 -9.66 0.85 -21.19
CA ARG A 21 -8.75 1.97 -21.53
C ARG A 21 -8.47 2.96 -20.38
N ASN A 22 -8.84 2.63 -19.14
CA ASN A 22 -8.66 3.46 -17.94
C ASN A 22 -7.92 2.75 -16.78
N HIS A 23 -7.85 1.42 -16.78
CA HIS A 23 -7.02 0.63 -15.85
C HIS A 23 -5.52 0.89 -16.10
N ASP A 24 -4.81 1.38 -15.08
CA ASP A 24 -3.38 1.71 -15.12
C ASP A 24 -2.74 1.71 -13.71
N LEU A 25 -1.42 1.85 -13.66
CA LEU A 25 -0.64 2.06 -12.44
C LEU A 25 0.03 3.46 -12.44
N ALA A 26 0.16 4.05 -11.25
CA ALA A 26 0.73 5.37 -11.00
C ALA A 26 1.54 5.42 -9.69
N PRO A 27 2.42 6.43 -9.47
CA PRO A 27 3.19 6.60 -8.25
C PRO A 27 2.29 6.67 -7.00
N ARG A 28 2.53 5.74 -6.08
CA ARG A 28 1.70 5.49 -4.89
C ARG A 28 2.50 5.15 -3.62
N GLN A 29 1.80 5.19 -2.48
CA GLN A 29 2.29 5.03 -1.11
C GLN A 29 1.37 4.08 -0.34
N ILE A 30 1.79 2.83 -0.17
CA ILE A 30 1.11 1.85 0.66
C ILE A 30 1.47 2.11 2.12
N ALA A 31 0.49 2.61 2.87
CA ALA A 31 0.50 2.64 4.34
C ALA A 31 -0.27 1.44 4.90
N ARG A 32 0.05 1.03 6.13
CA ARG A 32 -0.75 0.06 6.91
C ARG A 32 -1.51 0.78 8.01
N TYR A 33 -2.65 0.22 8.41
CA TYR A 33 -3.45 0.68 9.55
C TYR A 33 -3.98 -0.49 10.38
N ARG A 34 -3.92 -0.36 11.72
CA ARG A 34 -4.37 -1.37 12.69
C ARG A 34 -5.70 -0.97 13.33
N THR A 35 -6.69 -1.84 13.24
CA THR A 35 -8.05 -1.65 13.79
C THR A 35 -8.09 -1.89 15.30
N ASP A 36 -9.25 -1.70 15.91
CA ASP A 36 -9.43 -1.84 17.35
C ASP A 36 -9.39 -3.30 17.83
N ASN A 37 -9.54 -4.30 16.94
CA ASN A 37 -9.33 -5.71 17.30
C ASN A 37 -7.86 -6.18 17.08
N GLY A 38 -6.97 -5.27 16.66
CA GLY A 38 -5.61 -5.58 16.19
C GLY A 38 -5.52 -6.01 14.72
N GLU A 39 -6.63 -5.97 13.98
CA GLU A 39 -6.67 -6.40 12.58
C GLU A 39 -5.96 -5.36 11.71
N GLU A 40 -4.89 -5.73 11.00
CA GLU A 40 -4.11 -4.81 10.16
C GLU A 40 -4.43 -4.97 8.68
N PHE A 41 -4.66 -3.83 8.02
CA PHE A 41 -4.97 -3.71 6.59
C PHE A 41 -4.08 -2.67 5.90
N GLU A 42 -3.99 -2.75 4.57
CA GLU A 42 -3.15 -1.89 3.75
C GLU A 42 -3.99 -0.93 2.91
N VAL A 43 -3.60 0.35 2.90
CA VAL A 43 -4.27 1.40 2.13
C VAL A 43 -3.25 2.04 1.15
N PRO A 44 -3.40 1.81 -0.16
CA PRO A 44 -2.59 2.48 -1.18
C PRO A 44 -3.10 3.90 -1.46
N PHE A 45 -2.26 4.91 -1.20
CA PHE A 45 -2.49 6.33 -1.49
C PHE A 45 -1.74 6.76 -2.76
N ALA A 46 -2.34 7.60 -3.58
CA ALA A 46 -1.68 8.18 -4.77
C ALA A 46 -0.78 9.36 -4.37
N ASP A 47 0.20 9.71 -5.21
CA ASP A 47 1.14 10.83 -5.00
C ASP A 47 0.45 12.20 -4.85
N ASP A 48 -0.80 12.32 -5.32
CA ASP A 48 -1.66 13.50 -5.13
C ASP A 48 -2.19 13.64 -3.67
N ALA A 49 -2.04 12.60 -2.86
CA ALA A 49 -2.48 12.51 -1.46
C ALA A 49 -1.31 12.20 -0.50
N GLU A 50 -1.51 12.48 0.80
CA GLU A 50 -0.57 12.15 1.89
C GLU A 50 -1.30 11.47 3.06
N ILE A 51 -0.63 10.47 3.65
CA ILE A 51 -1.10 9.56 4.69
C ILE A 51 -1.59 10.32 5.95
N PRO A 52 -2.90 10.32 6.21
CA PRO A 52 -3.45 10.81 7.47
C PRO A 52 -3.17 9.81 8.60
N GLY A 53 -3.03 10.32 9.83
CA GLY A 53 -2.75 9.55 11.05
C GLY A 53 -3.63 8.32 11.29
N THR A 54 -4.89 8.35 10.83
CA THR A 54 -5.78 7.18 10.82
C THR A 54 -6.62 7.10 9.53
N TRP A 55 -7.15 5.91 9.22
CA TRP A 55 -7.96 5.62 8.02
C TRP A 55 -8.86 4.39 8.22
N LEU A 56 -10.05 4.38 7.59
CA LEU A 56 -11.00 3.26 7.69
C LEU A 56 -10.49 2.00 6.98
N CYS A 57 -10.44 0.88 7.71
CA CYS A 57 -9.94 -0.41 7.21
C CYS A 57 -11.06 -1.28 6.64
N ARG A 58 -10.67 -2.33 5.90
CA ARG A 58 -11.61 -3.23 5.20
C ARG A 58 -12.52 -4.05 6.14
N ASN A 59 -12.12 -4.18 7.41
CA ASN A 59 -12.91 -4.78 8.49
C ASN A 59 -14.17 -3.95 8.85
N GLY A 60 -14.21 -2.67 8.45
CA GLY A 60 -15.25 -1.70 8.81
C GLY A 60 -14.97 -0.91 10.09
N MET A 61 -13.73 -0.98 10.60
CA MET A 61 -13.25 -0.27 11.78
C MET A 61 -12.20 0.79 11.41
N GLU A 62 -12.17 1.90 12.15
CA GLU A 62 -11.14 2.95 11.99
C GLU A 62 -9.76 2.41 12.43
N GLY A 63 -8.88 2.22 11.46
CA GLY A 63 -7.50 1.79 11.68
C GLY A 63 -6.56 2.96 11.97
N THR A 64 -5.51 2.73 12.76
CA THR A 64 -4.45 3.72 13.04
C THR A 64 -3.13 3.35 12.36
N LEU A 65 -2.45 4.35 11.78
CA LEU A 65 -1.27 4.22 10.93
C LEU A 65 -0.10 3.53 11.67
N ILE A 66 0.39 2.43 11.12
CA ILE A 66 1.63 1.73 11.53
C ILE A 66 2.58 1.54 10.33
N GLU A 67 3.88 1.42 10.61
CA GLU A 67 4.93 1.26 9.60
C GLU A 67 4.94 -0.17 9.00
N GLY A 68 4.28 -0.34 7.85
CA GLY A 68 4.26 -1.61 7.09
C GLY A 68 5.52 -1.83 6.23
N ASP A 69 6.15 -0.75 5.76
CA ASP A 69 7.39 -0.71 5.00
C ASP A 69 8.00 0.70 5.10
N LEU A 70 9.33 0.78 5.16
CA LEU A 70 10.11 2.04 5.19
C LEU A 70 10.99 2.17 3.93
N PRO A 71 10.94 3.30 3.21
CA PRO A 71 11.97 3.62 2.22
C PRO A 71 13.28 4.09 2.88
N GLU A 72 13.18 4.82 3.99
CA GLU A 72 14.30 5.41 4.75
C GLU A 72 14.07 5.31 6.28
N PRO A 73 14.33 4.15 6.92
CA PRO A 73 14.38 4.00 8.38
C PRO A 73 15.21 5.07 9.10
N LYS A 74 14.71 5.51 10.26
CA LYS A 74 15.33 6.52 11.16
C LYS A 74 15.61 5.98 12.57
N LYS A 75 15.75 4.65 12.72
CA LYS A 75 15.93 3.97 14.01
C LYS A 75 17.19 4.48 14.72
N VAL A 76 17.00 5.17 15.86
CA VAL A 76 18.01 5.90 16.64
C VAL A 76 18.94 6.84 15.83
N LYS A 77 18.45 7.39 14.71
CA LYS A 77 19.19 8.31 13.81
C LYS A 77 18.78 9.79 14.03
N PRO A 78 19.72 10.74 13.88
CA PRO A 78 19.46 12.18 14.04
C PRO A 78 18.62 12.78 12.90
N PRO A 79 18.11 14.03 13.03
CA PRO A 79 17.34 14.71 11.98
C PRO A 79 18.10 14.98 10.67
N ARG A 80 19.44 15.11 10.76
CA ARG A 80 20.36 15.36 9.62
C ARG A 80 21.72 14.67 9.85
N SER A 1 -15.80 -5.88 -23.34
CA SER A 1 -15.03 -4.69 -22.88
C SER A 1 -13.74 -4.52 -23.67
N MET A 2 -13.26 -3.28 -23.82
CA MET A 2 -12.02 -2.96 -24.56
C MET A 2 -10.76 -3.44 -23.82
N ALA A 3 -10.66 -3.11 -22.53
CA ALA A 3 -9.67 -3.60 -21.56
C ALA A 3 -10.20 -3.32 -20.13
N ASP A 4 -9.77 -3.98 -19.05
CA ASP A 4 -8.76 -5.05 -18.92
C ASP A 4 -9.09 -6.35 -19.69
N ARG A 5 -8.06 -7.17 -19.96
CA ARG A 5 -8.15 -8.49 -20.61
C ARG A 5 -7.48 -9.57 -19.76
N VAL A 6 -8.17 -9.97 -18.71
CA VAL A 6 -7.76 -10.97 -17.70
C VAL A 6 -6.41 -10.64 -17.05
N LEU A 7 -6.41 -9.57 -16.25
CA LEU A 7 -5.32 -9.08 -15.39
C LEU A 7 -4.00 -8.81 -16.14
N ARG A 8 -4.03 -7.89 -17.11
CA ARG A 8 -2.83 -7.40 -17.82
C ARG A 8 -1.86 -6.70 -16.89
N GLY A 9 -0.60 -7.13 -16.84
CA GLY A 9 0.02 -8.32 -17.44
C GLY A 9 1.44 -8.58 -16.92
N SER A 10 1.87 -9.84 -16.90
CA SER A 10 3.18 -10.29 -16.39
C SER A 10 4.31 -10.25 -17.43
N ARG A 11 3.98 -10.11 -18.72
CA ARG A 11 4.94 -10.01 -19.84
C ARG A 11 5.78 -8.73 -19.74
N LEU A 12 7.09 -8.88 -19.91
CA LEU A 12 8.09 -7.80 -20.04
C LEU A 12 9.08 -8.13 -21.17
N GLY A 13 9.78 -7.12 -21.70
CA GLY A 13 10.83 -7.27 -22.71
C GLY A 13 10.37 -7.64 -24.13
N ALA A 14 9.06 -7.87 -24.34
CA ALA A 14 8.43 -8.19 -25.61
C ALA A 14 6.98 -7.68 -25.65
N VAL A 15 6.46 -7.35 -26.84
CA VAL A 15 5.09 -6.83 -27.01
C VAL A 15 4.03 -7.87 -26.63
N SER A 16 2.88 -7.48 -26.05
CA SER A 16 2.42 -6.11 -25.73
C SER A 16 2.78 -5.63 -24.30
N TYR A 17 3.51 -6.44 -23.52
CA TYR A 17 3.91 -6.21 -22.13
C TYR A 17 2.78 -5.71 -21.19
N GLU A 18 3.12 -5.10 -20.05
CA GLU A 18 2.20 -4.68 -18.98
C GLU A 18 1.27 -3.48 -19.31
N THR A 19 1.06 -3.17 -20.60
CA THR A 19 0.20 -2.07 -21.06
C THR A 19 -1.29 -2.34 -20.84
N ASP A 20 -2.11 -1.28 -20.80
CA ASP A 20 -3.58 -1.36 -20.82
C ASP A 20 -4.17 -0.25 -21.72
N ARG A 21 -5.27 -0.55 -22.43
CA ARG A 21 -5.92 0.36 -23.39
C ARG A 21 -6.99 1.28 -22.77
N ASN A 22 -7.54 0.91 -21.61
CA ASN A 22 -8.63 1.62 -20.93
C ASN A 22 -8.19 2.26 -19.61
N HIS A 23 -7.36 1.56 -18.83
CA HIS A 23 -6.92 1.94 -17.49
C HIS A 23 -5.61 2.73 -17.51
N ASP A 24 -5.31 3.45 -16.42
CA ASP A 24 -4.08 4.20 -16.20
C ASP A 24 -3.48 3.91 -14.80
N LEU A 25 -2.17 4.14 -14.66
CA LEU A 25 -1.40 3.96 -13.42
C LEU A 25 -0.57 5.23 -13.09
N ALA A 26 -0.37 5.48 -11.80
CA ALA A 26 0.42 6.59 -11.27
C ALA A 26 1.20 6.16 -9.99
N PRO A 27 2.23 6.93 -9.56
CA PRO A 27 2.99 6.63 -8.34
C PRO A 27 2.11 6.69 -7.10
N ARG A 28 2.37 5.75 -6.17
CA ARG A 28 1.58 5.51 -4.96
C ARG A 28 2.41 5.16 -3.70
N GLN A 29 1.75 5.21 -2.56
CA GLN A 29 2.27 5.05 -1.19
C GLN A 29 1.36 4.09 -0.41
N ILE A 30 1.80 2.84 -0.25
CA ILE A 30 1.12 1.85 0.57
C ILE A 30 1.49 2.11 2.03
N ALA A 31 0.52 2.61 2.79
CA ALA A 31 0.56 2.67 4.25
C ALA A 31 -0.21 1.48 4.86
N ARG A 32 0.06 1.16 6.13
CA ARG A 32 -0.69 0.18 6.93
C ARG A 32 -1.44 0.86 8.06
N TYR A 33 -2.57 0.26 8.47
CA TYR A 33 -3.37 0.71 9.60
C TYR A 33 -3.94 -0.46 10.42
N ARG A 34 -3.97 -0.31 11.75
CA ARG A 34 -4.38 -1.31 12.75
C ARG A 34 -5.71 -0.92 13.38
N THR A 35 -6.69 -1.83 13.32
CA THR A 35 -8.06 -1.62 13.81
C THR A 35 -8.15 -1.84 15.33
N ASP A 36 -9.35 -1.66 15.89
CA ASP A 36 -9.57 -1.80 17.33
C ASP A 36 -9.52 -3.27 17.83
N ASN A 37 -9.62 -4.26 16.93
CA ASN A 37 -9.38 -5.67 17.31
C ASN A 37 -7.90 -6.10 17.11
N GLY A 38 -7.03 -5.18 16.70
CA GLY A 38 -5.66 -5.46 16.24
C GLY A 38 -5.55 -5.94 14.79
N GLU A 39 -6.64 -5.91 14.03
CA GLU A 39 -6.63 -6.36 12.63
C GLU A 39 -5.91 -5.32 11.77
N GLU A 40 -4.83 -5.70 11.10
CA GLU A 40 -4.00 -4.79 10.29
C GLU A 40 -4.28 -4.96 8.79
N PHE A 41 -4.51 -3.83 8.12
CA PHE A 41 -4.79 -3.74 6.67
C PHE A 41 -3.90 -2.71 5.98
N GLU A 42 -3.81 -2.79 4.65
CA GLU A 42 -3.00 -1.92 3.81
C GLU A 42 -3.88 -0.98 2.98
N VAL A 43 -3.53 0.30 2.95
CA VAL A 43 -4.22 1.34 2.18
C VAL A 43 -3.25 2.01 1.19
N PRO A 44 -3.39 1.78 -0.12
CA PRO A 44 -2.62 2.47 -1.16
C PRO A 44 -3.14 3.89 -1.41
N PHE A 45 -2.29 4.90 -1.20
CA PHE A 45 -2.53 6.32 -1.48
C PHE A 45 -1.81 6.76 -2.76
N ALA A 46 -2.43 7.62 -3.56
CA ALA A 46 -1.80 8.20 -4.76
C ALA A 46 -0.88 9.37 -4.40
N ASP A 47 0.07 9.71 -5.26
CA ASP A 47 1.03 10.82 -5.08
C ASP A 47 0.35 12.20 -4.93
N ASP A 48 -0.91 12.33 -5.37
CA ASP A 48 -1.75 13.52 -5.16
C ASP A 48 -2.23 13.67 -3.70
N ALA A 49 -2.08 12.63 -2.88
CA ALA A 49 -2.50 12.55 -1.48
C ALA A 49 -1.31 12.26 -0.52
N GLU A 50 -1.52 12.54 0.78
CA GLU A 50 -0.59 12.21 1.86
C GLU A 50 -1.31 11.51 3.03
N ILE A 51 -0.63 10.54 3.64
CA ILE A 51 -1.10 9.61 4.68
C ILE A 51 -1.57 10.37 5.94
N PRO A 52 -2.87 10.39 6.22
CA PRO A 52 -3.41 10.86 7.49
C PRO A 52 -3.06 9.89 8.63
N GLY A 53 -2.97 10.41 9.86
CA GLY A 53 -2.70 9.64 11.09
C GLY A 53 -3.57 8.39 11.29
N THR A 54 -4.81 8.40 10.78
CA THR A 54 -5.71 7.23 10.78
C THR A 54 -6.56 7.13 9.50
N TRP A 55 -7.09 5.94 9.21
CA TRP A 55 -7.90 5.64 8.01
C TRP A 55 -8.79 4.39 8.21
N LEU A 56 -9.98 4.36 7.58
CA LEU A 56 -10.92 3.25 7.68
C LEU A 56 -10.40 1.98 6.97
N CYS A 57 -10.34 0.87 7.69
CA CYS A 57 -9.83 -0.41 7.20
C CYS A 57 -10.93 -1.31 6.60
N ARG A 58 -10.51 -2.36 5.87
CA ARG A 58 -11.42 -3.26 5.15
C ARG A 58 -12.34 -4.09 6.08
N ASN A 59 -11.97 -4.20 7.36
CA ASN A 59 -12.79 -4.82 8.41
C ASN A 59 -14.07 -3.99 8.75
N GLY A 60 -14.11 -2.72 8.35
CA GLY A 60 -15.17 -1.77 8.67
C GLY A 60 -14.92 -0.98 9.96
N MET A 61 -13.68 -1.01 10.48
CA MET A 61 -13.24 -0.29 11.68
C MET A 61 -12.18 0.77 11.33
N GLU A 62 -12.17 1.88 12.08
CA GLU A 62 -11.15 2.94 11.96
C GLU A 62 -9.78 2.42 12.40
N GLY A 63 -8.87 2.26 11.45
CA GLY A 63 -7.49 1.84 11.69
C GLY A 63 -6.55 3.01 11.98
N THR A 64 -5.51 2.80 12.79
CA THR A 64 -4.46 3.80 13.06
C THR A 64 -3.14 3.41 12.40
N LEU A 65 -2.43 4.39 11.82
CA LEU A 65 -1.23 4.21 11.01
C LEU A 65 -0.09 3.53 11.80
N ILE A 66 0.39 2.37 11.33
CA ILE A 66 1.54 1.62 11.85
C ILE A 66 2.49 1.16 10.73
N GLU A 67 3.76 0.92 11.05
CA GLU A 67 4.71 0.24 10.15
C GLU A 67 4.76 -1.27 10.50
N GLY A 68 3.98 -2.09 9.78
CA GLY A 68 3.83 -3.53 10.05
C GLY A 68 4.95 -4.42 9.47
N ASP A 69 5.68 -3.92 8.47
CA ASP A 69 6.87 -4.51 7.85
C ASP A 69 7.76 -3.37 7.33
N LEU A 70 9.07 -3.60 7.32
CA LEU A 70 10.07 -2.69 6.77
C LEU A 70 10.01 -2.66 5.23
N PRO A 71 10.32 -1.52 4.57
CA PRO A 71 10.25 -1.34 3.11
C PRO A 71 11.48 -1.93 2.38
N GLU A 72 11.91 -3.14 2.80
CA GLU A 72 13.13 -3.85 2.39
C GLU A 72 14.37 -2.92 2.19
N PRO A 73 14.87 -2.24 3.25
CA PRO A 73 15.98 -1.29 3.14
C PRO A 73 17.28 -1.89 2.57
N LYS A 74 17.98 -1.08 1.76
CA LYS A 74 19.21 -1.47 1.01
C LYS A 74 20.32 -0.41 1.05
N LYS A 75 20.36 0.39 2.14
CA LYS A 75 21.32 1.49 2.38
C LYS A 75 21.37 2.51 1.21
N VAL A 76 20.19 3.03 0.84
CA VAL A 76 20.01 4.04 -0.21
C VAL A 76 20.57 5.41 0.17
N LYS A 77 20.86 6.26 -0.83
CA LYS A 77 21.32 7.65 -0.63
C LYS A 77 20.23 8.50 0.07
N PRO A 78 20.57 9.34 1.07
CA PRO A 78 19.59 10.21 1.74
C PRO A 78 18.90 11.23 0.79
N PRO A 79 17.66 11.66 1.09
CA PRO A 79 16.93 12.65 0.30
C PRO A 79 17.53 14.06 0.41
N ARG A 80 17.25 14.99 -0.53
CA ARG A 80 16.42 14.84 -1.74
C ARG A 80 17.27 14.52 -2.99
N SER A 1 -14.68 -15.59 -9.36
CA SER A 1 -15.17 -16.96 -9.59
C SER A 1 -16.69 -17.06 -9.34
N MET A 2 -17.43 -17.93 -10.03
CA MET A 2 -17.00 -18.87 -11.09
C MET A 2 -16.57 -18.14 -12.38
N ALA A 3 -17.20 -16.99 -12.67
CA ALA A 3 -16.68 -15.99 -13.62
C ALA A 3 -15.77 -14.98 -12.90
N ASP A 4 -14.71 -14.51 -13.57
CA ASP A 4 -13.76 -13.52 -13.02
C ASP A 4 -13.89 -12.12 -13.65
N ARG A 5 -14.70 -11.97 -14.70
CA ARG A 5 -15.19 -10.70 -15.28
C ARG A 5 -14.10 -9.66 -15.62
N VAL A 6 -12.89 -10.13 -15.91
CA VAL A 6 -11.67 -9.32 -16.12
C VAL A 6 -11.43 -8.33 -14.95
N LEU A 7 -11.76 -8.75 -13.73
CA LEU A 7 -11.65 -8.01 -12.47
C LEU A 7 -12.40 -6.66 -12.43
N ARG A 8 -13.46 -6.51 -13.24
CA ARG A 8 -14.30 -5.29 -13.33
C ARG A 8 -15.81 -5.61 -13.41
N GLY A 9 -16.64 -4.62 -13.08
CA GLY A 9 -18.10 -4.73 -13.13
C GLY A 9 -18.83 -3.55 -12.46
N SER A 10 -20.14 -3.44 -12.69
CA SER A 10 -20.99 -2.38 -12.14
C SER A 10 -20.95 -2.37 -10.60
N ARG A 11 -20.59 -1.23 -10.01
CA ARG A 11 -20.38 -0.99 -8.56
C ARG A 11 -19.52 -2.04 -7.82
N LEU A 12 -18.61 -2.72 -8.52
CA LEU A 12 -17.75 -3.78 -7.96
C LEU A 12 -16.62 -3.23 -7.07
N GLY A 13 -16.20 -1.98 -7.28
CA GLY A 13 -15.05 -1.37 -6.60
C GLY A 13 -13.71 -1.91 -7.13
N ALA A 14 -12.72 -2.01 -6.24
CA ALA A 14 -11.36 -2.50 -6.54
C ALA A 14 -10.85 -3.47 -5.46
N VAL A 15 -9.83 -4.26 -5.82
CA VAL A 15 -9.15 -5.26 -4.95
C VAL A 15 -10.12 -6.24 -4.30
N SER A 16 -10.85 -6.92 -5.17
CA SER A 16 -11.54 -8.19 -4.92
C SER A 16 -10.64 -9.42 -5.15
N TYR A 17 -9.32 -9.20 -5.25
CA TYR A 17 -8.29 -10.11 -5.75
C TYR A 17 -6.97 -9.93 -4.99
N GLU A 18 -6.06 -10.91 -5.08
CA GLU A 18 -4.73 -10.87 -4.44
C GLU A 18 -3.70 -10.22 -5.37
N THR A 19 -3.39 -8.94 -5.14
CA THR A 19 -2.48 -8.11 -5.96
C THR A 19 -0.98 -8.38 -5.65
N ASP A 20 -0.61 -9.65 -5.50
CA ASP A 20 0.74 -10.10 -5.16
C ASP A 20 1.25 -11.19 -6.09
N ARG A 21 2.27 -10.94 -6.92
CA ARG A 21 2.99 -9.66 -7.17
C ARG A 21 2.07 -8.58 -7.80
N ASN A 22 2.53 -7.33 -7.77
CA ASN A 22 1.78 -6.17 -8.26
C ASN A 22 1.42 -6.28 -9.76
N HIS A 23 0.25 -5.77 -10.14
CA HIS A 23 -0.26 -5.80 -11.52
C HIS A 23 0.37 -4.72 -12.42
N ASP A 24 0.65 -3.54 -11.85
CA ASP A 24 1.28 -2.39 -12.54
C ASP A 24 2.08 -1.53 -11.55
N LEU A 25 2.82 -0.54 -12.09
CA LEU A 25 3.55 0.48 -11.34
C LEU A 25 2.91 1.87 -11.53
N ALA A 26 2.87 2.66 -10.45
CA ALA A 26 2.30 4.01 -10.41
C ALA A 26 2.98 4.87 -9.31
N PRO A 27 2.88 6.21 -9.35
CA PRO A 27 3.34 7.09 -8.27
C PRO A 27 2.38 7.00 -7.07
N ARG A 28 2.66 6.06 -6.15
CA ARG A 28 1.80 5.69 -5.00
C ARG A 28 2.58 5.40 -3.70
N GLN A 29 1.84 5.33 -2.59
CA GLN A 29 2.29 5.11 -1.21
C GLN A 29 1.35 4.12 -0.50
N ILE A 30 1.79 2.89 -0.29
CA ILE A 30 1.06 1.90 0.51
C ILE A 30 1.44 2.08 1.98
N ALA A 31 0.48 2.57 2.77
CA ALA A 31 0.53 2.56 4.22
C ALA A 31 -0.24 1.36 4.80
N ARG A 32 0.05 0.99 6.04
CA ARG A 32 -0.70 0.00 6.83
C ARG A 32 -1.40 0.68 8.00
N TYR A 33 -2.54 0.14 8.41
CA TYR A 33 -3.32 0.62 9.55
C TYR A 33 -3.88 -0.56 10.36
N ARG A 34 -3.90 -0.41 11.70
CA ARG A 34 -4.36 -1.40 12.67
C ARG A 34 -5.67 -0.99 13.32
N THR A 35 -6.67 -1.86 13.27
CA THR A 35 -8.01 -1.63 13.83
C THR A 35 -8.04 -1.86 15.33
N ASP A 36 -9.19 -1.64 15.96
CA ASP A 36 -9.34 -1.78 17.41
C ASP A 36 -9.33 -3.24 17.89
N ASN A 37 -9.51 -4.23 17.00
CA ASN A 37 -9.31 -5.64 17.37
C ASN A 37 -7.86 -6.12 17.14
N GLY A 38 -6.96 -5.23 16.69
CA GLY A 38 -5.62 -5.56 16.20
C GLY A 38 -5.57 -6.03 14.75
N GLU A 39 -6.68 -5.96 14.01
CA GLU A 39 -6.73 -6.41 12.62
C GLU A 39 -6.00 -5.37 11.74
N GLU A 40 -4.95 -5.79 11.04
CA GLU A 40 -4.12 -4.90 10.22
C GLU A 40 -4.45 -5.02 8.73
N PHE A 41 -4.67 -3.88 8.07
CA PHE A 41 -4.99 -3.75 6.64
C PHE A 41 -4.03 -2.77 5.95
N GLU A 42 -3.98 -2.82 4.62
CA GLU A 42 -3.17 -1.93 3.80
C GLU A 42 -4.06 -0.97 3.01
N VAL A 43 -3.64 0.30 2.93
CA VAL A 43 -4.33 1.36 2.18
C VAL A 43 -3.38 1.99 1.16
N PRO A 44 -3.58 1.78 -0.15
CA PRO A 44 -2.82 2.45 -1.21
C PRO A 44 -3.29 3.90 -1.42
N PHE A 45 -2.36 4.84 -1.30
CA PHE A 45 -2.55 6.28 -1.58
C PHE A 45 -1.81 6.69 -2.86
N ALA A 46 -2.37 7.59 -3.65
CA ALA A 46 -1.70 8.19 -4.81
C ALA A 46 -0.82 9.38 -4.39
N ASP A 47 0.16 9.76 -5.21
CA ASP A 47 1.06 10.91 -4.96
C ASP A 47 0.32 12.26 -4.85
N ASP A 48 -0.91 12.35 -5.35
CA ASP A 48 -1.80 13.50 -5.19
C ASP A 48 -2.40 13.62 -3.76
N ALA A 49 -2.23 12.58 -2.93
CA ALA A 49 -2.66 12.50 -1.53
C ALA A 49 -1.48 12.27 -0.57
N GLU A 50 -1.68 12.53 0.72
CA GLU A 50 -0.72 12.26 1.81
C GLU A 50 -1.41 11.54 2.98
N ILE A 51 -0.68 10.59 3.57
CA ILE A 51 -1.10 9.66 4.62
C ILE A 51 -1.56 10.41 5.89
N PRO A 52 -2.86 10.39 6.21
CA PRO A 52 -3.39 10.82 7.49
C PRO A 52 -3.00 9.85 8.62
N GLY A 53 -2.91 10.36 9.85
CA GLY A 53 -2.63 9.57 11.07
C GLY A 53 -3.52 8.34 11.25
N THR A 54 -4.76 8.35 10.75
CA THR A 54 -5.67 7.20 10.75
C THR A 54 -6.53 7.11 9.49
N TRP A 55 -7.07 5.91 9.20
CA TRP A 55 -7.89 5.62 8.02
C TRP A 55 -8.80 4.40 8.22
N LEU A 56 -9.99 4.39 7.60
CA LEU A 56 -10.97 3.31 7.73
C LEU A 56 -10.50 2.04 7.00
N CYS A 57 -10.44 0.92 7.72
CA CYS A 57 -9.97 -0.37 7.23
C CYS A 57 -11.11 -1.27 6.72
N ARG A 58 -10.77 -2.31 5.95
CA ARG A 58 -11.74 -3.21 5.28
C ARG A 58 -12.53 -4.11 6.25
N ASN A 59 -12.13 -4.20 7.52
CA ASN A 59 -12.92 -4.80 8.60
C ASN A 59 -14.18 -3.96 8.96
N GLY A 60 -14.22 -2.69 8.54
CA GLY A 60 -15.26 -1.72 8.87
C GLY A 60 -14.97 -0.90 10.12
N MET A 61 -13.71 -0.92 10.62
CA MET A 61 -13.26 -0.14 11.78
C MET A 61 -12.20 0.89 11.39
N GLU A 62 -12.16 2.02 12.10
CA GLU A 62 -11.10 3.03 11.99
C GLU A 62 -9.75 2.42 12.41
N GLY A 63 -8.85 2.23 11.43
CA GLY A 63 -7.48 1.80 11.65
C GLY A 63 -6.54 2.97 11.94
N THR A 64 -5.53 2.75 12.78
CA THR A 64 -4.46 3.73 13.03
C THR A 64 -3.17 3.34 12.33
N LEU A 65 -2.45 4.31 11.78
CA LEU A 65 -1.21 4.13 11.04
C LEU A 65 -0.10 3.49 11.90
N ILE A 66 0.43 2.34 11.46
CA ILE A 66 1.51 1.59 12.11
C ILE A 66 2.67 1.26 11.16
N GLU A 67 3.87 1.08 11.72
CA GLU A 67 5.07 0.63 11.02
C GLU A 67 5.79 -0.47 11.83
N GLY A 68 6.17 -1.55 11.15
CA GLY A 68 6.97 -2.65 11.73
C GLY A 68 7.14 -3.84 10.79
N ASP A 69 6.13 -4.11 9.96
CA ASP A 69 6.16 -5.00 8.81
C ASP A 69 5.32 -4.34 7.70
N LEU A 70 5.87 -4.23 6.49
CA LEU A 70 5.26 -3.54 5.34
C LEU A 70 5.28 -4.41 4.06
N PRO A 71 4.35 -4.21 3.10
CA PRO A 71 4.27 -4.98 1.86
C PRO A 71 5.34 -4.55 0.84
N GLU A 72 6.60 -4.83 1.18
CA GLU A 72 7.84 -4.59 0.43
C GLU A 72 7.94 -3.21 -0.28
N PRO A 73 7.87 -2.06 0.44
CA PRO A 73 8.18 -0.75 -0.14
C PRO A 73 9.67 -0.43 0.06
N LYS A 74 10.52 -1.29 -0.50
CA LYS A 74 11.99 -1.27 -0.43
C LYS A 74 12.60 -2.29 -1.41
N LYS A 75 13.90 -2.13 -1.73
CA LYS A 75 14.75 -3.19 -2.31
C LYS A 75 14.93 -4.38 -1.33
N VAL A 76 15.62 -5.43 -1.78
CA VAL A 76 15.90 -6.67 -1.02
C VAL A 76 16.98 -6.50 0.07
N LYS A 77 16.69 -5.60 1.03
CA LYS A 77 17.57 -5.20 2.15
C LYS A 77 16.73 -5.07 3.43
N PRO A 78 17.23 -5.44 4.63
CA PRO A 78 16.45 -5.43 5.87
C PRO A 78 15.71 -4.10 6.15
N PRO A 79 14.45 -4.14 6.63
CA PRO A 79 13.71 -5.32 7.13
C PRO A 79 13.04 -6.18 6.03
N ARG A 80 13.28 -5.90 4.74
CA ARG A 80 12.77 -6.66 3.58
C ARG A 80 13.87 -7.46 2.86
N SER A 1 21.48 -26.05 -6.44
CA SER A 1 20.40 -25.04 -6.29
C SER A 1 20.13 -24.71 -4.82
N MET A 2 19.75 -23.47 -4.52
CA MET A 2 19.45 -22.98 -3.16
C MET A 2 18.08 -22.29 -3.04
N ALA A 3 17.71 -21.43 -4.01
CA ALA A 3 16.52 -20.56 -3.94
C ALA A 3 15.60 -20.44 -5.19
N ASP A 4 15.84 -20.99 -6.39
CA ASP A 4 16.88 -21.94 -6.83
C ASP A 4 18.26 -21.30 -7.08
N ARG A 5 18.31 -20.00 -7.38
CA ARG A 5 19.53 -19.27 -7.77
C ARG A 5 19.66 -17.88 -7.13
N VAL A 6 20.90 -17.40 -7.00
CA VAL A 6 21.30 -16.06 -6.50
C VAL A 6 20.68 -15.68 -5.13
N LEU A 7 20.29 -16.68 -4.33
CA LEU A 7 19.47 -16.57 -3.10
C LEU A 7 18.09 -15.89 -3.28
N ARG A 8 17.68 -15.58 -4.52
CA ARG A 8 16.50 -14.77 -4.89
C ARG A 8 15.77 -15.33 -6.13
N GLY A 9 15.66 -16.65 -6.21
CA GLY A 9 15.03 -17.37 -7.33
C GLY A 9 13.51 -17.58 -7.21
N SER A 10 12.89 -17.09 -6.14
CA SER A 10 11.45 -17.26 -5.86
C SER A 10 10.54 -16.49 -6.83
N ARG A 11 9.30 -16.98 -7.00
CA ARG A 11 8.21 -16.32 -7.74
C ARG A 11 7.61 -15.12 -6.97
N LEU A 12 7.89 -15.02 -5.66
CA LEU A 12 7.45 -13.92 -4.79
C LEU A 12 8.00 -12.55 -5.27
N GLY A 13 7.18 -11.49 -5.16
CA GLY A 13 7.51 -10.11 -5.54
C GLY A 13 8.47 -9.38 -4.60
N ALA A 14 9.52 -10.05 -4.12
CA ALA A 14 10.52 -9.55 -3.17
C ALA A 14 11.57 -8.61 -3.84
N VAL A 15 11.09 -7.59 -4.55
CA VAL A 15 11.91 -6.61 -5.30
C VAL A 15 12.65 -5.64 -4.39
N SER A 16 13.77 -5.08 -4.87
CA SER A 16 14.66 -4.18 -4.12
C SER A 16 15.17 -2.98 -4.96
N TYR A 17 14.33 -2.53 -5.91
CA TYR A 17 14.64 -1.54 -6.95
C TYR A 17 13.37 -0.85 -7.45
N GLU A 18 13.52 0.24 -8.21
CA GLU A 18 12.40 1.01 -8.78
C GLU A 18 11.66 0.22 -9.87
N THR A 19 10.49 -0.31 -9.53
CA THR A 19 9.60 -1.07 -10.43
C THR A 19 8.14 -1.01 -9.95
N ASP A 20 7.19 -1.45 -10.79
CA ASP A 20 5.75 -1.54 -10.45
C ASP A 20 5.10 -2.78 -11.12
N ARG A 21 4.02 -3.29 -10.52
CA ARG A 21 3.40 -4.60 -10.84
C ARG A 21 1.87 -4.58 -10.89
N ASN A 22 1.20 -3.59 -10.28
CA ASN A 22 -0.26 -3.54 -10.14
C ASN A 22 -0.84 -2.16 -10.50
N HIS A 23 -2.04 -2.14 -11.09
CA HIS A 23 -2.63 -0.97 -11.78
C HIS A 23 -1.73 -0.40 -12.89
N ASP A 24 -2.07 0.78 -13.44
CA ASP A 24 -1.20 1.54 -14.33
C ASP A 24 0.05 2.10 -13.61
N LEU A 25 1.10 2.38 -14.37
CA LEU A 25 2.41 2.79 -13.82
C LEU A 25 2.38 4.25 -13.35
N ALA A 26 2.28 4.45 -12.03
CA ALA A 26 2.27 5.76 -11.37
C ALA A 26 2.82 5.68 -9.93
N PRO A 27 3.39 6.77 -9.36
CA PRO A 27 3.89 6.79 -7.98
C PRO A 27 2.74 6.73 -6.96
N ARG A 28 2.85 5.78 -6.04
CA ARG A 28 1.91 5.55 -4.92
C ARG A 28 2.60 5.17 -3.60
N GLN A 29 1.85 5.25 -2.51
CA GLN A 29 2.28 5.10 -1.11
C GLN A 29 1.36 4.11 -0.40
N ILE A 30 1.84 2.88 -0.24
CA ILE A 30 1.16 1.84 0.55
C ILE A 30 1.48 2.06 2.03
N ALA A 31 0.47 2.54 2.76
CA ALA A 31 0.47 2.59 4.21
C ALA A 31 -0.27 1.37 4.78
N ARG A 32 -0.05 1.07 6.06
CA ARG A 32 -0.85 0.10 6.82
C ARG A 32 -1.56 0.80 7.97
N TYR A 33 -2.67 0.22 8.42
CA TYR A 33 -3.44 0.69 9.57
C TYR A 33 -3.97 -0.48 10.43
N ARG A 34 -3.92 -0.33 11.76
CA ARG A 34 -4.38 -1.31 12.75
C ARG A 34 -5.70 -0.90 13.38
N THR A 35 -6.71 -1.78 13.30
CA THR A 35 -8.06 -1.58 13.85
C THR A 35 -8.08 -1.81 15.37
N ASP A 36 -9.24 -1.61 15.99
CA ASP A 36 -9.40 -1.74 17.44
C ASP A 36 -9.38 -3.20 17.93
N ASN A 37 -9.57 -4.19 17.04
CA ASN A 37 -9.38 -5.61 17.42
C ASN A 37 -7.91 -6.09 17.22
N GLY A 38 -7.02 -5.19 16.77
CA GLY A 38 -5.67 -5.53 16.31
C GLY A 38 -5.59 -6.00 14.85
N GLU A 39 -6.68 -5.93 14.10
CA GLU A 39 -6.71 -6.38 12.70
C GLU A 39 -5.99 -5.34 11.84
N GLU A 40 -4.91 -5.72 11.16
CA GLU A 40 -4.10 -4.80 10.34
C GLU A 40 -4.39 -4.97 8.84
N PHE A 41 -4.63 -3.85 8.16
CA PHE A 41 -4.92 -3.77 6.71
C PHE A 41 -4.05 -2.73 6.00
N GLU A 42 -3.97 -2.82 4.68
CA GLU A 42 -3.13 -1.99 3.82
C GLU A 42 -4.00 -1.02 3.01
N VAL A 43 -3.61 0.25 2.95
CA VAL A 43 -4.28 1.30 2.18
C VAL A 43 -3.29 1.95 1.19
N PRO A 44 -3.46 1.72 -0.12
CA PRO A 44 -2.67 2.39 -1.16
C PRO A 44 -3.19 3.81 -1.44
N PHE A 45 -2.30 4.80 -1.33
CA PHE A 45 -2.53 6.22 -1.62
C PHE A 45 -1.77 6.69 -2.86
N ALA A 46 -2.39 7.52 -3.70
CA ALA A 46 -1.75 8.12 -4.87
C ALA A 46 -0.89 9.34 -4.47
N ASP A 47 0.04 9.75 -5.33
CA ASP A 47 0.94 10.90 -5.13
C ASP A 47 0.19 12.25 -4.95
N ASP A 48 -1.07 12.32 -5.39
CA ASP A 48 -1.98 13.45 -5.17
C ASP A 48 -2.47 13.56 -3.71
N ALA A 49 -2.26 12.52 -2.89
CA ALA A 49 -2.65 12.42 -1.48
C ALA A 49 -1.46 12.11 -0.55
N GLU A 50 -1.61 12.40 0.74
CA GLU A 50 -0.64 12.11 1.81
C GLU A 50 -1.33 11.44 3.01
N ILE A 51 -0.67 10.41 3.55
CA ILE A 51 -1.16 9.48 4.58
C ILE A 51 -1.64 10.23 5.83
N PRO A 52 -2.94 10.25 6.11
CA PRO A 52 -3.48 10.76 7.36
C PRO A 52 -3.18 9.79 8.51
N GLY A 53 -3.02 10.33 9.72
CA GLY A 53 -2.71 9.58 10.96
C GLY A 53 -3.59 8.36 11.23
N THR A 54 -4.85 8.38 10.78
CA THR A 54 -5.75 7.21 10.80
C THR A 54 -6.60 7.12 9.52
N TRP A 55 -7.13 5.93 9.21
CA TRP A 55 -7.96 5.64 8.03
C TRP A 55 -8.85 4.40 8.23
N LEU A 56 -10.04 4.38 7.62
CA LEU A 56 -10.99 3.26 7.73
C LEU A 56 -10.47 2.00 7.03
N CYS A 57 -10.39 0.89 7.77
CA CYS A 57 -9.88 -0.40 7.29
C CYS A 57 -10.98 -1.29 6.71
N ARG A 58 -10.57 -2.35 6.01
CA ARG A 58 -11.46 -3.26 5.28
C ARG A 58 -12.36 -4.11 6.20
N ASN A 59 -12.01 -4.21 7.49
CA ASN A 59 -12.85 -4.79 8.55
C ASN A 59 -14.10 -3.94 8.88
N GLY A 60 -14.11 -2.67 8.48
CA GLY A 60 -15.16 -1.69 8.79
C GLY A 60 -14.92 -0.89 10.07
N MET A 61 -13.67 -0.90 10.59
CA MET A 61 -13.25 -0.14 11.78
C MET A 61 -12.18 0.89 11.41
N GLU A 62 -12.14 2.02 12.13
CA GLU A 62 -11.10 3.04 11.98
C GLU A 62 -9.74 2.50 12.45
N GLY A 63 -8.83 2.29 11.50
CA GLY A 63 -7.46 1.85 11.74
C GLY A 63 -6.51 3.02 12.00
N THR A 64 -5.45 2.79 12.78
CA THR A 64 -4.39 3.78 13.04
C THR A 64 -3.08 3.39 12.35
N LEU A 65 -2.40 4.38 11.76
CA LEU A 65 -1.25 4.23 10.87
C LEU A 65 -0.06 3.54 11.56
N ILE A 66 0.38 2.41 11.00
CA ILE A 66 1.64 1.72 11.31
C ILE A 66 2.45 1.48 10.03
N GLU A 67 3.77 1.33 10.14
CA GLU A 67 4.64 1.13 8.97
C GLU A 67 4.41 -0.23 8.27
N GLY A 68 4.20 -0.18 6.95
CA GLY A 68 4.22 -1.34 6.04
C GLY A 68 5.22 -1.18 4.89
N ASP A 69 4.93 -0.28 3.95
CA ASP A 69 5.63 -0.15 2.66
C ASP A 69 5.77 1.33 2.20
N LEU A 70 5.89 2.26 3.16
CA LEU A 70 5.93 3.70 2.93
C LEU A 70 7.21 4.11 2.14
N PRO A 71 7.09 4.89 1.05
CA PRO A 71 8.24 5.50 0.34
C PRO A 71 8.74 6.77 1.06
N GLU A 72 8.80 6.73 2.40
CA GLU A 72 9.07 7.82 3.33
C GLU A 72 8.39 9.17 2.94
N PRO A 73 7.05 9.23 2.84
CA PRO A 73 6.32 10.45 2.48
C PRO A 73 6.29 11.48 3.63
N LYS A 74 6.09 12.75 3.28
CA LYS A 74 5.93 13.85 4.25
C LYS A 74 4.64 13.70 5.06
N LYS A 75 4.74 13.81 6.40
CA LYS A 75 3.58 13.81 7.31
C LYS A 75 3.79 14.69 8.57
N VAL A 76 4.40 15.86 8.36
CA VAL A 76 4.64 16.94 9.34
C VAL A 76 4.63 18.30 8.62
N LYS A 77 4.34 19.39 9.34
CA LYS A 77 4.43 20.79 8.86
C LYS A 77 3.71 21.04 7.50
N PRO A 78 2.36 21.07 7.45
CA PRO A 78 1.41 20.98 8.57
C PRO A 78 1.24 19.55 9.15
N PRO A 79 0.80 19.42 10.42
CA PRO A 79 0.50 18.11 11.02
C PRO A 79 -0.67 17.41 10.32
N ARG A 80 -0.61 16.07 10.28
CA ARG A 80 -1.46 15.18 9.48
C ARG A 80 -1.62 13.79 10.13
N SER A 1 12.37 23.25 -27.13
CA SER A 1 11.48 23.88 -26.14
C SER A 1 10.83 25.15 -26.69
N MET A 2 9.61 25.46 -26.27
CA MET A 2 8.85 26.66 -26.70
C MET A 2 7.89 27.20 -25.62
N ALA A 3 7.14 26.31 -24.96
CA ALA A 3 6.11 26.66 -23.96
C ALA A 3 6.11 25.71 -22.74
N ASP A 4 7.22 25.02 -22.50
CA ASP A 4 7.32 23.85 -21.62
C ASP A 4 7.30 24.21 -20.12
N ARG A 5 7.78 25.42 -19.77
CA ARG A 5 7.86 26.00 -18.40
C ARG A 5 8.68 25.17 -17.39
N VAL A 6 8.97 25.80 -16.24
CA VAL A 6 9.73 25.27 -15.07
C VAL A 6 11.09 24.59 -15.39
N LEU A 7 11.73 25.00 -16.50
CA LEU A 7 13.00 24.43 -16.96
C LEU A 7 14.17 24.83 -16.03
N ARG A 8 15.08 23.88 -15.78
CA ARG A 8 16.22 24.02 -14.86
C ARG A 8 17.42 23.15 -15.27
N GLY A 9 18.62 23.48 -14.79
CA GLY A 9 19.86 22.74 -14.99
C GLY A 9 20.01 21.49 -14.11
N SER A 10 18.94 20.69 -13.98
CA SER A 10 18.86 19.49 -13.12
C SER A 10 17.88 18.45 -13.70
N ARG A 11 17.77 17.29 -13.03
CA ARG A 11 16.90 16.15 -13.42
C ARG A 11 15.42 16.43 -13.12
N LEU A 12 14.81 17.28 -13.94
CA LEU A 12 13.41 17.71 -13.86
C LEU A 12 12.43 16.54 -14.07
N GLY A 13 11.25 16.61 -13.44
CA GLY A 13 10.21 15.58 -13.50
C GLY A 13 10.44 14.40 -12.55
N ALA A 14 9.80 13.25 -12.83
CA ALA A 14 9.95 12.03 -12.05
C ALA A 14 11.35 11.40 -12.17
N VAL A 15 11.80 10.72 -11.12
CA VAL A 15 13.16 10.14 -10.99
C VAL A 15 13.15 8.68 -10.52
N SER A 16 14.22 7.96 -10.86
CA SER A 16 14.53 6.60 -10.37
C SER A 16 16.05 6.41 -10.29
N TYR A 17 16.54 5.71 -9.26
CA TYR A 17 17.98 5.58 -8.96
C TYR A 17 18.37 4.30 -8.21
N GLU A 18 17.54 3.92 -7.26
CA GLU A 18 17.60 2.67 -6.46
C GLU A 18 16.20 2.14 -6.14
N THR A 19 15.35 3.10 -5.76
CA THR A 19 13.88 3.10 -5.83
C THR A 19 13.23 1.88 -5.14
N ASP A 20 12.97 1.99 -3.84
CA ASP A 20 12.38 0.91 -3.03
C ASP A 20 10.92 0.60 -3.35
N ARG A 21 10.47 -0.65 -3.17
CA ARG A 21 11.13 -1.82 -2.52
C ARG A 21 11.25 -3.08 -3.40
N ASN A 22 10.85 -3.03 -4.67
CA ASN A 22 10.94 -4.16 -5.62
C ASN A 22 11.25 -3.77 -7.08
N HIS A 23 10.59 -2.81 -7.74
CA HIS A 23 9.48 -1.95 -7.35
C HIS A 23 8.40 -1.89 -8.45
N ASP A 24 7.17 -1.54 -8.08
CA ASP A 24 6.06 -1.33 -9.02
C ASP A 24 6.06 0.09 -9.63
N LEU A 25 5.56 0.20 -10.86
CA LEU A 25 5.63 1.41 -11.68
C LEU A 25 4.33 2.23 -11.61
N ALA A 26 4.09 2.81 -10.43
CA ALA A 26 2.95 3.68 -10.12
C ALA A 26 3.33 4.76 -9.09
N PRO A 27 2.94 6.04 -9.27
CA PRO A 27 3.13 7.11 -8.28
C PRO A 27 2.20 6.97 -7.06
N ARG A 28 2.48 6.00 -6.19
CA ARG A 28 1.67 5.66 -4.99
C ARG A 28 2.48 5.29 -3.74
N GLN A 29 1.79 5.27 -2.61
CA GLN A 29 2.28 5.07 -1.24
C GLN A 29 1.34 4.11 -0.49
N ILE A 30 1.74 2.86 -0.34
CA ILE A 30 1.03 1.86 0.46
C ILE A 30 1.42 2.06 1.92
N ALA A 31 0.47 2.57 2.71
CA ALA A 31 0.52 2.60 4.17
C ALA A 31 -0.25 1.42 4.76
N ARG A 32 0.05 1.07 6.02
CA ARG A 32 -0.71 0.10 6.83
C ARG A 32 -1.45 0.81 7.96
N TYR A 33 -2.59 0.24 8.38
CA TYR A 33 -3.37 0.70 9.53
C TYR A 33 -3.91 -0.48 10.35
N ARG A 34 -3.93 -0.33 11.67
CA ARG A 34 -4.35 -1.33 12.65
C ARG A 34 -5.68 -0.95 13.30
N THR A 35 -6.65 -1.86 13.27
CA THR A 35 -7.99 -1.67 13.84
C THR A 35 -7.99 -1.86 15.36
N ASP A 36 -9.15 -1.65 16.00
CA ASP A 36 -9.30 -1.77 17.45
C ASP A 36 -9.41 -3.24 17.91
N ASN A 37 -9.60 -4.15 16.96
CA ASN A 37 -9.65 -5.59 17.14
C ASN A 37 -8.29 -6.26 16.82
N GLY A 38 -7.23 -5.47 16.67
CA GLY A 38 -5.86 -5.88 16.32
C GLY A 38 -5.62 -6.12 14.84
N GLU A 39 -6.63 -5.93 14.01
CA GLU A 39 -6.63 -6.37 12.61
C GLU A 39 -5.93 -5.33 11.73
N GLU A 40 -4.86 -5.73 11.06
CA GLU A 40 -4.03 -4.83 10.26
C GLU A 40 -4.32 -4.97 8.75
N PHE A 41 -4.56 -3.84 8.09
CA PHE A 41 -4.89 -3.75 6.66
C PHE A 41 -4.02 -2.70 5.94
N GLU A 42 -3.98 -2.78 4.61
CA GLU A 42 -3.17 -1.92 3.75
C GLU A 42 -4.02 -0.95 2.93
N VAL A 43 -3.58 0.30 2.85
CA VAL A 43 -4.26 1.38 2.08
C VAL A 43 -3.26 2.05 1.12
N PRO A 44 -3.41 1.85 -0.21
CA PRO A 44 -2.68 2.60 -1.23
C PRO A 44 -3.21 4.03 -1.37
N PHE A 45 -2.30 5.00 -1.27
CA PHE A 45 -2.50 6.43 -1.53
C PHE A 45 -1.76 6.87 -2.79
N ALA A 46 -2.33 7.77 -3.58
CA ALA A 46 -1.69 8.34 -4.76
C ALA A 46 -0.77 9.52 -4.39
N ASP A 47 0.20 9.85 -5.23
CA ASP A 47 1.22 10.91 -5.00
C ASP A 47 0.62 12.31 -4.80
N ASP A 48 -0.63 12.54 -5.24
CA ASP A 48 -1.37 13.79 -4.99
C ASP A 48 -1.99 13.89 -3.57
N ALA A 49 -1.99 12.77 -2.85
CA ALA A 49 -2.44 12.62 -1.46
C ALA A 49 -1.27 12.33 -0.50
N GLU A 50 -1.47 12.57 0.80
CA GLU A 50 -0.53 12.21 1.88
C GLU A 50 -1.26 11.50 3.03
N ILE A 51 -0.60 10.49 3.60
CA ILE A 51 -1.09 9.56 4.62
C ILE A 51 -1.59 10.32 5.88
N PRO A 52 -2.90 10.33 6.13
CA PRO A 52 -3.47 10.81 7.38
C PRO A 52 -3.17 9.83 8.52
N GLY A 53 -3.06 10.35 9.74
CA GLY A 53 -2.77 9.59 10.97
C GLY A 53 -3.65 8.35 11.20
N THR A 54 -4.90 8.37 10.73
CA THR A 54 -5.79 7.20 10.71
C THR A 54 -6.62 7.10 9.42
N TRP A 55 -7.14 5.90 9.11
CA TRP A 55 -7.94 5.60 7.92
C TRP A 55 -8.83 4.36 8.11
N LEU A 56 -10.01 4.33 7.47
CA LEU A 56 -10.97 3.21 7.59
C LEU A 56 -10.44 1.93 6.93
N CYS A 57 -10.40 0.83 7.69
CA CYS A 57 -9.88 -0.47 7.24
C CYS A 57 -10.99 -1.40 6.71
N ARG A 58 -10.58 -2.47 6.02
CA ARG A 58 -11.50 -3.42 5.35
C ARG A 58 -12.39 -4.21 6.33
N ASN A 59 -12.01 -4.29 7.61
CA ASN A 59 -12.85 -4.87 8.68
C ASN A 59 -14.09 -4.00 9.00
N GLY A 60 -14.09 -2.74 8.57
CA GLY A 60 -15.15 -1.75 8.83
C GLY A 60 -14.93 -0.91 10.10
N MET A 61 -13.70 -0.94 10.66
CA MET A 61 -13.25 -0.16 11.81
C MET A 61 -12.21 0.88 11.36
N GLU A 62 -12.21 2.06 11.99
CA GLU A 62 -11.15 3.05 11.83
C GLU A 62 -9.80 2.50 12.33
N GLY A 63 -8.88 2.26 11.39
CA GLY A 63 -7.51 1.83 11.64
C GLY A 63 -6.57 3.01 11.92
N THR A 64 -5.55 2.81 12.74
CA THR A 64 -4.50 3.80 13.01
C THR A 64 -3.19 3.42 12.32
N LEU A 65 -2.50 4.40 11.74
CA LEU A 65 -1.28 4.22 10.95
C LEU A 65 -0.16 3.57 11.78
N ILE A 66 0.35 2.41 11.34
CA ILE A 66 1.48 1.67 11.93
C ILE A 66 2.55 1.29 10.90
N GLU A 67 3.78 1.09 11.36
CA GLU A 67 4.85 0.46 10.57
C GLU A 67 4.80 -1.08 10.69
N GLY A 68 5.30 -1.78 9.66
CA GLY A 68 5.35 -3.25 9.61
C GLY A 68 6.32 -3.92 10.60
N ASP A 69 7.20 -3.14 11.26
CA ASP A 69 8.13 -3.59 12.31
C ASP A 69 9.05 -4.77 11.89
N LEU A 70 9.65 -4.66 10.71
CA LEU A 70 10.62 -5.63 10.19
C LEU A 70 11.93 -5.62 11.03
N PRO A 71 12.65 -6.74 11.16
CA PRO A 71 13.89 -6.86 11.95
C PRO A 71 15.13 -6.31 11.20
N GLU A 72 14.98 -5.13 10.58
CA GLU A 72 15.92 -4.45 9.67
C GLU A 72 16.76 -5.40 8.78
N PRO A 73 16.10 -6.22 7.91
CA PRO A 73 16.78 -7.20 7.07
C PRO A 73 17.62 -6.56 5.95
N LYS A 74 18.75 -7.18 5.63
CA LYS A 74 19.71 -6.72 4.60
C LYS A 74 19.39 -7.20 3.17
N LYS A 75 18.50 -8.18 3.02
CA LYS A 75 18.17 -8.82 1.74
C LYS A 75 17.48 -7.85 0.77
N VAL A 76 17.97 -7.82 -0.48
CA VAL A 76 17.38 -7.06 -1.59
C VAL A 76 17.18 -7.92 -2.83
N LYS A 77 16.08 -7.70 -3.57
CA LYS A 77 15.09 -6.60 -3.56
C LYS A 77 13.64 -7.17 -3.57
N PRO A 78 13.23 -7.97 -2.56
CA PRO A 78 11.97 -8.73 -2.58
C PRO A 78 10.73 -7.87 -2.30
N PRO A 79 9.53 -8.26 -2.78
CA PRO A 79 8.28 -7.52 -2.56
C PRO A 79 7.57 -7.86 -1.23
N ARG A 80 7.90 -8.99 -0.58
CA ARG A 80 7.28 -9.49 0.66
C ARG A 80 7.91 -8.89 1.91
#